data_2K6G
#
_entry.id   2K6G
#
_cell.length_a   1.000
_cell.length_b   1.000
_cell.length_c   1.000
_cell.angle_alpha   90.00
_cell.angle_beta   90.00
_cell.angle_gamma   90.00
#
_symmetry.space_group_name_H-M   'P 1'
#
_entity_poly.entity_id   1
_entity_poly.type   'polypeptide(L)'
_entity_poly.pdbx_seq_one_letter_code
;KRTNYQAYRSYLNREGPKALGSKEIPKGAENCLEGLIFVITGVLESIERDEAKSLIERYGGKVTGNVSKKTNYLVMGRDS
GQSKSDKAAALGTKIIDEDGLLNLIRNLE
;
_entity_poly.pdbx_strand_id   A
#
# COMPACT_ATOMS: atom_id res chain seq x y z
N LYS A 1 24.73 -6.86 -13.18
CA LYS A 1 23.51 -7.57 -12.82
C LYS A 1 23.43 -7.79 -11.33
N ARG A 2 22.60 -7.00 -10.70
CA ARG A 2 22.36 -7.06 -9.29
C ARG A 2 20.88 -6.90 -9.09
N THR A 3 20.24 -7.87 -8.50
CA THR A 3 18.80 -7.79 -8.37
C THR A 3 18.37 -7.16 -7.04
N ASN A 4 19.31 -7.01 -6.12
CA ASN A 4 19.01 -6.35 -4.87
C ASN A 4 19.51 -4.95 -4.92
N TYR A 5 18.62 -4.02 -4.83
CA TYR A 5 18.95 -2.64 -4.86
C TYR A 5 18.94 -2.09 -3.44
N GLN A 6 20.12 -2.02 -2.85
CA GLN A 6 20.31 -1.61 -1.46
C GLN A 6 19.73 -0.22 -1.20
N ALA A 7 19.84 0.63 -2.21
CA ALA A 7 19.33 1.99 -2.14
C ALA A 7 17.81 1.98 -1.93
N TYR A 8 17.16 1.00 -2.52
CA TYR A 8 15.72 0.92 -2.42
C TYR A 8 15.24 0.52 -1.06
N ARG A 9 16.01 -0.31 -0.37
CA ARG A 9 15.61 -0.68 0.98
C ARG A 9 15.63 0.55 1.88
N SER A 10 16.59 1.43 1.63
CA SER A 10 16.72 2.65 2.37
C SER A 10 15.46 3.52 2.22
N TYR A 11 15.06 3.77 0.97
CA TYR A 11 13.88 4.60 0.67
C TYR A 11 12.60 3.97 1.18
N LEU A 12 12.38 2.72 0.83
CA LEU A 12 11.15 1.98 1.16
C LEU A 12 10.90 1.86 2.66
N ASN A 13 11.94 1.88 3.45
CA ASN A 13 11.79 1.76 4.89
C ASN A 13 12.07 3.08 5.59
N ARG A 14 12.25 4.12 4.82
CA ARG A 14 12.48 5.43 5.37
C ARG A 14 11.18 6.16 5.38
N GLU A 15 10.47 6.01 6.45
CA GLU A 15 9.19 6.62 6.60
C GLU A 15 9.17 7.30 7.95
N GLY A 16 8.44 8.36 8.05
CA GLY A 16 8.30 9.03 9.30
C GLY A 16 6.86 9.05 9.72
N PRO A 17 6.32 7.92 10.22
CA PRO A 17 4.91 7.82 10.57
C PRO A 17 4.51 8.74 11.71
N LYS A 18 3.93 9.88 11.36
CA LYS A 18 3.43 10.81 12.35
C LYS A 18 1.93 10.71 12.46
N ALA A 19 1.33 10.00 11.54
CA ALA A 19 -0.10 9.79 11.53
C ALA A 19 -0.39 8.31 11.71
N LEU A 20 0.51 7.64 12.41
CA LEU A 20 0.42 6.22 12.63
C LEU A 20 -0.62 5.92 13.72
N GLY A 21 -1.71 5.35 13.31
CA GLY A 21 -2.78 5.03 14.21
C GLY A 21 -3.89 6.05 14.06
N SER A 22 -4.02 6.56 12.86
CA SER A 22 -4.98 7.60 12.58
C SER A 22 -5.81 7.25 11.34
N LYS A 23 -5.15 6.76 10.31
CA LYS A 23 -5.80 6.49 9.02
C LYS A 23 -6.02 4.99 8.90
N GLU A 24 -5.56 4.32 9.89
CA GLU A 24 -5.42 2.90 9.88
C GLU A 24 -6.64 2.15 10.30
N ILE A 25 -6.85 1.07 9.58
CA ILE A 25 -7.87 0.06 9.81
C ILE A 25 -9.29 0.65 9.82
N PRO A 26 -9.97 0.64 8.68
CA PRO A 26 -11.33 1.13 8.59
C PRO A 26 -12.37 0.01 8.84
N LYS A 27 -13.62 0.39 8.80
CA LYS A 27 -14.77 -0.46 9.16
C LYS A 27 -15.49 -0.91 7.90
N GLY A 28 -14.73 -1.12 6.84
CA GLY A 28 -15.28 -1.49 5.59
C GLY A 28 -15.80 -2.89 5.58
N ALA A 29 -16.39 -3.26 4.50
CA ALA A 29 -16.93 -4.58 4.31
C ALA A 29 -15.80 -5.59 4.34
N GLU A 30 -16.02 -6.69 5.02
CA GLU A 30 -15.00 -7.72 5.22
C GLU A 30 -14.59 -8.35 3.91
N ASN A 31 -15.50 -8.33 2.99
CA ASN A 31 -15.35 -8.83 1.64
C ASN A 31 -14.71 -7.83 0.65
N CYS A 32 -14.48 -6.59 1.08
CA CYS A 32 -14.01 -5.52 0.16
C CYS A 32 -12.72 -5.84 -0.60
N LEU A 33 -11.76 -6.46 0.05
CA LEU A 33 -10.49 -6.76 -0.61
C LEU A 33 -10.46 -8.23 -0.98
N GLU A 34 -11.54 -8.92 -0.68
CA GLU A 34 -11.63 -10.34 -0.85
C GLU A 34 -11.64 -10.73 -2.31
N GLY A 35 -10.59 -11.42 -2.71
CA GLY A 35 -10.46 -11.88 -4.06
C GLY A 35 -9.64 -10.93 -4.90
N LEU A 36 -9.06 -9.96 -4.25
CA LEU A 36 -8.25 -8.98 -4.90
C LEU A 36 -6.84 -9.11 -4.31
N ILE A 37 -5.83 -9.03 -5.14
CA ILE A 37 -4.48 -9.21 -4.68
C ILE A 37 -3.83 -7.84 -4.53
N PHE A 38 -3.35 -7.53 -3.37
CA PHE A 38 -2.74 -6.25 -3.15
C PHE A 38 -1.27 -6.35 -3.03
N VAL A 39 -0.62 -5.43 -3.65
CA VAL A 39 0.79 -5.36 -3.68
C VAL A 39 1.20 -3.98 -3.20
N ILE A 40 1.98 -3.95 -2.14
CA ILE A 40 2.41 -2.72 -1.55
C ILE A 40 3.91 -2.48 -1.79
N THR A 41 4.23 -1.38 -2.44
CA THR A 41 5.58 -1.01 -2.76
C THR A 41 5.80 0.47 -2.48
N GLY A 42 7.02 0.80 -2.10
CA GLY A 42 7.37 2.18 -1.86
C GLY A 42 7.01 2.63 -0.47
N VAL A 43 7.41 3.82 -0.13
CA VAL A 43 7.10 4.37 1.16
C VAL A 43 5.81 5.21 1.09
N LEU A 44 4.86 4.86 1.90
CA LEU A 44 3.58 5.54 2.00
C LEU A 44 3.70 6.80 2.88
N GLU A 45 2.58 7.26 3.42
CA GLU A 45 2.54 8.44 4.24
C GLU A 45 2.96 8.06 5.64
N SER A 46 2.21 7.17 6.23
CA SER A 46 2.53 6.63 7.53
C SER A 46 1.77 5.34 7.71
N ILE A 47 2.43 4.24 7.50
CA ILE A 47 1.89 2.92 7.71
C ILE A 47 2.99 1.90 7.91
N GLU A 48 2.94 1.16 8.98
CA GLU A 48 3.83 0.05 9.10
C GLU A 48 3.35 -1.01 8.13
N ARG A 49 4.27 -1.60 7.38
CA ARG A 49 3.93 -2.53 6.30
C ARG A 49 3.07 -3.66 6.78
N ASP A 50 3.27 -4.08 8.01
CA ASP A 50 2.48 -5.16 8.59
C ASP A 50 1.07 -4.76 8.85
N GLU A 51 0.83 -3.49 9.10
CA GLU A 51 -0.52 -3.02 9.38
C GLU A 51 -1.29 -2.97 8.09
N ALA A 52 -0.57 -2.75 7.00
CA ALA A 52 -1.17 -2.78 5.69
C ALA A 52 -1.45 -4.21 5.33
N LYS A 53 -0.43 -5.05 5.47
CA LYS A 53 -0.51 -6.46 5.16
C LYS A 53 -1.63 -7.16 5.94
N SER A 54 -1.67 -6.95 7.25
CA SER A 54 -2.67 -7.56 8.09
C SER A 54 -4.07 -7.09 7.70
N LEU A 55 -4.17 -5.80 7.37
CA LEU A 55 -5.42 -5.19 6.94
C LEU A 55 -5.90 -5.85 5.65
N ILE A 56 -5.01 -5.96 4.67
CA ILE A 56 -5.31 -6.57 3.39
C ILE A 56 -5.78 -8.01 3.59
N GLU A 57 -4.98 -8.77 4.32
CA GLU A 57 -5.28 -10.17 4.63
C GLU A 57 -6.63 -10.31 5.36
N ARG A 58 -6.87 -9.41 6.31
CA ARG A 58 -8.10 -9.41 7.13
C ARG A 58 -9.35 -9.18 6.29
N TYR A 59 -9.21 -8.42 5.24
CA TYR A 59 -10.35 -8.11 4.40
C TYR A 59 -10.42 -8.98 3.16
N GLY A 60 -9.75 -10.13 3.24
CA GLY A 60 -9.88 -11.15 2.22
C GLY A 60 -8.92 -11.00 1.08
N GLY A 61 -8.04 -10.05 1.18
CA GLY A 61 -7.11 -9.85 0.13
C GLY A 61 -5.83 -10.58 0.39
N LYS A 62 -5.07 -10.78 -0.62
CA LYS A 62 -3.78 -11.40 -0.46
C LYS A 62 -2.75 -10.33 -0.68
N VAL A 63 -1.86 -10.17 0.23
CA VAL A 63 -0.81 -9.22 0.04
C VAL A 63 0.50 -9.91 -0.36
N THR A 64 1.11 -9.41 -1.40
CA THR A 64 2.35 -9.94 -1.89
C THR A 64 3.25 -8.77 -2.33
N GLY A 65 4.54 -9.03 -2.43
CA GLY A 65 5.48 -7.98 -2.78
C GLY A 65 5.76 -7.91 -4.26
N ASN A 66 5.24 -8.86 -5.01
CA ASN A 66 5.46 -8.88 -6.45
C ASN A 66 4.13 -8.81 -7.16
N VAL A 67 4.01 -7.83 -8.03
CA VAL A 67 2.81 -7.62 -8.80
C VAL A 67 2.51 -8.81 -9.70
N SER A 68 1.36 -9.37 -9.48
CA SER A 68 0.91 -10.53 -10.17
C SER A 68 -0.12 -10.10 -11.24
N LYS A 69 -0.65 -11.05 -11.96
CA LYS A 69 -1.59 -10.76 -13.05
C LYS A 69 -3.02 -10.58 -12.55
N LYS A 70 -3.21 -10.75 -11.26
CA LYS A 70 -4.51 -10.61 -10.63
C LYS A 70 -4.47 -9.53 -9.55
N THR A 71 -3.53 -8.61 -9.70
CA THR A 71 -3.31 -7.58 -8.70
C THR A 71 -4.39 -6.51 -8.75
N ASN A 72 -4.63 -5.98 -9.92
CA ASN A 72 -5.60 -4.89 -10.17
C ASN A 72 -5.12 -3.54 -9.60
N TYR A 73 -4.63 -3.53 -8.36
CA TYR A 73 -4.28 -2.28 -7.67
C TYR A 73 -2.89 -2.38 -7.08
N LEU A 74 -2.01 -1.57 -7.56
CA LEU A 74 -0.67 -1.52 -7.07
C LEU A 74 -0.52 -0.33 -6.16
N VAL A 75 -0.29 -0.59 -4.88
CA VAL A 75 -0.10 0.46 -3.91
C VAL A 75 1.32 0.90 -4.00
N MET A 76 1.52 2.06 -4.50
CA MET A 76 2.84 2.55 -4.73
C MET A 76 3.04 3.84 -4.00
N GLY A 77 3.99 3.83 -3.13
CA GLY A 77 4.39 5.01 -2.46
C GLY A 77 5.56 5.64 -3.17
N ARG A 78 6.45 6.20 -2.43
CA ARG A 78 7.62 6.78 -3.02
C ARG A 78 8.65 5.70 -3.34
N ASP A 79 8.72 5.34 -4.59
CA ASP A 79 9.72 4.44 -5.16
C ASP A 79 9.59 4.56 -6.66
N SER A 80 10.68 4.50 -7.36
CA SER A 80 10.68 4.72 -8.78
C SER A 80 11.17 3.48 -9.53
N GLY A 81 10.83 2.31 -9.01
CA GLY A 81 11.25 1.09 -9.63
C GLY A 81 10.46 0.78 -10.88
N GLN A 82 11.12 0.89 -12.02
CA GLN A 82 10.51 0.58 -13.29
C GLN A 82 10.14 -0.90 -13.36
N SER A 83 10.97 -1.71 -12.72
CA SER A 83 10.81 -3.15 -12.68
C SER A 83 9.40 -3.61 -12.23
N LYS A 84 8.97 -3.13 -11.07
CA LYS A 84 7.65 -3.52 -10.55
C LYS A 84 6.52 -2.77 -11.25
N SER A 85 6.76 -1.51 -11.58
CA SER A 85 5.75 -0.67 -12.19
C SER A 85 5.41 -1.13 -13.61
N ASP A 86 6.43 -1.59 -14.34
CA ASP A 86 6.27 -2.03 -15.73
C ASP A 86 5.30 -3.20 -15.85
N LYS A 87 5.40 -4.14 -14.91
CA LYS A 87 4.56 -5.32 -14.92
C LYS A 87 3.12 -4.90 -14.78
N ALA A 88 2.89 -4.03 -13.81
CA ALA A 88 1.57 -3.50 -13.51
C ALA A 88 1.03 -2.73 -14.70
N ALA A 89 1.88 -1.89 -15.27
CA ALA A 89 1.52 -1.08 -16.43
C ALA A 89 1.08 -1.93 -17.61
N ALA A 90 1.84 -2.98 -17.88
CA ALA A 90 1.55 -3.89 -18.99
C ALA A 90 0.24 -4.63 -18.79
N LEU A 91 -0.16 -4.79 -17.55
CA LEU A 91 -1.39 -5.49 -17.22
C LEU A 91 -2.59 -4.55 -17.21
N GLY A 92 -2.32 -3.31 -16.90
CA GLY A 92 -3.39 -2.34 -16.76
C GLY A 92 -3.73 -2.14 -15.30
N THR A 93 -2.88 -2.71 -14.45
CA THR A 93 -2.97 -2.60 -13.04
C THR A 93 -2.78 -1.14 -12.65
N LYS A 94 -3.75 -0.62 -11.97
CA LYS A 94 -3.79 0.79 -11.67
C LYS A 94 -2.99 1.08 -10.41
N ILE A 95 -2.38 2.23 -10.39
CA ILE A 95 -1.52 2.61 -9.30
C ILE A 95 -2.31 3.43 -8.30
N ILE A 96 -2.22 3.07 -7.04
CA ILE A 96 -2.88 3.81 -6.01
C ILE A 96 -1.90 4.22 -4.91
N ASP A 97 -2.33 5.16 -4.12
CA ASP A 97 -1.56 5.65 -2.99
C ASP A 97 -2.09 5.00 -1.75
N GLU A 98 -1.51 5.33 -0.63
CA GLU A 98 -1.92 4.86 0.66
C GLU A 98 -3.37 5.24 0.86
N ASP A 99 -3.66 6.51 0.56
CA ASP A 99 -5.00 7.05 0.66
C ASP A 99 -5.95 6.29 -0.22
N GLY A 100 -5.45 5.85 -1.38
CA GLY A 100 -6.25 5.10 -2.32
C GLY A 100 -6.66 3.76 -1.75
N LEU A 101 -5.73 3.09 -1.08
CA LEU A 101 -5.99 1.78 -0.46
C LEU A 101 -7.14 1.91 0.53
N LEU A 102 -7.02 2.88 1.43
CA LEU A 102 -8.05 3.10 2.44
C LEU A 102 -9.35 3.64 1.83
N ASN A 103 -9.23 4.37 0.72
CA ASN A 103 -10.37 5.02 0.06
C ASN A 103 -11.40 4.00 -0.41
N LEU A 104 -10.92 2.89 -0.96
CA LEU A 104 -11.80 1.81 -1.40
C LEU A 104 -12.55 1.22 -0.24
N ILE A 105 -11.85 0.96 0.83
CA ILE A 105 -12.45 0.32 2.00
C ILE A 105 -13.41 1.28 2.70
N ARG A 106 -13.05 2.56 2.68
CA ARG A 106 -13.86 3.62 3.25
C ARG A 106 -15.19 3.74 2.49
N ASN A 107 -15.16 3.40 1.20
CA ASN A 107 -16.34 3.41 0.34
C ASN A 107 -17.31 2.32 0.77
N LEU A 108 -16.75 1.22 1.22
CA LEU A 108 -17.54 0.08 1.65
C LEU A 108 -18.03 0.23 3.10
N GLU A 109 -17.90 1.42 3.64
CA GLU A 109 -18.46 1.73 4.92
C GLU A 109 -19.75 2.46 4.67
N LYS A 1 6.03 25.46 0.98
CA LYS A 1 5.49 26.78 1.29
C LYS A 1 6.55 27.58 2.03
N ARG A 2 7.11 28.60 1.35
CA ARG A 2 8.19 29.47 1.89
C ARG A 2 9.47 28.65 2.15
N THR A 3 9.49 27.49 1.56
CA THR A 3 10.54 26.56 1.65
C THR A 3 11.19 26.39 0.30
N ASN A 4 12.41 25.97 0.26
CA ASN A 4 13.09 25.74 -0.99
C ASN A 4 12.95 24.31 -1.39
N TYR A 5 12.86 23.45 -0.40
CA TYR A 5 12.77 22.03 -0.64
C TYR A 5 11.72 21.43 0.31
N GLN A 6 10.45 21.60 0.00
CA GLN A 6 9.39 21.00 0.82
C GLN A 6 9.28 19.50 0.61
N ALA A 7 9.75 19.03 -0.54
CA ALA A 7 9.60 17.63 -0.89
C ALA A 7 10.39 16.71 0.03
N TYR A 8 11.57 17.13 0.50
CA TYR A 8 12.32 16.26 1.41
C TYR A 8 11.59 16.15 2.75
N ARG A 9 10.76 17.15 3.05
CA ARG A 9 9.97 17.14 4.27
C ARG A 9 8.90 16.06 4.17
N SER A 10 8.24 15.99 3.01
CA SER A 10 7.20 15.00 2.77
C SER A 10 7.84 13.60 2.77
N TYR A 11 9.03 13.54 2.25
CA TYR A 11 9.80 12.38 2.18
C TYR A 11 10.19 11.92 3.60
N LEU A 12 10.59 12.86 4.45
CA LEU A 12 10.90 12.53 5.85
C LEU A 12 9.68 12.00 6.59
N ASN A 13 8.49 12.41 6.16
CA ASN A 13 7.26 11.95 6.82
C ASN A 13 6.97 10.51 6.47
N ARG A 14 7.37 10.11 5.29
CA ARG A 14 7.15 8.74 4.84
C ARG A 14 8.34 7.84 5.18
N GLU A 15 9.49 8.44 5.43
CA GLU A 15 10.66 7.67 5.87
C GLU A 15 10.52 7.35 7.34
N GLY A 16 9.95 8.27 8.06
CA GLY A 16 9.69 8.10 9.46
C GLY A 16 8.20 8.13 9.71
N PRO A 17 7.49 7.01 9.48
CA PRO A 17 6.06 6.96 9.63
C PRO A 17 5.66 6.86 11.10
N LYS A 18 5.32 7.99 11.68
CA LYS A 18 4.90 8.04 13.06
C LYS A 18 3.41 7.91 13.19
N ALA A 19 2.71 8.29 12.14
CA ALA A 19 1.29 8.22 12.11
C ALA A 19 0.88 6.88 11.60
N LEU A 20 0.81 5.96 12.49
CA LEU A 20 0.39 4.61 12.21
C LEU A 20 -0.85 4.31 13.00
N GLY A 21 -0.69 4.20 14.30
CA GLY A 21 -1.81 3.87 15.17
C GLY A 21 -2.73 5.04 15.44
N SER A 22 -2.53 6.10 14.71
CA SER A 22 -3.33 7.27 14.82
C SER A 22 -4.23 7.40 13.58
N LYS A 23 -4.08 6.45 12.65
CA LYS A 23 -4.82 6.51 11.40
C LYS A 23 -5.14 5.15 10.81
N GLU A 24 -4.29 4.19 11.06
CA GLU A 24 -4.33 2.98 10.32
C GLU A 24 -5.36 1.97 10.80
N ILE A 25 -5.74 1.13 9.87
CA ILE A 25 -6.66 0.02 10.02
C ILE A 25 -8.12 0.49 10.11
N PRO A 26 -8.75 0.77 8.95
CA PRO A 26 -10.18 1.07 8.87
C PRO A 26 -11.02 -0.16 9.25
N LYS A 27 -12.28 0.05 9.54
CA LYS A 27 -13.14 -1.01 10.01
C LYS A 27 -13.78 -1.75 8.84
N GLY A 28 -13.75 -1.09 7.68
CA GLY A 28 -14.22 -1.58 6.38
C GLY A 28 -15.31 -2.63 6.39
N ALA A 29 -15.08 -3.65 5.64
CA ALA A 29 -15.98 -4.74 5.52
C ALA A 29 -15.15 -5.96 5.26
N GLU A 30 -15.56 -7.09 5.80
CA GLU A 30 -14.79 -8.36 5.69
C GLU A 30 -14.41 -8.66 4.26
N ASN A 31 -15.35 -8.53 3.39
CA ASN A 31 -15.22 -8.84 1.98
C ASN A 31 -14.60 -7.73 1.11
N CYS A 32 -14.34 -6.54 1.68
CA CYS A 32 -13.93 -5.37 0.84
C CYS A 32 -12.74 -5.62 -0.12
N LEU A 33 -11.68 -6.24 0.35
CA LEU A 33 -10.51 -6.47 -0.49
C LEU A 33 -10.48 -7.92 -0.98
N GLU A 34 -11.52 -8.63 -0.64
CA GLU A 34 -11.63 -10.04 -0.89
C GLU A 34 -11.76 -10.34 -2.39
N GLY A 35 -10.79 -11.05 -2.93
CA GLY A 35 -10.88 -11.49 -4.28
C GLY A 35 -9.67 -11.13 -5.09
N LEU A 36 -9.16 -9.95 -4.88
CA LEU A 36 -8.04 -9.49 -5.67
C LEU A 36 -6.75 -9.49 -4.88
N ILE A 37 -5.67 -9.11 -5.52
CA ILE A 37 -4.38 -9.15 -4.89
C ILE A 37 -3.84 -7.73 -4.81
N PHE A 38 -3.43 -7.32 -3.67
CA PHE A 38 -2.87 -6.01 -3.51
C PHE A 38 -1.39 -6.11 -3.34
N VAL A 39 -0.68 -5.39 -4.14
CA VAL A 39 0.74 -5.39 -4.07
C VAL A 39 1.21 -4.05 -3.56
N ILE A 40 2.00 -4.08 -2.52
CA ILE A 40 2.53 -2.87 -1.95
C ILE A 40 4.05 -2.89 -1.99
N THR A 41 4.60 -1.79 -2.41
CA THR A 41 6.01 -1.63 -2.46
C THR A 41 6.36 -0.20 -2.10
N GLY A 42 7.63 0.06 -1.81
CA GLY A 42 8.05 1.34 -1.36
C GLY A 42 7.50 1.63 0.01
N VAL A 43 6.79 2.71 0.11
CA VAL A 43 6.17 3.12 1.33
C VAL A 43 5.05 4.03 0.92
N LEU A 44 4.04 4.13 1.71
CA LEU A 44 2.92 5.00 1.43
C LEU A 44 3.20 6.37 2.05
N GLU A 45 2.16 7.11 2.41
CA GLU A 45 2.36 8.43 2.99
C GLU A 45 2.87 8.24 4.41
N SER A 46 2.18 7.38 5.14
CA SER A 46 2.63 6.90 6.41
C SER A 46 1.97 5.55 6.70
N ILE A 47 2.72 4.50 6.44
CA ILE A 47 2.33 3.16 6.75
C ILE A 47 3.58 2.31 6.84
N GLU A 48 3.59 1.36 7.71
CA GLU A 48 4.61 0.35 7.67
C GLU A 48 4.00 -0.77 6.85
N ARG A 49 4.77 -1.45 6.02
CA ARG A 49 4.19 -2.44 5.10
C ARG A 49 3.50 -3.57 5.83
N ASP A 50 3.93 -3.84 7.04
CA ASP A 50 3.31 -4.88 7.84
C ASP A 50 1.90 -4.45 8.25
N GLU A 51 1.69 -3.14 8.40
CA GLU A 51 0.37 -2.60 8.76
C GLU A 51 -0.53 -2.68 7.54
N ALA A 52 0.08 -2.59 6.37
CA ALA A 52 -0.61 -2.69 5.10
C ALA A 52 -1.04 -4.10 4.90
N LYS A 53 -0.10 -4.97 5.09
CA LYS A 53 -0.26 -6.39 4.94
C LYS A 53 -1.32 -6.93 5.89
N SER A 54 -1.30 -6.48 7.13
CA SER A 54 -2.29 -6.88 8.10
C SER A 54 -3.69 -6.43 7.66
N LEU A 55 -3.75 -5.25 7.06
CA LEU A 55 -4.99 -4.69 6.59
C LEU A 55 -5.52 -5.49 5.40
N ILE A 56 -4.67 -5.65 4.40
CA ILE A 56 -5.01 -6.35 3.15
C ILE A 56 -5.45 -7.78 3.41
N GLU A 57 -4.59 -8.55 4.09
CA GLU A 57 -4.85 -9.95 4.38
C GLU A 57 -6.12 -10.15 5.22
N ARG A 58 -6.40 -9.21 6.11
CA ARG A 58 -7.56 -9.33 6.99
C ARG A 58 -8.86 -9.15 6.23
N TYR A 59 -8.83 -8.32 5.21
CA TYR A 59 -10.04 -8.02 4.48
C TYR A 59 -10.19 -8.83 3.22
N GLY A 60 -9.55 -9.98 3.20
CA GLY A 60 -9.75 -10.94 2.12
C GLY A 60 -8.82 -10.76 0.96
N GLY A 61 -8.01 -9.74 1.02
CA GLY A 61 -7.10 -9.49 -0.04
C GLY A 61 -5.80 -10.18 0.22
N LYS A 62 -5.10 -10.47 -0.81
CA LYS A 62 -3.80 -11.08 -0.66
C LYS A 62 -2.77 -10.06 -0.98
N VAL A 63 -1.71 -10.09 -0.26
CA VAL A 63 -0.62 -9.23 -0.54
C VAL A 63 0.53 -10.06 -1.09
N THR A 64 1.27 -9.47 -1.95
CA THR A 64 2.47 -10.05 -2.45
C THR A 64 3.38 -8.93 -2.91
N GLY A 65 4.64 -9.24 -3.12
CA GLY A 65 5.55 -8.28 -3.63
C GLY A 65 5.58 -8.32 -5.13
N ASN A 66 5.21 -9.45 -5.68
CA ASN A 66 5.22 -9.60 -7.11
C ASN A 66 3.87 -9.47 -7.72
N VAL A 67 3.72 -8.40 -8.45
CA VAL A 67 2.53 -8.08 -9.21
C VAL A 67 2.13 -9.25 -10.11
N SER A 68 0.89 -9.59 -10.09
CA SER A 68 0.33 -10.64 -10.87
C SER A 68 -0.77 -10.05 -11.77
N LYS A 69 -1.33 -10.84 -12.66
CA LYS A 69 -2.35 -10.35 -13.57
C LYS A 69 -3.66 -10.11 -12.83
N LYS A 70 -3.73 -10.69 -11.64
CA LYS A 70 -4.90 -10.58 -10.79
C LYS A 70 -4.72 -9.49 -9.75
N THR A 71 -3.63 -8.75 -9.83
CA THR A 71 -3.36 -7.69 -8.88
C THR A 71 -4.34 -6.53 -9.02
N ASN A 72 -4.40 -5.92 -10.20
CA ASN A 72 -5.36 -4.82 -10.48
C ASN A 72 -4.98 -3.48 -9.74
N TYR A 73 -4.41 -3.57 -8.53
CA TYR A 73 -4.02 -2.39 -7.77
C TYR A 73 -2.60 -2.52 -7.20
N LEU A 74 -1.72 -1.65 -7.63
CA LEU A 74 -0.41 -1.56 -7.07
C LEU A 74 -0.38 -0.36 -6.16
N VAL A 75 -0.10 -0.57 -4.92
CA VAL A 75 -0.14 0.47 -3.94
C VAL A 75 1.26 1.02 -3.73
N MET A 76 1.48 2.25 -4.13
CA MET A 76 2.75 2.89 -3.97
C MET A 76 2.59 4.31 -3.54
N GLY A 77 3.39 4.72 -2.61
CA GLY A 77 3.46 6.10 -2.23
C GLY A 77 4.71 6.67 -2.80
N ARG A 78 5.82 6.16 -2.33
CA ARG A 78 7.10 6.50 -2.83
C ARG A 78 7.43 5.47 -3.91
N ASP A 79 7.76 5.92 -5.09
CA ASP A 79 8.04 5.04 -6.24
C ASP A 79 9.38 4.34 -6.09
N SER A 80 9.39 3.31 -5.29
CA SER A 80 10.57 2.52 -5.05
C SER A 80 10.46 1.16 -5.74
N GLY A 81 9.25 0.77 -6.08
CA GLY A 81 9.03 -0.48 -6.75
C GLY A 81 8.95 -0.25 -8.22
N GLN A 82 9.98 0.36 -8.76
CA GLN A 82 10.01 0.82 -10.12
C GLN A 82 9.93 -0.33 -11.12
N SER A 83 10.64 -1.41 -10.86
CA SER A 83 10.64 -2.52 -11.79
C SER A 83 9.32 -3.30 -11.73
N LYS A 84 8.76 -3.45 -10.55
CA LYS A 84 7.49 -4.15 -10.42
C LYS A 84 6.33 -3.27 -10.88
N SER A 85 6.52 -1.96 -10.82
CA SER A 85 5.57 -0.99 -11.34
C SER A 85 5.44 -1.20 -12.85
N ASP A 86 6.54 -1.59 -13.48
CA ASP A 86 6.57 -1.87 -14.92
C ASP A 86 5.64 -3.02 -15.26
N LYS A 87 5.68 -4.05 -14.42
CA LYS A 87 4.84 -5.22 -14.59
C LYS A 87 3.39 -4.82 -14.50
N ALA A 88 3.08 -4.10 -13.42
CA ALA A 88 1.74 -3.60 -13.15
C ALA A 88 1.23 -2.77 -14.33
N ALA A 89 2.04 -1.83 -14.75
CA ALA A 89 1.72 -0.94 -15.86
C ALA A 89 1.39 -1.72 -17.13
N ALA A 90 2.19 -2.73 -17.43
CA ALA A 90 2.02 -3.55 -18.63
C ALA A 90 0.74 -4.37 -18.57
N LEU A 91 0.33 -4.73 -17.38
CA LEU A 91 -0.87 -5.53 -17.17
C LEU A 91 -2.12 -4.69 -17.19
N GLY A 92 -1.95 -3.42 -16.94
CA GLY A 92 -3.08 -2.53 -16.85
C GLY A 92 -3.50 -2.35 -15.42
N THR A 93 -2.57 -2.65 -14.54
CA THR A 93 -2.77 -2.51 -13.15
C THR A 93 -2.50 -1.06 -12.74
N LYS A 94 -3.41 -0.51 -12.01
CA LYS A 94 -3.38 0.89 -11.66
C LYS A 94 -2.64 1.10 -10.37
N ILE A 95 -2.04 2.26 -10.25
CA ILE A 95 -1.28 2.61 -9.09
C ILE A 95 -2.16 3.41 -8.16
N ILE A 96 -2.25 3.03 -6.94
CA ILE A 96 -3.02 3.79 -5.99
C ILE A 96 -2.18 4.27 -4.85
N ASP A 97 -2.64 5.32 -4.25
CA ASP A 97 -2.00 5.91 -3.10
C ASP A 97 -2.57 5.33 -1.85
N GLU A 98 -2.06 5.81 -0.75
CA GLU A 98 -2.51 5.41 0.55
C GLU A 98 -3.99 5.72 0.67
N ASP A 99 -4.31 6.95 0.28
CA ASP A 99 -5.68 7.43 0.23
C ASP A 99 -6.53 6.53 -0.63
N GLY A 100 -5.98 6.09 -1.75
CA GLY A 100 -6.72 5.25 -2.68
C GLY A 100 -7.13 3.92 -2.08
N LEU A 101 -6.22 3.31 -1.32
CA LEU A 101 -6.49 2.04 -0.68
C LEU A 101 -7.56 2.23 0.41
N LEU A 102 -7.36 3.25 1.25
CA LEU A 102 -8.28 3.53 2.35
C LEU A 102 -9.65 3.98 1.83
N ASN A 103 -9.63 4.69 0.71
CA ASN A 103 -10.85 5.19 0.06
C ASN A 103 -11.72 4.03 -0.33
N LEU A 104 -11.10 3.06 -1.00
CA LEU A 104 -11.79 1.86 -1.46
C LEU A 104 -12.47 1.13 -0.30
N ILE A 105 -11.72 0.95 0.77
CA ILE A 105 -12.26 0.28 1.95
C ILE A 105 -13.39 1.11 2.58
N ARG A 106 -13.19 2.43 2.67
CA ARG A 106 -14.18 3.33 3.25
C ARG A 106 -15.45 3.40 2.38
N ASN A 107 -15.30 3.17 1.09
CA ASN A 107 -16.44 3.15 0.18
C ASN A 107 -17.23 1.87 0.32
N LEU A 108 -16.52 0.78 0.62
CA LEU A 108 -17.16 -0.53 0.80
C LEU A 108 -17.65 -0.74 2.24
N GLU A 109 -17.49 0.29 3.05
CA GLU A 109 -17.99 0.33 4.41
C GLU A 109 -19.51 0.51 4.35
N LYS A 1 24.74 -2.61 12.42
CA LYS A 1 24.44 -3.98 12.82
C LYS A 1 23.20 -4.54 12.10
N ARG A 2 22.19 -3.70 11.86
CA ARG A 2 20.95 -4.15 11.23
C ARG A 2 21.11 -4.55 9.77
N THR A 3 22.22 -4.14 9.16
CA THR A 3 22.52 -4.47 7.76
C THR A 3 21.53 -3.78 6.80
N ASN A 4 21.90 -2.61 6.36
CA ASN A 4 21.07 -1.85 5.46
C ASN A 4 21.54 -2.05 4.04
N TYR A 5 20.78 -1.53 3.13
CA TYR A 5 21.11 -1.56 1.74
C TYR A 5 20.48 -0.34 1.13
N GLN A 6 20.89 0.01 -0.07
CA GLN A 6 20.40 1.21 -0.73
C GLN A 6 18.90 1.14 -0.95
N ALA A 7 18.43 -0.06 -1.27
CA ALA A 7 17.02 -0.32 -1.46
C ALA A 7 16.26 0.02 -0.17
N TYR A 8 16.79 -0.44 0.96
CA TYR A 8 16.21 -0.17 2.27
C TYR A 8 16.18 1.32 2.53
N ARG A 9 17.32 1.97 2.36
CA ARG A 9 17.46 3.40 2.64
C ARG A 9 16.54 4.24 1.80
N SER A 10 16.16 3.75 0.63
CA SER A 10 15.29 4.49 -0.23
C SER A 10 13.88 4.63 0.39
N TYR A 11 13.25 3.52 0.72
CA TYR A 11 11.94 3.61 1.33
C TYR A 11 11.96 3.99 2.81
N LEU A 12 12.85 3.38 3.58
CA LEU A 12 12.88 3.59 5.04
C LEU A 12 13.21 5.02 5.43
N ASN A 13 14.02 5.70 4.64
CA ASN A 13 14.45 7.05 4.99
C ASN A 13 13.57 8.13 4.42
N ARG A 14 12.68 7.77 3.52
CA ARG A 14 11.77 8.75 2.96
C ARG A 14 10.39 8.57 3.58
N GLU A 15 10.34 7.69 4.55
CA GLU A 15 9.11 7.35 5.23
C GLU A 15 9.18 7.84 6.67
N GLY A 16 8.05 8.20 7.19
CA GLY A 16 7.94 8.64 8.55
C GLY A 16 6.50 8.47 9.00
N PRO A 17 6.14 7.29 9.51
CA PRO A 17 4.78 6.99 9.92
C PRO A 17 4.31 7.84 11.11
N LYS A 18 3.62 8.90 10.78
CA LYS A 18 3.09 9.86 11.70
C LYS A 18 1.64 9.52 12.04
N ALA A 19 0.99 8.80 11.15
CA ALA A 19 -0.43 8.51 11.28
C ALA A 19 -0.71 7.08 11.76
N LEU A 20 0.24 6.45 12.41
CA LEU A 20 -0.02 5.09 12.91
C LEU A 20 -0.94 5.17 14.11
N GLY A 21 -2.09 4.55 14.00
CA GLY A 21 -3.10 4.64 15.03
C GLY A 21 -4.24 5.54 14.56
N SER A 22 -3.91 6.37 13.61
CA SER A 22 -4.86 7.25 12.98
C SER A 22 -5.39 6.48 11.78
N LYS A 23 -4.47 6.05 10.93
CA LYS A 23 -4.78 5.21 9.83
C LYS A 23 -4.44 3.82 10.28
N GLU A 24 -5.45 3.10 10.66
CA GLU A 24 -5.31 1.84 11.28
C GLU A 24 -6.17 0.84 10.49
N ILE A 25 -6.61 -0.20 11.15
CA ILE A 25 -7.40 -1.23 10.55
C ILE A 25 -8.84 -0.87 10.81
N PRO A 26 -9.59 -0.51 9.78
CA PRO A 26 -10.97 -0.14 9.93
C PRO A 26 -11.93 -1.34 9.85
N LYS A 27 -13.21 -1.06 9.96
CA LYS A 27 -14.25 -2.09 9.96
C LYS A 27 -15.11 -2.04 8.68
N GLY A 28 -14.51 -1.66 7.58
CA GLY A 28 -15.24 -1.45 6.35
C GLY A 28 -15.56 -2.74 5.61
N ALA A 29 -15.81 -2.61 4.33
CA ALA A 29 -16.18 -3.73 3.50
C ALA A 29 -14.99 -4.66 3.29
N GLU A 30 -15.04 -5.81 3.94
CA GLU A 30 -13.98 -6.80 3.88
C GLU A 30 -13.86 -7.34 2.48
N ASN A 31 -15.00 -7.67 1.92
CA ASN A 31 -15.07 -8.25 0.57
C ASN A 31 -14.56 -7.31 -0.52
N CYS A 32 -14.26 -6.05 -0.15
CA CYS A 32 -13.71 -5.10 -1.07
C CYS A 32 -12.30 -5.54 -1.50
N LEU A 33 -11.55 -6.16 -0.59
CA LEU A 33 -10.20 -6.61 -0.93
C LEU A 33 -10.21 -8.09 -1.27
N GLU A 34 -11.28 -8.76 -0.91
CA GLU A 34 -11.43 -10.18 -1.14
C GLU A 34 -11.59 -10.46 -2.63
N GLY A 35 -10.62 -11.13 -3.20
CA GLY A 35 -10.72 -11.50 -4.59
C GLY A 35 -9.56 -11.01 -5.40
N LEU A 36 -8.73 -10.19 -4.83
CA LEU A 36 -7.58 -9.69 -5.56
C LEU A 36 -6.34 -9.65 -4.70
N ILE A 37 -5.25 -9.20 -5.28
CA ILE A 37 -3.98 -9.20 -4.61
C ILE A 37 -3.52 -7.77 -4.47
N PHE A 38 -3.12 -7.39 -3.32
CA PHE A 38 -2.61 -6.08 -3.12
C PHE A 38 -1.14 -6.12 -2.95
N VAL A 39 -0.49 -5.47 -3.83
CA VAL A 39 0.93 -5.42 -3.86
C VAL A 39 1.40 -4.09 -3.32
N ILE A 40 2.19 -4.12 -2.27
CA ILE A 40 2.64 -2.90 -1.61
C ILE A 40 4.16 -2.70 -1.71
N THR A 41 4.54 -1.57 -2.29
CA THR A 41 5.92 -1.19 -2.41
C THR A 41 6.06 0.33 -2.26
N GLY A 42 7.27 0.78 -2.01
CA GLY A 42 7.55 2.18 -1.93
C GLY A 42 7.24 2.75 -0.59
N VAL A 43 7.25 4.05 -0.53
CA VAL A 43 6.93 4.76 0.68
C VAL A 43 5.50 5.13 0.72
N LEU A 44 4.83 4.66 1.70
CA LEU A 44 3.57 5.20 2.04
C LEU A 44 3.83 6.00 3.26
N GLU A 45 3.82 7.33 3.09
CA GLU A 45 4.11 8.32 4.16
C GLU A 45 3.72 7.85 5.54
N SER A 46 2.52 7.32 5.71
CA SER A 46 2.24 6.65 6.94
C SER A 46 1.33 5.46 6.78
N ILE A 47 1.98 4.33 6.74
CA ILE A 47 1.41 3.06 6.93
C ILE A 47 2.55 2.17 7.33
N GLU A 48 2.33 1.27 8.21
CA GLU A 48 3.39 0.39 8.53
C GLU A 48 3.13 -0.87 7.71
N ARG A 49 4.17 -1.59 7.36
CA ARG A 49 4.04 -2.76 6.51
C ARG A 49 3.19 -3.81 7.17
N ASP A 50 3.28 -3.89 8.48
CA ASP A 50 2.49 -4.84 9.24
C ASP A 50 1.01 -4.45 9.25
N GLU A 51 0.73 -3.14 9.15
CA GLU A 51 -0.64 -2.64 9.16
C GLU A 51 -1.30 -2.92 7.82
N ALA A 52 -0.49 -2.92 6.79
CA ALA A 52 -0.98 -3.23 5.47
C ALA A 52 -1.26 -4.70 5.39
N LYS A 53 -0.29 -5.47 5.87
CA LYS A 53 -0.31 -6.90 5.91
C LYS A 53 -1.61 -7.40 6.58
N SER A 54 -1.83 -6.92 7.78
CA SER A 54 -3.01 -7.22 8.55
C SER A 54 -4.29 -6.82 7.79
N LEU A 55 -4.37 -5.56 7.39
CA LEU A 55 -5.57 -4.99 6.75
C LEU A 55 -5.98 -5.77 5.52
N ILE A 56 -5.06 -5.97 4.61
CA ILE A 56 -5.32 -6.66 3.36
C ILE A 56 -5.80 -8.10 3.58
N GLU A 57 -5.06 -8.84 4.39
CA GLU A 57 -5.38 -10.24 4.63
C GLU A 57 -6.61 -10.43 5.51
N ARG A 58 -6.90 -9.46 6.37
CA ARG A 58 -8.09 -9.53 7.21
C ARG A 58 -9.33 -9.47 6.34
N TYR A 59 -9.21 -8.74 5.26
CA TYR A 59 -10.30 -8.55 4.35
C TYR A 59 -10.39 -9.65 3.30
N GLY A 60 -9.49 -10.60 3.36
CA GLY A 60 -9.55 -11.70 2.42
C GLY A 60 -8.77 -11.44 1.16
N GLY A 61 -7.95 -10.43 1.20
CA GLY A 61 -7.09 -10.15 0.09
C GLY A 61 -5.73 -10.69 0.39
N LYS A 62 -4.90 -10.87 -0.59
CA LYS A 62 -3.58 -11.38 -0.34
C LYS A 62 -2.60 -10.28 -0.66
N VAL A 63 -1.55 -10.20 0.08
CA VAL A 63 -0.58 -9.16 -0.09
C VAL A 63 0.79 -9.73 -0.38
N THR A 64 1.43 -9.17 -1.37
CA THR A 64 2.72 -9.61 -1.77
C THR A 64 3.51 -8.40 -2.27
N GLY A 65 4.77 -8.58 -2.55
CA GLY A 65 5.58 -7.50 -3.06
C GLY A 65 5.84 -7.65 -4.55
N ASN A 66 5.48 -8.80 -5.08
CA ASN A 66 5.65 -9.04 -6.49
C ASN A 66 4.30 -9.10 -7.19
N VAL A 67 4.07 -8.13 -8.06
CA VAL A 67 2.81 -7.99 -8.78
C VAL A 67 2.43 -9.26 -9.54
N SER A 68 1.25 -9.74 -9.21
CA SER A 68 0.69 -10.91 -9.84
C SER A 68 -0.34 -10.44 -10.89
N LYS A 69 -0.85 -11.34 -11.70
CA LYS A 69 -1.85 -11.02 -12.71
C LYS A 69 -3.21 -10.70 -12.07
N LYS A 70 -3.38 -11.07 -10.81
CA LYS A 70 -4.60 -10.78 -10.08
C LYS A 70 -4.46 -9.57 -9.15
N THR A 71 -3.43 -8.76 -9.36
CA THR A 71 -3.21 -7.60 -8.50
C THR A 71 -4.35 -6.57 -8.60
N ASN A 72 -4.58 -6.05 -9.79
CA ASN A 72 -5.64 -5.07 -10.04
C ASN A 72 -5.38 -3.67 -9.43
N TYR A 73 -4.67 -3.59 -8.31
CA TYR A 73 -4.34 -2.33 -7.66
C TYR A 73 -2.94 -2.40 -7.07
N LEU A 74 -2.04 -1.60 -7.59
CA LEU A 74 -0.68 -1.59 -7.09
C LEU A 74 -0.53 -0.46 -6.10
N VAL A 75 -0.14 -0.81 -4.90
CA VAL A 75 0.10 0.17 -3.88
C VAL A 75 1.54 0.56 -3.94
N MET A 76 1.77 1.72 -4.41
CA MET A 76 3.08 2.21 -4.56
C MET A 76 3.09 3.67 -4.33
N GLY A 77 3.88 4.09 -3.40
CA GLY A 77 4.03 5.47 -3.15
C GLY A 77 5.29 5.97 -3.82
N ARG A 78 6.16 6.50 -3.04
CA ARG A 78 7.43 6.98 -3.50
C ARG A 78 8.34 5.78 -3.68
N ASP A 79 8.54 5.40 -4.90
CA ASP A 79 9.34 4.23 -5.22
C ASP A 79 10.03 4.52 -6.53
N SER A 80 11.27 4.15 -6.64
CA SER A 80 12.05 4.43 -7.84
C SER A 80 12.09 3.20 -8.75
N GLY A 81 11.26 2.24 -8.48
CA GLY A 81 11.22 1.05 -9.25
C GLY A 81 10.19 1.09 -10.33
N GLN A 82 10.62 1.28 -11.54
CA GLN A 82 9.75 1.27 -12.69
C GLN A 82 9.37 -0.18 -13.03
N SER A 83 10.24 -1.10 -12.64
CA SER A 83 10.07 -2.51 -12.95
C SER A 83 8.79 -3.09 -12.36
N LYS A 84 8.45 -2.78 -11.10
CA LYS A 84 7.23 -3.33 -10.55
C LYS A 84 6.02 -2.58 -11.09
N SER A 85 6.21 -1.30 -11.43
CA SER A 85 5.16 -0.48 -11.97
C SER A 85 4.77 -1.01 -13.34
N ASP A 86 5.76 -1.43 -14.12
CA ASP A 86 5.55 -1.98 -15.46
C ASP A 86 4.69 -3.24 -15.41
N LYS A 87 4.97 -4.12 -14.45
CA LYS A 87 4.24 -5.38 -14.29
C LYS A 87 2.77 -5.12 -14.10
N ALA A 88 2.47 -4.19 -13.23
CA ALA A 88 1.11 -3.80 -12.94
C ALA A 88 0.47 -3.05 -14.12
N ALA A 89 1.21 -2.09 -14.64
CA ALA A 89 0.73 -1.25 -15.75
C ALA A 89 0.40 -2.08 -16.98
N ALA A 90 1.20 -3.10 -17.24
CA ALA A 90 1.03 -4.00 -18.37
C ALA A 90 -0.30 -4.76 -18.30
N LEU A 91 -0.83 -4.89 -17.10
CA LEU A 91 -2.07 -5.61 -16.89
C LEU A 91 -3.27 -4.69 -17.03
N GLY A 92 -3.05 -3.44 -16.80
CA GLY A 92 -4.13 -2.49 -16.75
C GLY A 92 -4.43 -2.14 -15.32
N THR A 93 -3.50 -2.48 -14.47
CA THR A 93 -3.55 -2.17 -13.09
C THR A 93 -3.00 -0.76 -12.88
N LYS A 94 -3.64 -0.02 -12.01
CA LYS A 94 -3.28 1.35 -11.75
C LYS A 94 -2.69 1.48 -10.35
N ILE A 95 -2.15 2.64 -10.07
CA ILE A 95 -1.39 2.86 -8.86
C ILE A 95 -2.24 3.54 -7.80
N ILE A 96 -2.19 3.01 -6.61
CA ILE A 96 -2.85 3.59 -5.47
C ILE A 96 -1.82 3.81 -4.37
N ASP A 97 -2.13 4.69 -3.46
CA ASP A 97 -1.27 5.01 -2.33
C ASP A 97 -1.97 4.55 -1.05
N GLU A 98 -1.47 4.98 0.10
CA GLU A 98 -2.08 4.64 1.40
C GLU A 98 -3.53 5.14 1.47
N ASP A 99 -3.76 6.32 0.93
CA ASP A 99 -5.07 6.91 0.93
C ASP A 99 -5.95 6.18 -0.02
N GLY A 100 -5.41 5.89 -1.20
CA GLY A 100 -6.13 5.15 -2.23
C GLY A 100 -6.53 3.74 -1.79
N LEU A 101 -5.64 3.07 -1.07
CA LEU A 101 -5.88 1.71 -0.57
C LEU A 101 -7.08 1.74 0.39
N LEU A 102 -7.03 2.62 1.37
CA LEU A 102 -8.10 2.74 2.33
C LEU A 102 -9.35 3.33 1.71
N ASN A 103 -9.16 4.15 0.67
CA ASN A 103 -10.26 4.80 -0.06
C ASN A 103 -11.21 3.78 -0.62
N LEU A 104 -10.67 2.66 -1.09
CA LEU A 104 -11.49 1.58 -1.66
C LEU A 104 -12.47 1.06 -0.61
N ILE A 105 -11.93 0.74 0.53
CA ILE A 105 -12.69 0.22 1.67
C ILE A 105 -13.68 1.28 2.17
N ARG A 106 -13.17 2.48 2.29
CA ARG A 106 -13.92 3.62 2.78
C ARG A 106 -15.05 4.04 1.81
N ASN A 107 -14.88 3.72 0.55
CA ASN A 107 -15.84 4.07 -0.49
C ASN A 107 -17.05 3.14 -0.43
N LEU A 108 -16.79 1.84 -0.39
CA LEU A 108 -17.86 0.86 -0.39
C LEU A 108 -18.64 0.84 0.91
N GLU A 109 -17.93 0.70 2.04
CA GLU A 109 -18.53 0.63 3.40
C GLU A 109 -19.46 -0.57 3.59
N LYS A 1 27.38 -5.79 -3.19
CA LYS A 1 28.63 -6.20 -2.57
C LYS A 1 28.82 -5.42 -1.32
N ARG A 2 28.79 -6.12 -0.19
CA ARG A 2 28.89 -5.55 1.14
C ARG A 2 27.69 -4.67 1.46
N THR A 3 26.72 -5.24 2.10
CA THR A 3 25.58 -4.51 2.56
C THR A 3 26.04 -3.60 3.68
N ASN A 4 25.96 -2.31 3.45
CA ASN A 4 26.42 -1.34 4.44
C ASN A 4 25.45 -1.34 5.60
N TYR A 5 25.96 -1.67 6.76
CA TYR A 5 25.13 -1.79 7.95
C TYR A 5 24.70 -0.44 8.44
N GLN A 6 25.51 0.56 8.18
CA GLN A 6 25.21 1.94 8.53
C GLN A 6 23.97 2.45 7.75
N ALA A 7 23.71 1.81 6.63
CA ALA A 7 22.65 2.21 5.71
C ALA A 7 21.27 1.87 6.23
N TYR A 8 21.19 1.07 7.31
CA TYR A 8 19.90 0.68 7.85
C TYR A 8 19.14 1.91 8.33
N ARG A 9 19.87 2.94 8.71
CA ARG A 9 19.27 4.16 9.21
C ARG A 9 18.46 4.86 8.11
N SER A 10 18.91 4.78 6.88
CA SER A 10 18.22 5.44 5.77
C SER A 10 16.93 4.70 5.53
N TYR A 11 17.08 3.39 5.49
CA TYR A 11 16.05 2.45 5.32
C TYR A 11 14.95 2.64 6.39
N LEU A 12 15.38 2.75 7.64
CA LEU A 12 14.48 2.99 8.78
C LEU A 12 13.69 4.28 8.64
N ASN A 13 14.35 5.35 8.21
CA ASN A 13 13.68 6.65 8.03
C ASN A 13 12.69 6.61 6.89
N ARG A 14 12.99 5.83 5.87
CA ARG A 14 12.11 5.67 4.72
C ARG A 14 10.85 4.90 5.14
N GLU A 15 11.01 4.02 6.11
CA GLU A 15 9.89 3.29 6.68
C GLU A 15 9.35 4.03 7.91
N GLY A 16 9.64 5.31 8.02
CA GLY A 16 9.19 6.10 9.14
C GLY A 16 8.01 6.97 8.77
N PRO A 17 6.78 6.53 9.07
CA PRO A 17 5.55 7.27 8.73
C PRO A 17 5.34 8.47 9.66
N LYS A 18 5.09 9.64 9.09
CA LYS A 18 4.85 10.80 9.95
C LYS A 18 3.41 10.87 10.48
N ALA A 19 2.52 10.11 9.88
CA ALA A 19 1.15 10.04 10.36
C ALA A 19 0.98 8.80 11.22
N LEU A 20 2.03 8.43 11.94
CA LEU A 20 2.02 7.20 12.69
C LEU A 20 1.18 7.32 13.97
N GLY A 21 0.89 8.53 14.36
CA GLY A 21 0.00 8.75 15.47
C GLY A 21 -1.43 8.84 15.00
N SER A 22 -1.60 8.72 13.70
CA SER A 22 -2.89 8.79 13.04
C SER A 22 -3.09 7.53 12.20
N LYS A 23 -2.53 6.44 12.66
CA LYS A 23 -2.61 5.16 11.99
C LYS A 23 -3.96 4.49 12.28
N GLU A 24 -4.95 4.93 11.55
CA GLU A 24 -6.34 4.53 11.72
C GLU A 24 -6.58 3.02 11.61
N ILE A 25 -6.54 2.55 10.38
CA ILE A 25 -6.88 1.19 9.99
C ILE A 25 -8.38 0.96 10.20
N PRO A 26 -9.17 1.08 9.11
CA PRO A 26 -10.63 1.05 9.17
C PRO A 26 -11.23 -0.27 9.66
N LYS A 27 -12.47 -0.15 10.08
CA LYS A 27 -13.27 -1.25 10.58
C LYS A 27 -14.40 -1.54 9.59
N GLY A 28 -14.15 -1.20 8.33
CA GLY A 28 -15.13 -1.31 7.29
C GLY A 28 -15.40 -2.73 6.88
N ALA A 29 -16.17 -2.87 5.84
CA ALA A 29 -16.57 -4.16 5.31
C ALA A 29 -15.35 -4.99 4.92
N GLU A 30 -15.11 -6.03 5.68
CA GLU A 30 -13.93 -6.88 5.56
C GLU A 30 -13.93 -7.68 4.27
N ASN A 31 -15.04 -7.74 3.63
CA ASN A 31 -15.15 -8.41 2.35
C ASN A 31 -14.73 -7.51 1.18
N CYS A 32 -14.45 -6.24 1.47
CA CYS A 32 -14.11 -5.25 0.44
C CYS A 32 -12.90 -5.67 -0.42
N LEU A 33 -11.83 -6.13 0.20
CA LEU A 33 -10.61 -6.46 -0.54
C LEU A 33 -10.56 -7.95 -0.83
N GLU A 34 -11.62 -8.63 -0.46
CA GLU A 34 -11.69 -10.07 -0.50
C GLU A 34 -11.71 -10.57 -1.93
N GLY A 35 -10.68 -11.29 -2.28
CA GLY A 35 -10.57 -11.84 -3.61
C GLY A 35 -9.87 -10.90 -4.56
N LEU A 36 -9.32 -9.85 -4.02
CA LEU A 36 -8.59 -8.90 -4.79
C LEU A 36 -7.15 -8.98 -4.29
N ILE A 37 -6.20 -8.83 -5.18
CA ILE A 37 -4.82 -8.96 -4.80
C ILE A 37 -4.20 -7.57 -4.67
N PHE A 38 -3.61 -7.30 -3.56
CA PHE A 38 -2.99 -6.04 -3.35
C PHE A 38 -1.52 -6.19 -3.17
N VAL A 39 -0.81 -5.49 -3.96
CA VAL A 39 0.60 -5.47 -3.86
C VAL A 39 1.03 -4.13 -3.34
N ILE A 40 1.64 -4.13 -2.19
CA ILE A 40 2.11 -2.92 -1.59
C ILE A 40 3.60 -2.85 -1.84
N THR A 41 4.01 -1.88 -2.61
CA THR A 41 5.37 -1.77 -3.01
C THR A 41 6.06 -0.59 -2.32
N GLY A 42 7.33 -0.79 -1.99
CA GLY A 42 8.10 0.22 -1.30
C GLY A 42 7.59 0.42 0.10
N VAL A 43 7.02 1.55 0.34
CA VAL A 43 6.40 1.89 1.58
C VAL A 43 5.46 3.03 1.29
N LEU A 44 4.31 3.04 1.89
CA LEU A 44 3.33 4.07 1.62
C LEU A 44 3.70 5.35 2.35
N GLU A 45 2.99 6.46 2.02
CA GLU A 45 3.21 7.79 2.62
C GLU A 45 3.36 7.62 4.12
N SER A 46 2.31 7.18 4.78
CA SER A 46 2.45 6.84 6.14
C SER A 46 1.65 5.59 6.43
N ILE A 47 2.34 4.50 6.46
CA ILE A 47 1.81 3.25 6.91
C ILE A 47 3.00 2.40 7.29
N GLU A 48 2.83 1.45 8.18
CA GLU A 48 3.89 0.52 8.43
C GLU A 48 3.53 -0.74 7.62
N ARG A 49 4.52 -1.47 7.13
CA ARG A 49 4.32 -2.70 6.33
C ARG A 49 3.28 -3.64 6.95
N ASP A 50 3.34 -3.78 8.27
CA ASP A 50 2.41 -4.67 8.99
C ASP A 50 1.00 -4.16 8.89
N GLU A 51 0.83 -2.85 8.88
CA GLU A 51 -0.50 -2.26 8.90
C GLU A 51 -1.18 -2.41 7.56
N ALA A 52 -0.37 -2.44 6.52
CA ALA A 52 -0.91 -2.63 5.19
C ALA A 52 -1.32 -4.07 5.04
N LYS A 53 -0.41 -4.95 5.38
CA LYS A 53 -0.62 -6.36 5.28
C LYS A 53 -1.75 -6.85 6.16
N SER A 54 -1.81 -6.33 7.38
CA SER A 54 -2.87 -6.62 8.31
C SER A 54 -4.21 -6.28 7.69
N LEU A 55 -4.31 -5.04 7.23
CA LEU A 55 -5.51 -4.51 6.63
C LEU A 55 -5.93 -5.32 5.39
N ILE A 56 -5.01 -5.52 4.47
CA ILE A 56 -5.29 -6.26 3.23
C ILE A 56 -5.74 -7.70 3.51
N GLU A 57 -4.95 -8.42 4.30
CA GLU A 57 -5.23 -9.82 4.57
C GLU A 57 -6.49 -10.02 5.41
N ARG A 58 -6.76 -9.08 6.33
CA ARG A 58 -7.98 -9.14 7.14
C ARG A 58 -9.19 -8.98 6.26
N TYR A 59 -9.02 -8.20 5.23
CA TYR A 59 -10.06 -7.93 4.31
C TYR A 59 -10.14 -8.96 3.20
N GLY A 60 -9.50 -10.11 3.42
CA GLY A 60 -9.60 -11.21 2.49
C GLY A 60 -8.80 -11.02 1.23
N GLY A 61 -7.95 -10.04 1.22
CA GLY A 61 -7.13 -9.78 0.10
C GLY A 61 -5.81 -10.46 0.25
N LYS A 62 -5.12 -10.65 -0.82
CA LYS A 62 -3.81 -11.23 -0.76
C LYS A 62 -2.82 -10.12 -0.88
N VAL A 63 -1.79 -10.20 -0.12
CA VAL A 63 -0.73 -9.26 -0.25
C VAL A 63 0.51 -10.00 -0.72
N THR A 64 1.15 -9.47 -1.71
CA THR A 64 2.31 -10.08 -2.22
C THR A 64 3.40 -9.05 -2.50
N GLY A 65 4.63 -9.51 -2.55
CA GLY A 65 5.77 -8.65 -2.65
C GLY A 65 5.98 -8.05 -4.02
N ASN A 66 5.56 -8.75 -5.04
CA ASN A 66 5.78 -8.27 -6.39
C ASN A 66 4.49 -8.35 -7.18
N VAL A 67 4.38 -7.53 -8.18
CA VAL A 67 3.18 -7.45 -8.97
C VAL A 67 3.08 -8.61 -9.98
N SER A 68 1.90 -9.15 -10.09
CA SER A 68 1.58 -10.20 -11.01
C SER A 68 0.56 -9.64 -12.00
N LYS A 69 0.21 -10.42 -12.99
CA LYS A 69 -0.80 -10.02 -13.96
C LYS A 69 -2.17 -10.25 -13.34
N LYS A 70 -2.17 -10.95 -12.23
CA LYS A 70 -3.35 -11.24 -11.45
C LYS A 70 -3.37 -10.39 -10.19
N THR A 71 -2.94 -9.16 -10.28
CA THR A 71 -2.92 -8.30 -9.10
C THR A 71 -4.23 -7.52 -8.98
N ASN A 72 -4.52 -6.74 -10.03
CA ASN A 72 -5.65 -5.82 -10.13
C ASN A 72 -5.33 -4.43 -9.54
N TYR A 73 -4.74 -4.36 -8.32
CA TYR A 73 -4.42 -3.06 -7.69
C TYR A 73 -3.01 -3.05 -7.11
N LEU A 74 -2.21 -2.12 -7.57
CA LEU A 74 -0.88 -1.94 -7.05
C LEU A 74 -0.86 -0.74 -6.14
N VAL A 75 -0.53 -0.95 -4.91
CA VAL A 75 -0.49 0.11 -3.97
C VAL A 75 0.93 0.65 -3.97
N MET A 76 1.09 1.77 -4.58
CA MET A 76 2.39 2.33 -4.78
C MET A 76 2.63 3.45 -3.83
N GLY A 77 3.57 3.26 -2.97
CA GLY A 77 3.96 4.27 -2.07
C GLY A 77 5.10 5.04 -2.61
N ARG A 78 6.09 5.21 -1.80
CA ARG A 78 7.28 5.82 -2.18
C ARG A 78 8.18 4.71 -2.69
N ASP A 79 8.07 4.46 -3.96
CA ASP A 79 8.81 3.42 -4.62
C ASP A 79 9.39 4.01 -5.87
N SER A 80 10.64 3.80 -6.08
CA SER A 80 11.33 4.37 -7.19
C SER A 80 11.83 3.28 -8.14
N GLY A 81 11.11 2.18 -8.23
CA GLY A 81 11.49 1.13 -9.14
C GLY A 81 10.67 1.19 -10.41
N GLN A 82 11.29 1.64 -11.50
CA GLN A 82 10.62 1.75 -12.78
C GLN A 82 10.17 0.40 -13.30
N SER A 83 11.08 -0.57 -13.30
CA SER A 83 10.83 -1.86 -13.90
C SER A 83 9.73 -2.64 -13.16
N LYS A 84 9.70 -2.50 -11.85
CA LYS A 84 8.71 -3.19 -11.05
C LYS A 84 7.31 -2.57 -11.24
N SER A 85 7.25 -1.25 -11.32
CA SER A 85 6.01 -0.54 -11.52
C SER A 85 5.53 -0.67 -12.99
N ASP A 86 6.50 -0.79 -13.89
CA ASP A 86 6.26 -0.92 -15.34
C ASP A 86 5.39 -2.11 -15.65
N LYS A 87 5.57 -3.18 -14.88
CA LYS A 87 4.80 -4.39 -15.05
C LYS A 87 3.33 -4.08 -14.89
N ALA A 88 2.99 -3.48 -13.76
CA ALA A 88 1.60 -3.15 -13.41
C ALA A 88 0.94 -2.34 -14.50
N ALA A 89 1.63 -1.33 -14.97
CA ALA A 89 1.14 -0.44 -16.01
C ALA A 89 0.85 -1.21 -17.30
N ALA A 90 1.77 -2.08 -17.67
CA ALA A 90 1.64 -2.85 -18.90
C ALA A 90 0.60 -3.95 -18.78
N LEU A 91 0.47 -4.50 -17.59
CA LEU A 91 -0.47 -5.59 -17.32
C LEU A 91 -1.90 -5.09 -17.20
N GLY A 92 -2.06 -3.87 -16.77
CA GLY A 92 -3.40 -3.30 -16.64
C GLY A 92 -3.80 -3.17 -15.20
N THR A 93 -2.85 -3.31 -14.32
CA THR A 93 -3.05 -3.16 -12.93
C THR A 93 -3.17 -1.67 -12.62
N LYS A 94 -4.06 -1.30 -11.75
CA LYS A 94 -4.26 0.11 -11.45
C LYS A 94 -3.53 0.49 -10.19
N ILE A 95 -3.03 1.69 -10.15
CA ILE A 95 -2.22 2.14 -9.08
C ILE A 95 -3.07 2.92 -8.07
N ILE A 96 -2.84 2.68 -6.81
CA ILE A 96 -3.47 3.40 -5.74
C ILE A 96 -2.43 3.76 -4.70
N ASP A 97 -2.73 4.75 -3.91
CA ASP A 97 -1.86 5.17 -2.82
C ASP A 97 -2.47 4.67 -1.54
N GLU A 98 -1.95 5.10 -0.40
CA GLU A 98 -2.55 4.76 0.87
C GLU A 98 -3.96 5.34 0.97
N ASP A 99 -4.11 6.57 0.48
CA ASP A 99 -5.41 7.22 0.36
C ASP A 99 -6.33 6.35 -0.46
N GLY A 100 -5.87 5.94 -1.63
CA GLY A 100 -6.67 5.16 -2.55
C GLY A 100 -7.13 3.84 -1.98
N LEU A 101 -6.24 3.17 -1.29
CA LEU A 101 -6.54 1.88 -0.68
C LEU A 101 -7.63 2.09 0.39
N LEU A 102 -7.42 3.05 1.25
CA LEU A 102 -8.35 3.32 2.33
C LEU A 102 -9.66 3.89 1.80
N ASN A 103 -9.56 4.68 0.74
CA ASN A 103 -10.71 5.34 0.10
C ASN A 103 -11.65 4.30 -0.48
N LEU A 104 -11.08 3.20 -0.94
CA LEU A 104 -11.86 2.10 -1.48
C LEU A 104 -12.70 1.47 -0.37
N ILE A 105 -12.08 1.28 0.78
CA ILE A 105 -12.77 0.73 1.95
C ILE A 105 -13.74 1.76 2.53
N ARG A 106 -13.32 3.01 2.48
CA ARG A 106 -14.08 4.17 2.95
C ARG A 106 -15.39 4.30 2.16
N ASN A 107 -15.37 3.77 0.94
CA ASN A 107 -16.54 3.79 0.06
C ASN A 107 -17.64 2.91 0.67
N LEU A 108 -17.23 1.88 1.39
CA LEU A 108 -18.15 1.03 2.11
C LEU A 108 -18.43 1.64 3.49
N GLU A 109 -17.37 1.90 4.24
CA GLU A 109 -17.47 2.51 5.54
C GLU A 109 -16.15 3.21 5.85
N LYS A 1 23.02 -15.32 2.54
CA LYS A 1 22.44 -14.40 1.57
C LYS A 1 23.41 -13.28 1.29
N ARG A 2 23.57 -12.92 0.03
CA ARG A 2 24.49 -11.85 -0.36
C ARG A 2 23.97 -10.52 0.11
N THR A 3 22.68 -10.38 0.07
CA THR A 3 22.01 -9.20 0.53
C THR A 3 21.84 -9.23 2.05
N ASN A 4 22.02 -10.43 2.62
CA ASN A 4 21.77 -10.72 4.05
C ASN A 4 20.28 -10.58 4.33
N TYR A 5 19.88 -10.81 5.55
CA TYR A 5 18.50 -10.52 5.92
C TYR A 5 18.50 -9.14 6.52
N GLN A 6 19.68 -8.79 7.06
CA GLN A 6 20.00 -7.51 7.70
C GLN A 6 19.60 -6.31 6.82
N ALA A 7 19.60 -6.53 5.50
CA ALA A 7 19.27 -5.50 4.51
C ALA A 7 17.84 -4.96 4.63
N TYR A 8 17.01 -5.62 5.45
CA TYR A 8 15.64 -5.17 5.65
C TYR A 8 15.61 -3.78 6.31
N ARG A 9 16.67 -3.48 7.09
CA ARG A 9 16.77 -2.20 7.81
C ARG A 9 16.83 -1.01 6.85
N SER A 10 17.30 -1.27 5.65
CA SER A 10 17.42 -0.24 4.64
C SER A 10 16.01 0.28 4.28
N TYR A 11 15.06 -0.66 4.13
CA TYR A 11 13.68 -0.33 3.75
C TYR A 11 13.05 0.53 4.83
N LEU A 12 13.20 0.09 6.07
CA LEU A 12 12.62 0.77 7.26
C LEU A 12 13.08 2.22 7.39
N ASN A 13 14.19 2.57 6.78
CA ASN A 13 14.69 3.94 6.86
C ASN A 13 14.43 4.71 5.57
N ARG A 14 13.91 4.05 4.57
CA ARG A 14 13.55 4.71 3.32
C ARG A 14 12.06 4.85 3.23
N GLU A 15 11.40 4.21 4.13
CA GLU A 15 9.97 4.17 4.15
C GLU A 15 9.46 4.84 5.43
N GLY A 16 8.21 4.66 5.82
CA GLY A 16 7.70 5.50 6.91
C GLY A 16 7.12 4.79 8.12
N PRO A 17 7.95 4.31 9.06
CA PRO A 17 7.46 3.68 10.27
C PRO A 17 7.21 4.73 11.37
N LYS A 18 6.91 5.96 10.98
CA LYS A 18 6.70 7.02 11.96
C LYS A 18 5.20 7.26 12.20
N ALA A 19 4.39 6.29 11.86
CA ALA A 19 2.94 6.39 12.03
C ALA A 19 2.42 5.15 12.73
N LEU A 20 3.29 4.53 13.48
CA LEU A 20 2.99 3.25 14.13
C LEU A 20 2.08 3.40 15.33
N GLY A 21 2.05 4.59 15.89
CA GLY A 21 1.16 4.84 17.01
C GLY A 21 -0.01 5.67 16.56
N SER A 22 -0.03 5.96 15.28
CA SER A 22 -1.02 6.80 14.69
C SER A 22 -1.72 6.04 13.57
N LYS A 23 -1.62 4.73 13.57
CA LYS A 23 -2.25 3.95 12.54
C LYS A 23 -3.73 3.77 12.80
N GLU A 24 -4.52 4.13 11.82
CA GLU A 24 -5.98 4.08 11.90
C GLU A 24 -6.45 2.69 11.80
N ILE A 25 -6.40 2.20 10.59
CA ILE A 25 -6.77 0.87 10.22
C ILE A 25 -8.29 0.67 10.44
N PRO A 26 -9.06 0.79 9.35
CA PRO A 26 -10.52 0.79 9.42
C PRO A 26 -11.13 -0.54 9.87
N LYS A 27 -12.38 -0.46 10.22
CA LYS A 27 -13.21 -1.57 10.64
C LYS A 27 -14.24 -1.81 9.55
N GLY A 28 -13.82 -1.56 8.32
CA GLY A 28 -14.68 -1.56 7.18
C GLY A 28 -15.18 -2.92 6.75
N ALA A 29 -15.88 -2.90 5.65
CA ALA A 29 -16.44 -4.08 5.05
C ALA A 29 -15.37 -5.12 4.76
N GLU A 30 -15.59 -6.31 5.25
CA GLU A 30 -14.65 -7.41 5.15
C GLU A 30 -14.34 -7.82 3.72
N ASN A 31 -15.33 -7.76 2.87
CA ASN A 31 -15.20 -8.25 1.48
C ASN A 31 -14.52 -7.25 0.54
N CYS A 32 -14.22 -6.05 1.04
CA CYS A 32 -13.65 -4.98 0.20
C CYS A 32 -12.40 -5.40 -0.60
N LEU A 33 -11.40 -5.93 0.08
CA LEU A 33 -10.15 -6.31 -0.58
C LEU A 33 -10.19 -7.77 -0.97
N GLU A 34 -11.26 -8.42 -0.59
CA GLU A 34 -11.44 -9.82 -0.81
C GLU A 34 -11.83 -10.08 -2.27
N GLY A 35 -10.96 -10.74 -2.98
CA GLY A 35 -11.27 -11.10 -4.33
C GLY A 35 -10.15 -10.79 -5.27
N LEU A 36 -9.49 -9.68 -5.03
CA LEU A 36 -8.40 -9.27 -5.87
C LEU A 36 -7.08 -9.39 -5.12
N ILE A 37 -6.01 -9.00 -5.76
CA ILE A 37 -4.70 -9.13 -5.16
C ILE A 37 -4.14 -7.73 -5.02
N PHE A 38 -3.48 -7.45 -3.96
CA PHE A 38 -2.91 -6.15 -3.78
C PHE A 38 -1.42 -6.26 -3.67
N VAL A 39 -0.77 -5.35 -4.31
CA VAL A 39 0.65 -5.29 -4.29
C VAL A 39 1.06 -3.91 -3.88
N ILE A 40 1.99 -3.83 -2.98
CA ILE A 40 2.47 -2.57 -2.51
C ILE A 40 3.95 -2.42 -2.85
N THR A 41 4.29 -1.33 -3.48
CA THR A 41 5.65 -1.04 -3.79
C THR A 41 6.01 0.29 -3.20
N GLY A 42 7.18 0.36 -2.63
CA GLY A 42 7.59 1.55 -2.00
C GLY A 42 6.94 1.68 -0.68
N VAL A 43 6.14 2.69 -0.54
CA VAL A 43 5.48 2.96 0.69
C VAL A 43 4.54 4.11 0.43
N LEU A 44 3.61 4.30 1.30
CA LEU A 44 2.75 5.44 1.22
C LEU A 44 3.40 6.51 2.08
N GLU A 45 2.83 7.70 2.12
CA GLU A 45 3.52 8.75 2.85
C GLU A 45 3.61 8.47 4.34
N SER A 46 2.62 7.82 4.89
CA SER A 46 2.78 7.28 6.20
C SER A 46 2.03 5.96 6.35
N ILE A 47 2.77 4.90 6.18
CA ILE A 47 2.35 3.55 6.46
C ILE A 47 3.60 2.74 6.64
N GLU A 48 3.48 1.63 7.26
CA GLU A 48 4.57 0.74 7.38
C GLU A 48 4.14 -0.52 6.60
N ARG A 49 5.09 -1.25 6.05
CA ARG A 49 4.84 -2.43 5.21
C ARG A 49 3.93 -3.42 5.89
N ASP A 50 4.24 -3.76 7.12
CA ASP A 50 3.48 -4.78 7.82
C ASP A 50 2.11 -4.26 8.21
N GLU A 51 1.96 -2.95 8.27
CA GLU A 51 0.66 -2.37 8.60
C GLU A 51 -0.24 -2.42 7.39
N ALA A 52 0.36 -2.34 6.22
CA ALA A 52 -0.37 -2.45 4.98
C ALA A 52 -0.76 -3.87 4.77
N LYS A 53 0.24 -4.71 4.87
CA LYS A 53 0.14 -6.13 4.63
C LYS A 53 -0.91 -6.79 5.53
N SER A 54 -0.87 -6.47 6.82
CA SER A 54 -1.82 -7.01 7.76
C SER A 54 -3.23 -6.56 7.39
N LEU A 55 -3.37 -5.29 7.02
CA LEU A 55 -4.65 -4.70 6.64
C LEU A 55 -5.21 -5.41 5.40
N ILE A 56 -4.36 -5.65 4.41
CA ILE A 56 -4.79 -6.30 3.19
C ILE A 56 -5.24 -7.75 3.45
N GLU A 57 -4.40 -8.51 4.16
CA GLU A 57 -4.71 -9.92 4.45
C GLU A 57 -5.90 -10.05 5.40
N ARG A 58 -6.11 -9.02 6.22
CA ARG A 58 -7.22 -8.96 7.18
C ARG A 58 -8.55 -8.90 6.45
N TYR A 59 -8.52 -8.38 5.24
CA TYR A 59 -9.72 -8.22 4.45
C TYR A 59 -9.81 -9.21 3.31
N GLY A 60 -9.05 -10.27 3.42
CA GLY A 60 -9.15 -11.35 2.45
C GLY A 60 -8.44 -11.07 1.15
N GLY A 61 -7.60 -10.08 1.14
CA GLY A 61 -6.85 -9.78 -0.04
C GLY A 61 -5.48 -10.39 0.07
N LYS A 62 -4.88 -10.70 -1.03
CA LYS A 62 -3.55 -11.25 -0.98
C LYS A 62 -2.57 -10.15 -1.28
N VAL A 63 -1.52 -10.10 -0.53
CA VAL A 63 -0.52 -9.09 -0.72
C VAL A 63 0.82 -9.74 -1.02
N THR A 64 1.49 -9.20 -1.98
CA THR A 64 2.77 -9.70 -2.39
C THR A 64 3.56 -8.55 -3.00
N GLY A 65 4.81 -8.81 -3.30
CA GLY A 65 5.62 -7.85 -3.98
C GLY A 65 5.73 -8.21 -5.45
N ASN A 66 5.21 -9.37 -5.81
CA ASN A 66 5.24 -9.84 -7.18
C ASN A 66 3.87 -9.64 -7.80
N VAL A 67 3.76 -8.61 -8.60
CA VAL A 67 2.50 -8.17 -9.22
C VAL A 67 1.88 -9.28 -10.08
N SER A 68 0.59 -9.41 -9.97
CA SER A 68 -0.19 -10.35 -10.70
C SER A 68 -1.10 -9.57 -11.65
N LYS A 69 -1.61 -10.22 -12.68
CA LYS A 69 -2.53 -9.56 -13.59
C LYS A 69 -3.86 -9.38 -12.88
N LYS A 70 -4.06 -10.20 -11.88
CA LYS A 70 -5.22 -10.18 -11.08
C LYS A 70 -5.11 -9.10 -9.97
N THR A 71 -3.91 -8.51 -9.82
CA THR A 71 -3.69 -7.48 -8.83
C THR A 71 -4.57 -6.28 -9.10
N ASN A 72 -4.41 -5.68 -10.27
CA ASN A 72 -5.30 -4.58 -10.70
C ASN A 72 -5.13 -3.24 -9.88
N TYR A 73 -4.65 -3.32 -8.65
CA TYR A 73 -4.38 -2.15 -7.82
C TYR A 73 -3.01 -2.24 -7.18
N LEU A 74 -2.15 -1.36 -7.58
CA LEU A 74 -0.81 -1.29 -7.03
C LEU A 74 -0.77 -0.15 -6.06
N VAL A 75 -0.44 -0.46 -4.85
CA VAL A 75 -0.37 0.53 -3.82
C VAL A 75 1.02 1.14 -3.83
N MET A 76 1.08 2.41 -4.13
CA MET A 76 2.32 3.14 -4.23
C MET A 76 2.12 4.58 -3.78
N GLY A 77 3.08 5.09 -3.07
CA GLY A 77 3.11 6.50 -2.73
C GLY A 77 4.44 7.00 -3.17
N ARG A 78 5.45 6.41 -2.61
CA ARG A 78 6.80 6.53 -3.04
C ARG A 78 7.17 5.16 -3.53
N ASP A 79 8.25 5.04 -4.22
CA ASP A 79 8.58 3.78 -4.82
C ASP A 79 9.92 3.27 -4.38
N SER A 80 9.96 2.00 -4.15
CA SER A 80 11.15 1.29 -3.76
C SER A 80 11.42 0.11 -4.72
N GLY A 81 10.63 -0.02 -5.77
CA GLY A 81 10.81 -1.12 -6.67
C GLY A 81 10.26 -0.83 -8.04
N GLN A 82 11.10 -0.28 -8.88
CA GLN A 82 10.74 0.10 -10.24
C GLN A 82 10.22 -1.11 -11.02
N SER A 83 10.84 -2.25 -10.77
CA SER A 83 10.49 -3.52 -11.38
C SER A 83 9.01 -3.89 -11.11
N LYS A 84 8.49 -3.49 -9.96
CA LYS A 84 7.14 -3.86 -9.54
C LYS A 84 6.15 -3.03 -10.33
N SER A 85 6.41 -1.74 -10.35
CA SER A 85 5.58 -0.78 -11.07
C SER A 85 5.61 -1.09 -12.56
N ASP A 86 6.74 -1.64 -13.00
CA ASP A 86 6.94 -2.01 -14.42
C ASP A 86 5.93 -3.06 -14.86
N LYS A 87 5.77 -4.07 -14.03
CA LYS A 87 4.87 -5.16 -14.29
C LYS A 87 3.43 -4.68 -14.26
N ALA A 88 3.13 -3.95 -13.19
CA ALA A 88 1.79 -3.43 -12.93
C ALA A 88 1.29 -2.60 -14.10
N ALA A 89 2.16 -1.74 -14.60
CA ALA A 89 1.87 -0.85 -15.71
C ALA A 89 1.40 -1.63 -16.94
N ALA A 90 2.10 -2.71 -17.23
CA ALA A 90 1.81 -3.52 -18.40
C ALA A 90 0.53 -4.33 -18.23
N LEU A 91 0.34 -4.85 -17.03
CA LEU A 91 -0.79 -5.71 -16.70
C LEU A 91 -2.10 -4.96 -16.66
N GLY A 92 -2.02 -3.68 -16.48
CA GLY A 92 -3.22 -2.87 -16.39
C GLY A 92 -3.59 -2.64 -14.95
N THR A 93 -2.62 -2.75 -14.11
CA THR A 93 -2.77 -2.51 -12.72
C THR A 93 -2.59 -1.02 -12.44
N LYS A 94 -3.60 -0.42 -11.88
CA LYS A 94 -3.61 1.02 -11.64
C LYS A 94 -3.02 1.33 -10.28
N ILE A 95 -2.47 2.51 -10.16
CA ILE A 95 -1.74 2.91 -8.99
C ILE A 95 -2.67 3.61 -8.00
N ILE A 96 -2.58 3.23 -6.75
CA ILE A 96 -3.35 3.84 -5.69
C ILE A 96 -2.45 4.16 -4.52
N ASP A 97 -2.78 5.21 -3.82
CA ASP A 97 -2.08 5.61 -2.62
C ASP A 97 -2.81 5.03 -1.42
N GLU A 98 -2.48 5.49 -0.22
CA GLU A 98 -3.16 5.03 0.98
C GLU A 98 -4.61 5.49 0.93
N ASP A 99 -4.82 6.63 0.27
CA ASP A 99 -6.16 7.18 0.05
C ASP A 99 -6.97 6.26 -0.83
N GLY A 100 -6.30 5.48 -1.63
CA GLY A 100 -6.96 4.55 -2.48
C GLY A 100 -7.32 3.30 -1.76
N LEU A 101 -6.31 2.70 -1.13
CA LEU A 101 -6.47 1.45 -0.39
C LEU A 101 -7.57 1.56 0.67
N LEU A 102 -7.51 2.60 1.46
CA LEU A 102 -8.48 2.80 2.52
C LEU A 102 -9.85 3.18 1.98
N ASN A 103 -9.89 3.89 0.86
CA ASN A 103 -11.16 4.31 0.29
C ASN A 103 -11.88 3.12 -0.30
N LEU A 104 -11.12 2.17 -0.86
CA LEU A 104 -11.71 0.94 -1.39
C LEU A 104 -12.44 0.18 -0.29
N ILE A 105 -11.89 0.24 0.89
CA ILE A 105 -12.49 -0.42 2.04
C ILE A 105 -13.72 0.36 2.50
N ARG A 106 -13.53 1.64 2.68
CA ARG A 106 -14.56 2.54 3.21
C ARG A 106 -15.74 2.70 2.25
N ASN A 107 -15.48 2.57 0.95
CA ASN A 107 -16.52 2.69 -0.08
C ASN A 107 -17.58 1.62 0.08
N LEU A 108 -17.18 0.47 0.53
CA LEU A 108 -18.15 -0.58 0.78
C LEU A 108 -18.89 -0.32 2.06
N GLU A 109 -18.13 0.08 3.10
CA GLU A 109 -18.57 0.55 4.42
C GLU A 109 -17.36 0.57 5.32
N LYS A 1 12.83 16.21 26.47
CA LYS A 1 13.78 17.23 26.06
C LYS A 1 15.09 16.54 25.73
N ARG A 2 15.38 16.41 24.45
CA ARG A 2 16.58 15.75 24.00
C ARG A 2 17.34 16.65 23.05
N THR A 3 18.46 16.18 22.61
CA THR A 3 19.28 16.90 21.68
C THR A 3 19.43 16.03 20.43
N ASN A 4 18.80 16.44 19.34
CA ASN A 4 18.86 15.70 18.10
C ASN A 4 20.21 15.89 17.47
N TYR A 5 20.82 14.82 17.10
CA TYR A 5 22.12 14.87 16.51
C TYR A 5 21.96 14.89 15.01
N GLN A 6 22.89 15.52 14.33
CA GLN A 6 22.85 15.62 12.88
C GLN A 6 22.80 14.25 12.20
N ALA A 7 23.52 13.29 12.75
CA ALA A 7 23.57 11.95 12.18
C ALA A 7 22.37 11.11 12.58
N TYR A 8 21.62 11.57 13.57
CA TYR A 8 20.49 10.89 14.07
C TYR A 8 19.30 11.14 13.13
N ARG A 9 19.41 12.19 12.35
CA ARG A 9 18.34 12.60 11.44
C ARG A 9 18.17 11.62 10.27
N SER A 10 19.23 10.93 9.89
CA SER A 10 19.18 10.06 8.75
C SER A 10 18.32 8.82 9.00
N TYR A 11 18.21 8.43 10.27
CA TYR A 11 17.42 7.26 10.64
C TYR A 11 15.94 7.55 10.50
N LEU A 12 15.57 8.78 10.81
CA LEU A 12 14.19 9.24 10.66
C LEU A 12 13.79 9.24 9.19
N ASN A 13 14.77 9.39 8.32
CA ASN A 13 14.55 9.42 6.88
C ASN A 13 14.64 8.03 6.27
N ARG A 14 14.88 7.04 7.11
CA ARG A 14 14.89 5.66 6.66
C ARG A 14 13.51 5.09 6.75
N GLU A 15 12.69 5.46 5.77
CA GLU A 15 11.30 5.09 5.68
C GLU A 15 10.53 5.39 6.96
N GLY A 16 10.26 6.65 7.16
CA GLY A 16 9.58 7.07 8.33
C GLY A 16 8.31 7.80 7.99
N PRO A 17 7.16 7.11 8.01
CA PRO A 17 5.89 7.74 7.72
C PRO A 17 5.47 8.66 8.85
N LYS A 18 5.39 9.93 8.54
CA LYS A 18 5.07 10.99 9.50
C LYS A 18 3.68 10.83 10.11
N ALA A 19 2.81 10.18 9.38
CA ALA A 19 1.43 10.00 9.81
C ALA A 19 1.12 8.54 10.07
N LEU A 20 2.16 7.76 10.36
CA LEU A 20 2.02 6.32 10.58
C LEU A 20 1.04 5.99 11.70
N GLY A 21 1.23 6.60 12.85
CA GLY A 21 0.37 6.33 13.98
C GLY A 21 -0.99 6.97 13.85
N SER A 22 -1.15 7.78 12.83
CA SER A 22 -2.39 8.45 12.60
C SER A 22 -3.31 7.64 11.72
N LYS A 23 -2.77 6.62 11.08
CA LYS A 23 -3.58 5.76 10.28
C LYS A 23 -3.24 4.33 10.58
N GLU A 24 -4.03 3.73 11.40
CA GLU A 24 -3.85 2.38 11.79
C GLU A 24 -4.73 1.45 10.95
N ILE A 25 -5.17 0.37 11.55
CA ILE A 25 -5.88 -0.68 10.89
C ILE A 25 -7.37 -0.42 11.07
N PRO A 26 -8.04 0.01 10.03
CA PRO A 26 -9.46 0.32 10.10
C PRO A 26 -10.34 -0.92 10.02
N LYS A 27 -11.59 -0.76 10.39
CA LYS A 27 -12.53 -1.87 10.56
C LYS A 27 -13.63 -1.88 9.48
N GLY A 28 -13.39 -1.12 8.40
CA GLY A 28 -14.37 -0.92 7.30
C GLY A 28 -15.23 -2.13 6.93
N ALA A 29 -14.72 -3.00 6.08
CA ALA A 29 -15.47 -4.20 5.67
C ALA A 29 -14.58 -5.19 4.98
N GLU A 30 -14.55 -6.39 5.52
CA GLU A 30 -13.73 -7.50 5.02
C GLU A 30 -13.98 -7.72 3.53
N ASN A 31 -15.25 -7.78 3.16
CA ASN A 31 -15.67 -8.09 1.78
C ASN A 31 -15.26 -7.04 0.76
N CYS A 32 -14.73 -5.92 1.21
CA CYS A 32 -14.30 -4.90 0.30
C CYS A 32 -13.02 -5.33 -0.42
N LEU A 33 -12.08 -5.91 0.31
CA LEU A 33 -10.81 -6.31 -0.30
C LEU A 33 -10.82 -7.80 -0.63
N GLU A 34 -11.78 -8.51 -0.07
CA GLU A 34 -11.92 -9.94 -0.29
C GLU A 34 -12.25 -10.22 -1.76
N GLY A 35 -11.53 -11.14 -2.33
CA GLY A 35 -11.77 -11.55 -3.68
C GLY A 35 -10.70 -11.11 -4.63
N LEU A 36 -10.18 -9.93 -4.44
CA LEU A 36 -9.18 -9.41 -5.34
C LEU A 36 -7.81 -9.40 -4.71
N ILE A 37 -6.84 -8.91 -5.43
CA ILE A 37 -5.50 -8.91 -4.97
C ILE A 37 -5.05 -7.48 -4.81
N PHE A 38 -4.12 -7.25 -3.95
CA PHE A 38 -3.51 -5.97 -3.79
C PHE A 38 -2.03 -6.16 -3.68
N VAL A 39 -1.29 -5.24 -4.21
CA VAL A 39 0.13 -5.22 -4.06
C VAL A 39 0.52 -3.84 -3.66
N ILE A 40 1.26 -3.72 -2.60
CA ILE A 40 1.70 -2.44 -2.13
C ILE A 40 3.21 -2.44 -2.12
N THR A 41 3.77 -1.38 -2.57
CA THR A 41 5.18 -1.27 -2.64
C THR A 41 5.64 0.07 -2.04
N GLY A 42 6.74 0.01 -1.33
CA GLY A 42 7.30 1.17 -0.72
C GLY A 42 6.69 1.47 0.62
N VAL A 43 6.61 2.74 0.93
CA VAL A 43 6.05 3.18 2.15
C VAL A 43 5.15 4.39 1.88
N LEU A 44 4.02 4.41 2.50
CA LEU A 44 3.06 5.47 2.34
C LEU A 44 3.33 6.58 3.39
N GLU A 45 2.52 7.64 3.38
CA GLU A 45 2.52 8.69 4.45
C GLU A 45 1.38 8.25 5.38
N SER A 46 1.34 6.98 5.48
CA SER A 46 0.32 6.13 5.85
C SER A 46 1.09 4.88 6.10
N ILE A 47 0.47 3.82 6.14
CA ILE A 47 0.94 2.62 6.70
C ILE A 47 2.02 1.96 5.85
N GLU A 48 2.89 1.27 6.57
CA GLU A 48 4.01 0.63 6.03
C GLU A 48 3.63 -0.71 5.47
N ARG A 49 4.54 -1.24 4.79
CA ARG A 49 4.47 -2.47 4.06
C ARG A 49 3.90 -3.66 4.89
N ASP A 50 4.40 -3.87 6.09
CA ASP A 50 3.91 -4.96 6.95
C ASP A 50 2.53 -4.67 7.47
N GLU A 51 2.26 -3.41 7.79
CA GLU A 51 0.99 -3.02 8.40
C GLU A 51 -0.11 -3.08 7.35
N ALA A 52 0.28 -2.87 6.09
CA ALA A 52 -0.64 -2.94 5.00
C ALA A 52 -1.03 -4.35 4.74
N LYS A 53 -0.08 -5.21 4.94
CA LYS A 53 -0.27 -6.59 4.67
C LYS A 53 -1.21 -7.21 5.67
N SER A 54 -0.99 -6.89 6.94
CA SER A 54 -1.82 -7.30 7.98
C SER A 54 -3.27 -6.79 7.78
N LEU A 55 -3.41 -5.60 7.23
CA LEU A 55 -4.70 -5.01 6.96
C LEU A 55 -5.41 -5.71 5.78
N ILE A 56 -4.73 -5.80 4.65
CA ILE A 56 -5.32 -6.36 3.44
C ILE A 56 -5.69 -7.83 3.61
N GLU A 57 -4.78 -8.62 4.20
CA GLU A 57 -5.04 -10.04 4.41
C GLU A 57 -6.12 -10.25 5.45
N ARG A 58 -6.27 -9.31 6.37
CA ARG A 58 -7.32 -9.38 7.39
C ARG A 58 -8.69 -9.31 6.74
N TYR A 59 -8.79 -8.56 5.66
CA TYR A 59 -10.04 -8.44 4.96
C TYR A 59 -10.30 -9.65 4.07
N GLY A 60 -9.26 -10.37 3.74
CA GLY A 60 -9.41 -11.55 2.92
C GLY A 60 -8.70 -11.41 1.61
N GLY A 61 -8.40 -10.18 1.26
CA GLY A 61 -7.68 -9.91 0.05
C GLY A 61 -6.27 -10.42 0.15
N LYS A 62 -5.67 -10.75 -0.95
CA LYS A 62 -4.33 -11.26 -0.89
C LYS A 62 -3.39 -10.18 -1.33
N VAL A 63 -2.29 -10.10 -0.66
CA VAL A 63 -1.32 -9.10 -0.96
C VAL A 63 0.07 -9.73 -1.01
N THR A 64 0.77 -9.45 -2.04
CA THR A 64 2.09 -9.97 -2.25
C THR A 64 3.06 -8.79 -2.46
N GLY A 65 4.30 -9.08 -2.79
CA GLY A 65 5.27 -8.05 -3.04
C GLY A 65 5.53 -7.89 -4.51
N ASN A 66 5.59 -9.02 -5.19
CA ASN A 66 5.77 -9.04 -6.62
C ASN A 66 4.43 -8.99 -7.30
N VAL A 67 4.20 -7.97 -8.10
CA VAL A 67 2.95 -7.77 -8.82
C VAL A 67 2.63 -9.00 -9.69
N SER A 68 1.41 -9.46 -9.60
CA SER A 68 0.95 -10.59 -10.31
C SER A 68 0.03 -10.12 -11.45
N LYS A 69 -0.25 -11.00 -12.39
CA LYS A 69 -1.09 -10.65 -13.53
C LYS A 69 -2.57 -10.51 -13.12
N LYS A 70 -2.89 -11.03 -11.96
CA LYS A 70 -4.22 -10.99 -11.42
C LYS A 70 -4.34 -9.89 -10.31
N THR A 71 -3.27 -9.12 -10.13
CA THR A 71 -3.19 -8.12 -9.05
C THR A 71 -4.29 -7.03 -9.00
N ASN A 72 -4.64 -6.48 -10.15
CA ASN A 72 -5.61 -5.35 -10.27
C ASN A 72 -5.03 -4.02 -9.71
N TYR A 73 -4.71 -3.95 -8.41
CA TYR A 73 -4.30 -2.68 -7.79
C TYR A 73 -2.87 -2.71 -7.22
N LEU A 74 -2.07 -1.74 -7.60
CA LEU A 74 -0.75 -1.56 -7.04
C LEU A 74 -0.72 -0.27 -6.24
N VAL A 75 -0.54 -0.40 -4.96
CA VAL A 75 -0.45 0.72 -4.07
C VAL A 75 0.99 1.17 -4.06
N MET A 76 1.22 2.37 -4.45
CA MET A 76 2.54 2.88 -4.55
C MET A 76 2.69 4.11 -3.70
N GLY A 77 3.56 4.01 -2.76
CA GLY A 77 3.91 5.14 -1.95
C GLY A 77 5.24 5.63 -2.41
N ARG A 78 6.11 5.93 -1.50
CA ARG A 78 7.44 6.28 -1.84
C ARG A 78 8.23 4.99 -2.12
N ASP A 79 8.33 4.68 -3.37
CA ASP A 79 9.06 3.54 -3.85
C ASP A 79 9.74 3.99 -5.11
N SER A 80 10.92 3.55 -5.33
CA SER A 80 11.64 4.00 -6.49
C SER A 80 11.93 2.87 -7.48
N GLY A 81 11.29 1.74 -7.29
CA GLY A 81 11.52 0.61 -8.16
C GLY A 81 10.63 0.64 -9.38
N GLN A 82 11.09 1.26 -10.43
CA GLN A 82 10.32 1.46 -11.66
C GLN A 82 9.99 0.15 -12.38
N SER A 83 10.81 -0.88 -12.17
CA SER A 83 10.58 -2.20 -12.78
C SER A 83 9.26 -2.81 -12.29
N LYS A 84 8.91 -2.47 -11.09
CA LYS A 84 7.74 -3.01 -10.40
C LYS A 84 6.51 -2.28 -10.89
N SER A 85 6.67 -0.99 -11.08
CA SER A 85 5.65 -0.16 -11.64
C SER A 85 5.40 -0.61 -13.09
N ASP A 86 6.49 -0.98 -13.76
CA ASP A 86 6.46 -1.41 -15.17
C ASP A 86 5.71 -2.71 -15.29
N LYS A 87 5.95 -3.59 -14.34
CA LYS A 87 5.31 -4.87 -14.26
C LYS A 87 3.81 -4.67 -14.22
N ALA A 88 3.36 -3.91 -13.23
CA ALA A 88 1.95 -3.64 -13.01
C ALA A 88 1.30 -2.98 -14.20
N ALA A 89 1.93 -1.93 -14.69
CA ALA A 89 1.42 -1.15 -15.82
C ALA A 89 1.16 -2.02 -17.05
N ALA A 90 2.10 -2.91 -17.35
CA ALA A 90 2.00 -3.78 -18.51
C ALA A 90 0.97 -4.90 -18.31
N LEU A 91 0.55 -5.11 -17.08
CA LEU A 91 -0.42 -6.13 -16.75
C LEU A 91 -1.82 -5.57 -16.71
N GLY A 92 -1.90 -4.27 -16.65
CA GLY A 92 -3.17 -3.60 -16.58
C GLY A 92 -3.54 -3.28 -15.17
N THR A 93 -2.57 -3.35 -14.31
CA THR A 93 -2.72 -3.04 -12.93
C THR A 93 -2.49 -1.54 -12.75
N LYS A 94 -3.41 -0.90 -12.08
CA LYS A 94 -3.35 0.53 -11.92
C LYS A 94 -2.66 0.91 -10.64
N ILE A 95 -2.05 2.08 -10.66
CA ILE A 95 -1.31 2.56 -9.54
C ILE A 95 -2.22 3.42 -8.68
N ILE A 96 -2.29 3.11 -7.42
CA ILE A 96 -3.08 3.88 -6.50
C ILE A 96 -2.23 4.30 -5.33
N ASP A 97 -2.63 5.35 -4.67
CA ASP A 97 -1.92 5.85 -3.49
C ASP A 97 -2.45 5.16 -2.28
N GLU A 98 -1.93 5.55 -1.13
CA GLU A 98 -2.46 5.15 0.15
C GLU A 98 -3.93 5.52 0.23
N ASP A 99 -4.24 6.69 -0.33
CA ASP A 99 -5.57 7.25 -0.38
C ASP A 99 -6.47 6.33 -1.19
N GLY A 100 -5.92 5.74 -2.23
CA GLY A 100 -6.66 4.86 -3.08
C GLY A 100 -6.97 3.55 -2.40
N LEU A 101 -5.96 2.98 -1.75
CA LEU A 101 -6.11 1.74 -0.99
C LEU A 101 -7.12 1.92 0.14
N LEU A 102 -6.94 3.00 0.87
CA LEU A 102 -7.81 3.30 1.98
C LEU A 102 -9.20 3.69 1.51
N ASN A 103 -9.30 4.34 0.35
CA ASN A 103 -10.59 4.84 -0.23
C ASN A 103 -11.64 3.75 -0.27
N LEU A 104 -11.22 2.56 -0.64
CA LEU A 104 -12.13 1.43 -0.70
C LEU A 104 -12.66 1.11 0.70
N ILE A 105 -11.74 1.01 1.65
CA ILE A 105 -12.10 0.70 3.02
C ILE A 105 -12.90 1.85 3.64
N ARG A 106 -12.47 3.08 3.38
CA ARG A 106 -13.09 4.32 3.90
C ARG A 106 -14.54 4.43 3.48
N ASN A 107 -14.87 3.87 2.34
CA ASN A 107 -16.25 3.89 1.86
C ASN A 107 -17.13 3.02 2.77
N LEU A 108 -16.60 1.88 3.14
CA LEU A 108 -17.31 0.94 4.00
C LEU A 108 -17.09 1.22 5.51
N GLU A 109 -16.21 2.15 5.81
CA GLU A 109 -15.86 2.51 7.18
C GLU A 109 -16.76 3.66 7.64
N LYS A 1 34.92 2.75 13.93
CA LYS A 1 34.79 1.48 13.20
C LYS A 1 33.44 1.37 12.53
N ARG A 2 32.41 1.89 13.16
CA ARG A 2 31.07 1.78 12.64
C ARG A 2 30.61 3.10 12.12
N THR A 3 29.70 3.06 11.20
CA THR A 3 29.17 4.26 10.65
C THR A 3 27.68 4.32 10.96
N ASN A 4 27.17 5.50 11.10
CA ASN A 4 25.78 5.72 11.42
C ASN A 4 25.10 6.44 10.30
N TYR A 5 24.24 5.74 9.61
CA TYR A 5 23.45 6.35 8.56
C TYR A 5 21.97 6.13 8.80
N GLN A 6 21.66 5.12 9.62
CA GLN A 6 20.26 4.75 9.90
C GLN A 6 19.54 5.81 10.72
N ALA A 7 20.29 6.59 11.48
CA ALA A 7 19.70 7.62 12.31
C ALA A 7 19.06 8.70 11.46
N TYR A 8 19.70 9.05 10.36
CA TYR A 8 19.17 10.06 9.49
C TYR A 8 18.45 9.45 8.29
N ARG A 9 18.17 8.16 8.38
CA ARG A 9 17.48 7.41 7.32
C ARG A 9 16.04 7.92 7.15
N SER A 10 15.43 8.31 8.25
CA SER A 10 14.08 8.82 8.25
C SER A 10 14.04 10.19 7.55
N TYR A 11 15.12 10.94 7.71
CA TYR A 11 15.29 12.20 7.09
C TYR A 11 15.62 12.04 5.60
N LEU A 12 16.58 11.19 5.32
CA LEU A 12 17.10 11.00 3.99
C LEU A 12 16.12 10.29 3.07
N ASN A 13 15.56 9.18 3.53
CA ASN A 13 14.70 8.37 2.70
C ASN A 13 13.26 8.70 2.97
N ARG A 14 13.05 9.58 3.92
CA ARG A 14 11.72 10.07 4.30
C ARG A 14 10.80 8.98 4.86
N GLU A 15 11.39 7.89 5.31
CA GLU A 15 10.64 6.84 5.95
C GLU A 15 10.27 7.29 7.35
N GLY A 16 9.19 6.77 7.86
CA GLY A 16 8.77 7.17 9.18
C GLY A 16 7.34 7.65 9.19
N PRO A 17 6.38 6.74 9.42
CA PRO A 17 4.95 7.08 9.47
C PRO A 17 4.60 7.96 10.68
N LYS A 18 3.75 8.95 10.46
CA LYS A 18 3.43 9.93 11.49
C LYS A 18 2.13 9.58 12.21
N ALA A 19 1.08 9.28 11.46
CA ALA A 19 -0.25 9.00 12.02
C ALA A 19 -0.45 7.49 12.18
N LEU A 20 0.63 6.82 12.44
CA LEU A 20 0.68 5.38 12.54
C LEU A 20 0.06 4.91 13.84
N GLY A 21 -1.07 4.29 13.74
CA GLY A 21 -1.75 3.79 14.90
C GLY A 21 -2.97 4.61 15.18
N SER A 22 -3.51 5.24 14.15
CA SER A 22 -4.65 6.11 14.33
C SER A 22 -5.41 6.29 13.02
N LYS A 23 -4.67 6.35 11.95
CA LYS A 23 -5.23 6.65 10.64
C LYS A 23 -5.66 5.39 9.91
N GLU A 24 -4.89 4.39 10.06
CA GLU A 24 -5.07 3.18 9.33
C GLU A 24 -5.90 2.15 10.06
N ILE A 25 -6.03 1.00 9.42
CA ILE A 25 -6.89 -0.10 9.86
C ILE A 25 -8.33 0.40 10.00
N PRO A 26 -9.06 0.52 8.89
CA PRO A 26 -10.41 1.05 8.88
C PRO A 26 -11.43 0.05 9.44
N LYS A 27 -12.67 0.48 9.46
CA LYS A 27 -13.79 -0.27 10.00
C LYS A 27 -14.69 -0.73 8.86
N GLY A 28 -14.09 -1.01 7.73
CA GLY A 28 -14.81 -1.34 6.55
C GLY A 28 -15.09 -2.81 6.43
N ALA A 29 -15.79 -3.16 5.39
CA ALA A 29 -16.19 -4.51 5.10
C ALA A 29 -14.98 -5.41 4.95
N GLU A 30 -14.95 -6.45 5.77
CA GLU A 30 -13.84 -7.42 5.77
C GLU A 30 -13.71 -8.08 4.40
N ASN A 31 -14.81 -8.17 3.70
CA ASN A 31 -14.90 -8.79 2.37
C ASN A 31 -14.47 -7.84 1.24
N CYS A 32 -14.22 -6.58 1.55
CA CYS A 32 -13.93 -5.58 0.53
C CYS A 32 -12.71 -5.92 -0.33
N LEU A 33 -11.63 -6.31 0.29
CA LEU A 33 -10.41 -6.61 -0.45
C LEU A 33 -10.37 -8.07 -0.81
N GLU A 34 -11.32 -8.79 -0.26
CA GLU A 34 -11.42 -10.21 -0.43
C GLU A 34 -11.94 -10.51 -1.80
N GLY A 35 -11.05 -10.80 -2.70
CA GLY A 35 -11.42 -11.09 -4.04
C GLY A 35 -10.32 -10.77 -5.01
N LEU A 36 -9.48 -9.82 -4.66
CA LEU A 36 -8.40 -9.42 -5.52
C LEU A 36 -7.06 -9.50 -4.80
N ILE A 37 -6.00 -9.09 -5.45
CA ILE A 37 -4.68 -9.18 -4.89
C ILE A 37 -4.14 -7.77 -4.69
N PHE A 38 -3.70 -7.45 -3.53
CA PHE A 38 -3.16 -6.15 -3.27
C PHE A 38 -1.68 -6.21 -3.13
N VAL A 39 -1.04 -5.40 -3.88
CA VAL A 39 0.38 -5.35 -3.89
C VAL A 39 0.83 -3.98 -3.45
N ILE A 40 1.58 -3.93 -2.37
CA ILE A 40 2.05 -2.68 -1.84
C ILE A 40 3.56 -2.57 -1.96
N THR A 41 4.00 -1.46 -2.46
CA THR A 41 5.39 -1.21 -2.55
C THR A 41 5.63 0.29 -2.27
N GLY A 42 6.68 0.57 -1.55
CA GLY A 42 7.01 1.94 -1.26
C GLY A 42 6.46 2.41 0.06
N VAL A 43 6.95 3.54 0.50
CA VAL A 43 6.46 4.14 1.71
C VAL A 43 5.30 5.08 1.38
N LEU A 44 4.18 4.84 2.00
CA LEU A 44 3.00 5.64 1.82
C LEU A 44 3.05 6.86 2.74
N GLU A 45 1.93 7.60 2.83
CA GLU A 45 1.84 8.80 3.68
C GLU A 45 2.26 8.46 5.11
N SER A 46 1.64 7.46 5.68
CA SER A 46 2.09 6.88 6.92
C SER A 46 1.54 5.48 7.04
N ILE A 47 2.36 4.52 6.73
CA ILE A 47 2.01 3.15 6.91
C ILE A 47 3.28 2.32 6.99
N GLU A 48 3.29 1.36 7.88
CA GLU A 48 4.33 0.39 7.85
C GLU A 48 3.85 -0.77 7.02
N ARG A 49 4.78 -1.46 6.40
CA ARG A 49 4.47 -2.54 5.48
C ARG A 49 3.62 -3.60 6.15
N ASP A 50 3.94 -3.88 7.38
CA ASP A 50 3.26 -4.92 8.12
C ASP A 50 1.81 -4.49 8.47
N GLU A 51 1.59 -3.18 8.63
CA GLU A 51 0.27 -2.67 9.00
C GLU A 51 -0.64 -2.73 7.79
N ALA A 52 -0.04 -2.59 6.62
CA ALA A 52 -0.76 -2.69 5.37
C ALA A 52 -1.14 -4.11 5.14
N LYS A 53 -0.16 -4.94 5.31
CA LYS A 53 -0.24 -6.36 5.11
C LYS A 53 -1.31 -6.97 6.01
N SER A 54 -1.30 -6.60 7.28
CA SER A 54 -2.29 -7.07 8.24
C SER A 54 -3.70 -6.63 7.81
N LEU A 55 -3.81 -5.39 7.32
CA LEU A 55 -5.08 -4.83 6.89
C LEU A 55 -5.61 -5.65 5.71
N ILE A 56 -4.78 -5.77 4.68
CA ILE A 56 -5.12 -6.50 3.46
C ILE A 56 -5.52 -7.95 3.75
N GLU A 57 -4.73 -8.63 4.56
CA GLU A 57 -4.99 -10.03 4.88
C GLU A 57 -6.23 -10.19 5.75
N ARG A 58 -6.49 -9.25 6.65
CA ARG A 58 -7.71 -9.30 7.45
C ARG A 58 -8.92 -9.12 6.52
N TYR A 59 -8.72 -8.33 5.51
CA TYR A 59 -9.74 -8.04 4.56
C TYR A 59 -9.75 -9.03 3.40
N GLY A 60 -9.09 -10.16 3.59
CA GLY A 60 -9.17 -11.28 2.65
C GLY A 60 -8.45 -11.06 1.33
N GLY A 61 -7.57 -10.12 1.28
CA GLY A 61 -6.82 -9.90 0.07
C GLY A 61 -5.48 -10.54 0.20
N LYS A 62 -4.85 -10.85 -0.89
CA LYS A 62 -3.53 -11.44 -0.80
C LYS A 62 -2.54 -10.35 -1.02
N VAL A 63 -1.62 -10.22 -0.14
CA VAL A 63 -0.62 -9.19 -0.27
C VAL A 63 0.73 -9.81 -0.58
N THR A 64 1.31 -9.33 -1.63
CA THR A 64 2.57 -9.80 -2.11
C THR A 64 3.33 -8.58 -2.63
N GLY A 65 4.60 -8.75 -2.93
CA GLY A 65 5.39 -7.66 -3.43
C GLY A 65 5.55 -7.76 -4.92
N ASN A 66 4.96 -8.76 -5.50
CA ASN A 66 5.01 -8.95 -6.92
C ASN A 66 3.67 -8.69 -7.54
N VAL A 67 3.59 -7.64 -8.30
CA VAL A 67 2.39 -7.30 -9.02
C VAL A 67 2.03 -8.40 -10.02
N SER A 68 0.86 -8.90 -9.87
CA SER A 68 0.42 -10.00 -10.66
C SER A 68 -0.73 -9.53 -11.58
N LYS A 69 -1.18 -10.41 -12.43
CA LYS A 69 -2.22 -10.12 -13.41
C LYS A 69 -3.59 -10.00 -12.73
N LYS A 70 -3.69 -10.53 -11.53
CA LYS A 70 -4.91 -10.50 -10.75
C LYS A 70 -4.86 -9.38 -9.71
N THR A 71 -3.85 -8.54 -9.78
CA THR A 71 -3.66 -7.49 -8.80
C THR A 71 -4.67 -6.36 -8.92
N ASN A 72 -4.82 -5.78 -10.11
CA ASN A 72 -5.79 -4.68 -10.36
C ASN A 72 -5.36 -3.33 -9.69
N TYR A 73 -4.92 -3.37 -8.44
CA TYR A 73 -4.52 -2.17 -7.71
C TYR A 73 -3.11 -2.29 -7.17
N LEU A 74 -2.22 -1.49 -7.69
CA LEU A 74 -0.86 -1.46 -7.19
C LEU A 74 -0.70 -0.26 -6.29
N VAL A 75 -0.44 -0.50 -5.04
CA VAL A 75 -0.27 0.56 -4.09
C VAL A 75 1.18 0.95 -4.12
N MET A 76 1.44 2.14 -4.58
CA MET A 76 2.79 2.58 -4.77
C MET A 76 3.05 3.89 -4.08
N GLY A 77 3.82 3.82 -3.04
CA GLY A 77 4.24 5.00 -2.37
C GLY A 77 5.60 5.38 -2.90
N ARG A 78 6.47 5.82 -2.07
CA ARG A 78 7.79 6.10 -2.54
C ARG A 78 8.65 4.89 -2.49
N ASP A 79 8.95 4.42 -3.65
CA ASP A 79 9.69 3.21 -3.86
C ASP A 79 10.68 3.50 -4.98
N SER A 80 11.54 2.58 -5.28
CA SER A 80 12.56 2.75 -6.30
C SER A 80 12.46 1.65 -7.37
N GLY A 81 11.49 0.76 -7.22
CA GLY A 81 11.34 -0.35 -8.10
C GLY A 81 10.72 0.01 -9.43
N GLN A 82 11.55 0.14 -10.41
CA GLN A 82 11.11 0.44 -11.75
C GLN A 82 10.51 -0.81 -12.43
N SER A 83 11.15 -1.95 -12.20
CA SER A 83 10.81 -3.19 -12.88
C SER A 83 9.43 -3.72 -12.42
N LYS A 84 9.15 -3.60 -11.14
CA LYS A 84 7.85 -4.01 -10.60
C LYS A 84 6.72 -3.20 -11.25
N SER A 85 6.96 -1.91 -11.42
CA SER A 85 6.03 -0.98 -11.99
C SER A 85 5.78 -1.30 -13.48
N ASP A 86 6.80 -1.87 -14.13
CA ASP A 86 6.75 -2.20 -15.56
C ASP A 86 5.65 -3.19 -15.86
N LYS A 87 5.46 -4.16 -14.96
CA LYS A 87 4.42 -5.16 -15.13
C LYS A 87 3.08 -4.51 -15.00
N ALA A 88 2.92 -3.72 -13.96
CA ALA A 88 1.66 -3.02 -13.68
C ALA A 88 1.22 -2.21 -14.88
N ALA A 89 2.17 -1.49 -15.45
CA ALA A 89 1.97 -0.67 -16.62
C ALA A 89 1.49 -1.50 -17.80
N ALA A 90 2.00 -2.71 -17.91
CA ALA A 90 1.65 -3.61 -18.98
C ALA A 90 0.28 -4.23 -18.78
N LEU A 91 0.06 -4.72 -17.57
CA LEU A 91 -1.15 -5.44 -17.21
C LEU A 91 -2.37 -4.52 -17.18
N GLY A 92 -2.14 -3.27 -16.87
CA GLY A 92 -3.22 -2.32 -16.79
C GLY A 92 -3.56 -2.05 -15.35
N THR A 93 -2.77 -2.62 -14.47
CA THR A 93 -2.89 -2.44 -13.05
C THR A 93 -2.67 -0.96 -12.71
N LYS A 94 -3.65 -0.38 -12.09
CA LYS A 94 -3.65 1.03 -11.78
C LYS A 94 -2.86 1.29 -10.51
N ILE A 95 -2.24 2.44 -10.45
CA ILE A 95 -1.39 2.80 -9.35
C ILE A 95 -2.17 3.65 -8.38
N ILE A 96 -2.23 3.25 -7.14
CA ILE A 96 -2.95 4.01 -6.13
C ILE A 96 -2.05 4.40 -4.96
N ASP A 97 -2.55 5.33 -4.19
CA ASP A 97 -1.88 5.86 -3.01
C ASP A 97 -2.50 5.23 -1.79
N GLU A 98 -2.12 5.72 -0.63
CA GLU A 98 -2.56 5.19 0.63
C GLU A 98 -4.08 5.33 0.79
N ASP A 99 -4.59 6.52 0.52
CA ASP A 99 -6.01 6.79 0.70
C ASP A 99 -6.79 6.05 -0.36
N GLY A 100 -6.13 5.84 -1.51
CA GLY A 100 -6.70 5.09 -2.60
C GLY A 100 -6.97 3.64 -2.22
N LEU A 101 -6.17 3.10 -1.31
CA LEU A 101 -6.35 1.72 -0.85
C LEU A 101 -7.60 1.67 0.01
N LEU A 102 -7.67 2.57 0.96
CA LEU A 102 -8.81 2.64 1.87
C LEU A 102 -10.07 3.11 1.19
N ASN A 103 -9.91 3.82 0.09
CA ASN A 103 -11.03 4.35 -0.71
C ASN A 103 -12.08 3.28 -1.00
N LEU A 104 -11.63 2.07 -1.36
CA LEU A 104 -12.54 0.96 -1.62
C LEU A 104 -13.23 0.54 -0.33
N ILE A 105 -12.44 0.41 0.72
CA ILE A 105 -12.91 -0.02 2.03
C ILE A 105 -13.94 0.98 2.61
N ARG A 106 -13.65 2.23 2.40
CA ARG A 106 -14.46 3.35 2.84
C ARG A 106 -15.81 3.39 2.12
N ASN A 107 -15.85 2.84 0.93
CA ASN A 107 -17.08 2.84 0.14
C ASN A 107 -18.11 1.88 0.76
N LEU A 108 -17.66 0.71 1.15
CA LEU A 108 -18.55 -0.32 1.70
C LEU A 108 -18.93 -0.04 3.16
N GLU A 109 -17.95 0.38 3.95
CA GLU A 109 -18.10 0.66 5.38
C GLU A 109 -18.61 -0.58 6.11
N LYS A 1 25.19 -3.99 7.23
CA LYS A 1 25.10 -5.43 7.02
C LYS A 1 26.46 -5.89 6.53
N ARG A 2 26.62 -7.13 6.11
CA ARG A 2 27.95 -7.60 5.72
C ARG A 2 28.36 -7.14 4.31
N THR A 3 27.47 -7.24 3.36
CA THR A 3 27.80 -6.84 1.99
C THR A 3 26.63 -6.06 1.37
N ASN A 4 25.77 -5.57 2.21
CA ASN A 4 24.62 -4.80 1.78
C ASN A 4 24.56 -3.55 2.61
N TYR A 5 24.52 -2.42 1.98
CA TYR A 5 24.34 -1.20 2.73
C TYR A 5 23.25 -0.37 2.08
N GLN A 6 22.57 -0.98 1.08
CA GLN A 6 21.53 -0.33 0.25
C GLN A 6 20.43 0.31 1.07
N ALA A 7 20.23 -0.25 2.23
CA ALA A 7 19.23 0.19 3.18
C ALA A 7 19.47 1.63 3.64
N TYR A 8 20.66 2.19 3.38
CA TYR A 8 21.00 3.57 3.73
C TYR A 8 20.01 4.53 3.08
N ARG A 9 19.52 4.15 1.89
CA ARG A 9 18.60 4.94 1.11
C ARG A 9 17.32 5.15 1.93
N SER A 10 16.96 4.12 2.66
CA SER A 10 15.82 4.16 3.53
C SER A 10 16.09 5.06 4.73
N TYR A 11 17.23 4.89 5.40
CA TYR A 11 17.55 5.69 6.59
C TYR A 11 17.64 7.19 6.27
N LEU A 12 18.20 7.50 5.12
CA LEU A 12 18.31 8.90 4.65
C LEU A 12 16.94 9.56 4.44
N ASN A 13 15.91 8.75 4.25
CA ASN A 13 14.55 9.25 4.02
C ASN A 13 13.63 8.77 5.11
N ARG A 14 14.24 8.31 6.21
CA ARG A 14 13.62 7.73 7.40
C ARG A 14 12.79 6.46 7.14
N GLU A 15 11.79 6.59 6.28
CA GLU A 15 10.85 5.52 5.93
C GLU A 15 10.02 5.11 7.14
N GLY A 16 9.83 6.07 8.01
CA GLY A 16 9.03 5.91 9.21
C GLY A 16 8.06 7.06 9.28
N PRO A 17 6.96 6.99 8.50
CA PRO A 17 5.96 8.06 8.38
C PRO A 17 5.40 8.57 9.70
N LYS A 18 5.00 9.82 9.70
CA LYS A 18 4.42 10.46 10.87
C LYS A 18 2.96 10.04 11.04
N ALA A 19 2.38 9.53 9.97
CA ALA A 19 0.98 9.17 9.96
C ALA A 19 0.76 7.68 10.21
N LEU A 20 1.79 6.98 10.67
CA LEU A 20 1.71 5.52 10.93
C LEU A 20 0.62 5.21 11.95
N GLY A 21 0.67 5.89 13.06
CA GLY A 21 -0.31 5.68 14.09
C GLY A 21 -1.50 6.60 13.94
N SER A 22 -1.57 7.29 12.82
CA SER A 22 -2.61 8.25 12.59
C SER A 22 -3.66 7.65 11.64
N LYS A 23 -3.19 6.79 10.76
CA LYS A 23 -4.00 6.09 9.79
C LYS A 23 -4.01 4.61 10.17
N GLU A 24 -4.05 4.37 11.47
CA GLU A 24 -3.88 3.04 12.01
C GLU A 24 -5.08 2.12 11.80
N ILE A 25 -5.02 1.39 10.69
CA ILE A 25 -5.94 0.29 10.40
C ILE A 25 -7.39 0.74 10.27
N PRO A 26 -7.89 0.89 9.05
CA PRO A 26 -9.28 1.32 8.84
C PRO A 26 -10.28 0.24 9.31
N LYS A 27 -11.45 0.68 9.70
CA LYS A 27 -12.50 -0.17 10.24
C LYS A 27 -13.63 -0.32 9.23
N GLY A 28 -13.26 -0.31 7.98
CA GLY A 28 -14.22 -0.36 6.90
C GLY A 28 -14.73 -1.76 6.61
N ALA A 29 -14.96 -2.03 5.37
CA ALA A 29 -15.49 -3.32 4.96
C ALA A 29 -14.35 -4.28 4.68
N GLU A 30 -14.30 -5.37 5.41
CA GLU A 30 -13.24 -6.37 5.27
C GLU A 30 -13.33 -7.06 3.93
N ASN A 31 -14.53 -7.50 3.58
CA ASN A 31 -14.74 -8.26 2.32
C ASN A 31 -14.45 -7.45 1.05
N CYS A 32 -14.18 -6.16 1.21
CA CYS A 32 -13.85 -5.30 0.10
C CYS A 32 -12.55 -5.76 -0.59
N LEU A 33 -11.56 -6.16 0.21
CA LEU A 33 -10.28 -6.54 -0.37
C LEU A 33 -10.23 -8.04 -0.59
N GLU A 34 -11.26 -8.71 -0.14
CA GLU A 34 -11.32 -10.15 -0.20
C GLU A 34 -11.53 -10.61 -1.63
N GLY A 35 -10.47 -11.09 -2.22
CA GLY A 35 -10.50 -11.53 -3.60
C GLY A 35 -9.74 -10.57 -4.48
N LEU A 36 -9.33 -9.48 -3.89
CA LEU A 36 -8.55 -8.47 -4.56
C LEU A 36 -7.11 -8.58 -4.08
N ILE A 37 -6.18 -8.43 -4.98
CA ILE A 37 -4.81 -8.61 -4.64
C ILE A 37 -4.19 -7.23 -4.52
N PHE A 38 -3.26 -7.10 -3.66
CA PHE A 38 -2.59 -5.85 -3.50
C PHE A 38 -1.13 -6.02 -3.54
N VAL A 39 -0.52 -5.18 -4.27
CA VAL A 39 0.88 -5.09 -4.33
C VAL A 39 1.21 -3.69 -3.89
N ILE A 40 2.11 -3.54 -2.98
CA ILE A 40 2.44 -2.25 -2.46
C ILE A 40 3.92 -1.95 -2.69
N THR A 41 4.22 -0.73 -3.11
CA THR A 41 5.59 -0.35 -3.39
C THR A 41 5.98 0.92 -2.65
N GLY A 42 7.11 0.86 -1.98
CA GLY A 42 7.61 1.95 -1.19
C GLY A 42 6.85 2.06 0.10
N VAL A 43 6.87 3.22 0.69
CA VAL A 43 6.14 3.46 1.88
C VAL A 43 5.19 4.64 1.62
N LEU A 44 4.13 4.71 2.37
CA LEU A 44 3.07 5.68 2.23
C LEU A 44 3.29 6.87 3.22
N GLU A 45 2.41 7.88 3.16
CA GLU A 45 2.28 8.94 4.21
C GLU A 45 1.10 8.47 5.03
N SER A 46 1.24 7.26 5.38
CA SER A 46 0.31 6.33 5.80
C SER A 46 1.18 5.15 6.12
N ILE A 47 0.63 4.04 6.22
CA ILE A 47 1.14 2.90 6.92
C ILE A 47 2.31 2.18 6.22
N GLU A 48 3.07 1.52 7.09
CA GLU A 48 4.25 0.79 6.75
C GLU A 48 3.90 -0.61 6.26
N ARG A 49 4.85 -1.23 5.67
CA ARG A 49 4.69 -2.50 4.98
C ARG A 49 4.07 -3.62 5.82
N ASP A 50 4.47 -3.73 7.07
CA ASP A 50 3.97 -4.80 7.94
C ASP A 50 2.51 -4.59 8.30
N GLU A 51 2.14 -3.34 8.50
CA GLU A 51 0.80 -3.01 8.93
C GLU A 51 -0.16 -3.01 7.76
N ALA A 52 0.36 -2.73 6.58
CA ALA A 52 -0.45 -2.75 5.37
C ALA A 52 -0.83 -4.16 5.05
N LYS A 53 0.14 -5.04 5.15
CA LYS A 53 -0.09 -6.44 4.89
C LYS A 53 -1.11 -7.06 5.82
N SER A 54 -0.98 -6.85 7.11
CA SER A 54 -1.87 -7.36 8.06
C SER A 54 -3.29 -6.77 7.90
N LEU A 55 -3.39 -5.57 7.36
CA LEU A 55 -4.67 -4.97 7.07
C LEU A 55 -5.28 -5.69 5.87
N ILE A 56 -4.52 -5.73 4.78
CA ILE A 56 -4.97 -6.33 3.52
C ILE A 56 -5.31 -7.81 3.70
N GLU A 57 -4.45 -8.54 4.38
CA GLU A 57 -4.65 -9.96 4.56
C GLU A 57 -5.81 -10.26 5.52
N ARG A 58 -6.08 -9.37 6.50
CA ARG A 58 -7.24 -9.57 7.37
C ARG A 58 -8.50 -9.39 6.54
N TYR A 59 -8.42 -8.50 5.59
CA TYR A 59 -9.51 -8.19 4.72
C TYR A 59 -9.66 -9.22 3.58
N GLY A 60 -8.89 -10.29 3.65
CA GLY A 60 -9.04 -11.35 2.68
C GLY A 60 -8.32 -11.09 1.39
N GLY A 61 -7.46 -10.10 1.40
CA GLY A 61 -6.70 -9.78 0.25
C GLY A 61 -5.36 -10.45 0.29
N LYS A 62 -4.71 -10.53 -0.83
CA LYS A 62 -3.40 -11.12 -0.90
C LYS A 62 -2.40 -10.06 -1.28
N VAL A 63 -1.25 -10.08 -0.64
CA VAL A 63 -0.19 -9.17 -0.98
C VAL A 63 0.91 -9.99 -1.59
N THR A 64 1.44 -9.55 -2.68
CA THR A 64 2.51 -10.24 -3.31
C THR A 64 3.56 -9.24 -3.75
N GLY A 65 4.76 -9.71 -3.95
CA GLY A 65 5.84 -8.87 -4.35
C GLY A 65 5.84 -8.62 -5.83
N ASN A 66 5.25 -9.51 -6.58
CA ASN A 66 5.23 -9.35 -8.02
C ASN A 66 3.80 -9.31 -8.50
N VAL A 67 3.50 -8.31 -9.29
CA VAL A 67 2.16 -8.06 -9.79
C VAL A 67 1.79 -9.12 -10.84
N SER A 68 0.56 -9.53 -10.81
CA SER A 68 0.03 -10.50 -11.73
C SER A 68 -1.07 -9.81 -12.56
N LYS A 69 -1.55 -10.49 -13.59
CA LYS A 69 -2.54 -9.91 -14.49
C LYS A 69 -3.86 -9.52 -13.84
N LYS A 70 -4.24 -10.19 -12.77
CA LYS A 70 -5.48 -9.81 -12.08
C LYS A 70 -5.21 -9.30 -10.67
N THR A 71 -4.06 -8.67 -10.47
CA THR A 71 -3.78 -8.06 -9.19
C THR A 71 -4.71 -6.85 -8.98
N ASN A 72 -5.03 -6.19 -10.07
CA ASN A 72 -5.97 -5.06 -10.13
C ASN A 72 -5.42 -3.75 -9.55
N TYR A 73 -4.76 -3.76 -8.38
CA TYR A 73 -4.28 -2.52 -7.80
C TYR A 73 -2.87 -2.60 -7.26
N LEU A 74 -2.11 -1.59 -7.58
CA LEU A 74 -0.78 -1.38 -7.06
C LEU A 74 -0.79 -0.15 -6.19
N VAL A 75 -0.46 -0.33 -4.94
CA VAL A 75 -0.39 0.76 -4.00
C VAL A 75 0.97 1.38 -4.10
N MET A 76 1.01 2.55 -4.62
CA MET A 76 2.26 3.19 -4.83
C MET A 76 2.42 4.35 -3.92
N GLY A 77 3.36 4.24 -3.05
CA GLY A 77 3.71 5.34 -2.20
C GLY A 77 4.81 6.12 -2.86
N ARG A 78 5.99 6.05 -2.31
CA ARG A 78 7.15 6.69 -2.92
C ARG A 78 7.76 5.80 -4.01
N ASP A 79 7.31 4.54 -4.05
CA ASP A 79 7.78 3.52 -5.02
C ASP A 79 9.24 3.16 -4.84
N SER A 80 9.46 1.99 -4.32
CA SER A 80 10.80 1.51 -4.04
C SER A 80 11.01 0.19 -4.77
N GLY A 81 10.15 -0.08 -5.71
CA GLY A 81 10.21 -1.27 -6.46
C GLY A 81 9.75 -1.05 -7.85
N GLN A 82 10.56 -0.37 -8.61
CA GLN A 82 10.26 -0.02 -9.98
C GLN A 82 10.01 -1.28 -10.81
N SER A 83 10.62 -2.38 -10.40
CA SER A 83 10.45 -3.65 -11.04
C SER A 83 8.96 -4.11 -11.00
N LYS A 84 8.29 -4.00 -9.83
CA LYS A 84 6.90 -4.42 -9.77
C LYS A 84 5.98 -3.34 -10.32
N SER A 85 6.39 -2.10 -10.20
CA SER A 85 5.62 -0.98 -10.71
C SER A 85 5.58 -1.01 -12.25
N ASP A 86 6.67 -1.44 -12.86
CA ASP A 86 6.76 -1.57 -14.31
C ASP A 86 5.83 -2.67 -14.77
N LYS A 87 5.82 -3.75 -13.98
CA LYS A 87 4.99 -4.89 -14.20
C LYS A 87 3.53 -4.46 -14.29
N ALA A 88 3.08 -3.77 -13.26
CA ALA A 88 1.70 -3.30 -13.17
C ALA A 88 1.31 -2.49 -14.38
N ALA A 89 2.17 -1.57 -14.76
CA ALA A 89 1.94 -0.70 -15.90
C ALA A 89 1.85 -1.49 -17.21
N ALA A 90 2.66 -2.53 -17.33
CA ALA A 90 2.68 -3.36 -18.52
C ALA A 90 1.47 -4.29 -18.58
N LEU A 91 1.04 -4.73 -17.42
CA LEU A 91 -0.09 -5.66 -17.31
C LEU A 91 -1.42 -4.94 -17.49
N GLY A 92 -1.44 -3.68 -17.14
CA GLY A 92 -2.68 -2.93 -17.22
C GLY A 92 -3.35 -2.85 -15.88
N THR A 93 -2.54 -2.90 -14.86
CA THR A 93 -2.96 -2.81 -13.49
C THR A 93 -2.91 -1.33 -13.10
N LYS A 94 -3.82 -0.91 -12.24
CA LYS A 94 -3.95 0.49 -11.87
C LYS A 94 -3.21 0.83 -10.60
N ILE A 95 -2.81 2.07 -10.51
CA ILE A 95 -2.03 2.58 -9.42
C ILE A 95 -2.95 3.33 -8.48
N ILE A 96 -2.83 3.07 -7.22
CA ILE A 96 -3.58 3.79 -6.23
C ILE A 96 -2.65 4.29 -5.16
N ASP A 97 -3.09 5.28 -4.46
CA ASP A 97 -2.35 5.85 -3.37
C ASP A 97 -2.76 5.15 -2.11
N GLU A 98 -2.16 5.52 -0.99
CA GLU A 98 -2.56 5.00 0.30
C GLU A 98 -4.02 5.36 0.57
N ASP A 99 -4.39 6.57 0.15
CA ASP A 99 -5.75 7.05 0.29
C ASP A 99 -6.68 6.20 -0.54
N GLY A 100 -6.21 5.78 -1.71
CA GLY A 100 -7.01 4.98 -2.62
C GLY A 100 -7.35 3.63 -2.03
N LEU A 101 -6.42 3.07 -1.27
CA LEU A 101 -6.60 1.79 -0.62
C LEU A 101 -7.72 1.94 0.43
N LEU A 102 -7.58 2.97 1.26
CA LEU A 102 -8.54 3.26 2.32
C LEU A 102 -9.90 3.63 1.72
N ASN A 103 -9.85 4.38 0.64
CA ASN A 103 -11.00 4.83 -0.14
C ASN A 103 -11.89 3.64 -0.50
N LEU A 104 -11.27 2.59 -1.04
CA LEU A 104 -12.00 1.39 -1.44
C LEU A 104 -12.65 0.71 -0.25
N ILE A 105 -11.90 0.62 0.83
CA ILE A 105 -12.37 -0.01 2.07
C ILE A 105 -13.57 0.74 2.66
N ARG A 106 -13.49 2.05 2.68
CA ARG A 106 -14.51 2.91 3.24
C ARG A 106 -15.69 3.05 2.28
N ASN A 107 -15.45 2.83 1.00
CA ASN A 107 -16.46 3.00 -0.08
C ASN A 107 -17.71 2.14 0.15
N LEU A 108 -17.54 1.01 0.80
CA LEU A 108 -18.66 0.12 1.07
C LEU A 108 -19.49 0.60 2.25
N GLU A 109 -18.85 0.82 3.38
CA GLU A 109 -19.53 1.26 4.56
C GLU A 109 -18.78 2.43 5.18
N LYS A 1 13.72 30.87 -0.67
CA LYS A 1 13.65 29.71 -1.56
C LYS A 1 14.78 28.75 -1.28
N ARG A 2 14.52 27.46 -1.47
CA ARG A 2 15.48 26.36 -1.33
C ARG A 2 16.08 26.23 0.07
N THR A 3 15.36 26.71 1.05
CA THR A 3 15.77 26.61 2.42
C THR A 3 15.37 25.22 2.98
N ASN A 4 15.31 25.10 4.29
CA ASN A 4 15.13 23.80 4.95
C ASN A 4 13.72 23.18 4.81
N TYR A 5 12.85 23.79 4.01
CA TYR A 5 11.52 23.24 3.79
C TYR A 5 11.57 21.99 2.91
N GLN A 6 12.64 21.88 2.11
CA GLN A 6 12.81 20.76 1.18
C GLN A 6 13.01 19.47 1.96
N ALA A 7 13.65 19.62 3.11
CA ALA A 7 13.93 18.53 4.01
C ALA A 7 12.67 17.80 4.42
N TYR A 8 11.57 18.54 4.58
CA TYR A 8 10.29 17.96 4.98
C TYR A 8 9.82 16.91 3.99
N ARG A 9 10.10 17.13 2.72
CA ARG A 9 9.67 16.17 1.73
C ARG A 9 10.47 14.90 1.84
N SER A 10 11.73 15.03 2.16
CA SER A 10 12.60 13.89 2.26
C SER A 10 12.29 13.08 3.53
N TYR A 11 12.14 13.75 4.65
CA TYR A 11 11.86 13.04 5.90
C TYR A 11 10.42 12.59 6.06
N LEU A 12 9.50 13.44 5.69
CA LEU A 12 8.08 13.09 5.85
C LEU A 12 7.52 12.37 4.64
N ASN A 13 7.60 13.01 3.49
CA ASN A 13 6.90 12.54 2.26
C ASN A 13 7.59 11.33 1.64
N ARG A 14 8.82 11.13 2.01
CA ARG A 14 9.64 10.10 1.43
C ARG A 14 9.81 8.91 2.39
N GLU A 15 9.32 9.04 3.62
CA GLU A 15 9.52 7.98 4.60
C GLU A 15 8.21 7.59 5.29
N GLY A 16 8.35 6.80 6.33
CA GLY A 16 7.23 6.34 7.08
C GLY A 16 7.35 6.75 8.53
N PRO A 17 6.45 7.60 9.03
CA PRO A 17 6.44 8.02 10.43
C PRO A 17 6.07 6.85 11.35
N LYS A 18 6.31 6.99 12.63
CA LYS A 18 6.07 5.89 13.58
C LYS A 18 4.60 5.53 13.69
N ALA A 19 3.74 6.50 13.51
CA ALA A 19 2.29 6.25 13.50
C ALA A 19 1.82 5.97 12.08
N LEU A 20 2.77 5.95 11.16
CA LEU A 20 2.54 5.78 9.75
C LEU A 20 1.50 6.70 9.21
N GLY A 21 1.86 7.94 9.22
CA GLY A 21 0.99 8.99 8.76
C GLY A 21 -0.25 9.14 9.62
N SER A 22 -0.05 9.03 10.96
CA SER A 22 -1.11 9.13 11.96
C SER A 22 -2.30 8.25 11.58
N LYS A 23 -2.02 7.06 11.12
CA LYS A 23 -3.03 6.22 10.59
C LYS A 23 -3.24 5.02 11.47
N GLU A 24 -4.46 4.56 11.53
CA GLU A 24 -4.80 3.40 12.33
C GLU A 24 -5.36 2.31 11.40
N ILE A 25 -6.02 1.33 11.99
CA ILE A 25 -6.56 0.21 11.29
C ILE A 25 -8.08 0.30 11.42
N PRO A 26 -8.76 0.58 10.33
CA PRO A 26 -10.21 0.81 10.34
C PRO A 26 -11.08 -0.46 10.53
N LYS A 27 -12.39 -0.24 10.63
CA LYS A 27 -13.39 -1.28 10.92
C LYS A 27 -14.28 -1.59 9.71
N GLY A 28 -13.72 -1.50 8.51
CA GLY A 28 -14.48 -1.61 7.25
C GLY A 28 -15.33 -2.89 7.05
N ALA A 29 -14.83 -3.82 6.24
CA ALA A 29 -15.60 -5.02 5.90
C ALA A 29 -14.68 -6.11 5.35
N GLU A 30 -14.94 -7.34 5.73
CA GLU A 30 -14.15 -8.49 5.31
C GLU A 30 -14.25 -8.72 3.80
N ASN A 31 -15.38 -8.35 3.26
CA ASN A 31 -15.68 -8.49 1.83
C ASN A 31 -15.12 -7.36 0.98
N CYS A 32 -14.59 -6.34 1.64
CA CYS A 32 -14.13 -5.14 0.95
C CYS A 32 -12.99 -5.44 -0.05
N LEU A 33 -11.92 -6.04 0.41
CA LEU A 33 -10.78 -6.29 -0.47
C LEU A 33 -10.80 -7.74 -0.97
N GLU A 34 -11.72 -8.51 -0.40
CA GLU A 34 -11.93 -9.91 -0.74
C GLU A 34 -12.40 -9.98 -2.20
N GLY A 35 -11.53 -10.43 -3.08
CA GLY A 35 -11.88 -10.52 -4.47
C GLY A 35 -10.73 -10.15 -5.38
N LEU A 36 -9.78 -9.40 -4.85
CA LEU A 36 -8.63 -8.99 -5.64
C LEU A 36 -7.36 -9.10 -4.83
N ILE A 37 -6.25 -8.66 -5.40
CA ILE A 37 -4.96 -8.74 -4.75
C ILE A 37 -4.40 -7.32 -4.62
N PHE A 38 -3.66 -7.09 -3.59
CA PHE A 38 -3.00 -5.83 -3.42
C PHE A 38 -1.54 -6.04 -3.25
N VAL A 39 -0.78 -5.29 -3.97
CA VAL A 39 0.64 -5.36 -3.88
C VAL A 39 1.15 -4.03 -3.39
N ILE A 40 1.75 -4.02 -2.23
CA ILE A 40 2.25 -2.78 -1.66
C ILE A 40 3.76 -2.71 -1.78
N THR A 41 4.25 -1.63 -2.34
CA THR A 41 5.64 -1.44 -2.52
C THR A 41 5.99 0.03 -2.26
N GLY A 42 7.13 0.26 -1.64
CA GLY A 42 7.53 1.60 -1.30
C GLY A 42 6.90 2.03 0.00
N VAL A 43 6.90 3.31 0.27
CA VAL A 43 6.33 3.82 1.50
C VAL A 43 5.19 4.72 1.16
N LEU A 44 4.22 4.79 2.03
CA LEU A 44 3.04 5.58 1.79
C LEU A 44 2.96 6.90 2.59
N GLU A 45 3.89 7.13 3.58
CA GLU A 45 3.77 8.28 4.59
C GLU A 45 2.42 8.02 5.29
N SER A 46 2.25 6.78 5.44
CA SER A 46 1.10 6.11 5.69
C SER A 46 1.66 4.73 5.82
N ILE A 47 0.89 3.77 5.78
CA ILE A 47 1.18 2.50 6.35
C ILE A 47 2.22 1.66 5.59
N GLU A 48 2.97 0.94 6.43
CA GLU A 48 4.02 0.04 6.10
C GLU A 48 3.49 -1.22 5.51
N ARG A 49 4.37 -1.90 4.89
CA ARG A 49 4.11 -3.14 4.21
C ARG A 49 3.50 -4.17 5.15
N ASP A 50 4.12 -4.36 6.29
CA ASP A 50 3.63 -5.31 7.27
C ASP A 50 2.39 -4.85 8.00
N GLU A 51 2.16 -3.56 8.05
CA GLU A 51 0.94 -3.05 8.69
C GLU A 51 -0.19 -3.18 7.69
N ALA A 52 0.15 -3.07 6.42
CA ALA A 52 -0.77 -3.29 5.34
C ALA A 52 -1.05 -4.76 5.22
N LYS A 53 -0.04 -5.55 5.56
CA LYS A 53 -0.13 -6.99 5.57
C LYS A 53 -1.23 -7.39 6.55
N SER A 54 -1.26 -6.70 7.67
CA SER A 54 -2.24 -6.93 8.69
C SER A 54 -3.61 -6.35 8.28
N LEU A 55 -3.57 -5.28 7.53
CA LEU A 55 -4.79 -4.59 7.10
C LEU A 55 -5.48 -5.32 5.95
N ILE A 56 -4.76 -5.55 4.88
CA ILE A 56 -5.30 -6.10 3.64
C ILE A 56 -5.83 -7.53 3.83
N GLU A 57 -5.01 -8.39 4.46
CA GLU A 57 -5.38 -9.80 4.69
C GLU A 57 -6.64 -9.91 5.56
N ARG A 58 -6.84 -8.92 6.43
CA ARG A 58 -7.99 -8.87 7.33
C ARG A 58 -9.27 -8.58 6.53
N TYR A 59 -9.07 -7.94 5.41
CA TYR A 59 -10.15 -7.56 4.53
C TYR A 59 -10.29 -8.52 3.37
N GLY A 60 -9.70 -9.70 3.51
CA GLY A 60 -9.88 -10.76 2.55
C GLY A 60 -8.88 -10.75 1.42
N GLY A 61 -8.55 -9.57 0.97
CA GLY A 61 -7.60 -9.41 -0.11
C GLY A 61 -6.24 -9.90 0.29
N LYS A 62 -5.51 -10.44 -0.63
CA LYS A 62 -4.21 -10.92 -0.33
C LYS A 62 -3.20 -9.91 -0.76
N VAL A 63 -2.23 -9.70 0.04
CA VAL A 63 -1.21 -8.75 -0.21
C VAL A 63 0.14 -9.41 -0.32
N THR A 64 0.83 -9.08 -1.37
CA THR A 64 2.13 -9.59 -1.62
C THR A 64 3.00 -8.44 -2.11
N GLY A 65 4.28 -8.67 -2.26
CA GLY A 65 5.17 -7.62 -2.71
C GLY A 65 5.55 -7.82 -4.15
N ASN A 66 5.06 -8.88 -4.74
CA ASN A 66 5.37 -9.23 -6.12
C ASN A 66 4.13 -9.03 -6.98
N VAL A 67 4.23 -8.16 -7.99
CA VAL A 67 3.09 -7.88 -8.84
C VAL A 67 2.80 -9.03 -9.81
N SER A 68 1.65 -9.62 -9.63
CA SER A 68 1.21 -10.75 -10.40
C SER A 68 0.28 -10.26 -11.52
N LYS A 69 0.05 -11.10 -12.51
CA LYS A 69 -0.82 -10.77 -13.63
C LYS A 69 -2.28 -11.06 -13.26
N LYS A 70 -2.64 -10.66 -12.05
CA LYS A 70 -3.98 -10.83 -11.50
C LYS A 70 -4.12 -9.86 -10.30
N THR A 71 -3.21 -8.89 -10.22
CA THR A 71 -3.16 -7.99 -9.09
C THR A 71 -4.30 -6.96 -9.08
N ASN A 72 -4.43 -6.19 -10.16
CA ASN A 72 -5.43 -5.11 -10.31
C ASN A 72 -4.98 -3.80 -9.64
N TYR A 73 -4.41 -3.86 -8.43
CA TYR A 73 -3.98 -2.64 -7.74
C TYR A 73 -2.60 -2.73 -7.12
N LEU A 74 -1.75 -1.81 -7.53
CA LEU A 74 -0.41 -1.70 -7.00
C LEU A 74 -0.38 -0.48 -6.10
N VAL A 75 -0.05 -0.68 -4.88
CA VAL A 75 0.01 0.39 -3.93
C VAL A 75 1.43 0.82 -3.79
N MET A 76 1.74 1.95 -4.34
CA MET A 76 3.07 2.45 -4.28
C MET A 76 3.08 3.93 -4.06
N GLY A 77 3.52 4.31 -2.88
CA GLY A 77 3.70 5.69 -2.58
C GLY A 77 4.95 6.17 -3.23
N ARG A 78 6.04 6.04 -2.55
CA ARG A 78 7.29 6.37 -3.13
C ARG A 78 7.79 5.28 -4.03
N ASP A 79 7.92 5.64 -5.27
CA ASP A 79 8.37 4.74 -6.32
C ASP A 79 9.78 4.29 -6.06
N SER A 80 9.87 3.06 -5.67
CA SER A 80 11.13 2.45 -5.30
C SER A 80 11.36 1.17 -6.12
N GLY A 81 10.66 1.06 -7.23
CA GLY A 81 10.74 -0.13 -8.03
C GLY A 81 10.18 0.11 -9.41
N GLN A 82 10.95 0.81 -10.22
CA GLN A 82 10.53 1.21 -11.55
C GLN A 82 10.26 -0.01 -12.47
N SER A 83 10.99 -1.08 -12.25
CA SER A 83 10.82 -2.28 -13.04
C SER A 83 9.52 -3.00 -12.65
N LYS A 84 9.20 -3.00 -11.36
CA LYS A 84 8.02 -3.70 -10.88
C LYS A 84 6.75 -2.90 -11.17
N SER A 85 6.86 -1.58 -11.14
CA SER A 85 5.74 -0.74 -11.48
C SER A 85 5.46 -0.82 -12.97
N ASP A 86 6.51 -1.03 -13.74
CA ASP A 86 6.42 -1.21 -15.19
C ASP A 86 5.60 -2.45 -15.53
N LYS A 87 5.78 -3.49 -14.73
CA LYS A 87 5.02 -4.71 -14.90
C LYS A 87 3.56 -4.41 -14.75
N ALA A 88 3.22 -3.87 -13.58
CA ALA A 88 1.85 -3.53 -13.22
C ALA A 88 1.19 -2.67 -14.27
N ALA A 89 1.88 -1.61 -14.64
CA ALA A 89 1.39 -0.64 -15.61
C ALA A 89 1.03 -1.30 -16.96
N ALA A 90 1.88 -2.21 -17.40
CA ALA A 90 1.65 -2.90 -18.68
C ALA A 90 0.57 -3.97 -18.55
N LEU A 91 0.43 -4.52 -17.36
CA LEU A 91 -0.54 -5.58 -17.09
C LEU A 91 -1.95 -5.03 -17.01
N GLY A 92 -2.04 -3.77 -16.74
CA GLY A 92 -3.34 -3.14 -16.59
C GLY A 92 -3.66 -2.93 -15.14
N THR A 93 -2.64 -3.01 -14.35
CA THR A 93 -2.71 -2.78 -12.96
C THR A 93 -2.30 -1.34 -12.73
N LYS A 94 -3.03 -0.66 -11.90
CA LYS A 94 -2.80 0.74 -11.68
C LYS A 94 -2.25 1.00 -10.32
N ILE A 95 -1.42 2.01 -10.24
CA ILE A 95 -0.80 2.44 -9.02
C ILE A 95 -1.75 3.34 -8.27
N ILE A 96 -2.03 2.98 -7.07
CA ILE A 96 -2.84 3.78 -6.22
C ILE A 96 -2.06 4.15 -4.99
N ASP A 97 -2.46 5.20 -4.38
CA ASP A 97 -1.86 5.65 -3.17
C ASP A 97 -2.57 5.03 -2.00
N GLU A 98 -2.20 5.45 -0.81
CA GLU A 98 -2.79 4.99 0.43
C GLU A 98 -4.29 5.31 0.45
N ASP A 99 -4.63 6.50 -0.02
CA ASP A 99 -6.01 6.97 -0.05
C ASP A 99 -6.81 6.14 -1.03
N GLY A 100 -6.13 5.65 -2.05
CA GLY A 100 -6.77 4.83 -3.06
C GLY A 100 -7.12 3.47 -2.52
N LEU A 101 -6.26 2.96 -1.66
CA LEU A 101 -6.47 1.67 -1.01
C LEU A 101 -7.59 1.85 0.01
N LEU A 102 -7.42 2.85 0.87
CA LEU A 102 -8.35 3.15 1.95
C LEU A 102 -9.72 3.53 1.44
N ASN A 103 -9.78 4.04 0.21
CA ASN A 103 -11.03 4.47 -0.44
C ASN A 103 -12.06 3.34 -0.44
N LEU A 104 -11.62 2.13 -0.75
CA LEU A 104 -12.54 0.98 -0.80
C LEU A 104 -13.09 0.69 0.58
N ILE A 105 -12.24 0.81 1.56
CA ILE A 105 -12.61 0.57 2.94
C ILE A 105 -13.53 1.68 3.44
N ARG A 106 -13.14 2.89 3.08
CA ARG A 106 -13.82 4.12 3.43
C ARG A 106 -15.27 4.11 3.02
N ASN A 107 -15.53 3.67 1.82
CA ASN A 107 -16.87 3.72 1.27
C ASN A 107 -17.74 2.57 1.74
N LEU A 108 -17.14 1.52 2.25
CA LEU A 108 -17.92 0.38 2.70
C LEU A 108 -18.45 0.47 4.13
N GLU A 109 -17.73 1.13 5.03
CA GLU A 109 -18.24 1.25 6.39
C GLU A 109 -19.16 2.46 6.56
N LYS A 1 2.29 19.55 5.70
CA LYS A 1 3.68 19.18 5.91
C LYS A 1 4.26 20.04 7.00
N ARG A 2 5.24 19.51 7.71
CA ARG A 2 5.92 20.23 8.76
C ARG A 2 7.41 20.01 8.65
N THR A 3 8.09 20.96 8.08
CA THR A 3 9.51 20.86 7.90
C THR A 3 10.23 21.78 8.91
N ASN A 4 11.52 21.59 9.02
CA ASN A 4 12.36 22.38 9.92
C ASN A 4 13.69 22.60 9.26
N TYR A 5 14.47 21.55 9.20
CA TYR A 5 15.77 21.58 8.55
C TYR A 5 15.75 20.55 7.45
N GLN A 6 16.80 20.56 6.62
CA GLN A 6 17.00 19.58 5.54
C GLN A 6 17.01 18.13 6.03
N ALA A 7 17.18 17.96 7.34
CA ALA A 7 17.20 16.67 8.00
C ALA A 7 15.85 15.94 7.84
N TYR A 8 14.81 16.65 7.38
CA TYR A 8 13.51 16.03 7.16
C TYR A 8 13.63 14.95 6.08
N ARG A 9 14.60 15.14 5.18
CA ARG A 9 14.85 14.21 4.09
C ARG A 9 15.19 12.83 4.60
N SER A 10 15.89 12.77 5.72
CA SER A 10 16.30 11.52 6.31
C SER A 10 15.08 10.68 6.69
N TYR A 11 14.03 11.35 7.15
CA TYR A 11 12.80 10.68 7.57
C TYR A 11 12.01 10.20 6.34
N LEU A 12 12.13 10.93 5.26
CA LEU A 12 11.45 10.59 4.00
C LEU A 12 12.21 9.48 3.27
N ASN A 13 13.52 9.49 3.40
CA ASN A 13 14.36 8.51 2.73
C ASN A 13 14.40 7.20 3.49
N ARG A 14 14.37 7.25 4.81
CA ARG A 14 14.42 6.03 5.62
C ARG A 14 12.98 5.51 5.89
N GLU A 15 12.08 5.75 4.92
CA GLU A 15 10.69 5.31 4.97
C GLU A 15 9.88 6.13 5.97
N GLY A 16 10.18 5.94 7.23
CA GLY A 16 9.63 6.71 8.35
C GLY A 16 8.12 7.03 8.33
N PRO A 17 7.26 6.05 8.68
CA PRO A 17 5.84 6.32 8.86
C PRO A 17 5.68 7.28 10.05
N LYS A 18 5.33 8.49 9.76
CA LYS A 18 5.33 9.55 10.73
C LYS A 18 3.95 9.86 11.29
N ALA A 19 2.93 9.45 10.59
CA ALA A 19 1.55 9.64 11.02
C ALA A 19 0.85 8.29 11.08
N LEU A 20 1.63 7.28 11.38
CA LEU A 20 1.21 5.89 11.41
C LEU A 20 0.04 5.68 12.40
N GLY A 21 0.16 6.29 13.57
CA GLY A 21 -0.82 6.13 14.63
C GLY A 21 -2.17 6.79 14.33
N SER A 22 -2.25 7.52 13.25
CA SER A 22 -3.49 8.18 12.87
C SER A 22 -4.21 7.35 11.79
N LYS A 23 -3.49 6.39 11.25
CA LYS A 23 -3.98 5.61 10.13
C LYS A 23 -3.84 4.12 10.39
N GLU A 24 -3.75 3.78 11.64
CA GLU A 24 -3.50 2.41 12.01
C GLU A 24 -4.75 1.54 11.96
N ILE A 25 -4.93 0.91 10.82
CA ILE A 25 -5.92 -0.14 10.58
C ILE A 25 -7.36 0.33 10.73
N PRO A 26 -8.04 0.59 9.62
CA PRO A 26 -9.44 0.92 9.65
C PRO A 26 -10.26 -0.32 10.00
N LYS A 27 -11.41 -0.12 10.55
CA LYS A 27 -12.29 -1.19 10.99
C LYS A 27 -13.52 -1.28 10.10
N GLY A 28 -13.32 -0.98 8.82
CA GLY A 28 -14.40 -0.94 7.88
C GLY A 28 -14.77 -2.30 7.34
N ALA A 29 -15.27 -2.31 6.12
CA ALA A 29 -15.71 -3.52 5.49
C ALA A 29 -14.55 -4.31 5.00
N GLU A 30 -14.38 -5.47 5.56
CA GLU A 30 -13.31 -6.36 5.23
C GLU A 30 -13.42 -6.84 3.81
N ASN A 31 -14.62 -7.11 3.38
CA ASN A 31 -14.88 -7.62 2.02
C ASN A 31 -14.50 -6.62 0.91
N CYS A 32 -14.13 -5.40 1.29
CA CYS A 32 -13.67 -4.38 0.36
C CYS A 32 -12.38 -4.79 -0.36
N LEU A 33 -11.56 -5.63 0.25
CA LEU A 33 -10.34 -6.05 -0.41
C LEU A 33 -10.41 -7.52 -0.77
N GLU A 34 -11.51 -8.15 -0.42
CA GLU A 34 -11.65 -9.57 -0.60
C GLU A 34 -11.71 -9.97 -2.06
N GLY A 35 -10.85 -10.91 -2.42
CA GLY A 35 -10.79 -11.42 -3.77
C GLY A 35 -9.95 -10.54 -4.67
N LEU A 36 -9.34 -9.55 -4.07
CA LEU A 36 -8.53 -8.62 -4.80
C LEU A 36 -7.10 -8.78 -4.28
N ILE A 37 -6.15 -8.71 -5.17
CA ILE A 37 -4.77 -8.90 -4.80
C ILE A 37 -4.09 -7.53 -4.82
N PHE A 38 -3.39 -7.21 -3.79
CA PHE A 38 -2.74 -5.94 -3.70
C PHE A 38 -1.24 -6.09 -3.63
N VAL A 39 -0.58 -5.41 -4.51
CA VAL A 39 0.84 -5.36 -4.48
C VAL A 39 1.28 -4.03 -3.94
N ILE A 40 1.96 -4.06 -2.85
CA ILE A 40 2.47 -2.85 -2.27
C ILE A 40 3.98 -2.78 -2.51
N THR A 41 4.44 -1.66 -2.95
CA THR A 41 5.84 -1.48 -3.16
C THR A 41 6.23 -0.10 -2.65
N GLY A 42 7.43 0.00 -2.11
CA GLY A 42 7.86 1.22 -1.49
C GLY A 42 7.17 1.37 -0.16
N VAL A 43 6.45 2.44 0.01
CA VAL A 43 5.70 2.70 1.21
C VAL A 43 4.78 3.85 0.88
N LEU A 44 3.88 4.17 1.74
CA LEU A 44 2.97 5.27 1.51
C LEU A 44 3.38 6.43 2.40
N GLU A 45 2.52 7.44 2.51
CA GLU A 45 2.81 8.62 3.33
C GLU A 45 3.08 8.18 4.75
N SER A 46 2.18 7.41 5.33
CA SER A 46 2.43 6.77 6.58
C SER A 46 1.58 5.54 6.78
N ILE A 47 2.19 4.42 6.53
CA ILE A 47 1.68 3.14 6.82
C ILE A 47 2.90 2.25 6.93
N GLU A 48 2.85 1.24 7.73
CA GLU A 48 3.96 0.33 7.80
C GLU A 48 3.63 -0.86 6.94
N ARG A 49 4.65 -1.55 6.48
CA ARG A 49 4.51 -2.70 5.61
C ARG A 49 3.64 -3.75 6.28
N ASP A 50 3.86 -3.91 7.57
CA ASP A 50 3.12 -4.86 8.37
C ASP A 50 1.68 -4.43 8.57
N GLU A 51 1.43 -3.14 8.52
CA GLU A 51 0.09 -2.63 8.76
C GLU A 51 -0.72 -2.72 7.48
N ALA A 52 -0.04 -2.64 6.37
CA ALA A 52 -0.68 -2.78 5.09
C ALA A 52 -1.08 -4.22 4.92
N LYS A 53 -0.13 -5.07 5.21
CA LYS A 53 -0.27 -6.49 5.05
C LYS A 53 -1.34 -7.06 5.99
N SER A 54 -1.34 -6.62 7.24
CA SER A 54 -2.32 -7.08 8.21
C SER A 54 -3.72 -6.59 7.82
N LEU A 55 -3.79 -5.50 7.08
CA LEU A 55 -5.05 -4.99 6.63
C LEU A 55 -5.54 -5.81 5.43
N ILE A 56 -4.69 -5.89 4.41
CA ILE A 56 -5.02 -6.57 3.15
C ILE A 56 -5.39 -8.04 3.39
N GLU A 57 -4.53 -8.77 4.11
CA GLU A 57 -4.74 -10.19 4.36
C GLU A 57 -6.01 -10.47 5.17
N ARG A 58 -6.31 -9.60 6.12
CA ARG A 58 -7.50 -9.76 6.95
C ARG A 58 -8.75 -9.44 6.15
N TYR A 59 -8.63 -8.50 5.25
CA TYR A 59 -9.73 -8.08 4.44
C TYR A 59 -9.95 -8.99 3.24
N GLY A 60 -9.49 -10.22 3.33
CA GLY A 60 -9.73 -11.22 2.30
C GLY A 60 -8.91 -10.99 1.06
N GLY A 61 -8.03 -10.04 1.10
CA GLY A 61 -7.20 -9.77 -0.02
C GLY A 61 -5.88 -10.45 0.16
N LYS A 62 -5.14 -10.52 -0.88
CA LYS A 62 -3.83 -11.08 -0.81
C LYS A 62 -2.83 -10.04 -1.14
N VAL A 63 -1.83 -9.94 -0.33
CA VAL A 63 -0.77 -9.01 -0.59
C VAL A 63 0.48 -9.75 -1.02
N THR A 64 1.06 -9.29 -2.07
CA THR A 64 2.25 -9.85 -2.57
C THR A 64 3.15 -8.73 -3.03
N GLY A 65 4.42 -9.02 -3.14
CA GLY A 65 5.35 -8.03 -3.62
C GLY A 65 5.61 -8.23 -5.08
N ASN A 66 5.13 -9.34 -5.60
CA ASN A 66 5.33 -9.67 -6.97
C ASN A 66 4.01 -9.65 -7.72
N VAL A 67 3.89 -8.68 -8.60
CA VAL A 67 2.72 -8.48 -9.41
C VAL A 67 2.46 -9.69 -10.32
N SER A 68 1.34 -10.32 -10.10
CA SER A 68 0.92 -11.45 -10.85
C SER A 68 0.06 -10.93 -11.99
N LYS A 69 -0.25 -11.76 -12.96
CA LYS A 69 -1.10 -11.37 -14.08
C LYS A 69 -2.51 -11.02 -13.61
N LYS A 70 -2.88 -11.51 -12.46
CA LYS A 70 -4.15 -11.21 -11.87
C LYS A 70 -4.00 -10.57 -10.51
N THR A 71 -3.37 -9.43 -10.49
CA THR A 71 -3.22 -8.67 -9.29
C THR A 71 -4.44 -7.76 -9.10
N ASN A 72 -4.67 -6.93 -10.12
CA ASN A 72 -5.74 -5.91 -10.16
C ASN A 72 -5.31 -4.54 -9.61
N TYR A 73 -4.64 -4.47 -8.45
CA TYR A 73 -4.22 -3.16 -7.93
C TYR A 73 -2.84 -3.18 -7.31
N LEU A 74 -2.11 -2.09 -7.50
CA LEU A 74 -0.81 -1.91 -6.89
C LEU A 74 -0.83 -0.60 -6.10
N VAL A 75 -0.29 -0.66 -4.93
CA VAL A 75 -0.24 0.46 -4.02
C VAL A 75 1.21 0.89 -3.86
N MET A 76 1.50 2.10 -4.25
CA MET A 76 2.86 2.61 -4.20
C MET A 76 2.86 4.10 -3.91
N GLY A 77 3.49 4.48 -2.84
CA GLY A 77 3.62 5.88 -2.53
C GLY A 77 4.94 6.39 -3.00
N ARG A 78 6.00 5.98 -2.30
CA ARG A 78 7.34 6.30 -2.75
C ARG A 78 7.64 5.46 -3.98
N ASP A 79 8.07 6.11 -5.04
CA ASP A 79 8.37 5.49 -6.36
C ASP A 79 9.66 4.63 -6.35
N SER A 80 9.82 3.85 -5.29
CA SER A 80 10.98 3.01 -5.09
C SER A 80 10.77 1.64 -5.76
N GLY A 81 9.57 1.40 -6.23
CA GLY A 81 9.25 0.14 -6.84
C GLY A 81 8.97 0.29 -8.30
N GLN A 82 9.83 1.03 -8.98
CA GLN A 82 9.70 1.33 -10.41
C GLN A 82 9.59 0.05 -11.25
N SER A 83 10.47 -0.87 -11.03
CA SER A 83 10.51 -2.12 -11.76
C SER A 83 9.27 -2.99 -11.43
N LYS A 84 8.76 -2.85 -10.23
CA LYS A 84 7.61 -3.63 -9.75
C LYS A 84 6.35 -3.03 -10.38
N SER A 85 6.29 -1.72 -10.34
CA SER A 85 5.22 -0.91 -10.91
C SER A 85 5.15 -1.14 -12.42
N ASP A 86 6.29 -1.44 -13.00
CA ASP A 86 6.44 -1.68 -14.43
C ASP A 86 5.57 -2.84 -14.91
N LYS A 87 5.46 -3.85 -14.07
CA LYS A 87 4.71 -5.05 -14.40
C LYS A 87 3.23 -4.78 -14.30
N ALA A 88 2.86 -4.04 -13.27
CA ALA A 88 1.48 -3.66 -13.05
C ALA A 88 0.98 -2.80 -14.21
N ALA A 89 1.80 -1.83 -14.59
CA ALA A 89 1.50 -0.93 -15.68
C ALA A 89 1.30 -1.69 -16.99
N ALA A 90 2.09 -2.75 -17.18
CA ALA A 90 2.03 -3.58 -18.38
C ALA A 90 0.70 -4.31 -18.48
N LEU A 91 0.13 -4.64 -17.34
CA LEU A 91 -1.13 -5.36 -17.27
C LEU A 91 -2.31 -4.42 -17.42
N GLY A 92 -2.09 -3.16 -17.12
CA GLY A 92 -3.13 -2.17 -17.20
C GLY A 92 -3.51 -1.68 -15.83
N THR A 93 -2.88 -2.23 -14.84
CA THR A 93 -3.10 -1.89 -13.48
C THR A 93 -2.56 -0.48 -13.18
N LYS A 94 -3.35 0.27 -12.48
CA LYS A 94 -3.00 1.62 -12.13
C LYS A 94 -2.38 1.65 -10.75
N ILE A 95 -1.77 2.77 -10.43
CA ILE A 95 -1.08 2.91 -9.17
C ILE A 95 -1.95 3.70 -8.22
N ILE A 96 -2.20 3.15 -7.06
CA ILE A 96 -2.99 3.84 -6.06
C ILE A 96 -2.16 4.13 -4.80
N ASP A 97 -2.61 5.09 -4.05
CA ASP A 97 -1.96 5.52 -2.81
C ASP A 97 -2.58 4.77 -1.64
N GLU A 98 -2.17 5.14 -0.41
CA GLU A 98 -2.80 4.64 0.81
C GLU A 98 -4.25 5.06 0.78
N ASP A 99 -4.45 6.29 0.33
CA ASP A 99 -5.75 6.90 0.16
C ASP A 99 -6.60 6.04 -0.74
N GLY A 100 -5.99 5.55 -1.81
CA GLY A 100 -6.69 4.74 -2.79
C GLY A 100 -7.03 3.35 -2.27
N LEU A 101 -6.13 2.79 -1.48
CA LEU A 101 -6.35 1.48 -0.87
C LEU A 101 -7.52 1.60 0.12
N LEU A 102 -7.43 2.59 0.98
CA LEU A 102 -8.42 2.84 2.00
C LEU A 102 -9.74 3.28 1.40
N ASN A 103 -9.67 3.87 0.22
CA ASN A 103 -10.83 4.34 -0.52
C ASN A 103 -11.87 3.25 -0.72
N LEU A 104 -11.43 2.05 -1.09
CA LEU A 104 -12.37 0.94 -1.28
C LEU A 104 -13.03 0.57 0.04
N ILE A 105 -12.26 0.62 1.09
CA ILE A 105 -12.74 0.29 2.43
C ILE A 105 -13.73 1.36 2.92
N ARG A 106 -13.38 2.61 2.75
CA ARG A 106 -14.18 3.74 3.21
C ARG A 106 -15.36 4.05 2.31
N ASN A 107 -15.28 3.67 1.05
CA ASN A 107 -16.40 3.85 0.13
C ASN A 107 -17.60 3.06 0.63
N LEU A 108 -17.31 1.91 1.20
CA LEU A 108 -18.32 1.09 1.78
C LEU A 108 -18.61 1.51 3.23
N GLU A 109 -17.63 1.35 4.11
CA GLU A 109 -17.83 1.59 5.52
C GLU A 109 -16.87 2.67 6.07
N LYS A 1 18.06 11.90 5.57
CA LYS A 1 18.34 13.29 5.22
C LYS A 1 18.17 14.15 6.44
N ARG A 2 18.92 15.22 6.55
CA ARG A 2 18.69 16.16 7.62
C ARG A 2 17.74 17.20 7.11
N THR A 3 16.62 17.29 7.73
CA THR A 3 15.57 18.15 7.25
C THR A 3 15.81 19.62 7.61
N ASN A 4 15.68 20.46 6.61
CA ASN A 4 15.74 21.90 6.75
C ASN A 4 14.29 22.34 6.97
N TYR A 5 14.06 23.58 7.33
CA TYR A 5 12.74 24.03 7.65
C TYR A 5 11.86 24.04 6.41
N GLN A 6 12.35 24.64 5.33
CA GLN A 6 11.63 24.69 4.05
C GLN A 6 11.48 23.29 3.42
N ALA A 7 12.29 22.36 3.90
CA ALA A 7 12.36 21.02 3.35
C ALA A 7 11.10 20.22 3.63
N TYR A 8 10.22 20.76 4.47
CA TYR A 8 8.97 20.08 4.78
C TYR A 8 8.17 19.86 3.49
N ARG A 9 8.20 20.85 2.59
CA ARG A 9 7.48 20.75 1.31
C ARG A 9 8.10 19.69 0.43
N SER A 10 9.41 19.52 0.55
CA SER A 10 10.13 18.53 -0.21
C SER A 10 9.60 17.13 0.10
N TYR A 11 9.47 16.79 1.37
CA TYR A 11 8.94 15.49 1.72
C TYR A 11 7.44 15.36 1.53
N LEU A 12 6.68 16.45 1.82
CA LEU A 12 5.19 16.45 1.66
C LEU A 12 4.76 16.07 0.25
N ASN A 13 5.56 16.42 -0.72
CA ASN A 13 5.23 16.16 -2.11
C ASN A 13 5.89 14.90 -2.62
N ARG A 14 6.68 14.27 -1.79
CA ARG A 14 7.39 13.10 -2.22
C ARG A 14 6.67 11.86 -1.71
N GLU A 15 6.01 12.01 -0.58
CA GLU A 15 5.23 11.00 0.06
C GLU A 15 4.49 11.70 1.22
N GLY A 16 3.79 10.98 2.05
CA GLY A 16 3.17 11.61 3.19
C GLY A 16 1.71 11.24 3.32
N PRO A 17 1.30 10.53 4.37
CA PRO A 17 -0.08 10.14 4.58
C PRO A 17 -0.81 11.21 5.40
N LYS A 18 -2.07 11.03 5.58
CA LYS A 18 -2.81 11.91 6.45
C LYS A 18 -3.80 11.12 7.27
N ALA A 19 -4.06 9.90 6.86
CA ALA A 19 -5.06 9.11 7.53
C ALA A 19 -4.44 8.13 8.52
N LEU A 20 -3.12 8.22 8.71
CA LEU A 20 -2.43 7.34 9.61
C LEU A 20 -2.89 7.64 11.03
N GLY A 21 -3.27 6.61 11.75
CA GLY A 21 -3.78 6.77 13.09
C GLY A 21 -5.17 7.39 13.16
N SER A 22 -5.76 7.66 12.01
CA SER A 22 -7.07 8.29 11.95
C SER A 22 -8.09 7.37 11.26
N LYS A 23 -7.80 6.97 10.04
CA LYS A 23 -8.70 6.10 9.30
C LYS A 23 -7.94 4.81 9.01
N GLU A 24 -7.01 4.57 9.88
CA GLU A 24 -6.15 3.44 9.84
C GLU A 24 -6.99 2.23 10.27
N ILE A 25 -7.28 1.36 9.31
CA ILE A 25 -8.16 0.21 9.48
C ILE A 25 -9.62 0.69 9.45
N PRO A 26 -10.27 0.69 8.27
CA PRO A 26 -11.62 1.20 8.11
C PRO A 26 -12.73 0.24 8.59
N LYS A 27 -13.96 0.55 8.22
CA LYS A 27 -15.13 -0.17 8.67
C LYS A 27 -15.74 -0.97 7.51
N GLY A 28 -14.97 -1.11 6.44
CA GLY A 28 -15.43 -1.68 5.21
C GLY A 28 -15.86 -3.11 5.33
N ALA A 29 -16.55 -3.54 4.35
CA ALA A 29 -17.04 -4.88 4.27
C ALA A 29 -15.87 -5.85 4.17
N GLU A 30 -15.93 -6.91 4.94
CA GLU A 30 -14.88 -7.92 5.06
C GLU A 30 -14.41 -8.48 3.70
N ASN A 31 -15.31 -8.54 2.76
CA ASN A 31 -15.01 -9.08 1.41
C ASN A 31 -14.36 -8.06 0.47
N CYS A 32 -14.22 -6.82 0.91
CA CYS A 32 -13.71 -5.72 0.07
C CYS A 32 -12.41 -6.04 -0.69
N LEU A 33 -11.45 -6.62 -0.01
CA LEU A 33 -10.16 -6.89 -0.65
C LEU A 33 -10.06 -8.36 -1.03
N GLU A 34 -11.16 -9.07 -0.86
CA GLU A 34 -11.19 -10.49 -1.10
C GLU A 34 -11.06 -10.76 -2.59
N GLY A 35 -10.19 -11.68 -2.94
CA GLY A 35 -9.97 -12.04 -4.31
C GLY A 35 -9.14 -11.02 -5.05
N LEU A 36 -8.59 -10.09 -4.32
CA LEU A 36 -7.79 -9.05 -4.86
C LEU A 36 -6.42 -9.17 -4.22
N ILE A 37 -5.38 -8.96 -4.99
CA ILE A 37 -4.05 -9.10 -4.47
C ILE A 37 -3.46 -7.71 -4.33
N PHE A 38 -2.82 -7.47 -3.24
CA PHE A 38 -2.22 -6.19 -3.03
C PHE A 38 -0.74 -6.29 -2.85
N VAL A 39 -0.06 -5.70 -3.75
CA VAL A 39 1.36 -5.57 -3.68
C VAL A 39 1.65 -4.17 -3.17
N ILE A 40 2.42 -4.07 -2.12
CA ILE A 40 2.67 -2.79 -1.51
C ILE A 40 4.17 -2.47 -1.47
N THR A 41 4.51 -1.40 -2.12
CA THR A 41 5.87 -0.96 -2.25
C THR A 41 5.87 0.58 -2.21
N GLY A 42 7.02 1.18 -2.38
CA GLY A 42 7.12 2.60 -2.32
C GLY A 42 7.54 3.01 -0.96
N VAL A 43 7.18 4.18 -0.55
CA VAL A 43 7.55 4.61 0.76
C VAL A 43 6.39 4.80 1.73
N LEU A 44 5.31 5.36 1.23
CA LEU A 44 4.10 5.75 2.01
C LEU A 44 4.40 6.71 3.20
N GLU A 45 5.69 6.97 3.44
CA GLU A 45 6.28 7.79 4.48
C GLU A 45 6.02 7.19 5.83
N SER A 46 4.80 7.01 6.16
CA SER A 46 4.44 6.43 7.38
C SER A 46 3.21 5.56 7.23
N ILE A 47 3.47 4.30 7.16
CA ILE A 47 2.54 3.25 7.32
C ILE A 47 3.36 2.16 7.77
N GLU A 48 2.95 1.54 8.76
CA GLU A 48 3.68 0.50 9.30
C GLU A 48 3.31 -0.74 8.48
N ARG A 49 4.32 -1.42 7.94
CA ARG A 49 4.15 -2.58 7.04
C ARG A 49 3.13 -3.59 7.55
N ASP A 50 3.11 -3.81 8.85
CA ASP A 50 2.19 -4.77 9.44
C ASP A 50 0.76 -4.27 9.42
N GLU A 51 0.57 -2.97 9.33
CA GLU A 51 -0.78 -2.39 9.32
C GLU A 51 -1.37 -2.51 7.96
N ALA A 52 -0.52 -2.47 6.96
CA ALA A 52 -0.96 -2.69 5.62
C ALA A 52 -1.28 -4.16 5.44
N LYS A 53 -0.34 -4.96 5.91
CA LYS A 53 -0.39 -6.39 5.87
C LYS A 53 -1.68 -6.93 6.53
N SER A 54 -1.87 -6.53 7.76
CA SER A 54 -3.03 -6.93 8.54
C SER A 54 -4.32 -6.44 7.89
N LEU A 55 -4.30 -5.21 7.38
CA LEU A 55 -5.46 -4.60 6.74
C LEU A 55 -5.89 -5.42 5.53
N ILE A 56 -4.97 -5.62 4.63
CA ILE A 56 -5.23 -6.34 3.40
C ILE A 56 -5.74 -7.76 3.66
N GLU A 57 -5.05 -8.48 4.53
CA GLU A 57 -5.45 -9.85 4.82
C GLU A 57 -6.70 -9.94 5.68
N ARG A 58 -7.07 -8.84 6.35
CA ARG A 58 -8.29 -8.80 7.15
C ARG A 58 -9.48 -8.85 6.23
N TYR A 59 -9.32 -8.25 5.08
CA TYR A 59 -10.36 -8.17 4.10
C TYR A 59 -10.23 -9.25 3.05
N GLY A 60 -9.44 -10.27 3.35
CA GLY A 60 -9.32 -11.41 2.46
C GLY A 60 -8.41 -11.18 1.27
N GLY A 61 -7.57 -10.19 1.36
CA GLY A 61 -6.66 -9.93 0.29
C GLY A 61 -5.33 -10.61 0.54
N LYS A 62 -4.57 -10.79 -0.51
CA LYS A 62 -3.25 -11.38 -0.38
C LYS A 62 -2.23 -10.28 -0.55
N VAL A 63 -1.22 -10.28 0.27
CA VAL A 63 -0.14 -9.33 0.14
C VAL A 63 1.04 -10.08 -0.44
N THR A 64 1.69 -9.51 -1.41
CA THR A 64 2.88 -10.10 -1.98
C THR A 64 3.71 -9.02 -2.63
N GLY A 65 4.87 -9.37 -3.09
CA GLY A 65 5.71 -8.47 -3.83
C GLY A 65 5.69 -8.84 -5.28
N ASN A 66 5.05 -9.96 -5.58
CA ASN A 66 5.00 -10.49 -6.92
C ASN A 66 3.73 -10.05 -7.62
N VAL A 67 3.81 -9.03 -8.43
CA VAL A 67 2.68 -8.58 -9.17
C VAL A 67 2.59 -9.36 -10.48
N SER A 68 1.42 -9.85 -10.76
CA SER A 68 1.13 -10.60 -11.94
C SER A 68 -0.18 -10.06 -12.55
N LYS A 69 -0.67 -10.70 -13.59
CA LYS A 69 -1.84 -10.22 -14.31
C LYS A 69 -3.16 -10.65 -13.66
N LYS A 70 -3.10 -10.89 -12.38
CA LYS A 70 -4.26 -11.21 -11.58
C LYS A 70 -4.11 -10.53 -10.21
N THR A 71 -3.17 -9.62 -10.13
CA THR A 71 -2.94 -8.90 -8.92
C THR A 71 -3.96 -7.78 -8.77
N ASN A 72 -4.20 -7.06 -9.87
CA ASN A 72 -5.21 -5.99 -9.95
C ASN A 72 -4.77 -4.65 -9.33
N TYR A 73 -4.07 -4.64 -8.18
CA TYR A 73 -3.65 -3.36 -7.58
C TYR A 73 -2.23 -3.36 -7.06
N LEU A 74 -1.63 -2.18 -7.09
CA LEU A 74 -0.30 -1.95 -6.61
C LEU A 74 -0.31 -0.71 -5.74
N VAL A 75 0.07 -0.85 -4.51
CA VAL A 75 0.15 0.24 -3.59
C VAL A 75 1.55 0.76 -3.62
N MET A 76 1.69 2.00 -3.95
CA MET A 76 2.95 2.65 -4.03
C MET A 76 2.73 4.15 -4.08
N GLY A 77 3.40 4.85 -3.22
CA GLY A 77 3.33 6.29 -3.27
C GLY A 77 4.36 6.79 -4.23
N ARG A 78 5.55 6.98 -3.73
CA ARG A 78 6.67 7.32 -4.54
C ARG A 78 7.07 6.08 -5.32
N ASP A 79 7.10 6.17 -6.64
CA ASP A 79 7.46 5.06 -7.51
C ASP A 79 8.87 4.61 -7.20
N SER A 80 8.95 3.52 -6.47
CA SER A 80 10.23 3.01 -6.00
C SER A 80 10.46 1.59 -6.50
N GLY A 81 9.50 1.04 -7.21
CA GLY A 81 9.62 -0.30 -7.68
C GLY A 81 9.39 -0.36 -9.16
N GLN A 82 10.39 0.04 -9.92
CA GLN A 82 10.31 0.12 -11.38
C GLN A 82 9.88 -1.20 -12.05
N SER A 83 10.42 -2.31 -11.57
CA SER A 83 10.17 -3.59 -12.20
C SER A 83 8.75 -4.07 -11.91
N LYS A 84 8.28 -3.85 -10.71
CA LYS A 84 6.94 -4.24 -10.37
C LYS A 84 5.91 -3.23 -10.91
N SER A 85 6.32 -1.97 -11.01
CA SER A 85 5.48 -0.92 -11.56
C SER A 85 5.21 -1.24 -13.05
N ASP A 86 6.26 -1.74 -13.73
CA ASP A 86 6.20 -2.13 -15.15
C ASP A 86 5.12 -3.18 -15.38
N LYS A 87 5.14 -4.20 -14.56
CA LYS A 87 4.21 -5.32 -14.68
C LYS A 87 2.80 -4.89 -14.40
N ALA A 88 2.63 -4.17 -13.30
CA ALA A 88 1.32 -3.72 -12.84
C ALA A 88 0.68 -2.73 -13.81
N ALA A 89 1.50 -1.86 -14.38
CA ALA A 89 1.02 -0.84 -15.31
C ALA A 89 0.38 -1.46 -16.55
N ALA A 90 0.91 -2.61 -16.98
CA ALA A 90 0.44 -3.29 -18.20
C ALA A 90 -1.06 -3.63 -18.15
N LEU A 91 -1.57 -3.89 -16.95
CA LEU A 91 -2.98 -4.25 -16.77
C LEU A 91 -3.88 -3.04 -16.92
N GLY A 92 -3.33 -1.91 -16.63
CA GLY A 92 -4.10 -0.69 -16.64
C GLY A 92 -4.45 -0.31 -15.24
N THR A 93 -3.72 -0.87 -14.31
CA THR A 93 -3.85 -0.60 -12.92
C THR A 93 -3.31 0.79 -12.60
N LYS A 94 -3.93 1.44 -11.67
CA LYS A 94 -3.52 2.72 -11.22
C LYS A 94 -2.72 2.54 -9.96
N ILE A 95 -1.69 3.30 -9.82
CA ILE A 95 -0.84 3.23 -8.67
C ILE A 95 -1.55 3.91 -7.52
N ILE A 96 -1.83 3.18 -6.48
CA ILE A 96 -2.59 3.71 -5.38
C ILE A 96 -1.73 3.94 -4.15
N ASP A 97 -1.98 5.02 -3.50
CA ASP A 97 -1.32 5.40 -2.26
C ASP A 97 -2.27 5.06 -1.11
N GLU A 98 -2.01 5.55 0.10
CA GLU A 98 -2.88 5.29 1.26
C GLU A 98 -4.32 5.73 1.01
N ASP A 99 -4.46 6.85 0.31
CA ASP A 99 -5.76 7.38 -0.06
C ASP A 99 -6.45 6.43 -1.00
N GLY A 100 -5.70 5.95 -1.97
CA GLY A 100 -6.23 5.05 -2.97
C GLY A 100 -6.69 3.73 -2.38
N LEU A 101 -5.89 3.21 -1.47
CA LEU A 101 -6.17 1.95 -0.80
C LEU A 101 -7.43 2.11 0.08
N LEU A 102 -7.47 3.17 0.88
CA LEU A 102 -8.59 3.40 1.77
C LEU A 102 -9.86 3.75 1.01
N ASN A 103 -9.70 4.45 -0.11
CA ASN A 103 -10.85 4.84 -0.95
C ASN A 103 -11.47 3.61 -1.56
N LEU A 104 -10.63 2.63 -1.86
CA LEU A 104 -11.07 1.37 -2.43
C LEU A 104 -12.00 0.66 -1.44
N ILE A 105 -11.71 0.80 -0.16
CA ILE A 105 -12.52 0.20 0.90
C ILE A 105 -13.75 1.08 1.20
N ARG A 106 -13.53 2.39 1.26
CA ARG A 106 -14.59 3.39 1.54
C ARG A 106 -15.64 3.37 0.40
N ASN A 107 -15.19 2.92 -0.78
CA ASN A 107 -16.03 2.80 -1.97
C ASN A 107 -17.25 1.91 -1.68
N LEU A 108 -17.08 0.95 -0.81
CA LEU A 108 -18.18 0.10 -0.42
C LEU A 108 -18.94 0.79 0.70
N GLU A 109 -18.24 1.06 1.79
CA GLU A 109 -18.76 1.71 2.94
C GLU A 109 -17.57 2.02 3.84
N LYS A 1 27.09 11.26 -5.56
CA LYS A 1 27.22 9.85 -5.92
C LYS A 1 27.37 9.05 -4.65
N ARG A 2 26.37 8.27 -4.37
CA ARG A 2 26.34 7.45 -3.19
C ARG A 2 25.98 6.05 -3.61
N THR A 3 26.91 5.14 -3.42
CA THR A 3 26.66 3.76 -3.74
C THR A 3 25.66 3.21 -2.74
N ASN A 4 24.57 2.68 -3.27
CA ASN A 4 23.39 2.24 -2.51
C ASN A 4 22.63 3.48 -2.09
N TYR A 5 21.39 3.56 -2.52
CA TYR A 5 20.57 4.76 -2.36
C TYR A 5 20.09 5.03 -0.92
N GLN A 6 20.95 4.81 0.05
CA GLN A 6 20.63 4.96 1.47
C GLN A 6 20.26 6.41 1.84
N ALA A 7 20.90 7.38 1.21
CA ALA A 7 20.63 8.78 1.53
C ALA A 7 19.26 9.18 0.99
N TYR A 8 18.99 8.75 -0.23
CA TYR A 8 17.79 9.00 -0.91
C TYR A 8 16.64 8.27 -0.21
N ARG A 9 16.91 7.04 0.19
CA ARG A 9 15.94 6.19 0.88
C ARG A 9 15.54 6.83 2.21
N SER A 10 16.51 7.38 2.92
CA SER A 10 16.27 8.01 4.20
C SER A 10 15.22 9.12 4.12
N TYR A 11 15.30 10.00 3.11
CA TYR A 11 14.29 11.05 3.00
C TYR A 11 12.94 10.57 2.48
N LEU A 12 12.94 9.53 1.65
CA LEU A 12 11.70 8.91 1.16
C LEU A 12 10.95 8.30 2.33
N ASN A 13 11.72 7.73 3.21
CA ASN A 13 11.22 6.95 4.32
C ASN A 13 10.98 7.80 5.56
N ARG A 14 10.79 9.08 5.35
CA ARG A 14 10.39 9.95 6.42
C ARG A 14 8.89 10.01 6.41
N GLU A 15 8.28 9.25 7.28
CA GLU A 15 6.85 9.19 7.32
C GLU A 15 6.34 10.32 8.17
N GLY A 16 6.72 10.26 9.39
CA GLY A 16 6.31 11.23 10.39
C GLY A 16 5.85 10.54 11.65
N PRO A 17 4.65 9.93 11.64
CA PRO A 17 4.10 9.21 12.79
C PRO A 17 4.91 7.97 13.11
N LYS A 18 4.73 7.48 14.31
CA LYS A 18 5.32 6.22 14.72
C LYS A 18 4.19 5.19 14.85
N ALA A 19 2.99 5.70 14.85
CA ALA A 19 1.78 4.90 14.87
C ALA A 19 1.10 5.07 13.52
N LEU A 20 1.90 4.93 12.48
CA LEU A 20 1.57 5.19 11.06
C LEU A 20 0.18 4.67 10.68
N GLY A 21 -0.04 3.40 10.93
CA GLY A 21 -1.29 2.81 10.61
C GLY A 21 -2.10 2.53 11.83
N SER A 22 -1.43 2.50 12.98
CA SER A 22 -2.04 2.07 14.22
C SER A 22 -2.95 3.15 14.73
N LYS A 23 -2.71 4.33 14.22
CA LYS A 23 -3.50 5.48 14.52
C LYS A 23 -4.95 5.32 14.06
N GLU A 24 -5.18 4.45 13.09
CA GLU A 24 -6.51 4.30 12.56
C GLU A 24 -6.91 2.86 12.30
N ILE A 25 -6.52 2.37 11.14
CA ILE A 25 -6.91 1.05 10.62
C ILE A 25 -8.43 1.04 10.38
N PRO A 26 -8.86 1.39 9.15
CA PRO A 26 -10.27 1.47 8.82
C PRO A 26 -10.95 0.12 8.95
N LYS A 27 -12.10 0.12 9.58
CA LYS A 27 -12.80 -1.10 9.90
C LYS A 27 -13.99 -1.28 8.97
N GLY A 28 -13.80 -0.78 7.76
CA GLY A 28 -14.80 -0.79 6.73
C GLY A 28 -15.03 -2.15 6.11
N ALA A 29 -15.42 -2.13 4.84
CA ALA A 29 -15.81 -3.31 4.07
C ALA A 29 -14.74 -4.38 4.02
N GLU A 30 -14.89 -5.39 4.86
CA GLU A 30 -13.94 -6.47 4.96
C GLU A 30 -13.94 -7.34 3.72
N ASN A 31 -15.06 -7.38 3.05
CA ASN A 31 -15.19 -8.13 1.80
C ASN A 31 -14.70 -7.34 0.59
N CYS A 32 -14.34 -6.07 0.78
CA CYS A 32 -13.93 -5.24 -0.34
C CYS A 32 -12.60 -5.70 -0.96
N LEU A 33 -11.67 -6.13 -0.14
CA LEU A 33 -10.37 -6.54 -0.67
C LEU A 33 -10.40 -8.02 -0.99
N GLU A 34 -11.47 -8.65 -0.59
CA GLU A 34 -11.67 -10.06 -0.71
C GLU A 34 -12.01 -10.40 -2.14
N GLY A 35 -11.07 -11.01 -2.82
CA GLY A 35 -11.31 -11.41 -4.17
C GLY A 35 -10.17 -11.03 -5.08
N LEU A 36 -9.40 -10.04 -4.69
CA LEU A 36 -8.30 -9.58 -5.51
C LEU A 36 -6.98 -9.62 -4.76
N ILE A 37 -5.92 -9.13 -5.38
CA ILE A 37 -4.60 -9.20 -4.79
C ILE A 37 -4.10 -7.78 -4.64
N PHE A 38 -3.42 -7.51 -3.58
CA PHE A 38 -2.85 -6.21 -3.37
C PHE A 38 -1.37 -6.32 -3.26
N VAL A 39 -0.70 -5.48 -3.95
CA VAL A 39 0.72 -5.46 -3.96
C VAL A 39 1.18 -4.09 -3.53
N ILE A 40 1.97 -4.04 -2.48
CA ILE A 40 2.43 -2.77 -1.96
C ILE A 40 3.94 -2.65 -2.04
N THR A 41 4.41 -1.47 -2.34
CA THR A 41 5.79 -1.16 -2.40
C THR A 41 6.01 0.23 -1.79
N GLY A 42 7.08 0.38 -1.05
CA GLY A 42 7.44 1.65 -0.47
C GLY A 42 6.56 2.06 0.70
N VAL A 43 6.63 3.32 1.03
CA VAL A 43 5.81 3.92 2.05
C VAL A 43 5.00 5.03 1.39
N LEU A 44 3.70 5.03 1.59
CA LEU A 44 2.81 5.99 0.93
C LEU A 44 3.05 7.40 1.44
N GLU A 45 2.43 7.72 2.54
CA GLU A 45 2.74 8.92 3.24
C GLU A 45 3.23 8.48 4.57
N SER A 46 2.45 7.62 5.18
CA SER A 46 2.81 6.98 6.39
C SER A 46 2.00 5.70 6.53
N ILE A 47 2.64 4.62 6.18
CA ILE A 47 2.14 3.30 6.36
C ILE A 47 3.31 2.38 6.37
N GLU A 48 3.33 1.45 7.26
CA GLU A 48 4.37 0.50 7.23
C GLU A 48 3.85 -0.74 6.55
N ARG A 49 4.72 -1.52 5.97
CA ARG A 49 4.35 -2.72 5.20
C ARG A 49 3.43 -3.61 6.01
N ASP A 50 3.76 -3.78 7.26
CA ASP A 50 3.03 -4.66 8.16
C ASP A 50 1.62 -4.12 8.42
N GLU A 51 1.49 -2.80 8.46
CA GLU A 51 0.20 -2.17 8.76
C GLU A 51 -0.71 -2.28 7.55
N ALA A 52 -0.12 -2.30 6.38
CA ALA A 52 -0.88 -2.50 5.19
C ALA A 52 -1.30 -3.95 5.09
N LYS A 53 -0.31 -4.84 5.21
CA LYS A 53 -0.48 -6.27 5.07
C LYS A 53 -1.49 -6.87 6.04
N SER A 54 -1.39 -6.48 7.31
CA SER A 54 -2.28 -7.01 8.34
C SER A 54 -3.75 -6.68 8.01
N LEU A 55 -3.96 -5.50 7.43
CA LEU A 55 -5.29 -5.06 7.02
C LEU A 55 -5.76 -5.84 5.79
N ILE A 56 -4.90 -5.89 4.76
CA ILE A 56 -5.23 -6.55 3.48
C ILE A 56 -5.60 -8.03 3.69
N GLU A 57 -4.75 -8.76 4.40
CA GLU A 57 -4.96 -10.20 4.64
C GLU A 57 -6.25 -10.48 5.43
N ARG A 58 -6.58 -9.60 6.38
CA ARG A 58 -7.81 -9.76 7.16
C ARG A 58 -9.03 -9.60 6.24
N TYR A 59 -8.87 -8.76 5.27
CA TYR A 59 -9.92 -8.42 4.36
C TYR A 59 -10.00 -9.37 3.18
N GLY A 60 -9.35 -10.51 3.29
CA GLY A 60 -9.48 -11.55 2.28
C GLY A 60 -8.65 -11.28 1.04
N GLY A 61 -7.93 -10.21 1.04
CA GLY A 61 -7.10 -9.89 -0.06
C GLY A 61 -5.75 -10.46 0.17
N LYS A 62 -5.08 -10.83 -0.85
CA LYS A 62 -3.76 -11.37 -0.68
C LYS A 62 -2.78 -10.29 -0.96
N VAL A 63 -1.86 -10.13 -0.09
CA VAL A 63 -0.85 -9.15 -0.29
C VAL A 63 0.49 -9.80 -0.55
N THR A 64 1.13 -9.35 -1.56
CA THR A 64 2.40 -9.86 -1.94
C THR A 64 3.23 -8.68 -2.45
N GLY A 65 4.50 -8.88 -2.66
CA GLY A 65 5.36 -7.81 -3.09
C GLY A 65 5.65 -7.86 -4.57
N ASN A 66 5.13 -8.86 -5.25
CA ASN A 66 5.38 -9.02 -6.68
C ASN A 66 4.07 -8.91 -7.43
N VAL A 67 4.01 -8.01 -8.38
CA VAL A 67 2.80 -7.74 -9.14
C VAL A 67 2.42 -8.92 -10.05
N SER A 68 1.23 -9.39 -9.85
CA SER A 68 0.71 -10.51 -10.56
C SER A 68 -0.26 -9.99 -11.64
N LYS A 69 -0.68 -10.86 -12.53
CA LYS A 69 -1.54 -10.45 -13.65
C LYS A 69 -2.96 -10.20 -13.17
N LYS A 70 -3.31 -10.79 -12.05
CA LYS A 70 -4.63 -10.65 -11.49
C LYS A 70 -4.62 -9.72 -10.27
N THR A 71 -3.59 -8.90 -10.15
CA THR A 71 -3.47 -7.99 -9.02
C THR A 71 -4.54 -6.88 -9.03
N ASN A 72 -4.59 -6.10 -10.11
CA ASN A 72 -5.57 -4.99 -10.29
C ASN A 72 -5.14 -3.69 -9.56
N TYR A 73 -4.60 -3.78 -8.34
CA TYR A 73 -4.18 -2.59 -7.61
C TYR A 73 -2.76 -2.69 -7.08
N LEU A 74 -1.90 -1.82 -7.57
CA LEU A 74 -0.54 -1.72 -7.10
C LEU A 74 -0.44 -0.49 -6.21
N VAL A 75 -0.05 -0.69 -5.01
CA VAL A 75 0.08 0.36 -4.05
C VAL A 75 1.52 0.81 -4.03
N MET A 76 1.78 1.95 -4.62
CA MET A 76 3.13 2.43 -4.76
C MET A 76 3.37 3.62 -3.88
N GLY A 77 4.35 3.52 -3.05
CA GLY A 77 4.72 4.62 -2.23
C GLY A 77 6.02 5.22 -2.68
N ARG A 78 6.76 5.71 -1.73
CA ARG A 78 8.04 6.27 -2.00
C ARG A 78 9.12 5.23 -1.90
N ASP A 79 9.51 4.73 -3.04
CA ASP A 79 10.60 3.80 -3.17
C ASP A 79 11.12 3.88 -4.61
N SER A 80 11.90 2.94 -5.03
CA SER A 80 12.55 2.99 -6.32
C SER A 80 11.99 1.92 -7.29
N GLY A 81 10.82 1.39 -6.99
CA GLY A 81 10.22 0.32 -7.76
C GLY A 81 9.64 0.74 -9.10
N GLN A 82 10.47 1.22 -9.97
CA GLN A 82 10.05 1.59 -11.31
C GLN A 82 9.84 0.35 -12.17
N SER A 83 10.60 -0.68 -11.90
CA SER A 83 10.55 -1.88 -12.69
C SER A 83 9.27 -2.64 -12.41
N LYS A 84 8.90 -2.73 -11.14
CA LYS A 84 7.68 -3.44 -10.73
C LYS A 84 6.44 -2.71 -11.25
N SER A 85 6.55 -1.40 -11.44
CA SER A 85 5.47 -0.59 -11.94
C SER A 85 5.21 -0.91 -13.42
N ASP A 86 6.26 -1.29 -14.13
CA ASP A 86 6.19 -1.56 -15.56
C ASP A 86 5.27 -2.73 -15.84
N LYS A 87 5.33 -3.76 -15.00
CA LYS A 87 4.49 -4.93 -15.19
C LYS A 87 3.05 -4.53 -15.00
N ALA A 88 2.77 -3.88 -13.88
CA ALA A 88 1.43 -3.47 -13.48
C ALA A 88 0.72 -2.71 -14.59
N ALA A 89 1.43 -1.75 -15.16
CA ALA A 89 0.90 -0.90 -16.22
C ALA A 89 0.50 -1.72 -17.45
N ALA A 90 1.24 -2.76 -17.74
CA ALA A 90 0.95 -3.60 -18.89
C ALA A 90 -0.13 -4.64 -18.56
N LEU A 91 -0.28 -4.95 -17.29
CA LEU A 91 -1.22 -5.98 -16.83
C LEU A 91 -2.61 -5.43 -16.58
N GLY A 92 -2.72 -4.14 -16.63
CA GLY A 92 -4.02 -3.52 -16.38
C GLY A 92 -4.22 -3.29 -14.91
N THR A 93 -3.13 -3.26 -14.20
CA THR A 93 -3.11 -2.99 -12.81
C THR A 93 -2.79 -1.52 -12.62
N LYS A 94 -3.57 -0.85 -11.81
CA LYS A 94 -3.44 0.58 -11.63
C LYS A 94 -2.74 0.90 -10.34
N ILE A 95 -2.26 2.10 -10.24
CA ILE A 95 -1.51 2.52 -9.08
C ILE A 95 -2.44 3.25 -8.13
N ILE A 96 -2.42 2.87 -6.89
CA ILE A 96 -3.18 3.54 -5.86
C ILE A 96 -2.27 3.94 -4.74
N ASP A 97 -2.74 4.83 -3.92
CA ASP A 97 -1.98 5.31 -2.80
C ASP A 97 -2.61 4.81 -1.52
N GLU A 98 -2.18 5.39 -0.44
CA GLU A 98 -2.60 5.06 0.89
C GLU A 98 -4.10 5.27 1.01
N ASP A 99 -4.53 6.46 0.62
CA ASP A 99 -5.92 6.84 0.74
C ASP A 99 -6.74 6.10 -0.26
N GLY A 100 -6.19 5.92 -1.46
CA GLY A 100 -6.85 5.16 -2.51
C GLY A 100 -7.15 3.72 -2.12
N LEU A 101 -6.24 3.11 -1.37
CA LEU A 101 -6.41 1.75 -0.89
C LEU A 101 -7.53 1.75 0.15
N LEU A 102 -7.42 2.65 1.11
CA LEU A 102 -8.37 2.73 2.20
C LEU A 102 -9.74 3.18 1.71
N ASN A 103 -9.74 3.91 0.61
CA ASN A 103 -10.94 4.44 -0.06
C ASN A 103 -11.91 3.31 -0.38
N LEU A 104 -11.36 2.20 -0.82
CA LEU A 104 -12.15 1.03 -1.18
C LEU A 104 -12.90 0.54 0.06
N ILE A 105 -12.16 0.36 1.13
CA ILE A 105 -12.67 -0.09 2.41
C ILE A 105 -13.68 0.92 2.99
N ARG A 106 -13.34 2.18 2.87
CA ARG A 106 -14.09 3.30 3.41
C ARG A 106 -15.42 3.52 2.69
N ASN A 107 -15.41 3.48 1.39
CA ASN A 107 -16.60 3.81 0.61
C ASN A 107 -17.67 2.72 0.61
N LEU A 108 -17.25 1.46 0.63
CA LEU A 108 -18.22 0.38 0.57
C LEU A 108 -19.00 0.19 1.87
N GLU A 109 -18.31 0.00 2.98
CA GLU A 109 -18.98 -0.18 4.24
C GLU A 109 -18.47 0.78 5.26
N LYS A 1 20.37 8.97 29.29
CA LYS A 1 20.89 7.74 28.70
C LYS A 1 21.38 8.01 27.30
N ARG A 2 22.21 7.13 26.79
CA ARG A 2 22.61 7.24 25.41
C ARG A 2 21.64 6.49 24.56
N THR A 3 20.62 7.19 24.12
CA THR A 3 19.64 6.66 23.24
C THR A 3 20.32 6.38 21.88
N ASN A 4 20.54 5.12 21.61
CA ASN A 4 21.32 4.70 20.46
C ASN A 4 20.42 3.94 19.47
N TYR A 5 19.16 4.27 19.47
CA TYR A 5 18.23 3.53 18.62
C TYR A 5 17.14 4.42 18.00
N GLN A 6 16.64 5.37 18.79
CA GLN A 6 15.48 6.18 18.44
C GLN A 6 15.64 6.88 17.08
N ALA A 7 16.73 7.59 16.89
CA ALA A 7 16.97 8.31 15.64
C ALA A 7 17.53 7.36 14.58
N TYR A 8 18.26 6.36 15.03
CA TYR A 8 18.91 5.40 14.15
C TYR A 8 17.91 4.62 13.33
N ARG A 9 16.77 4.31 13.91
CA ARG A 9 15.71 3.60 13.21
C ARG A 9 15.23 4.42 12.00
N SER A 10 15.15 5.71 12.20
CA SER A 10 14.67 6.61 11.18
C SER A 10 15.65 6.63 9.98
N TYR A 11 16.92 6.90 10.27
CA TYR A 11 17.93 7.04 9.21
C TYR A 11 18.37 5.71 8.61
N LEU A 12 18.67 4.75 9.45
CA LEU A 12 19.19 3.46 8.99
C LEU A 12 18.15 2.61 8.32
N ASN A 13 16.97 2.54 8.90
CA ASN A 13 15.91 1.70 8.32
C ASN A 13 15.24 2.44 7.17
N ARG A 14 15.40 3.77 7.19
CA ARG A 14 14.84 4.68 6.19
C ARG A 14 13.31 4.53 6.15
N GLU A 15 12.74 4.52 7.34
CA GLU A 15 11.33 4.42 7.53
C GLU A 15 10.89 5.36 8.63
N GLY A 16 10.32 6.45 8.22
CA GLY A 16 9.80 7.40 9.17
C GLY A 16 8.44 7.86 8.74
N PRO A 17 7.41 7.00 8.84
CA PRO A 17 6.09 7.35 8.41
C PRO A 17 5.38 8.13 9.51
N LYS A 18 5.34 9.42 9.34
CA LYS A 18 4.82 10.30 10.39
C LYS A 18 3.30 10.27 10.44
N ALA A 19 2.68 9.67 9.45
CA ALA A 19 1.24 9.55 9.39
C ALA A 19 0.85 8.08 9.53
N LEU A 20 1.77 7.29 10.11
CA LEU A 20 1.62 5.85 10.32
C LEU A 20 0.35 5.53 11.10
N GLY A 21 0.06 6.34 12.08
CA GLY A 21 -1.11 6.14 12.89
C GLY A 21 -2.18 7.18 12.64
N SER A 22 -2.06 7.87 11.52
CA SER A 22 -3.04 8.87 11.17
C SER A 22 -4.05 8.27 10.20
N LYS A 23 -3.58 7.38 9.34
CA LYS A 23 -4.44 6.68 8.41
C LYS A 23 -4.83 5.37 9.10
N GLU A 24 -6.06 5.32 9.56
CA GLU A 24 -6.53 4.25 10.43
C GLU A 24 -6.93 2.98 9.68
N ILE A 25 -6.81 1.87 10.40
CA ILE A 25 -7.20 0.57 9.96
C ILE A 25 -8.66 0.42 10.33
N PRO A 26 -9.55 0.34 9.37
CA PRO A 26 -10.97 0.35 9.63
C PRO A 26 -11.58 -1.04 9.85
N LYS A 27 -12.87 -1.02 10.03
CA LYS A 27 -13.73 -2.19 10.25
C LYS A 27 -14.60 -2.40 9.00
N GLY A 28 -14.06 -2.04 7.87
CA GLY A 28 -14.83 -1.91 6.68
C GLY A 28 -15.10 -3.17 5.92
N ALA A 29 -15.49 -2.96 4.69
CA ALA A 29 -15.87 -4.00 3.77
C ALA A 29 -14.75 -4.97 3.47
N GLU A 30 -14.86 -6.15 4.05
CA GLU A 30 -13.91 -7.23 3.88
C GLU A 30 -13.91 -7.66 2.43
N ASN A 31 -15.11 -7.77 1.87
CA ASN A 31 -15.30 -8.21 0.49
C ASN A 31 -14.78 -7.20 -0.53
N CYS A 32 -14.35 -6.03 -0.06
CA CYS A 32 -13.79 -5.04 -0.95
C CYS A 32 -12.36 -5.46 -1.34
N LEU A 33 -11.72 -6.27 -0.51
CA LEU A 33 -10.37 -6.72 -0.81
C LEU A 33 -10.38 -8.20 -1.19
N GLU A 34 -11.31 -8.94 -0.63
CA GLU A 34 -11.49 -10.36 -0.91
C GLU A 34 -11.82 -10.50 -2.42
N GLY A 35 -10.92 -11.08 -3.17
CA GLY A 35 -11.16 -11.28 -4.59
C GLY A 35 -9.94 -10.93 -5.42
N LEU A 36 -9.17 -9.97 -4.98
CA LEU A 36 -8.00 -9.52 -5.73
C LEU A 36 -6.76 -9.59 -4.86
N ILE A 37 -5.63 -9.19 -5.41
CA ILE A 37 -4.37 -9.26 -4.71
C ILE A 37 -3.85 -7.85 -4.58
N PHE A 38 -3.39 -7.47 -3.45
CA PHE A 38 -2.85 -6.15 -3.31
C PHE A 38 -1.36 -6.20 -3.19
N VAL A 39 -0.72 -5.30 -3.87
CA VAL A 39 0.70 -5.17 -3.80
C VAL A 39 1.02 -3.78 -3.32
N ILE A 40 1.85 -3.68 -2.31
CA ILE A 40 2.19 -2.42 -1.73
C ILE A 40 3.71 -2.27 -1.73
N THR A 41 4.18 -1.17 -2.27
CA THR A 41 5.59 -0.92 -2.34
C THR A 41 5.83 0.59 -2.14
N GLY A 42 6.99 0.93 -1.65
CA GLY A 42 7.33 2.31 -1.43
C GLY A 42 6.93 2.79 -0.05
N VAL A 43 7.61 3.81 0.43
CA VAL A 43 7.26 4.39 1.71
C VAL A 43 6.07 5.33 1.49
N LEU A 44 4.93 4.93 2.01
CA LEU A 44 3.65 5.63 1.82
C LEU A 44 3.56 6.99 2.55
N GLU A 45 4.49 7.28 3.54
CA GLU A 45 4.39 8.53 4.42
C GLU A 45 3.11 8.39 5.20
N SER A 46 2.84 7.17 5.41
CA SER A 46 1.65 6.57 5.71
C SER A 46 2.12 5.19 6.03
N ILE A 47 1.30 4.26 6.05
CA ILE A 47 1.48 3.04 6.77
C ILE A 47 2.51 2.10 6.14
N GLU A 48 3.15 1.40 7.05
CA GLU A 48 4.15 0.46 6.75
C GLU A 48 3.57 -0.83 6.29
N ARG A 49 4.40 -1.57 5.63
CA ARG A 49 4.07 -2.80 4.96
C ARG A 49 3.31 -3.77 5.84
N ASP A 50 3.76 -3.99 7.06
CA ASP A 50 3.10 -5.00 7.91
C ASP A 50 1.73 -4.55 8.37
N GLU A 51 1.53 -3.24 8.51
CA GLU A 51 0.24 -2.76 8.99
C GLU A 51 -0.76 -2.76 7.83
N ALA A 52 -0.24 -2.56 6.62
CA ALA A 52 -1.05 -2.64 5.42
C ALA A 52 -1.41 -4.09 5.14
N LYS A 53 -0.40 -4.95 5.23
CA LYS A 53 -0.58 -6.38 5.00
C LYS A 53 -1.53 -7.02 5.99
N SER A 54 -1.55 -6.48 7.21
CA SER A 54 -2.46 -6.94 8.23
C SER A 54 -3.90 -6.66 7.78
N LEU A 55 -4.14 -5.42 7.35
CA LEU A 55 -5.44 -4.96 6.91
C LEU A 55 -5.90 -5.78 5.69
N ILE A 56 -5.05 -5.85 4.68
CA ILE A 56 -5.34 -6.55 3.43
C ILE A 56 -5.73 -8.02 3.65
N GLU A 57 -4.91 -8.74 4.41
CA GLU A 57 -5.18 -10.15 4.62
C GLU A 57 -6.34 -10.38 5.59
N ARG A 58 -6.55 -9.43 6.48
CA ARG A 58 -7.68 -9.50 7.42
C ARG A 58 -9.01 -9.47 6.66
N TYR A 59 -9.02 -8.77 5.54
CA TYR A 59 -10.22 -8.67 4.73
C TYR A 59 -10.36 -9.84 3.75
N GLY A 60 -9.36 -10.70 3.70
CA GLY A 60 -9.44 -11.86 2.85
C GLY A 60 -8.73 -11.69 1.53
N GLY A 61 -8.02 -10.61 1.38
CA GLY A 61 -7.27 -10.39 0.18
C GLY A 61 -5.85 -10.85 0.38
N LYS A 62 -5.13 -11.10 -0.67
CA LYS A 62 -3.75 -11.47 -0.52
C LYS A 62 -2.91 -10.27 -0.81
N VAL A 63 -1.81 -10.19 -0.16
CA VAL A 63 -0.88 -9.14 -0.37
C VAL A 63 0.48 -9.77 -0.68
N THR A 64 1.18 -9.19 -1.58
CA THR A 64 2.47 -9.69 -1.96
C THR A 64 3.35 -8.52 -2.38
N GLY A 65 4.64 -8.75 -2.41
CA GLY A 65 5.56 -7.73 -2.83
C GLY A 65 5.84 -7.79 -4.31
N ASN A 66 5.27 -8.79 -4.97
CA ASN A 66 5.43 -8.94 -6.41
C ASN A 66 4.08 -8.94 -7.07
N VAL A 67 3.91 -8.07 -8.03
CA VAL A 67 2.66 -7.88 -8.74
C VAL A 67 2.21 -9.18 -9.46
N SER A 68 0.92 -9.35 -9.50
CA SER A 68 0.25 -10.45 -10.13
C SER A 68 -0.76 -9.86 -11.11
N LYS A 69 -1.29 -10.66 -12.03
CA LYS A 69 -2.29 -10.16 -12.97
C LYS A 69 -3.59 -9.87 -12.21
N LYS A 70 -3.71 -10.49 -11.05
CA LYS A 70 -4.88 -10.32 -10.23
C LYS A 70 -4.67 -9.22 -9.19
N THR A 71 -3.57 -8.46 -9.32
CA THR A 71 -3.32 -7.40 -8.38
C THR A 71 -4.29 -6.24 -8.57
N ASN A 72 -4.32 -5.67 -9.76
CA ASN A 72 -5.29 -4.61 -10.12
C ASN A 72 -5.00 -3.24 -9.41
N TYR A 73 -4.47 -3.26 -8.19
CA TYR A 73 -4.15 -2.05 -7.46
C TYR A 73 -2.78 -2.16 -6.82
N LEU A 74 -1.86 -1.34 -7.26
CA LEU A 74 -0.54 -1.29 -6.71
C LEU A 74 -0.42 -0.06 -5.85
N VAL A 75 -0.29 -0.27 -4.57
CA VAL A 75 -0.17 0.81 -3.63
C VAL A 75 1.28 1.23 -3.60
N MET A 76 1.56 2.43 -3.99
CA MET A 76 2.91 2.89 -4.11
C MET A 76 3.15 4.20 -3.41
N GLY A 77 4.11 4.20 -2.53
CA GLY A 77 4.58 5.42 -1.92
C GLY A 77 5.78 5.91 -2.69
N ARG A 78 6.83 6.31 -2.01
CA ARG A 78 8.05 6.63 -2.74
C ARG A 78 8.80 5.35 -3.02
N ASP A 79 8.96 5.05 -4.27
CA ASP A 79 9.64 3.86 -4.69
C ASP A 79 10.24 4.20 -6.04
N SER A 80 11.27 3.51 -6.43
CA SER A 80 11.89 3.79 -7.70
C SER A 80 11.98 2.54 -8.59
N GLY A 81 11.26 1.51 -8.20
CA GLY A 81 11.24 0.30 -8.97
C GLY A 81 10.31 0.39 -10.16
N GLN A 82 10.84 0.85 -11.26
CA GLN A 82 10.05 0.98 -12.47
C GLN A 82 9.75 -0.38 -13.05
N SER A 83 10.65 -1.32 -12.81
CA SER A 83 10.49 -2.68 -13.28
C SER A 83 9.25 -3.36 -12.68
N LYS A 84 8.98 -3.07 -11.42
CA LYS A 84 7.82 -3.66 -10.74
C LYS A 84 6.56 -2.93 -11.13
N SER A 85 6.71 -1.65 -11.42
CA SER A 85 5.60 -0.81 -11.82
C SER A 85 5.19 -1.14 -13.26
N ASP A 86 6.20 -1.47 -14.08
CA ASP A 86 6.01 -1.86 -15.48
C ASP A 86 5.09 -3.06 -15.59
N LYS A 87 5.23 -3.99 -14.64
CA LYS A 87 4.41 -5.20 -14.62
C LYS A 87 2.99 -4.80 -14.38
N ALA A 88 2.80 -4.03 -13.33
CA ALA A 88 1.50 -3.56 -12.91
C ALA A 88 0.80 -2.81 -14.04
N ALA A 89 1.53 -1.89 -14.63
CA ALA A 89 1.05 -1.05 -15.71
C ALA A 89 0.45 -1.88 -16.85
N ALA A 90 1.17 -2.90 -17.27
CA ALA A 90 0.75 -3.75 -18.37
C ALA A 90 -0.40 -4.68 -17.97
N LEU A 91 -0.35 -5.16 -16.73
CA LEU A 91 -1.35 -6.11 -16.21
C LEU A 91 -2.70 -5.48 -15.94
N GLY A 92 -2.75 -4.19 -16.02
CA GLY A 92 -3.98 -3.48 -15.77
C GLY A 92 -4.11 -3.13 -14.31
N THR A 93 -2.99 -3.14 -13.65
CA THR A 93 -2.90 -2.79 -12.29
C THR A 93 -2.53 -1.30 -12.19
N LYS A 94 -3.39 -0.54 -11.59
CA LYS A 94 -3.21 0.89 -11.48
C LYS A 94 -2.48 1.24 -10.21
N ILE A 95 -1.77 2.33 -10.24
CA ILE A 95 -1.03 2.76 -9.09
C ILE A 95 -1.91 3.62 -8.21
N ILE A 96 -1.98 3.27 -6.96
CA ILE A 96 -2.75 4.01 -6.01
C ILE A 96 -1.91 4.36 -4.82
N ASP A 97 -2.43 5.26 -4.04
CA ASP A 97 -1.82 5.62 -2.78
C ASP A 97 -2.46 4.74 -1.76
N GLU A 98 -2.00 4.82 -0.54
CA GLU A 98 -2.60 4.00 0.51
C GLU A 98 -3.97 4.55 0.81
N ASP A 99 -4.14 5.81 0.47
CA ASP A 99 -5.37 6.52 0.62
C ASP A 99 -6.41 5.88 -0.28
N GLY A 100 -5.95 5.38 -1.40
CA GLY A 100 -6.80 4.68 -2.33
C GLY A 100 -7.28 3.35 -1.75
N LEU A 101 -6.37 2.67 -1.06
CA LEU A 101 -6.66 1.40 -0.39
C LEU A 101 -7.79 1.62 0.62
N LEU A 102 -7.64 2.64 1.45
CA LEU A 102 -8.65 2.98 2.45
C LEU A 102 -9.91 3.50 1.80
N ASN A 103 -9.75 4.33 0.77
CA ASN A 103 -10.86 4.94 0.04
C ASN A 103 -11.81 3.86 -0.50
N LEU A 104 -11.23 2.81 -1.08
CA LEU A 104 -12.02 1.70 -1.62
C LEU A 104 -12.89 1.08 -0.54
N ILE A 105 -12.27 0.79 0.58
CA ILE A 105 -12.94 0.18 1.71
C ILE A 105 -14.04 1.10 2.28
N ARG A 106 -13.68 2.37 2.46
CA ARG A 106 -14.61 3.37 3.00
C ARG A 106 -15.76 3.66 2.04
N ASN A 107 -15.54 3.45 0.76
CA ASN A 107 -16.56 3.67 -0.27
C ASN A 107 -17.68 2.64 -0.14
N LEU A 108 -17.31 1.42 0.17
CA LEU A 108 -18.30 0.34 0.32
C LEU A 108 -18.89 0.29 1.73
N GLU A 109 -18.57 1.28 2.53
CA GLU A 109 -19.13 1.41 3.85
C GLU A 109 -20.52 2.01 3.78
N LYS A 1 18.94 6.61 19.29
CA LYS A 1 18.59 6.77 17.89
C LYS A 1 19.61 7.62 17.17
N ARG A 2 19.89 7.27 15.94
CA ARG A 2 20.78 8.05 15.12
C ARG A 2 20.01 9.23 14.58
N THR A 3 20.44 10.41 14.92
CA THR A 3 19.77 11.59 14.47
C THR A 3 20.80 12.64 14.06
N ASN A 4 20.85 12.91 12.78
CA ASN A 4 21.74 13.92 12.26
C ASN A 4 21.30 15.30 12.73
N TYR A 5 20.19 15.75 12.22
CA TYR A 5 19.54 16.99 12.62
C TYR A 5 18.07 16.79 12.42
N GLN A 6 17.28 17.78 12.77
CA GLN A 6 15.83 17.62 12.73
C GLN A 6 15.33 17.59 11.32
N ALA A 7 15.98 18.31 10.45
CA ALA A 7 15.63 18.35 9.04
C ALA A 7 15.79 16.97 8.40
N TYR A 8 16.79 16.24 8.87
CA TYR A 8 17.13 14.95 8.36
C TYR A 8 16.15 13.84 8.78
N ARG A 9 15.15 14.19 9.61
CA ARG A 9 14.18 13.21 10.15
C ARG A 9 13.47 12.40 9.05
N SER A 10 13.14 13.06 7.97
CA SER A 10 12.39 12.44 6.90
C SER A 10 13.24 11.44 6.08
N TYR A 11 14.55 11.60 6.12
CA TYR A 11 15.45 10.67 5.44
C TYR A 11 15.57 9.40 6.23
N LEU A 12 15.77 9.59 7.52
CA LEU A 12 16.01 8.52 8.46
C LEU A 12 14.75 7.70 8.69
N ASN A 13 13.68 8.37 9.05
CA ASN A 13 12.41 7.69 9.31
C ASN A 13 11.79 7.28 8.00
N ARG A 14 11.60 8.27 7.10
CA ARG A 14 11.13 8.05 5.73
C ARG A 14 9.66 7.53 5.69
N GLU A 15 8.99 7.68 6.81
CA GLU A 15 7.61 7.33 6.97
C GLU A 15 7.02 8.15 8.09
N GLY A 16 5.73 7.99 8.35
CA GLY A 16 5.13 8.69 9.45
C GLY A 16 3.70 8.25 9.78
N PRO A 17 3.41 6.95 9.98
CA PRO A 17 2.06 6.51 10.39
C PRO A 17 1.84 6.77 11.89
N LYS A 18 2.98 6.79 12.63
CA LYS A 18 3.06 7.05 14.08
C LYS A 18 2.45 5.94 14.92
N ALA A 19 1.18 5.75 14.75
CA ALA A 19 0.44 4.82 15.53
C ALA A 19 0.43 3.46 14.89
N LEU A 20 1.52 2.77 15.06
CA LEU A 20 1.70 1.46 14.52
C LEU A 20 1.32 0.45 15.56
N GLY A 21 0.42 -0.46 15.20
CA GLY A 21 -0.08 -1.45 16.14
C GLY A 21 -1.11 -0.88 17.09
N SER A 22 -0.88 0.33 17.53
CA SER A 22 -1.71 1.03 18.48
C SER A 22 -2.95 1.66 17.81
N LYS A 23 -3.15 1.35 16.56
CA LYS A 23 -4.25 1.88 15.80
C LYS A 23 -4.70 0.83 14.80
N GLU A 24 -5.98 0.83 14.46
CA GLU A 24 -6.49 -0.04 13.44
C GLU A 24 -6.55 0.76 12.16
N ILE A 25 -7.10 0.24 11.11
CA ILE A 25 -6.95 0.94 9.90
C ILE A 25 -8.28 1.67 9.54
N PRO A 26 -9.24 1.09 8.77
CA PRO A 26 -10.53 1.72 8.54
C PRO A 26 -11.65 1.03 9.35
N LYS A 27 -12.90 1.27 8.96
CA LYS A 27 -14.04 0.63 9.61
C LYS A 27 -14.67 -0.38 8.65
N GLY A 28 -13.94 -0.69 7.58
CA GLY A 28 -14.41 -1.57 6.52
C GLY A 28 -14.62 -2.98 6.99
N ALA A 29 -15.33 -3.73 6.21
CA ALA A 29 -15.72 -5.05 6.58
C ALA A 29 -14.76 -6.11 6.04
N GLU A 30 -14.99 -7.33 6.45
CA GLU A 30 -14.10 -8.48 6.21
C GLU A 30 -13.93 -8.83 4.73
N ASN A 31 -14.98 -8.84 3.98
CA ASN A 31 -14.89 -9.21 2.55
C ASN A 31 -14.51 -8.06 1.61
N CYS A 32 -14.37 -6.83 2.13
CA CYS A 32 -14.23 -5.65 1.24
C CYS A 32 -13.07 -5.74 0.23
N LEU A 33 -11.97 -6.41 0.58
CA LEU A 33 -10.84 -6.52 -0.34
C LEU A 33 -10.74 -7.91 -0.93
N GLU A 34 -11.75 -8.72 -0.70
CA GLU A 34 -11.75 -10.08 -1.20
C GLU A 34 -12.09 -10.00 -2.69
N GLY A 35 -11.21 -10.53 -3.49
CA GLY A 35 -11.38 -10.46 -4.92
C GLY A 35 -10.39 -9.48 -5.51
N LEU A 36 -9.80 -8.69 -4.67
CA LEU A 36 -8.86 -7.70 -5.09
C LEU A 36 -7.50 -8.05 -4.47
N ILE A 37 -6.44 -7.90 -5.22
CA ILE A 37 -5.12 -8.24 -4.76
C ILE A 37 -4.35 -6.94 -4.57
N PHE A 38 -3.54 -6.86 -3.57
CA PHE A 38 -2.81 -5.66 -3.32
C PHE A 38 -1.34 -5.89 -3.30
N VAL A 39 -0.68 -5.26 -4.21
CA VAL A 39 0.73 -5.27 -4.20
C VAL A 39 1.15 -3.89 -3.75
N ILE A 40 1.78 -3.83 -2.63
CA ILE A 40 2.21 -2.56 -2.07
C ILE A 40 3.71 -2.55 -2.00
N THR A 41 4.29 -1.54 -2.58
CA THR A 41 5.70 -1.42 -2.67
C THR A 41 6.15 -0.06 -2.12
N GLY A 42 7.24 -0.07 -1.42
CA GLY A 42 7.76 1.12 -0.85
C GLY A 42 7.13 1.39 0.48
N VAL A 43 6.86 2.62 0.75
CA VAL A 43 6.26 3.01 1.98
C VAL A 43 5.48 4.28 1.73
N LEU A 44 4.50 4.52 2.52
CA LEU A 44 3.63 5.66 2.38
C LEU A 44 4.08 6.81 3.36
N GLU A 45 3.29 7.86 3.46
CA GLU A 45 3.41 8.94 4.49
C GLU A 45 2.15 8.71 5.35
N SER A 46 1.98 7.46 5.51
CA SER A 46 0.87 6.73 5.87
C SER A 46 1.51 5.42 6.19
N ILE A 47 0.79 4.39 6.23
CA ILE A 47 1.07 3.20 6.96
C ILE A 47 2.19 2.35 6.39
N GLU A 48 2.83 1.73 7.39
CA GLU A 48 3.95 0.89 7.27
C GLU A 48 3.51 -0.36 6.51
N ARG A 49 4.39 -0.83 5.73
CA ARG A 49 4.21 -1.97 4.87
C ARG A 49 3.67 -3.21 5.65
N ASP A 50 4.09 -3.41 6.90
CA ASP A 50 3.57 -4.53 7.71
C ASP A 50 2.12 -4.31 8.16
N GLU A 51 1.75 -3.07 8.46
CA GLU A 51 0.40 -2.78 8.97
C GLU A 51 -0.59 -2.89 7.83
N ALA A 52 -0.12 -2.58 6.63
CA ALA A 52 -0.93 -2.73 5.44
C ALA A 52 -1.16 -4.20 5.18
N LYS A 53 -0.12 -5.01 5.39
CA LYS A 53 -0.18 -6.41 5.21
C LYS A 53 -1.21 -7.03 6.15
N SER A 54 -1.14 -6.66 7.42
CA SER A 54 -2.03 -7.17 8.43
C SER A 54 -3.50 -6.81 8.07
N LEU A 55 -3.68 -5.57 7.60
CA LEU A 55 -4.99 -5.07 7.24
C LEU A 55 -5.56 -5.76 6.01
N ILE A 56 -4.81 -5.76 4.93
CA ILE A 56 -5.30 -6.26 3.66
C ILE A 56 -5.63 -7.75 3.71
N GLU A 57 -4.75 -8.55 4.33
CA GLU A 57 -4.99 -10.00 4.47
C GLU A 57 -6.26 -10.25 5.27
N ARG A 58 -6.51 -9.37 6.23
CA ARG A 58 -7.68 -9.45 7.08
C ARG A 58 -8.97 -9.24 6.27
N TYR A 59 -8.89 -8.40 5.26
CA TYR A 59 -10.05 -8.12 4.43
C TYR A 59 -10.09 -8.96 3.17
N GLY A 60 -9.34 -10.04 3.18
CA GLY A 60 -9.39 -11.00 2.09
C GLY A 60 -8.51 -10.65 0.93
N GLY A 61 -7.78 -9.57 1.05
CA GLY A 61 -6.91 -9.16 -0.01
C GLY A 61 -5.59 -9.85 0.14
N LYS A 62 -4.96 -10.15 -0.94
CA LYS A 62 -3.69 -10.82 -0.89
C LYS A 62 -2.63 -9.79 -1.09
N VAL A 63 -1.70 -9.74 -0.19
CA VAL A 63 -0.61 -8.83 -0.31
C VAL A 63 0.60 -9.63 -0.74
N THR A 64 1.02 -9.40 -1.92
CA THR A 64 2.15 -10.06 -2.45
C THR A 64 3.14 -9.01 -2.93
N GLY A 65 4.42 -9.31 -2.87
CA GLY A 65 5.43 -8.35 -3.24
C GLY A 65 5.67 -8.29 -4.72
N ASN A 66 5.08 -9.20 -5.44
CA ASN A 66 5.24 -9.28 -6.86
C ASN A 66 3.93 -9.05 -7.57
N VAL A 67 3.96 -8.30 -8.64
CA VAL A 67 2.76 -8.02 -9.39
C VAL A 67 2.40 -9.24 -10.25
N SER A 68 1.15 -9.58 -10.25
CA SER A 68 0.65 -10.70 -10.94
C SER A 68 -0.41 -10.22 -11.94
N LYS A 69 -0.87 -11.08 -12.82
CA LYS A 69 -1.87 -10.71 -13.81
C LYS A 69 -3.27 -10.76 -13.20
N LYS A 70 -3.33 -10.79 -11.90
CA LYS A 70 -4.57 -10.81 -11.18
C LYS A 70 -4.53 -9.74 -10.08
N THR A 71 -3.49 -8.91 -10.13
CA THR A 71 -3.26 -7.91 -9.11
C THR A 71 -4.33 -6.83 -9.05
N ASN A 72 -4.60 -6.18 -10.17
CA ASN A 72 -5.61 -5.10 -10.26
C ASN A 72 -5.11 -3.75 -9.66
N TYR A 73 -4.55 -3.77 -8.45
CA TYR A 73 -4.08 -2.55 -7.81
C TYR A 73 -2.69 -2.61 -7.21
N LEU A 74 -1.90 -1.64 -7.56
CA LEU A 74 -0.55 -1.50 -7.07
C LEU A 74 -0.49 -0.26 -6.20
N VAL A 75 -0.09 -0.43 -4.97
CA VAL A 75 0.06 0.66 -4.06
C VAL A 75 1.51 1.04 -4.02
N MET A 76 1.81 2.13 -4.62
CA MET A 76 3.15 2.60 -4.66
C MET A 76 3.20 3.98 -4.06
N GLY A 77 3.58 4.04 -2.80
CA GLY A 77 3.69 5.30 -2.12
C GLY A 77 4.88 6.06 -2.60
N ARG A 78 6.04 5.54 -2.28
CA ARG A 78 7.28 6.10 -2.71
C ARG A 78 7.89 5.20 -3.76
N ASP A 79 8.78 5.71 -4.58
CA ASP A 79 9.37 4.92 -5.65
C ASP A 79 10.44 3.96 -5.15
N SER A 80 9.99 2.80 -4.75
CA SER A 80 10.86 1.73 -4.32
C SER A 80 10.56 0.45 -5.13
N GLY A 81 9.82 0.61 -6.22
CA GLY A 81 9.42 -0.51 -7.03
C GLY A 81 9.15 -0.11 -8.46
N GLN A 82 10.15 0.50 -9.08
CA GLN A 82 10.05 1.01 -10.43
C GLN A 82 9.79 -0.14 -11.44
N SER A 83 10.39 -1.29 -11.18
CA SER A 83 10.32 -2.43 -12.10
C SER A 83 8.92 -3.06 -12.09
N LYS A 84 8.39 -3.27 -10.90
CA LYS A 84 7.09 -3.90 -10.75
C LYS A 84 5.99 -3.01 -11.28
N SER A 85 6.20 -1.70 -11.19
CA SER A 85 5.28 -0.73 -11.71
C SER A 85 5.24 -0.81 -13.24
N ASP A 86 6.35 -1.23 -13.85
CA ASP A 86 6.48 -1.28 -15.31
C ASP A 86 5.63 -2.40 -15.82
N LYS A 87 5.74 -3.50 -15.12
CA LYS A 87 5.01 -4.69 -15.39
C LYS A 87 3.53 -4.49 -15.13
N ALA A 88 3.22 -3.85 -13.99
CA ALA A 88 1.85 -3.55 -13.58
C ALA A 88 1.12 -2.76 -14.66
N ALA A 89 1.82 -1.78 -15.22
CA ALA A 89 1.27 -0.94 -16.29
C ALA A 89 0.83 -1.79 -17.47
N ALA A 90 1.65 -2.75 -17.84
CA ALA A 90 1.38 -3.63 -18.97
C ALA A 90 0.23 -4.61 -18.65
N LEU A 91 0.09 -4.95 -17.39
CA LEU A 91 -0.92 -5.88 -16.94
C LEU A 91 -2.28 -5.21 -16.78
N GLY A 92 -2.26 -3.91 -16.87
CA GLY A 92 -3.48 -3.16 -16.75
C GLY A 92 -3.77 -2.82 -15.31
N THR A 93 -2.80 -3.09 -14.48
CA THR A 93 -2.86 -2.80 -13.10
C THR A 93 -2.62 -1.29 -12.95
N LYS A 94 -3.32 -0.67 -12.06
CA LYS A 94 -3.21 0.74 -11.86
C LYS A 94 -2.70 1.05 -10.48
N ILE A 95 -1.95 2.13 -10.38
CA ILE A 95 -1.34 2.54 -9.15
C ILE A 95 -2.26 3.43 -8.34
N ILE A 96 -2.31 3.17 -7.07
CA ILE A 96 -3.00 3.97 -6.12
C ILE A 96 -2.04 4.31 -5.00
N ASP A 97 -2.36 5.31 -4.25
CA ASP A 97 -1.49 5.71 -3.16
C ASP A 97 -2.11 5.24 -1.87
N GLU A 98 -1.54 5.70 -0.77
CA GLU A 98 -2.01 5.44 0.57
C GLU A 98 -3.52 5.70 0.75
N ASP A 99 -3.98 6.82 0.28
CA ASP A 99 -5.38 7.21 0.42
C ASP A 99 -6.26 6.35 -0.48
N GLY A 100 -5.68 5.92 -1.59
CA GLY A 100 -6.39 5.13 -2.58
C GLY A 100 -6.69 3.75 -2.08
N LEU A 101 -5.75 3.21 -1.32
CA LEU A 101 -5.87 1.90 -0.70
C LEU A 101 -7.11 1.90 0.19
N LEU A 102 -7.21 2.91 1.03
CA LEU A 102 -8.32 3.03 1.95
C LEU A 102 -9.59 3.46 1.25
N ASN A 103 -9.46 4.21 0.16
CA ASN A 103 -10.60 4.68 -0.64
C ASN A 103 -11.40 3.49 -1.16
N LEU A 104 -10.70 2.45 -1.55
CA LEU A 104 -11.34 1.23 -2.03
C LEU A 104 -12.13 0.55 -0.92
N ILE A 105 -11.59 0.55 0.28
CA ILE A 105 -12.27 -0.03 1.42
C ILE A 105 -13.51 0.78 1.76
N ARG A 106 -13.37 2.10 1.76
CA ARG A 106 -14.47 3.04 2.05
C ARG A 106 -15.61 2.85 1.06
N ASN A 107 -15.25 2.62 -0.19
CA ASN A 107 -16.20 2.46 -1.29
C ASN A 107 -17.14 1.30 -1.02
N LEU A 108 -16.58 0.16 -0.62
CA LEU A 108 -17.37 -1.03 -0.32
C LEU A 108 -17.87 -1.03 1.14
N GLU A 109 -17.74 0.07 1.80
CA GLU A 109 -18.18 0.20 3.17
C GLU A 109 -19.41 1.09 3.23
N LYS A 1 6.65 25.22 -7.15
CA LYS A 1 6.87 24.14 -6.22
C LYS A 1 8.03 24.53 -5.34
N ARG A 2 7.97 24.19 -4.08
CA ARG A 2 9.04 24.57 -3.19
C ARG A 2 10.05 23.46 -3.10
N THR A 3 11.19 23.68 -3.72
CA THR A 3 12.25 22.73 -3.73
C THR A 3 12.97 22.76 -2.38
N ASN A 4 12.49 21.99 -1.45
CA ASN A 4 13.12 21.90 -0.16
C ASN A 4 13.81 20.56 -0.07
N TYR A 5 15.10 20.59 -0.34
CA TYR A 5 15.94 19.38 -0.36
C TYR A 5 15.86 18.65 0.97
N GLN A 6 15.97 19.40 2.05
CA GLN A 6 15.91 18.83 3.40
C GLN A 6 14.51 18.35 3.77
N ALA A 7 13.49 18.87 3.09
CA ALA A 7 12.13 18.43 3.34
C ALA A 7 11.87 17.14 2.60
N TYR A 8 12.31 17.08 1.33
CA TYR A 8 12.18 15.87 0.53
C TYR A 8 12.86 14.70 1.19
N ARG A 9 14.08 14.91 1.69
CA ARG A 9 14.79 13.88 2.41
C ARG A 9 13.99 13.44 3.64
N SER A 10 13.39 14.41 4.30
CA SER A 10 12.63 14.16 5.50
C SER A 10 11.38 13.32 5.20
N TYR A 11 10.53 13.77 4.28
CA TYR A 11 9.31 13.03 4.02
C TYR A 11 9.48 11.76 3.23
N LEU A 12 10.46 11.69 2.35
CA LEU A 12 10.71 10.42 1.64
C LEU A 12 11.20 9.34 2.61
N ASN A 13 11.82 9.74 3.70
CA ASN A 13 12.22 8.77 4.73
C ASN A 13 11.18 8.68 5.83
N ARG A 14 10.11 9.40 5.65
CA ARG A 14 9.01 9.39 6.57
C ARG A 14 8.08 8.27 6.15
N GLU A 15 8.18 7.17 6.82
CA GLU A 15 7.33 6.05 6.54
C GLU A 15 5.96 6.23 7.16
N GLY A 16 5.93 6.93 8.27
CA GLY A 16 4.66 7.17 8.91
C GLY A 16 4.71 7.22 10.42
N PRO A 17 5.11 6.08 11.13
CA PRO A 17 5.13 5.81 12.61
C PRO A 17 4.86 6.91 13.70
N LYS A 18 4.08 7.91 13.41
CA LYS A 18 3.61 8.86 14.39
C LYS A 18 2.12 8.73 14.53
N ALA A 19 1.46 8.64 13.39
CA ALA A 19 0.05 8.53 13.37
C ALA A 19 -0.36 7.27 12.63
N LEU A 20 -0.07 6.15 13.23
CA LEU A 20 -0.48 4.90 12.66
C LEU A 20 -1.87 4.56 13.14
N GLY A 21 -1.97 4.16 14.39
CA GLY A 21 -3.22 3.66 14.94
C GLY A 21 -4.35 4.67 14.98
N SER A 22 -4.04 5.92 14.79
CA SER A 22 -5.01 6.97 14.84
C SER A 22 -5.71 7.20 13.47
N LYS A 23 -5.31 6.45 12.43
CA LYS A 23 -5.95 6.61 11.11
C LYS A 23 -5.83 5.31 10.27
N GLU A 24 -4.83 4.51 10.60
CA GLU A 24 -4.55 3.26 9.91
C GLU A 24 -5.51 2.18 10.49
N ILE A 25 -5.87 1.20 9.66
CA ILE A 25 -6.90 0.16 9.91
C ILE A 25 -8.30 0.78 10.03
N PRO A 26 -9.13 0.61 9.02
CA PRO A 26 -10.49 1.09 9.04
C PRO A 26 -11.46 0.04 9.60
N LYS A 27 -12.72 0.41 9.64
CA LYS A 27 -13.80 -0.44 10.06
C LYS A 27 -14.66 -0.79 8.85
N GLY A 28 -14.01 -0.86 7.71
CA GLY A 28 -14.66 -1.07 6.47
C GLY A 28 -15.11 -2.49 6.31
N ALA A 29 -15.73 -2.75 5.20
CA ALA A 29 -16.24 -4.05 4.91
C ALA A 29 -15.10 -4.98 4.50
N GLU A 30 -14.98 -6.07 5.22
CA GLU A 30 -13.92 -7.05 5.05
C GLU A 30 -13.85 -7.57 3.62
N ASN A 31 -15.00 -7.86 3.05
CA ASN A 31 -15.08 -8.39 1.69
C ASN A 31 -14.67 -7.39 0.59
N CYS A 32 -14.41 -6.13 0.96
CA CYS A 32 -13.96 -5.12 -0.01
C CYS A 32 -12.66 -5.53 -0.73
N LEU A 33 -11.70 -6.11 -0.01
CA LEU A 33 -10.42 -6.47 -0.64
C LEU A 33 -10.38 -7.97 -0.96
N GLU A 34 -11.36 -8.67 -0.48
CA GLU A 34 -11.42 -10.10 -0.63
C GLU A 34 -11.85 -10.49 -2.03
N GLY A 35 -10.92 -11.02 -2.78
CA GLY A 35 -11.20 -11.43 -4.13
C GLY A 35 -10.04 -11.12 -5.01
N LEU A 36 -9.29 -10.13 -4.63
CA LEU A 36 -8.14 -9.75 -5.38
C LEU A 36 -6.93 -9.73 -4.49
N ILE A 37 -5.82 -9.30 -5.03
CA ILE A 37 -4.57 -9.34 -4.31
C ILE A 37 -4.06 -7.91 -4.27
N PHE A 38 -3.35 -7.56 -3.24
CA PHE A 38 -2.79 -6.24 -3.15
C PHE A 38 -1.33 -6.29 -2.89
N VAL A 39 -0.60 -5.75 -3.80
CA VAL A 39 0.81 -5.65 -3.66
C VAL A 39 1.16 -4.25 -3.22
N ILE A 40 1.72 -4.16 -2.05
CA ILE A 40 2.18 -2.90 -1.55
C ILE A 40 3.67 -2.85 -1.73
N THR A 41 4.13 -1.86 -2.38
CA THR A 41 5.51 -1.73 -2.64
C THR A 41 5.97 -0.34 -2.21
N GLY A 42 7.07 -0.30 -1.50
CA GLY A 42 7.59 0.92 -0.99
C GLY A 42 6.89 1.30 0.30
N VAL A 43 6.50 2.54 0.39
CA VAL A 43 5.80 3.02 1.55
C VAL A 43 4.90 4.18 1.11
N LEU A 44 3.89 4.49 1.89
CA LEU A 44 2.94 5.56 1.59
C LEU A 44 3.25 6.80 2.43
N GLU A 45 2.25 7.67 2.63
CA GLU A 45 2.41 8.86 3.45
C GLU A 45 2.63 8.45 4.88
N SER A 46 1.73 7.64 5.40
CA SER A 46 1.89 7.09 6.71
C SER A 46 1.16 5.75 6.83
N ILE A 47 1.93 4.70 6.70
CA ILE A 47 1.51 3.36 6.94
C ILE A 47 2.77 2.60 7.25
N GLU A 48 2.68 1.51 7.90
CA GLU A 48 3.84 0.73 8.06
C GLU A 48 3.61 -0.53 7.24
N ARG A 49 4.68 -1.12 6.73
CA ARG A 49 4.63 -2.32 5.87
C ARG A 49 3.81 -3.41 6.54
N ASP A 50 4.06 -3.62 7.81
CA ASP A 50 3.37 -4.65 8.57
C ASP A 50 1.90 -4.34 8.76
N GLU A 51 1.54 -3.07 8.69
CA GLU A 51 0.16 -2.67 8.92
C GLU A 51 -0.63 -2.85 7.65
N ALA A 52 0.04 -2.71 6.52
CA ALA A 52 -0.61 -2.93 5.24
C ALA A 52 -0.83 -4.40 5.07
N LYS A 53 0.18 -5.15 5.50
CA LYS A 53 0.16 -6.59 5.54
C LYS A 53 -1.06 -7.10 6.31
N SER A 54 -1.26 -6.54 7.49
CA SER A 54 -2.36 -6.96 8.32
C SER A 54 -3.71 -6.43 7.79
N LEU A 55 -3.72 -5.19 7.29
CA LEU A 55 -4.96 -4.57 6.82
C LEU A 55 -5.54 -5.38 5.67
N ILE A 56 -4.75 -5.59 4.65
CA ILE A 56 -5.20 -6.27 3.44
C ILE A 56 -5.60 -7.72 3.72
N GLU A 57 -4.81 -8.41 4.54
CA GLU A 57 -5.09 -9.80 4.85
C GLU A 57 -6.25 -9.96 5.83
N ARG A 58 -6.57 -8.90 6.56
CA ARG A 58 -7.76 -8.87 7.40
C ARG A 58 -8.98 -8.77 6.51
N TYR A 59 -8.81 -8.11 5.40
CA TYR A 59 -9.86 -7.88 4.44
C TYR A 59 -9.90 -8.95 3.35
N GLY A 60 -9.35 -10.11 3.67
CA GLY A 60 -9.46 -11.28 2.80
C GLY A 60 -8.61 -11.21 1.54
N GLY A 61 -7.78 -10.21 1.44
CA GLY A 61 -6.90 -10.10 0.31
C GLY A 61 -5.57 -10.70 0.65
N LYS A 62 -4.72 -10.88 -0.32
CA LYS A 62 -3.40 -11.40 -0.04
C LYS A 62 -2.42 -10.29 -0.30
N VAL A 63 -1.40 -10.22 0.50
CA VAL A 63 -0.35 -9.29 0.26
C VAL A 63 0.87 -10.06 -0.20
N THR A 64 1.52 -9.56 -1.18
CA THR A 64 2.70 -10.13 -1.72
C THR A 64 3.49 -9.00 -2.33
N GLY A 65 4.73 -9.25 -2.68
CA GLY A 65 5.55 -8.20 -3.24
C GLY A 65 5.67 -8.33 -4.73
N ASN A 66 4.99 -9.31 -5.29
CA ASN A 66 5.08 -9.57 -6.71
C ASN A 66 3.79 -9.23 -7.41
N VAL A 67 3.76 -8.10 -8.11
CA VAL A 67 2.60 -7.73 -8.87
C VAL A 67 2.43 -8.63 -10.08
N SER A 68 1.29 -9.24 -10.16
CA SER A 68 0.99 -10.17 -11.22
C SER A 68 -0.31 -9.72 -11.88
N LYS A 69 -0.68 -10.35 -12.99
CA LYS A 69 -1.90 -10.01 -13.70
C LYS A 69 -3.10 -10.24 -12.81
N LYS A 70 -3.03 -11.29 -11.99
CA LYS A 70 -4.09 -11.63 -11.05
C LYS A 70 -4.18 -10.65 -9.88
N THR A 71 -3.21 -9.77 -9.74
CA THR A 71 -3.15 -8.86 -8.65
C THR A 71 -4.16 -7.72 -8.83
N ASN A 72 -4.21 -7.15 -10.04
CA ASN A 72 -5.15 -6.08 -10.42
C ASN A 72 -4.77 -4.69 -9.86
N TYR A 73 -4.16 -4.62 -8.68
CA TYR A 73 -3.79 -3.34 -8.08
C TYR A 73 -2.37 -3.34 -7.55
N LEU A 74 -1.76 -2.17 -7.54
CA LEU A 74 -0.44 -1.98 -7.00
C LEU A 74 -0.47 -0.74 -6.13
N VAL A 75 -0.09 -0.89 -4.90
CA VAL A 75 -0.07 0.21 -3.96
C VAL A 75 1.36 0.66 -3.84
N MET A 76 1.62 1.88 -4.24
CA MET A 76 2.96 2.39 -4.22
C MET A 76 2.98 3.86 -3.94
N GLY A 77 3.66 4.22 -2.90
CA GLY A 77 3.88 5.61 -2.61
C GLY A 77 5.20 5.98 -3.18
N ARG A 78 6.24 5.51 -2.55
CA ARG A 78 7.56 5.67 -3.07
C ARG A 78 8.29 4.33 -3.07
N ASP A 79 8.79 3.96 -4.21
CA ASP A 79 9.55 2.74 -4.39
C ASP A 79 10.49 3.03 -5.54
N SER A 80 11.69 2.54 -5.48
CA SER A 80 12.66 2.86 -6.51
C SER A 80 12.64 1.86 -7.66
N GLY A 81 11.75 0.90 -7.62
CA GLY A 81 11.72 -0.09 -8.64
C GLY A 81 10.76 0.25 -9.75
N GLN A 82 11.27 0.52 -10.93
CA GLN A 82 10.44 0.83 -12.07
C GLN A 82 9.82 -0.46 -12.62
N SER A 83 10.51 -1.58 -12.41
CA SER A 83 10.11 -2.88 -12.92
C SER A 83 8.71 -3.30 -12.44
N LYS A 84 8.46 -3.17 -11.14
CA LYS A 84 7.14 -3.54 -10.58
C LYS A 84 6.07 -2.57 -11.05
N SER A 85 6.45 -1.32 -11.15
CA SER A 85 5.58 -0.25 -11.59
C SER A 85 5.15 -0.53 -13.05
N ASP A 86 6.11 -0.96 -13.85
CA ASP A 86 5.90 -1.26 -15.27
C ASP A 86 4.93 -2.40 -15.46
N LYS A 87 5.06 -3.44 -14.65
CA LYS A 87 4.19 -4.62 -14.75
C LYS A 87 2.78 -4.24 -14.51
N ALA A 88 2.56 -3.55 -13.41
CA ALA A 88 1.25 -3.10 -13.02
C ALA A 88 0.66 -2.18 -14.09
N ALA A 89 1.47 -1.26 -14.56
CA ALA A 89 1.04 -0.31 -15.58
C ALA A 89 0.64 -1.02 -16.88
N ALA A 90 1.29 -2.13 -17.18
CA ALA A 90 1.03 -2.90 -18.39
C ALA A 90 -0.25 -3.71 -18.28
N LEU A 91 -0.78 -3.83 -17.08
CA LEU A 91 -1.99 -4.59 -16.84
C LEU A 91 -3.21 -3.69 -16.98
N GLY A 92 -2.94 -2.41 -16.93
CA GLY A 92 -3.99 -1.41 -16.98
C GLY A 92 -4.09 -0.73 -15.63
N THR A 93 -3.63 -1.46 -14.64
CA THR A 93 -3.54 -1.07 -13.28
C THR A 93 -3.00 0.35 -13.08
N LYS A 94 -3.68 1.00 -12.22
CA LYS A 94 -3.47 2.33 -11.77
C LYS A 94 -2.76 2.26 -10.45
N ILE A 95 -1.79 3.09 -10.26
CA ILE A 95 -1.04 3.09 -9.04
C ILE A 95 -1.86 3.78 -7.98
N ILE A 96 -2.12 3.08 -6.92
CA ILE A 96 -2.93 3.62 -5.90
C ILE A 96 -2.10 3.95 -4.69
N ASP A 97 -2.50 4.98 -4.06
CA ASP A 97 -1.86 5.48 -2.88
C ASP A 97 -2.56 4.94 -1.70
N GLU A 98 -2.17 5.44 -0.57
CA GLU A 98 -2.74 5.14 0.70
C GLU A 98 -4.23 5.45 0.63
N ASP A 99 -4.49 6.62 0.09
CA ASP A 99 -5.83 7.15 -0.10
C ASP A 99 -6.63 6.28 -1.01
N GLY A 100 -5.98 5.65 -1.97
CA GLY A 100 -6.66 4.80 -2.92
C GLY A 100 -7.04 3.46 -2.33
N LEU A 101 -6.14 2.92 -1.51
CA LEU A 101 -6.37 1.63 -0.86
C LEU A 101 -7.54 1.77 0.12
N LEU A 102 -7.45 2.79 0.97
CA LEU A 102 -8.50 3.06 1.95
C LEU A 102 -9.81 3.41 1.27
N ASN A 103 -9.72 4.06 0.11
CA ASN A 103 -10.89 4.46 -0.67
C ASN A 103 -11.70 3.24 -1.04
N LEU A 104 -11.04 2.22 -1.60
CA LEU A 104 -11.69 0.98 -2.06
C LEU A 104 -12.50 0.32 -0.93
N ILE A 105 -11.96 0.39 0.26
CA ILE A 105 -12.59 -0.18 1.43
C ILE A 105 -13.82 0.65 1.84
N ARG A 106 -13.62 1.96 1.90
CA ARG A 106 -14.64 2.92 2.32
C ARG A 106 -15.75 3.11 1.29
N ASN A 107 -15.46 2.79 0.03
CA ASN A 107 -16.48 2.90 -1.05
C ASN A 107 -17.70 2.08 -0.71
N LEU A 108 -17.46 0.84 -0.34
CA LEU A 108 -18.55 -0.09 -0.04
C LEU A 108 -19.03 0.05 1.39
N GLU A 109 -18.28 0.73 2.21
CA GLU A 109 -18.64 0.89 3.57
C GLU A 109 -18.54 2.36 3.94
N LYS A 1 10.52 27.00 22.42
CA LYS A 1 10.16 27.26 21.02
C LYS A 1 11.00 26.41 20.10
N ARG A 2 10.34 25.67 19.21
CA ARG A 2 11.04 24.83 18.24
C ARG A 2 10.34 24.87 16.90
N THR A 3 11.09 24.88 15.85
CA THR A 3 10.56 24.84 14.54
C THR A 3 10.62 23.39 14.03
N ASN A 4 9.48 22.75 14.00
CA ASN A 4 9.40 21.41 13.50
C ASN A 4 8.17 21.30 12.66
N TYR A 5 8.31 20.76 11.48
CA TYR A 5 7.21 20.67 10.56
C TYR A 5 6.97 19.19 10.31
N GLN A 6 5.74 18.72 10.54
CA GLN A 6 5.42 17.29 10.47
C GLN A 6 5.65 16.71 9.08
N ALA A 7 5.22 17.45 8.08
CA ALA A 7 5.37 17.03 6.69
C ALA A 7 6.85 16.88 6.32
N TYR A 8 7.65 17.84 6.76
CA TYR A 8 9.06 17.83 6.59
C TYR A 8 9.65 16.60 7.25
N ARG A 9 9.30 16.39 8.52
CA ARG A 9 9.76 15.26 9.31
C ARG A 9 9.38 13.93 8.65
N SER A 10 8.25 13.90 7.98
CA SER A 10 7.79 12.70 7.31
C SER A 10 8.76 12.25 6.20
N TYR A 11 9.16 13.17 5.32
CA TYR A 11 10.12 12.78 4.27
C TYR A 11 11.54 12.69 4.83
N LEU A 12 11.85 13.58 5.78
CA LEU A 12 13.17 13.72 6.36
C LEU A 12 13.56 12.46 7.17
N ASN A 13 12.60 11.86 7.83
CA ASN A 13 12.88 10.72 8.67
C ASN A 13 12.51 9.42 7.94
N ARG A 14 12.33 9.54 6.61
CA ARG A 14 12.08 8.42 5.68
C ARG A 14 10.64 7.86 5.79
N GLU A 15 10.18 7.63 7.01
CA GLU A 15 8.80 7.23 7.29
C GLU A 15 8.22 8.24 8.25
N GLY A 16 6.90 8.31 8.36
CA GLY A 16 6.30 9.21 9.30
C GLY A 16 4.88 8.83 9.69
N PRO A 17 4.65 7.67 10.36
CA PRO A 17 3.31 7.26 10.79
C PRO A 17 2.91 8.01 12.07
N LYS A 18 1.64 8.28 12.26
CA LYS A 18 1.26 9.11 13.40
C LYS A 18 0.39 8.40 14.43
N ALA A 19 -0.56 7.62 13.99
CA ALA A 19 -1.53 7.07 14.91
C ALA A 19 -1.70 5.58 14.73
N LEU A 20 -0.59 4.89 14.60
CA LEU A 20 -0.56 3.42 14.44
C LEU A 20 -1.34 2.72 15.55
N GLY A 21 -2.33 1.93 15.16
CA GLY A 21 -3.09 1.16 16.12
C GLY A 21 -4.37 1.83 16.54
N SER A 22 -4.53 3.06 16.16
CA SER A 22 -5.70 3.80 16.50
C SER A 22 -6.34 4.25 15.19
N LYS A 23 -5.54 4.87 14.36
CA LYS A 23 -5.92 5.25 13.03
C LYS A 23 -4.96 4.52 12.09
N GLU A 24 -4.74 5.08 10.89
CA GLU A 24 -3.86 4.54 9.81
C GLU A 24 -4.56 3.36 9.14
N ILE A 25 -5.03 2.50 9.96
CA ILE A 25 -5.73 1.30 9.62
C ILE A 25 -7.18 1.55 9.99
N PRO A 26 -8.07 1.51 9.00
CA PRO A 26 -9.46 1.88 9.18
C PRO A 26 -10.39 0.76 9.70
N LYS A 27 -11.67 1.10 9.72
CA LYS A 27 -12.77 0.30 10.27
C LYS A 27 -13.68 -0.25 9.17
N GLY A 28 -13.14 -0.57 8.04
CA GLY A 28 -13.96 -0.90 6.92
C GLY A 28 -14.49 -2.30 6.93
N ALA A 29 -15.11 -2.65 5.84
CA ALA A 29 -15.70 -3.93 5.65
C ALA A 29 -14.62 -4.95 5.39
N GLU A 30 -14.64 -6.02 6.13
CA GLU A 30 -13.63 -7.05 6.03
C GLU A 30 -13.68 -7.81 4.70
N ASN A 31 -14.80 -7.79 4.06
CA ASN A 31 -14.96 -8.41 2.74
C ASN A 31 -14.50 -7.50 1.60
N CYS A 32 -14.18 -6.24 1.92
CA CYS A 32 -13.89 -5.20 0.92
C CYS A 32 -12.81 -5.61 -0.09
N LEU A 33 -11.74 -6.21 0.38
CA LEU A 33 -10.62 -6.52 -0.48
C LEU A 33 -10.64 -8.01 -0.83
N GLU A 34 -11.63 -8.71 -0.31
CA GLU A 34 -11.75 -10.14 -0.46
C GLU A 34 -12.16 -10.45 -1.88
N GLY A 35 -11.19 -10.85 -2.66
CA GLY A 35 -11.45 -11.18 -4.03
C GLY A 35 -10.30 -10.80 -4.92
N LEU A 36 -9.62 -9.74 -4.60
CA LEU A 36 -8.55 -9.28 -5.45
C LEU A 36 -7.21 -9.24 -4.72
N ILE A 37 -6.19 -8.77 -5.40
CA ILE A 37 -4.84 -8.83 -4.89
C ILE A 37 -4.30 -7.41 -4.74
N PHE A 38 -3.43 -7.22 -3.78
CA PHE A 38 -2.76 -5.98 -3.57
C PHE A 38 -1.28 -6.21 -3.51
N VAL A 39 -0.58 -5.47 -4.29
CA VAL A 39 0.84 -5.50 -4.24
C VAL A 39 1.29 -4.17 -3.69
N ILE A 40 2.03 -4.20 -2.61
CA ILE A 40 2.49 -3.00 -2.00
C ILE A 40 3.98 -2.89 -2.13
N THR A 41 4.41 -1.78 -2.65
CA THR A 41 5.80 -1.55 -2.77
C THR A 41 6.18 -0.31 -1.97
N GLY A 42 7.18 -0.47 -1.14
CA GLY A 42 7.67 0.60 -0.34
C GLY A 42 6.83 0.81 0.87
N VAL A 43 6.32 1.98 1.01
CA VAL A 43 5.53 2.32 2.13
C VAL A 43 4.62 3.47 1.75
N LEU A 44 3.52 3.60 2.42
CA LEU A 44 2.63 4.70 2.23
C LEU A 44 3.11 5.82 3.12
N GLU A 45 2.59 7.02 2.91
CA GLU A 45 2.95 8.19 3.71
C GLU A 45 2.90 7.88 5.19
N SER A 46 1.81 7.29 5.65
CA SER A 46 1.80 6.83 6.99
C SER A 46 1.04 5.52 7.07
N ILE A 47 1.80 4.46 7.05
CA ILE A 47 1.38 3.14 7.32
C ILE A 47 2.65 2.37 7.63
N GLU A 48 2.59 1.26 8.28
CA GLU A 48 3.77 0.42 8.28
C GLU A 48 3.51 -0.72 7.31
N ARG A 49 4.55 -1.30 6.75
CA ARG A 49 4.41 -2.41 5.79
C ARG A 49 3.59 -3.54 6.42
N ASP A 50 3.87 -3.82 7.68
CA ASP A 50 3.19 -4.88 8.42
C ASP A 50 1.73 -4.52 8.70
N GLU A 51 1.44 -3.24 8.79
CA GLU A 51 0.09 -2.80 9.05
C GLU A 51 -0.73 -2.96 7.79
N ALA A 52 -0.08 -2.84 6.66
CA ALA A 52 -0.73 -3.02 5.40
C ALA A 52 -0.99 -4.51 5.19
N LYS A 53 0.01 -5.31 5.55
CA LYS A 53 -0.06 -6.74 5.52
C LYS A 53 -1.30 -7.25 6.26
N SER A 54 -1.44 -6.82 7.51
CA SER A 54 -2.51 -7.15 8.35
C SER A 54 -3.85 -6.64 7.78
N LEU A 55 -3.88 -5.39 7.34
CA LEU A 55 -5.07 -4.77 6.80
C LEU A 55 -5.61 -5.53 5.58
N ILE A 56 -4.76 -5.73 4.61
CA ILE A 56 -5.15 -6.38 3.36
C ILE A 56 -5.62 -7.82 3.59
N GLU A 57 -4.86 -8.60 4.36
CA GLU A 57 -5.24 -9.98 4.59
C GLU A 57 -6.46 -10.11 5.50
N ARG A 58 -6.63 -9.19 6.46
CA ARG A 58 -7.83 -9.22 7.29
C ARG A 58 -9.05 -8.93 6.41
N TYR A 59 -8.84 -8.10 5.42
CA TYR A 59 -9.89 -7.72 4.51
C TYR A 59 -10.02 -8.67 3.32
N GLY A 60 -9.36 -9.81 3.43
CA GLY A 60 -9.54 -10.89 2.47
C GLY A 60 -8.76 -10.73 1.19
N GLY A 61 -7.84 -9.83 1.16
CA GLY A 61 -7.06 -9.64 -0.03
C GLY A 61 -5.76 -10.39 0.06
N LYS A 62 -5.12 -10.59 -1.06
CA LYS A 62 -3.82 -11.20 -1.05
C LYS A 62 -2.82 -10.12 -1.24
N VAL A 63 -1.78 -10.14 -0.48
CA VAL A 63 -0.79 -9.11 -0.53
C VAL A 63 0.59 -9.71 -0.80
N THR A 64 1.30 -9.13 -1.71
CA THR A 64 2.61 -9.58 -2.07
C THR A 64 3.38 -8.39 -2.66
N GLY A 65 4.64 -8.60 -2.98
CA GLY A 65 5.43 -7.55 -3.57
C GLY A 65 5.73 -7.86 -5.02
N ASN A 66 5.26 -9.00 -5.48
CA ASN A 66 5.47 -9.42 -6.85
C ASN A 66 4.16 -9.31 -7.61
N VAL A 67 4.10 -8.38 -8.55
CA VAL A 67 2.88 -8.13 -9.29
C VAL A 67 2.69 -9.14 -10.43
N SER A 68 1.48 -9.57 -10.61
CA SER A 68 1.11 -10.52 -11.61
C SER A 68 -0.07 -9.96 -12.43
N LYS A 69 -0.43 -10.64 -13.48
CA LYS A 69 -1.49 -10.20 -14.38
C LYS A 69 -2.89 -10.19 -13.72
N LYS A 70 -3.01 -10.85 -12.59
CA LYS A 70 -4.30 -10.97 -11.91
C LYS A 70 -4.34 -10.11 -10.65
N THR A 71 -3.39 -9.22 -10.51
CA THR A 71 -3.26 -8.43 -9.32
C THR A 71 -4.37 -7.36 -9.16
N ASN A 72 -4.52 -6.52 -10.19
CA ASN A 72 -5.46 -5.37 -10.23
C ASN A 72 -4.93 -4.13 -9.54
N TYR A 73 -4.43 -4.25 -8.32
CA TYR A 73 -4.02 -3.07 -7.57
C TYR A 73 -2.58 -3.13 -7.06
N LEU A 74 -1.77 -2.20 -7.55
CA LEU A 74 -0.41 -2.03 -7.07
C LEU A 74 -0.34 -0.71 -6.34
N VAL A 75 -0.06 -0.77 -5.08
CA VAL A 75 0.01 0.41 -4.30
C VAL A 75 1.47 0.85 -4.21
N MET A 76 1.73 2.00 -4.74
CA MET A 76 3.05 2.51 -4.80
C MET A 76 3.08 3.85 -4.15
N GLY A 77 3.54 3.86 -2.93
CA GLY A 77 3.65 5.07 -2.19
C GLY A 77 5.00 5.69 -2.39
N ARG A 78 5.76 5.74 -1.35
CA ARG A 78 7.08 6.22 -1.40
C ARG A 78 7.99 5.04 -1.68
N ASP A 79 8.36 4.90 -2.92
CA ASP A 79 9.16 3.80 -3.40
C ASP A 79 9.62 4.16 -4.77
N SER A 80 10.67 3.56 -5.24
CA SER A 80 11.19 3.85 -6.55
C SER A 80 11.19 2.60 -7.45
N GLY A 81 10.33 1.63 -7.12
CA GLY A 81 10.21 0.41 -7.91
C GLY A 81 9.55 0.65 -9.26
N GLN A 82 10.28 1.30 -10.13
CA GLN A 82 9.84 1.66 -11.47
C GLN A 82 9.59 0.41 -12.31
N SER A 83 10.40 -0.61 -12.10
CA SER A 83 10.29 -1.85 -12.82
C SER A 83 8.93 -2.50 -12.50
N LYS A 84 8.52 -2.34 -11.26
CA LYS A 84 7.30 -2.95 -10.74
C LYS A 84 6.11 -2.23 -11.31
N SER A 85 6.24 -0.94 -11.40
CA SER A 85 5.24 -0.10 -11.96
C SER A 85 5.07 -0.43 -13.45
N ASP A 86 6.18 -0.81 -14.10
CA ASP A 86 6.13 -1.15 -15.54
C ASP A 86 5.35 -2.42 -15.73
N LYS A 87 5.67 -3.41 -14.88
CA LYS A 87 4.99 -4.69 -14.85
C LYS A 87 3.49 -4.49 -14.79
N ALA A 88 3.08 -3.79 -13.74
CA ALA A 88 1.69 -3.55 -13.44
C ALA A 88 0.98 -2.83 -14.56
N ALA A 89 1.58 -1.75 -15.01
CA ALA A 89 1.02 -0.90 -16.06
C ALA A 89 0.77 -1.68 -17.34
N ALA A 90 1.70 -2.56 -17.67
CA ALA A 90 1.59 -3.37 -18.87
C ALA A 90 0.50 -4.43 -18.74
N LEU A 91 0.32 -4.93 -17.54
CA LEU A 91 -0.63 -5.99 -17.26
C LEU A 91 -2.04 -5.45 -17.11
N GLY A 92 -2.15 -4.23 -16.67
CA GLY A 92 -3.46 -3.65 -16.46
C GLY A 92 -3.75 -3.47 -14.99
N THR A 93 -2.73 -3.63 -14.20
CA THR A 93 -2.80 -3.42 -12.80
C THR A 93 -2.56 -1.93 -12.54
N LYS A 94 -3.44 -1.32 -11.79
CA LYS A 94 -3.41 0.11 -11.61
C LYS A 94 -2.61 0.51 -10.39
N ILE A 95 -2.00 1.66 -10.47
CA ILE A 95 -1.20 2.20 -9.39
C ILE A 95 -2.12 2.97 -8.46
N ILE A 96 -2.08 2.65 -7.21
CA ILE A 96 -2.86 3.35 -6.23
C ILE A 96 -1.97 3.97 -5.17
N ASP A 97 -2.48 4.99 -4.55
CA ASP A 97 -1.78 5.72 -3.49
C ASP A 97 -2.38 5.30 -2.17
N GLU A 98 -2.01 6.00 -1.08
CA GLU A 98 -2.62 5.76 0.24
C GLU A 98 -4.13 5.90 0.09
N ASP A 99 -4.49 7.02 -0.51
CA ASP A 99 -5.87 7.39 -0.76
C ASP A 99 -6.56 6.37 -1.64
N GLY A 100 -5.84 5.84 -2.62
CA GLY A 100 -6.41 4.90 -3.56
C GLY A 100 -6.81 3.59 -2.90
N LEU A 101 -5.96 3.07 -2.05
CA LEU A 101 -6.21 1.82 -1.37
C LEU A 101 -7.34 2.01 -0.35
N LEU A 102 -7.23 3.09 0.41
CA LEU A 102 -8.18 3.39 1.46
C LEU A 102 -9.53 3.84 0.92
N ASN A 103 -9.55 4.39 -0.29
CA ASN A 103 -10.78 4.92 -0.95
C ASN A 103 -11.90 3.90 -0.92
N LEU A 104 -11.58 2.67 -1.30
CA LEU A 104 -12.55 1.57 -1.33
C LEU A 104 -13.06 1.32 0.08
N ILE A 105 -12.14 1.15 1.00
CA ILE A 105 -12.43 0.81 2.37
C ILE A 105 -13.25 1.92 3.07
N ARG A 106 -12.90 3.17 2.80
CA ARG A 106 -13.61 4.34 3.36
C ARG A 106 -15.05 4.39 2.85
N ASN A 107 -15.24 3.94 1.62
CA ASN A 107 -16.54 4.04 0.98
C ASN A 107 -17.50 2.97 1.48
N LEU A 108 -17.02 1.74 1.59
CA LEU A 108 -17.88 0.64 2.02
C LEU A 108 -18.37 0.79 3.45
N GLU A 109 -17.46 0.92 4.38
CA GLU A 109 -17.85 0.91 5.75
C GLU A 109 -16.99 1.89 6.55
N LYS A 1 19.87 -6.50 -2.02
CA LYS A 1 20.00 -7.47 -3.10
C LYS A 1 18.96 -8.59 -2.93
N ARG A 2 19.03 -9.32 -1.83
CA ARG A 2 18.04 -10.34 -1.50
C ARG A 2 18.18 -10.75 -0.05
N THR A 3 19.33 -11.26 0.28
CA THR A 3 19.58 -11.76 1.59
C THR A 3 20.57 -10.86 2.31
N ASN A 4 20.10 -10.25 3.38
CA ASN A 4 20.95 -9.42 4.24
C ASN A 4 20.18 -9.11 5.50
N TYR A 5 18.92 -8.71 5.32
CA TYR A 5 17.97 -8.40 6.39
C TYR A 5 18.27 -7.15 7.22
N GLN A 6 19.54 -6.83 7.41
CA GLN A 6 19.91 -5.59 8.11
C GLN A 6 19.49 -4.42 7.23
N ALA A 7 19.76 -4.57 5.94
CA ALA A 7 19.41 -3.58 4.94
C ALA A 7 17.90 -3.46 4.80
N TYR A 8 17.19 -4.59 4.90
CA TYR A 8 15.77 -4.66 4.80
C TYR A 8 15.09 -3.75 5.82
N ARG A 9 15.75 -3.54 6.96
CA ARG A 9 15.23 -2.69 8.02
C ARG A 9 15.08 -1.26 7.51
N SER A 10 15.99 -0.84 6.63
CA SER A 10 15.97 0.49 6.09
C SER A 10 14.77 0.70 5.15
N TYR A 11 14.25 -0.38 4.60
CA TYR A 11 13.08 -0.31 3.72
C TYR A 11 11.83 -0.09 4.54
N LEU A 12 11.82 -0.71 5.69
CA LEU A 12 10.66 -0.67 6.56
C LEU A 12 10.69 0.61 7.39
N ASN A 13 11.85 0.92 7.93
CA ASN A 13 12.07 2.13 8.72
C ASN A 13 12.34 3.33 7.83
N ARG A 14 11.91 3.24 6.59
CA ARG A 14 12.07 4.29 5.61
C ARG A 14 10.89 5.25 5.78
N GLU A 15 9.82 4.72 6.34
CA GLU A 15 8.61 5.48 6.58
C GLU A 15 8.85 6.45 7.72
N GLY A 16 8.05 7.47 7.80
CA GLY A 16 8.21 8.45 8.85
C GLY A 16 6.91 8.63 9.60
N PRO A 17 6.64 7.75 10.63
CA PRO A 17 5.48 7.81 11.53
C PRO A 17 4.85 9.20 11.72
N LYS A 18 3.77 9.42 11.01
CA LYS A 18 2.97 10.61 11.14
C LYS A 18 1.73 10.23 11.91
N ALA A 19 0.93 9.40 11.27
CA ALA A 19 -0.32 8.95 11.85
C ALA A 19 -0.22 7.45 12.14
N LEU A 20 1.00 6.97 12.26
CA LEU A 20 1.28 5.58 12.53
C LEU A 20 0.84 5.26 13.95
N GLY A 21 -0.22 4.50 14.08
CA GLY A 21 -0.74 4.18 15.39
C GLY A 21 -1.88 5.08 15.76
N SER A 22 -2.05 6.14 15.00
CA SER A 22 -3.13 7.06 15.22
C SER A 22 -4.27 6.62 14.34
N LYS A 23 -3.89 6.07 13.21
CA LYS A 23 -4.78 5.49 12.27
C LYS A 23 -4.34 4.08 12.06
N GLU A 24 -5.26 3.15 12.12
CA GLU A 24 -4.99 1.77 11.85
C GLU A 24 -6.29 1.04 11.60
N ILE A 25 -6.30 0.27 10.55
CA ILE A 25 -7.37 -0.66 10.18
C ILE A 25 -8.75 0.02 10.12
N PRO A 26 -9.19 0.44 8.94
CA PRO A 26 -10.45 1.17 8.77
C PRO A 26 -11.66 0.27 9.08
N LYS A 27 -12.80 0.89 9.21
CA LYS A 27 -14.02 0.21 9.64
C LYS A 27 -14.86 -0.27 8.45
N GLY A 28 -14.21 -0.64 7.37
CA GLY A 28 -14.90 -1.03 6.16
C GLY A 28 -15.60 -2.38 6.23
N ALA A 29 -15.40 -3.19 5.22
CA ALA A 29 -16.03 -4.49 5.16
C ALA A 29 -14.99 -5.56 4.99
N GLU A 30 -15.14 -6.65 5.71
CA GLU A 30 -14.16 -7.75 5.73
C GLU A 30 -13.95 -8.34 4.34
N ASN A 31 -14.99 -8.38 3.58
CA ASN A 31 -14.98 -8.91 2.21
C ASN A 31 -14.53 -7.91 1.16
N CYS A 32 -14.30 -6.67 1.55
CA CYS A 32 -13.98 -5.59 0.62
C CYS A 32 -12.78 -5.87 -0.31
N LEU A 33 -11.73 -6.48 0.20
CA LEU A 33 -10.55 -6.70 -0.64
C LEU A 33 -10.50 -8.15 -1.09
N GLU A 34 -11.53 -8.89 -0.74
CA GLU A 34 -11.64 -10.30 -1.03
C GLU A 34 -11.86 -10.50 -2.52
N GLY A 35 -10.90 -11.09 -3.16
CA GLY A 35 -11.03 -11.37 -4.56
C GLY A 35 -9.86 -10.89 -5.37
N LEU A 36 -9.13 -9.94 -4.85
CA LEU A 36 -8.03 -9.38 -5.59
C LEU A 36 -6.74 -9.37 -4.79
N ILE A 37 -5.69 -8.84 -5.38
CA ILE A 37 -4.39 -8.84 -4.76
C ILE A 37 -3.97 -7.39 -4.56
N PHE A 38 -3.30 -7.12 -3.52
CA PHE A 38 -2.76 -5.83 -3.28
C PHE A 38 -1.30 -5.93 -3.07
N VAL A 39 -0.58 -5.08 -3.70
CA VAL A 39 0.83 -5.03 -3.56
C VAL A 39 1.19 -3.66 -3.03
N ILE A 40 1.82 -3.61 -1.87
CA ILE A 40 2.16 -2.34 -1.27
C ILE A 40 3.67 -2.11 -1.28
N THR A 41 4.04 -1.04 -1.91
CA THR A 41 5.40 -0.64 -1.99
C THR A 41 5.48 0.88 -1.94
N GLY A 42 6.64 1.40 -1.62
CA GLY A 42 6.84 2.82 -1.66
C GLY A 42 6.39 3.52 -0.42
N VAL A 43 7.14 4.52 -0.03
CA VAL A 43 6.82 5.32 1.14
C VAL A 43 5.51 6.08 0.94
N LEU A 44 4.46 5.60 1.57
CA LEU A 44 3.18 6.30 1.54
C LEU A 44 3.38 7.61 2.28
N GLU A 45 3.97 7.45 3.45
CA GLU A 45 4.43 8.48 4.35
C GLU A 45 4.68 7.80 5.65
N SER A 46 3.66 7.10 6.14
CA SER A 46 3.82 6.31 7.31
C SER A 46 2.79 5.20 7.44
N ILE A 47 3.21 4.02 7.12
CA ILE A 47 2.46 2.84 7.37
C ILE A 47 3.42 1.69 7.48
N GLU A 48 3.33 0.97 8.55
CA GLU A 48 4.10 -0.21 8.68
C GLU A 48 3.54 -1.21 7.72
N ARG A 49 4.40 -1.88 6.99
CA ARG A 49 3.96 -2.82 5.99
C ARG A 49 3.15 -3.94 6.61
N ASP A 50 3.46 -4.23 7.87
CA ASP A 50 2.75 -5.24 8.66
C ASP A 50 1.28 -4.84 8.81
N GLU A 51 1.02 -3.54 8.92
CA GLU A 51 -0.34 -3.04 9.18
C GLU A 51 -1.13 -3.05 7.91
N ALA A 52 -0.43 -2.87 6.81
CA ALA A 52 -1.05 -2.91 5.52
C ALA A 52 -1.41 -4.33 5.18
N LYS A 53 -0.43 -5.21 5.31
CA LYS A 53 -0.60 -6.61 5.02
C LYS A 53 -1.68 -7.25 5.88
N SER A 54 -1.64 -6.96 7.19
CA SER A 54 -2.63 -7.49 8.12
C SER A 54 -4.04 -6.99 7.73
N LEU A 55 -4.13 -5.76 7.27
CA LEU A 55 -5.38 -5.15 6.86
C LEU A 55 -5.88 -5.89 5.61
N ILE A 56 -5.02 -5.94 4.61
CA ILE A 56 -5.33 -6.54 3.32
C ILE A 56 -5.75 -8.00 3.48
N GLU A 57 -4.94 -8.76 4.19
CA GLU A 57 -5.18 -10.18 4.37
C GLU A 57 -6.43 -10.46 5.19
N ARG A 58 -6.75 -9.58 6.14
CA ARG A 58 -7.98 -9.70 6.92
C ARG A 58 -9.17 -9.40 6.02
N TYR A 59 -8.98 -8.48 5.10
CA TYR A 59 -10.01 -8.08 4.18
C TYR A 59 -10.13 -9.00 2.98
N GLY A 60 -9.50 -10.16 3.06
CA GLY A 60 -9.64 -11.16 2.03
C GLY A 60 -8.74 -10.96 0.86
N GLY A 61 -7.82 -10.05 0.99
CA GLY A 61 -6.93 -9.78 -0.07
C GLY A 61 -5.61 -10.43 0.16
N LYS A 62 -4.94 -10.71 -0.90
CA LYS A 62 -3.64 -11.29 -0.85
C LYS A 62 -2.65 -10.18 -1.07
N VAL A 63 -1.53 -10.26 -0.45
CA VAL A 63 -0.52 -9.26 -0.59
C VAL A 63 0.82 -9.90 -0.82
N THR A 64 1.45 -9.49 -1.87
CA THR A 64 2.72 -10.03 -2.25
C THR A 64 3.70 -8.87 -2.50
N GLY A 65 4.98 -9.19 -2.61
CA GLY A 65 6.00 -8.17 -2.74
C GLY A 65 6.23 -7.70 -4.16
N ASN A 66 5.68 -8.42 -5.10
CA ASN A 66 5.80 -8.06 -6.51
C ASN A 66 4.49 -8.41 -7.20
N VAL A 67 4.03 -7.48 -8.01
CA VAL A 67 2.78 -7.58 -8.75
C VAL A 67 2.74 -8.85 -9.63
N SER A 68 1.62 -9.51 -9.64
CA SER A 68 1.39 -10.68 -10.42
C SER A 68 0.36 -10.33 -11.54
N LYS A 69 -0.11 -11.33 -12.27
CA LYS A 69 -1.05 -11.12 -13.38
C LYS A 69 -2.37 -10.48 -12.92
N LYS A 70 -3.06 -11.16 -12.03
CA LYS A 70 -4.39 -10.75 -11.58
C LYS A 70 -4.33 -9.97 -10.28
N THR A 71 -3.38 -9.07 -10.19
CA THR A 71 -3.22 -8.27 -9.00
C THR A 71 -4.39 -7.30 -8.83
N ASN A 72 -4.60 -6.47 -9.84
CA ASN A 72 -5.60 -5.41 -9.88
C ASN A 72 -5.14 -4.11 -9.24
N TYR A 73 -4.41 -4.14 -8.11
CA TYR A 73 -3.99 -2.89 -7.47
C TYR A 73 -2.59 -2.89 -6.92
N LEU A 74 -1.85 -1.88 -7.30
CA LEU A 74 -0.52 -1.65 -6.84
C LEU A 74 -0.51 -0.35 -6.07
N VAL A 75 -0.14 -0.44 -4.85
CA VAL A 75 -0.02 0.71 -4.00
C VAL A 75 1.44 1.04 -3.98
N MET A 76 1.75 2.17 -4.52
CA MET A 76 3.13 2.57 -4.61
C MET A 76 3.26 3.99 -4.23
N GLY A 77 3.76 4.22 -3.05
CA GLY A 77 3.97 5.55 -2.58
C GLY A 77 5.16 6.18 -3.27
N ARG A 78 6.32 5.99 -2.69
CA ARG A 78 7.51 6.52 -3.23
C ARG A 78 8.63 5.48 -3.22
N ASP A 79 8.94 4.98 -4.39
CA ASP A 79 10.07 4.09 -4.66
C ASP A 79 10.19 3.98 -6.17
N SER A 80 11.38 3.79 -6.65
CA SER A 80 11.65 3.82 -8.07
C SER A 80 11.79 2.41 -8.68
N GLY A 81 11.22 1.40 -8.03
CA GLY A 81 11.31 0.04 -8.53
C GLY A 81 10.44 -0.17 -9.77
N GLN A 82 11.04 -0.09 -10.93
CA GLN A 82 10.36 -0.20 -12.21
C GLN A 82 9.75 -1.58 -12.42
N SER A 83 10.37 -2.58 -11.85
CA SER A 83 10.01 -3.97 -12.03
C SER A 83 8.53 -4.25 -11.65
N LYS A 84 8.16 -3.74 -10.51
CA LYS A 84 6.83 -3.93 -9.98
C LYS A 84 5.81 -3.06 -10.76
N SER A 85 6.24 -1.86 -11.15
CA SER A 85 5.40 -0.92 -11.85
C SER A 85 5.09 -1.44 -13.24
N ASP A 86 6.11 -1.98 -13.90
CA ASP A 86 6.02 -2.56 -15.25
C ASP A 86 4.92 -3.61 -15.33
N LYS A 87 4.85 -4.43 -14.33
CA LYS A 87 3.89 -5.49 -14.24
C LYS A 87 2.49 -4.89 -14.20
N ALA A 88 2.26 -4.03 -13.22
CA ALA A 88 0.99 -3.38 -12.99
C ALA A 88 0.54 -2.60 -14.23
N ALA A 89 1.46 -1.87 -14.79
CA ALA A 89 1.22 -1.02 -15.95
C ALA A 89 0.82 -1.83 -17.18
N ALA A 90 1.22 -3.08 -17.25
CA ALA A 90 0.90 -3.92 -18.40
C ALA A 90 -0.55 -4.35 -18.33
N LEU A 91 -1.01 -4.68 -17.13
CA LEU A 91 -2.39 -5.11 -16.94
C LEU A 91 -3.36 -3.96 -16.96
N GLY A 92 -2.88 -2.82 -16.56
CA GLY A 92 -3.72 -1.65 -16.54
C GLY A 92 -4.04 -1.23 -15.13
N THR A 93 -3.32 -1.80 -14.22
CA THR A 93 -3.41 -1.51 -12.85
C THR A 93 -2.96 -0.06 -12.60
N LYS A 94 -3.83 0.69 -12.00
CA LYS A 94 -3.56 2.06 -11.65
C LYS A 94 -2.86 2.11 -10.33
N ILE A 95 -1.91 3.00 -10.24
CA ILE A 95 -1.10 3.14 -9.06
C ILE A 95 -1.87 3.93 -8.02
N ILE A 96 -2.09 3.33 -6.90
CA ILE A 96 -2.80 3.98 -5.83
C ILE A 96 -1.89 4.23 -4.63
N ASP A 97 -2.36 5.06 -3.75
CA ASP A 97 -1.70 5.40 -2.50
C ASP A 97 -2.59 5.04 -1.39
N GLU A 98 -2.26 5.53 -0.21
CA GLU A 98 -2.99 5.25 0.99
C GLU A 98 -4.46 5.66 0.82
N ASP A 99 -4.67 6.85 0.26
CA ASP A 99 -6.03 7.36 -0.04
C ASP A 99 -6.76 6.40 -0.92
N GLY A 100 -6.10 5.98 -1.97
CA GLY A 100 -6.67 5.05 -2.94
C GLY A 100 -7.05 3.72 -2.34
N LEU A 101 -6.18 3.19 -1.50
CA LEU A 101 -6.40 1.90 -0.84
C LEU A 101 -7.63 2.03 0.07
N LEU A 102 -7.63 3.07 0.89
CA LEU A 102 -8.72 3.31 1.82
C LEU A 102 -10.00 3.65 1.06
N ASN A 103 -9.85 4.33 -0.08
CA ASN A 103 -10.99 4.71 -0.94
C ASN A 103 -11.72 3.49 -1.43
N LEU A 104 -10.99 2.44 -1.73
CA LEU A 104 -11.59 1.20 -2.17
C LEU A 104 -12.37 0.55 -1.04
N ILE A 105 -11.80 0.59 0.14
CA ILE A 105 -12.46 0.04 1.32
C ILE A 105 -13.68 0.88 1.70
N ARG A 106 -13.51 2.18 1.60
CA ARG A 106 -14.56 3.16 1.89
C ARG A 106 -15.70 3.03 0.88
N ASN A 107 -15.38 2.53 -0.30
CA ASN A 107 -16.36 2.32 -1.37
C ASN A 107 -17.37 1.25 -0.95
N LEU A 108 -16.86 0.21 -0.31
CA LEU A 108 -17.68 -0.89 0.16
C LEU A 108 -18.28 -0.63 1.55
N GLU A 109 -18.10 0.56 2.07
CA GLU A 109 -18.59 0.87 3.38
C GLU A 109 -19.81 1.77 3.21
N LYS A 1 -6.58 21.93 0.78
CA LYS A 1 -5.27 21.79 1.37
C LYS A 1 -4.57 20.64 0.67
N ARG A 2 -3.56 20.94 -0.11
CA ARG A 2 -2.94 19.90 -0.91
C ARG A 2 -1.82 19.20 -0.14
N THR A 3 -1.46 19.78 1.01
CA THR A 3 -0.49 19.24 1.99
C THR A 3 0.93 19.05 1.43
N ASN A 4 1.22 19.66 0.29
CA ASN A 4 2.52 19.45 -0.39
C ASN A 4 3.67 20.00 0.42
N TYR A 5 3.44 21.11 1.09
CA TYR A 5 4.44 21.71 1.93
C TYR A 5 4.57 20.92 3.23
N GLN A 6 3.44 20.53 3.77
CA GLN A 6 3.35 19.84 5.07
C GLN A 6 3.94 18.43 4.97
N ALA A 7 3.97 17.94 3.74
CA ALA A 7 4.48 16.63 3.36
C ALA A 7 5.96 16.41 3.72
N TYR A 8 6.66 17.47 4.12
CA TYR A 8 8.08 17.37 4.44
C TYR A 8 8.28 16.60 5.76
N ARG A 9 7.21 16.39 6.52
CA ARG A 9 7.29 15.68 7.79
C ARG A 9 7.83 14.26 7.63
N SER A 10 7.38 13.56 6.63
CA SER A 10 7.84 12.21 6.37
C SER A 10 9.27 12.21 5.79
N TYR A 11 9.64 13.32 5.19
CA TYR A 11 10.96 13.50 4.67
C TYR A 11 11.94 13.75 5.83
N LEU A 12 11.46 14.53 6.79
CA LEU A 12 12.20 14.89 7.97
C LEU A 12 12.47 13.64 8.83
N ASN A 13 11.54 12.72 8.83
CA ASN A 13 11.66 11.49 9.63
C ASN A 13 12.35 10.40 8.84
N ARG A 14 12.52 10.67 7.53
CA ARG A 14 13.11 9.76 6.54
C ARG A 14 12.14 8.61 6.20
N GLU A 15 11.42 8.16 7.19
CA GLU A 15 10.42 7.15 7.04
C GLU A 15 9.08 7.82 6.79
N GLY A 16 8.20 7.14 6.10
CA GLY A 16 6.90 7.67 5.80
C GLY A 16 6.04 7.90 7.06
N PRO A 17 5.62 6.78 7.74
CA PRO A 17 4.79 6.79 8.96
C PRO A 17 4.90 8.03 9.86
N LYS A 18 3.85 8.85 9.82
CA LYS A 18 3.80 10.04 10.62
C LYS A 18 2.59 10.02 11.55
N ALA A 19 1.56 9.24 11.20
CA ALA A 19 0.33 9.25 11.97
C ALA A 19 -0.07 7.88 12.51
N LEU A 20 0.91 6.96 12.66
CA LEU A 20 0.60 5.61 13.20
C LEU A 20 0.06 5.74 14.61
N GLY A 21 0.74 6.55 15.39
CA GLY A 21 0.33 6.82 16.73
C GLY A 21 -0.53 8.07 16.76
N SER A 22 -1.59 8.03 16.01
CA SER A 22 -2.50 9.12 15.92
C SER A 22 -3.84 8.58 15.44
N LYS A 23 -3.87 8.11 14.20
CA LYS A 23 -5.07 7.57 13.59
C LYS A 23 -4.75 7.03 12.23
N GLU A 24 -4.77 5.74 12.11
CA GLU A 24 -4.55 5.09 10.86
C GLU A 24 -5.21 3.72 10.92
N ILE A 25 -5.49 3.15 9.75
CA ILE A 25 -6.14 1.86 9.58
C ILE A 25 -7.65 1.98 9.82
N PRO A 26 -8.45 1.74 8.78
CA PRO A 26 -9.90 1.89 8.83
C PRO A 26 -10.58 0.78 9.65
N LYS A 27 -11.83 1.02 9.94
CA LYS A 27 -12.66 0.09 10.70
C LYS A 27 -13.71 -0.48 9.74
N GLY A 28 -13.35 -0.56 8.48
CA GLY A 28 -14.26 -0.91 7.44
C GLY A 28 -14.51 -2.38 7.34
N ALA A 29 -15.16 -2.75 6.29
CA ALA A 29 -15.55 -4.12 6.08
C ALA A 29 -14.43 -4.94 5.51
N GLU A 30 -14.24 -6.07 6.11
CA GLU A 30 -13.18 -6.98 5.74
C GLU A 30 -13.47 -7.64 4.39
N ASN A 31 -14.67 -7.55 3.95
CA ASN A 31 -15.04 -8.08 2.64
C ASN A 31 -14.74 -7.09 1.51
N CYS A 32 -14.33 -5.88 1.86
CA CYS A 32 -14.04 -4.83 0.88
C CYS A 32 -12.86 -5.19 -0.08
N LEU A 33 -11.75 -5.69 0.45
CA LEU A 33 -10.58 -6.04 -0.41
C LEU A 33 -10.62 -7.51 -0.78
N GLU A 34 -11.61 -8.19 -0.28
CA GLU A 34 -11.80 -9.59 -0.51
C GLU A 34 -12.14 -9.82 -1.97
N GLY A 35 -11.34 -10.60 -2.65
CA GLY A 35 -11.64 -10.92 -4.03
C GLY A 35 -10.50 -10.61 -4.96
N LEU A 36 -9.50 -9.92 -4.48
CA LEU A 36 -8.37 -9.60 -5.33
C LEU A 36 -7.09 -9.71 -4.54
N ILE A 37 -6.00 -9.41 -5.21
CA ILE A 37 -4.70 -9.53 -4.62
C ILE A 37 -4.07 -8.16 -4.62
N PHE A 38 -3.30 -7.86 -3.62
CA PHE A 38 -2.64 -6.59 -3.55
C PHE A 38 -1.16 -6.77 -3.39
N VAL A 39 -0.42 -5.74 -3.71
CA VAL A 39 1.01 -5.70 -3.58
C VAL A 39 1.40 -4.33 -3.09
N ILE A 40 2.02 -4.27 -1.94
CA ILE A 40 2.49 -3.01 -1.40
C ILE A 40 3.99 -2.90 -1.54
N THR A 41 4.43 -1.83 -2.15
CA THR A 41 5.82 -1.57 -2.37
C THR A 41 6.02 -0.04 -2.21
N GLY A 42 7.24 0.43 -2.26
CA GLY A 42 7.52 1.84 -2.03
C GLY A 42 7.31 2.19 -0.58
N VAL A 43 6.58 3.25 -0.34
CA VAL A 43 6.25 3.68 0.99
C VAL A 43 5.08 4.66 0.90
N LEU A 44 4.22 4.65 1.88
CA LEU A 44 3.09 5.56 1.96
C LEU A 44 3.39 6.57 3.05
N GLU A 45 2.70 7.70 3.06
CA GLU A 45 2.94 8.68 4.09
C GLU A 45 2.57 8.19 5.47
N SER A 46 1.52 7.39 5.59
CA SER A 46 1.37 6.62 6.83
C SER A 46 0.66 5.33 6.61
N ILE A 47 1.48 4.34 6.50
CA ILE A 47 1.15 2.98 6.65
C ILE A 47 2.45 2.29 6.92
N GLU A 48 2.46 1.36 7.81
CA GLU A 48 3.65 0.63 8.02
C GLU A 48 3.47 -0.65 7.20
N ARG A 49 4.55 -1.27 6.76
CA ARG A 49 4.47 -2.49 5.97
C ARG A 49 3.66 -3.55 6.67
N ASP A 50 3.84 -3.63 7.98
CA ASP A 50 3.13 -4.62 8.78
C ASP A 50 1.65 -4.29 8.86
N GLU A 51 1.34 -3.00 8.86
CA GLU A 51 -0.04 -2.54 9.02
C GLU A 51 -0.80 -2.77 7.74
N ALA A 52 -0.09 -2.73 6.64
CA ALA A 52 -0.68 -2.95 5.34
C ALA A 52 -1.04 -4.40 5.19
N LYS A 53 -0.07 -5.27 5.46
CA LYS A 53 -0.28 -6.70 5.39
C LYS A 53 -1.45 -7.15 6.25
N SER A 54 -1.43 -6.77 7.51
CA SER A 54 -2.43 -7.09 8.44
C SER A 54 -3.80 -6.46 8.07
N LEU A 55 -3.79 -5.37 7.32
CA LEU A 55 -5.03 -4.74 6.90
C LEU A 55 -5.57 -5.55 5.73
N ILE A 56 -4.76 -5.68 4.70
CA ILE A 56 -5.17 -6.30 3.46
C ILE A 56 -5.54 -7.78 3.64
N GLU A 57 -4.66 -8.56 4.32
CA GLU A 57 -4.92 -10.00 4.52
C GLU A 57 -6.23 -10.21 5.28
N ARG A 58 -6.47 -9.35 6.25
CA ARG A 58 -7.68 -9.40 7.07
C ARG A 58 -8.89 -9.00 6.24
N TYR A 59 -8.67 -8.09 5.32
CA TYR A 59 -9.70 -7.62 4.45
C TYR A 59 -9.84 -8.48 3.21
N GLY A 60 -9.40 -9.74 3.31
CA GLY A 60 -9.66 -10.71 2.28
C GLY A 60 -8.76 -10.61 1.07
N GLY A 61 -7.89 -9.65 1.08
CA GLY A 61 -6.99 -9.48 0.00
C GLY A 61 -5.68 -10.09 0.35
N LYS A 62 -5.09 -10.80 -0.52
CA LYS A 62 -3.81 -11.36 -0.20
C LYS A 62 -2.72 -10.55 -0.83
N VAL A 63 -1.69 -10.29 -0.10
CA VAL A 63 -0.59 -9.50 -0.57
C VAL A 63 0.53 -10.41 -0.97
N THR A 64 0.78 -10.47 -2.23
CA THR A 64 1.81 -11.32 -2.75
C THR A 64 3.10 -10.48 -2.92
N GLY A 65 4.13 -11.06 -3.50
CA GLY A 65 5.39 -10.37 -3.62
C GLY A 65 5.60 -9.75 -4.98
N ASN A 66 4.79 -10.11 -5.94
CA ASN A 66 4.94 -9.59 -7.29
C ASN A 66 3.61 -9.15 -7.84
N VAL A 67 3.61 -8.00 -8.49
CA VAL A 67 2.43 -7.47 -9.12
C VAL A 67 2.02 -8.36 -10.29
N SER A 68 0.87 -8.95 -10.16
CA SER A 68 0.39 -9.86 -11.14
C SER A 68 -0.91 -9.28 -11.74
N LYS A 69 -1.38 -9.88 -12.83
CA LYS A 69 -2.63 -9.44 -13.48
C LYS A 69 -3.80 -9.56 -12.51
N LYS A 70 -3.73 -10.60 -11.69
CA LYS A 70 -4.74 -10.89 -10.72
C LYS A 70 -4.71 -9.86 -9.56
N THR A 71 -3.59 -9.16 -9.44
CA THR A 71 -3.41 -8.15 -8.42
C THR A 71 -4.17 -6.88 -8.81
N ASN A 72 -3.99 -6.50 -10.06
CA ASN A 72 -4.60 -5.30 -10.71
C ASN A 72 -4.51 -3.93 -9.98
N TYR A 73 -3.89 -3.88 -8.81
CA TYR A 73 -3.67 -2.64 -8.07
C TYR A 73 -2.32 -2.72 -7.38
N LEU A 74 -1.47 -1.77 -7.66
CA LEU A 74 -0.17 -1.74 -7.04
C LEU A 74 -0.14 -0.62 -6.02
N VAL A 75 0.06 -0.97 -4.78
CA VAL A 75 0.11 0.00 -3.73
C VAL A 75 1.52 0.47 -3.60
N MET A 76 1.74 1.68 -3.99
CA MET A 76 3.02 2.28 -3.94
C MET A 76 2.86 3.77 -3.91
N GLY A 77 3.07 4.35 -2.76
CA GLY A 77 2.97 5.78 -2.62
C GLY A 77 4.12 6.44 -3.32
N ARG A 78 5.25 6.41 -2.70
CA ARG A 78 6.42 6.91 -3.31
C ARG A 78 6.92 5.83 -4.25
N ASP A 79 6.95 6.14 -5.53
CA ASP A 79 7.40 5.22 -6.55
C ASP A 79 8.87 4.92 -6.38
N SER A 80 9.13 3.73 -5.97
CA SER A 80 10.47 3.27 -5.76
C SER A 80 10.69 1.95 -6.55
N GLY A 81 9.65 1.14 -6.66
CA GLY A 81 9.77 -0.14 -7.35
C GLY A 81 9.52 0.00 -8.83
N GLN A 82 10.44 0.66 -9.51
CA GLN A 82 10.31 1.01 -10.92
C GLN A 82 10.27 -0.22 -11.86
N SER A 83 10.90 -1.29 -11.48
CA SER A 83 10.87 -2.52 -12.25
C SER A 83 9.49 -3.19 -12.10
N LYS A 84 8.89 -2.99 -10.95
CA LYS A 84 7.61 -3.59 -10.60
C LYS A 84 6.48 -2.80 -11.22
N SER A 85 6.61 -1.49 -11.17
CA SER A 85 5.66 -0.60 -11.81
C SER A 85 5.64 -0.86 -13.32
N ASP A 86 6.78 -1.30 -13.84
CA ASP A 86 6.92 -1.66 -15.26
C ASP A 86 5.93 -2.77 -15.63
N LYS A 87 5.82 -3.76 -14.75
CA LYS A 87 4.92 -4.89 -14.96
C LYS A 87 3.50 -4.42 -14.87
N ALA A 88 3.23 -3.65 -13.82
CA ALA A 88 1.91 -3.11 -13.53
C ALA A 88 1.36 -2.33 -14.73
N ALA A 89 2.22 -1.52 -15.32
CA ALA A 89 1.85 -0.69 -16.47
C ALA A 89 1.39 -1.52 -17.67
N ALA A 90 1.98 -2.70 -17.84
CA ALA A 90 1.64 -3.56 -18.98
C ALA A 90 0.33 -4.31 -18.72
N LEU A 91 0.02 -4.48 -17.46
CA LEU A 91 -1.20 -5.17 -17.05
C LEU A 91 -2.37 -4.22 -17.04
N GLY A 92 -2.06 -2.95 -17.01
CA GLY A 92 -3.07 -1.93 -16.91
C GLY A 92 -3.40 -1.72 -15.45
N THR A 93 -2.47 -2.09 -14.62
CA THR A 93 -2.56 -1.97 -13.21
C THR A 93 -2.19 -0.55 -12.81
N LYS A 94 -3.04 0.04 -12.00
CA LYS A 94 -2.87 1.41 -11.61
C LYS A 94 -2.13 1.49 -10.29
N ILE A 95 -1.36 2.53 -10.14
CA ILE A 95 -0.57 2.73 -8.95
C ILE A 95 -1.41 3.50 -7.96
N ILE A 96 -1.68 2.89 -6.85
CA ILE A 96 -2.48 3.52 -5.83
C ILE A 96 -1.65 3.71 -4.58
N ASP A 97 -2.06 4.63 -3.76
CA ASP A 97 -1.39 4.90 -2.52
C ASP A 97 -2.29 4.45 -1.37
N GLU A 98 -1.96 4.85 -0.15
CA GLU A 98 -2.73 4.51 1.06
C GLU A 98 -4.20 4.92 0.90
N ASP A 99 -4.40 6.09 0.31
CA ASP A 99 -5.71 6.67 0.11
C ASP A 99 -6.46 5.91 -0.96
N GLY A 100 -5.72 5.31 -1.87
CA GLY A 100 -6.31 4.51 -2.91
C GLY A 100 -6.72 3.17 -2.37
N LEU A 101 -5.86 2.59 -1.56
CA LEU A 101 -6.12 1.32 -0.90
C LEU A 101 -7.38 1.46 -0.03
N LEU A 102 -7.40 2.52 0.75
CA LEU A 102 -8.54 2.83 1.59
C LEU A 102 -9.75 3.25 0.80
N ASN A 103 -9.56 3.78 -0.41
CA ASN A 103 -10.67 4.23 -1.25
C ASN A 103 -11.62 3.07 -1.51
N LEU A 104 -11.07 1.93 -1.90
CA LEU A 104 -11.87 0.72 -2.17
C LEU A 104 -12.57 0.24 -0.91
N ILE A 105 -11.94 0.45 0.23
CA ILE A 105 -12.53 0.07 1.48
C ILE A 105 -13.64 1.04 1.88
N ARG A 106 -13.31 2.31 1.86
CA ARG A 106 -14.16 3.41 2.31
C ARG A 106 -15.40 3.60 1.44
N ASN A 107 -15.33 3.18 0.19
CA ASN A 107 -16.49 3.29 -0.71
C ASN A 107 -17.55 2.26 -0.39
N LEU A 108 -17.12 1.09 0.02
CA LEU A 108 -18.05 0.04 0.43
C LEU A 108 -18.43 0.17 1.91
N GLU A 109 -17.44 0.14 2.75
CA GLU A 109 -17.57 0.25 4.16
C GLU A 109 -16.19 0.49 4.73
N LYS A 1 21.94 9.41 18.00
CA LYS A 1 22.85 10.53 18.19
C LYS A 1 22.69 11.46 17.01
N ARG A 2 22.90 12.77 17.21
CA ARG A 2 22.76 13.72 16.12
C ARG A 2 24.01 13.81 15.30
N THR A 3 25.08 13.22 15.77
CA THR A 3 26.33 13.21 15.06
C THR A 3 26.24 12.29 13.82
N ASN A 4 25.61 12.84 12.77
CA ASN A 4 25.47 12.25 11.44
C ASN A 4 24.49 13.12 10.66
N TYR A 5 23.38 13.49 11.31
CA TYR A 5 22.32 14.37 10.79
C TYR A 5 21.57 13.81 9.57
N GLN A 6 22.25 13.80 8.44
CA GLN A 6 21.65 13.47 7.14
C GLN A 6 21.33 11.99 7.01
N ALA A 7 22.18 11.16 7.57
CA ALA A 7 22.04 9.71 7.46
C ALA A 7 20.77 9.22 8.16
N TYR A 8 20.49 9.82 9.31
CA TYR A 8 19.34 9.54 10.15
C TYR A 8 18.02 9.58 9.37
N ARG A 9 17.96 10.44 8.35
CA ARG A 9 16.77 10.67 7.54
C ARG A 9 16.24 9.36 6.93
N SER A 10 17.14 8.55 6.40
CA SER A 10 16.78 7.32 5.70
C SER A 10 16.05 6.30 6.59
N TYR A 11 16.39 6.30 7.87
CA TYR A 11 15.80 5.36 8.82
C TYR A 11 14.39 5.78 9.17
N LEU A 12 14.18 7.08 9.17
CA LEU A 12 12.91 7.67 9.55
C LEU A 12 11.91 7.59 8.39
N ASN A 13 12.45 7.52 7.20
CA ASN A 13 11.63 7.39 5.99
C ASN A 13 10.97 6.02 5.93
N ARG A 14 11.63 5.02 6.46
CA ARG A 14 11.12 3.68 6.40
C ARG A 14 10.30 3.35 7.62
N GLU A 15 9.02 3.74 7.57
CA GLU A 15 8.01 3.51 8.60
C GLU A 15 8.45 3.93 10.02
N GLY A 16 7.74 3.48 11.03
CA GLY A 16 8.04 3.91 12.37
C GLY A 16 6.81 4.02 13.26
N PRO A 17 5.79 4.81 12.89
CA PRO A 17 4.58 4.92 13.68
C PRO A 17 3.65 3.76 13.33
N LYS A 18 3.01 3.23 14.33
CA LYS A 18 2.16 2.06 14.14
C LYS A 18 0.69 2.42 14.14
N ALA A 19 0.34 3.54 14.72
CA ALA A 19 -1.03 3.97 14.73
C ALA A 19 -1.19 5.02 13.68
N LEU A 20 -1.26 4.60 12.46
CA LEU A 20 -1.37 5.55 11.39
C LEU A 20 -2.81 5.98 11.29
N GLY A 21 -3.70 5.01 11.32
CA GLY A 21 -5.11 5.31 11.42
C GLY A 21 -5.53 5.48 12.87
N SER A 22 -4.65 6.16 13.66
CA SER A 22 -4.76 6.49 15.08
C SER A 22 -5.20 5.33 15.98
N LYS A 23 -4.98 4.15 15.49
CA LYS A 23 -5.38 2.91 16.12
C LYS A 23 -4.98 1.82 15.19
N GLU A 24 -5.25 2.10 13.93
CA GLU A 24 -4.87 1.30 12.79
C GLU A 24 -5.82 0.12 12.58
N ILE A 25 -5.96 -0.25 11.32
CA ILE A 25 -6.86 -1.28 10.85
C ILE A 25 -8.29 -0.78 11.00
N PRO A 26 -8.85 -0.17 9.94
CA PRO A 26 -10.23 0.36 9.96
C PRO A 26 -11.27 -0.74 10.22
N LYS A 27 -12.50 -0.34 10.37
CA LYS A 27 -13.58 -1.26 10.70
C LYS A 27 -14.54 -1.41 9.53
N GLY A 28 -14.01 -1.31 8.33
CA GLY A 28 -14.80 -1.32 7.14
C GLY A 28 -15.13 -2.71 6.69
N ALA A 29 -15.85 -2.79 5.62
CA ALA A 29 -16.28 -4.04 5.08
C ALA A 29 -15.10 -4.82 4.57
N GLU A 30 -14.85 -5.93 5.21
CA GLU A 30 -13.75 -6.82 4.90
C GLU A 30 -13.83 -7.31 3.46
N ASN A 31 -15.05 -7.59 3.03
CA ASN A 31 -15.31 -8.07 1.67
C ASN A 31 -14.91 -7.08 0.57
N CYS A 32 -14.54 -5.86 0.95
CA CYS A 32 -14.13 -4.85 -0.01
C CYS A 32 -12.79 -5.21 -0.65
N LEU A 33 -11.85 -5.74 0.14
CA LEU A 33 -10.53 -6.09 -0.41
C LEU A 33 -10.55 -7.53 -0.90
N GLU A 34 -11.54 -8.25 -0.46
CA GLU A 34 -11.71 -9.64 -0.77
C GLU A 34 -11.96 -9.86 -2.26
N GLY A 35 -11.22 -10.78 -2.83
CA GLY A 35 -11.41 -11.15 -4.20
C GLY A 35 -10.29 -10.66 -5.10
N LEU A 36 -9.71 -9.54 -4.76
CA LEU A 36 -8.67 -8.97 -5.57
C LEU A 36 -7.34 -8.99 -4.85
N ILE A 37 -6.33 -8.48 -5.51
CA ILE A 37 -5.01 -8.49 -4.96
C ILE A 37 -4.60 -7.06 -4.69
N PHE A 38 -3.81 -6.85 -3.70
CA PHE A 38 -3.25 -5.57 -3.43
C PHE A 38 -1.78 -5.71 -3.24
N VAL A 39 -1.03 -5.16 -4.13
CA VAL A 39 0.40 -5.22 -4.03
C VAL A 39 0.89 -3.87 -3.55
N ILE A 40 1.50 -3.86 -2.40
CA ILE A 40 1.99 -2.63 -1.82
C ILE A 40 3.49 -2.52 -2.00
N THR A 41 3.92 -1.39 -2.46
CA THR A 41 5.31 -1.14 -2.61
C THR A 41 5.65 0.27 -2.13
N GLY A 42 6.76 0.38 -1.43
CA GLY A 42 7.21 1.64 -0.92
C GLY A 42 6.55 1.96 0.40
N VAL A 43 6.70 3.17 0.85
CA VAL A 43 6.09 3.61 2.09
C VAL A 43 4.94 4.55 1.77
N LEU A 44 3.75 4.23 2.26
CA LEU A 44 2.55 5.02 2.04
C LEU A 44 2.51 6.19 2.99
N GLU A 45 3.40 7.13 2.75
CA GLU A 45 3.64 8.30 3.58
C GLU A 45 4.24 7.85 4.91
N SER A 46 3.46 7.12 5.63
CA SER A 46 3.81 6.53 6.86
C SER A 46 2.80 5.41 7.12
N ILE A 47 3.22 4.20 6.91
CA ILE A 47 2.48 3.02 7.31
C ILE A 47 3.51 1.98 7.46
N GLU A 48 3.38 1.15 8.45
CA GLU A 48 4.32 0.10 8.56
C GLU A 48 3.86 -1.01 7.63
N ARG A 49 4.79 -1.58 6.92
CA ARG A 49 4.54 -2.57 5.88
C ARG A 49 3.65 -3.71 6.35
N ASP A 50 3.89 -4.20 7.54
CA ASP A 50 3.15 -5.33 8.05
C ASP A 50 1.72 -4.94 8.38
N GLU A 51 1.49 -3.66 8.68
CA GLU A 51 0.14 -3.19 9.05
C GLU A 51 -0.71 -3.13 7.83
N ALA A 52 -0.08 -2.87 6.71
CA ALA A 52 -0.77 -2.83 5.46
C ALA A 52 -1.15 -4.23 5.05
N LYS A 53 -0.19 -5.13 5.18
CA LYS A 53 -0.38 -6.50 4.78
C LYS A 53 -1.41 -7.21 5.64
N SER A 54 -1.39 -6.95 6.95
CA SER A 54 -2.32 -7.50 7.84
C SER A 54 -3.74 -7.04 7.49
N LEU A 55 -3.89 -5.76 7.16
CA LEU A 55 -5.18 -5.20 6.78
C LEU A 55 -5.74 -5.90 5.56
N ILE A 56 -4.91 -6.03 4.54
CA ILE A 56 -5.30 -6.66 3.28
C ILE A 56 -5.69 -8.12 3.51
N GLU A 57 -4.82 -8.88 4.16
CA GLU A 57 -5.06 -10.28 4.45
C GLU A 57 -6.29 -10.49 5.35
N ARG A 58 -6.43 -9.64 6.37
CA ARG A 58 -7.56 -9.74 7.32
C ARG A 58 -8.90 -9.50 6.62
N TYR A 59 -8.90 -8.65 5.64
CA TYR A 59 -10.13 -8.39 4.92
C TYR A 59 -10.45 -9.49 3.92
N GLY A 60 -9.45 -10.24 3.54
CA GLY A 60 -9.69 -11.30 2.60
C GLY A 60 -9.07 -11.00 1.27
N GLY A 61 -8.25 -10.00 1.26
CA GLY A 61 -7.53 -9.64 0.07
C GLY A 61 -6.20 -10.31 0.11
N LYS A 62 -5.54 -10.39 -0.99
CA LYS A 62 -4.27 -11.02 -1.05
C LYS A 62 -3.19 -10.01 -1.32
N VAL A 63 -2.12 -10.11 -0.59
CA VAL A 63 -1.00 -9.21 -0.76
C VAL A 63 0.29 -9.97 -1.03
N THR A 64 0.81 -9.76 -2.20
CA THR A 64 2.02 -10.40 -2.65
C THR A 64 3.16 -9.38 -2.73
N GLY A 65 4.39 -9.84 -2.51
CA GLY A 65 5.56 -8.97 -2.51
C GLY A 65 5.97 -8.53 -3.89
N ASN A 66 5.43 -9.16 -4.90
CA ASN A 66 5.67 -8.78 -6.26
C ASN A 66 4.37 -8.82 -7.02
N VAL A 67 4.22 -7.92 -7.95
CA VAL A 67 3.03 -7.81 -8.77
C VAL A 67 2.79 -9.11 -9.54
N SER A 68 1.60 -9.65 -9.40
CA SER A 68 1.18 -10.83 -10.08
C SER A 68 0.28 -10.41 -11.27
N LYS A 69 -0.13 -11.32 -12.11
CA LYS A 69 -0.88 -10.93 -13.30
C LYS A 69 -2.33 -10.55 -12.98
N LYS A 70 -2.79 -10.93 -11.81
CA LYS A 70 -4.14 -10.59 -11.37
C LYS A 70 -4.16 -9.46 -10.36
N THR A 71 -3.03 -8.76 -10.22
CA THR A 71 -2.88 -7.71 -9.19
C THR A 71 -4.05 -6.72 -9.13
N ASN A 72 -4.42 -6.14 -10.25
CA ASN A 72 -5.50 -5.16 -10.36
C ASN A 72 -5.11 -3.79 -9.75
N TYR A 73 -4.60 -3.79 -8.52
CA TYR A 73 -4.22 -2.56 -7.86
C TYR A 73 -2.84 -2.63 -7.23
N LEU A 74 -1.95 -1.83 -7.75
CA LEU A 74 -0.64 -1.68 -7.19
C LEU A 74 -0.62 -0.43 -6.37
N VAL A 75 -0.45 -0.59 -5.10
CA VAL A 75 -0.44 0.51 -4.19
C VAL A 75 1.00 0.96 -4.08
N MET A 76 1.27 2.13 -4.56
CA MET A 76 2.61 2.62 -4.59
C MET A 76 2.70 3.89 -3.79
N GLY A 77 3.50 3.86 -2.78
CA GLY A 77 3.76 5.04 -2.01
C GLY A 77 5.00 5.70 -2.50
N ARG A 78 5.90 6.02 -1.61
CA ARG A 78 7.17 6.55 -2.01
C ARG A 78 8.08 5.38 -2.39
N ASP A 79 8.37 5.31 -3.67
CA ASP A 79 9.17 4.24 -4.24
C ASP A 79 9.74 4.78 -5.54
N SER A 80 10.93 4.38 -5.88
CA SER A 80 11.55 4.86 -7.09
C SER A 80 11.73 3.74 -8.13
N GLY A 81 11.19 2.59 -7.86
CA GLY A 81 11.33 1.47 -8.76
C GLY A 81 10.32 1.48 -9.88
N GLN A 82 10.76 1.78 -11.07
CA GLN A 82 9.90 1.78 -12.23
C GLN A 82 9.65 0.35 -12.72
N SER A 83 10.60 -0.53 -12.43
CA SER A 83 10.55 -1.92 -12.85
C SER A 83 9.29 -2.64 -12.34
N LYS A 84 9.02 -2.46 -11.08
CA LYS A 84 7.86 -3.04 -10.44
C LYS A 84 6.55 -2.42 -10.99
N SER A 85 6.64 -1.17 -11.40
CA SER A 85 5.49 -0.48 -11.96
C SER A 85 5.24 -0.97 -13.37
N ASP A 86 6.32 -1.26 -14.09
CA ASP A 86 6.27 -1.74 -15.49
C ASP A 86 5.48 -3.03 -15.58
N LYS A 87 5.69 -3.89 -14.60
CA LYS A 87 5.01 -5.17 -14.51
C LYS A 87 3.52 -4.94 -14.48
N ALA A 88 3.09 -4.16 -13.48
CA ALA A 88 1.69 -3.84 -13.28
C ALA A 88 1.11 -3.19 -14.53
N ALA A 89 1.86 -2.28 -15.08
CA ALA A 89 1.46 -1.54 -16.29
C ALA A 89 1.20 -2.48 -17.49
N ALA A 90 1.99 -3.53 -17.60
CA ALA A 90 1.84 -4.48 -18.72
C ALA A 90 0.69 -5.45 -18.47
N LEU A 91 0.31 -5.57 -17.21
CA LEU A 91 -0.73 -6.50 -16.79
C LEU A 91 -2.10 -5.88 -16.80
N GLY A 92 -2.14 -4.59 -16.92
CA GLY A 92 -3.40 -3.87 -16.95
C GLY A 92 -3.70 -3.27 -15.60
N THR A 93 -2.93 -3.70 -14.63
CA THR A 93 -2.99 -3.22 -13.29
C THR A 93 -2.65 -1.72 -13.25
N LYS A 94 -3.32 -1.00 -12.39
CA LYS A 94 -3.17 0.42 -12.26
C LYS A 94 -2.61 0.77 -10.91
N ILE A 95 -2.05 1.94 -10.80
CA ILE A 95 -1.41 2.37 -9.60
C ILE A 95 -2.40 3.21 -8.79
N ILE A 96 -2.47 2.94 -7.52
CA ILE A 96 -3.25 3.73 -6.61
C ILE A 96 -2.37 4.15 -5.47
N ASP A 97 -2.78 5.16 -4.77
CA ASP A 97 -2.04 5.65 -3.65
C ASP A 97 -2.61 5.11 -2.37
N GLU A 98 -2.08 5.62 -1.28
CA GLU A 98 -2.51 5.28 0.07
C GLU A 98 -3.99 5.60 0.23
N ASP A 99 -4.40 6.74 -0.36
CA ASP A 99 -5.77 7.19 -0.28
C ASP A 99 -6.68 6.21 -0.97
N GLY A 100 -6.21 5.65 -2.07
CA GLY A 100 -7.01 4.74 -2.86
C GLY A 100 -7.28 3.43 -2.17
N LEU A 101 -6.36 3.03 -1.32
CA LEU A 101 -6.48 1.78 -0.59
C LEU A 101 -7.54 1.95 0.49
N LEU A 102 -7.38 2.98 1.30
CA LEU A 102 -8.31 3.23 2.40
C LEU A 102 -9.65 3.74 1.90
N ASN A 103 -9.64 4.40 0.75
CA ASN A 103 -10.85 4.95 0.12
C ASN A 103 -11.93 3.91 -0.06
N LEU A 104 -11.54 2.77 -0.59
CA LEU A 104 -12.46 1.68 -0.85
C LEU A 104 -13.06 1.17 0.45
N ILE A 105 -12.19 0.95 1.42
CA ILE A 105 -12.60 0.44 2.72
C ILE A 105 -13.49 1.44 3.46
N ARG A 106 -13.11 2.70 3.40
CA ARG A 106 -13.80 3.76 4.09
C ARG A 106 -15.23 3.91 3.59
N ASN A 107 -15.43 3.75 2.28
CA ASN A 107 -16.76 3.85 1.69
C ASN A 107 -17.68 2.79 2.26
N LEU A 108 -17.18 1.59 2.35
CA LEU A 108 -17.96 0.48 2.87
C LEU A 108 -17.89 0.38 4.40
N GLU A 109 -17.37 1.39 5.05
CA GLU A 109 -17.27 1.42 6.49
C GLU A 109 -18.39 2.28 7.07
N LYS A 1 11.07 25.37 20.65
CA LYS A 1 11.26 25.40 19.20
C LYS A 1 12.62 24.95 18.79
N ARG A 2 13.63 25.30 19.62
CA ARG A 2 15.03 24.95 19.40
C ARG A 2 15.60 25.75 18.21
N THR A 3 16.78 26.31 18.38
CA THR A 3 17.41 27.09 17.33
C THR A 3 17.93 26.21 16.20
N ASN A 4 17.98 24.94 16.47
CA ASN A 4 18.35 23.97 15.48
C ASN A 4 17.09 23.36 14.90
N TYR A 5 16.80 23.73 13.68
CA TYR A 5 15.59 23.32 12.97
C TYR A 5 15.86 22.06 12.17
N GLN A 6 16.95 21.38 12.52
CA GLN A 6 17.48 20.14 11.85
C GLN A 6 16.45 19.02 11.78
N ALA A 7 15.42 19.16 12.56
CA ALA A 7 14.33 18.22 12.66
C ALA A 7 13.61 18.00 11.32
N TYR A 8 13.87 18.90 10.35
CA TYR A 8 13.32 18.81 9.00
C TYR A 8 13.60 17.44 8.36
N ARG A 9 14.71 16.81 8.78
CA ARG A 9 15.17 15.52 8.27
C ARG A 9 14.10 14.43 8.34
N SER A 10 13.31 14.44 9.39
CA SER A 10 12.29 13.41 9.60
C SER A 10 11.24 13.52 8.48
N TYR A 11 10.86 14.74 8.17
CA TYR A 11 9.83 15.02 7.19
C TYR A 11 10.35 14.77 5.78
N LEU A 12 11.65 14.97 5.60
CA LEU A 12 12.31 14.71 4.32
C LEU A 12 12.22 13.23 4.00
N ASN A 13 12.32 12.43 5.05
CA ASN A 13 12.25 10.98 4.91
C ASN A 13 10.81 10.57 4.70
N ARG A 14 9.90 11.37 5.28
CA ARG A 14 8.44 11.29 5.11
C ARG A 14 7.79 10.12 5.86
N GLU A 15 8.49 9.01 5.92
CA GLU A 15 8.02 7.86 6.65
C GLU A 15 8.20 8.10 8.15
N GLY A 16 7.17 7.85 8.91
CA GLY A 16 7.26 8.01 10.34
C GLY A 16 5.96 7.67 11.04
N PRO A 17 5.59 6.38 11.09
CA PRO A 17 4.38 5.95 11.73
C PRO A 17 4.61 5.71 13.23
N LYS A 18 4.40 6.73 14.01
CA LYS A 18 4.59 6.66 15.44
C LYS A 18 3.28 6.57 16.18
N ALA A 19 2.21 6.55 15.42
CA ALA A 19 0.86 6.43 15.96
C ALA A 19 0.39 4.98 15.86
N LEU A 20 1.33 4.07 15.62
CA LEU A 20 1.05 2.64 15.52
C LEU A 20 0.50 2.13 16.83
N GLY A 21 -0.55 1.34 16.75
CA GLY A 21 -1.18 0.79 17.93
C GLY A 21 -1.98 1.82 18.67
N SER A 22 -2.30 2.90 18.01
CA SER A 22 -3.07 3.98 18.58
C SER A 22 -4.05 4.46 17.52
N LYS A 23 -3.55 4.70 16.35
CA LYS A 23 -4.36 5.08 15.21
C LYS A 23 -4.18 4.05 14.11
N GLU A 24 -4.90 4.27 13.00
CA GLU A 24 -4.85 3.44 11.79
C GLU A 24 -5.65 2.12 11.96
N ILE A 25 -5.92 1.47 10.85
CA ILE A 25 -6.68 0.23 10.75
C ILE A 25 -8.17 0.53 10.80
N PRO A 26 -8.80 0.67 9.62
CA PRO A 26 -10.21 1.03 9.50
C PRO A 26 -11.15 -0.13 9.79
N LYS A 27 -12.41 0.19 9.94
CA LYS A 27 -13.45 -0.79 10.22
C LYS A 27 -14.36 -0.96 9.00
N GLY A 28 -13.82 -0.74 7.82
CA GLY A 28 -14.59 -0.73 6.63
C GLY A 28 -15.01 -2.11 6.17
N ALA A 29 -15.38 -2.20 4.94
CA ALA A 29 -15.84 -3.42 4.37
C ALA A 29 -14.68 -4.36 4.10
N GLU A 30 -14.62 -5.45 4.85
CA GLU A 30 -13.55 -6.43 4.69
C GLU A 30 -13.60 -7.05 3.31
N ASN A 31 -14.80 -7.38 2.91
CA ASN A 31 -15.06 -7.99 1.60
C ASN A 31 -14.67 -7.08 0.42
N CYS A 32 -14.29 -5.85 0.69
CA CYS A 32 -13.87 -4.93 -0.36
C CYS A 32 -12.50 -5.36 -0.91
N LEU A 33 -11.63 -5.90 -0.04
CA LEU A 33 -10.30 -6.33 -0.49
C LEU A 33 -10.33 -7.81 -0.84
N GLU A 34 -11.32 -8.50 -0.32
CA GLU A 34 -11.48 -9.92 -0.52
C GLU A 34 -11.80 -10.18 -1.99
N GLY A 35 -10.92 -10.90 -2.64
CA GLY A 35 -11.15 -11.26 -4.01
C GLY A 35 -10.02 -10.81 -4.89
N LEU A 36 -9.32 -9.81 -4.45
CA LEU A 36 -8.25 -9.28 -5.24
C LEU A 36 -6.96 -9.24 -4.46
N ILE A 37 -5.94 -8.68 -5.06
CA ILE A 37 -4.62 -8.71 -4.50
C ILE A 37 -4.15 -7.27 -4.36
N PHE A 38 -3.40 -7.00 -3.34
CA PHE A 38 -2.86 -5.71 -3.14
C PHE A 38 -1.38 -5.80 -2.92
N VAL A 39 -0.66 -5.21 -3.83
CA VAL A 39 0.76 -5.17 -3.74
C VAL A 39 1.17 -3.83 -3.18
N ILE A 40 1.78 -3.83 -2.02
CA ILE A 40 2.17 -2.62 -1.37
C ILE A 40 3.68 -2.43 -1.51
N THR A 41 4.07 -1.37 -2.18
CA THR A 41 5.46 -1.06 -2.40
C THR A 41 5.74 0.44 -2.13
N GLY A 42 6.94 0.71 -1.71
CA GLY A 42 7.33 2.02 -1.36
C GLY A 42 6.97 2.29 0.05
N VAL A 43 6.72 3.50 0.39
CA VAL A 43 6.28 3.83 1.70
C VAL A 43 5.01 4.59 1.62
N LEU A 44 4.11 4.26 2.49
CA LEU A 44 2.98 5.08 2.70
C LEU A 44 3.39 5.98 3.83
N GLU A 45 2.86 7.17 3.86
CA GLU A 45 3.34 8.21 4.78
C GLU A 45 3.35 7.72 6.23
N SER A 46 2.25 7.19 6.69
CA SER A 46 2.29 6.56 7.95
C SER A 46 1.45 5.29 7.91
N ILE A 47 2.13 4.21 7.70
CA ILE A 47 1.62 2.89 7.85
C ILE A 47 2.86 2.02 8.05
N GLU A 48 2.75 0.90 8.65
CA GLU A 48 3.88 0.02 8.66
C GLU A 48 3.61 -1.17 7.75
N ARG A 49 4.65 -1.92 7.46
CA ARG A 49 4.59 -3.00 6.50
C ARG A 49 3.62 -4.06 6.96
N ASP A 50 3.74 -4.45 8.20
CA ASP A 50 2.88 -5.49 8.75
C ASP A 50 1.46 -4.96 8.91
N GLU A 51 1.32 -3.64 9.07
CA GLU A 51 -0.01 -3.06 9.29
C GLU A 51 -0.78 -3.07 7.99
N ALA A 52 -0.05 -2.96 6.88
CA ALA A 52 -0.64 -3.05 5.58
C ALA A 52 -1.00 -4.50 5.31
N LYS A 53 -0.02 -5.34 5.55
CA LYS A 53 -0.11 -6.79 5.39
C LYS A 53 -1.32 -7.39 6.12
N SER A 54 -1.43 -7.13 7.40
CA SER A 54 -2.45 -7.62 8.21
C SER A 54 -3.82 -7.05 7.84
N LEU A 55 -3.86 -5.79 7.41
CA LEU A 55 -5.12 -5.15 7.05
C LEU A 55 -5.69 -5.86 5.83
N ILE A 56 -4.86 -6.04 4.82
CA ILE A 56 -5.26 -6.68 3.57
C ILE A 56 -5.67 -8.13 3.82
N GLU A 57 -4.89 -8.85 4.63
CA GLU A 57 -5.17 -10.24 4.93
C GLU A 57 -6.39 -10.42 5.83
N ARG A 58 -6.64 -9.48 6.73
CA ARG A 58 -7.85 -9.56 7.53
C ARG A 58 -9.06 -9.36 6.64
N TYR A 59 -8.90 -8.53 5.64
CA TYR A 59 -9.97 -8.25 4.75
C TYR A 59 -10.17 -9.37 3.73
N GLY A 60 -9.15 -10.17 3.52
CA GLY A 60 -9.32 -11.32 2.67
C GLY A 60 -8.62 -11.19 1.35
N GLY A 61 -7.84 -10.16 1.21
CA GLY A 61 -7.10 -9.98 0.00
C GLY A 61 -5.72 -10.53 0.19
N LYS A 62 -4.99 -10.71 -0.87
CA LYS A 62 -3.64 -11.22 -0.74
C LYS A 62 -2.72 -10.04 -0.86
N VAL A 63 -1.69 -10.04 -0.10
CA VAL A 63 -0.72 -9.00 -0.14
C VAL A 63 0.64 -9.60 -0.42
N THR A 64 1.29 -9.07 -1.40
CA THR A 64 2.55 -9.56 -1.83
C THR A 64 3.32 -8.42 -2.48
N GLY A 65 4.57 -8.63 -2.75
CA GLY A 65 5.36 -7.63 -3.42
C GLY A 65 5.46 -7.92 -4.90
N ASN A 66 4.82 -9.00 -5.31
CA ASN A 66 4.87 -9.44 -6.71
C ASN A 66 3.61 -9.07 -7.45
N VAL A 67 3.68 -8.02 -8.25
CA VAL A 67 2.56 -7.65 -9.08
C VAL A 67 2.35 -8.72 -10.15
N SER A 68 1.24 -9.38 -10.06
CA SER A 68 0.91 -10.47 -10.91
C SER A 68 -0.22 -10.04 -11.88
N LYS A 69 -0.64 -10.93 -12.75
CA LYS A 69 -1.60 -10.61 -13.81
C LYS A 69 -3.01 -10.42 -13.26
N LYS A 70 -3.28 -11.01 -12.13
CA LYS A 70 -4.59 -10.90 -11.49
C LYS A 70 -4.53 -10.05 -10.23
N THR A 71 -3.46 -9.29 -10.06
CA THR A 71 -3.31 -8.45 -8.90
C THR A 71 -4.35 -7.31 -8.88
N ASN A 72 -4.49 -6.64 -10.01
CA ASN A 72 -5.52 -5.61 -10.25
C ASN A 72 -5.17 -4.21 -9.67
N TYR A 73 -4.46 -4.14 -8.54
CA TYR A 73 -4.07 -2.87 -7.95
C TYR A 73 -2.64 -2.89 -7.46
N LEU A 74 -1.95 -1.81 -7.69
CA LEU A 74 -0.60 -1.65 -7.19
C LEU A 74 -0.55 -0.43 -6.28
N VAL A 75 -0.29 -0.66 -5.03
CA VAL A 75 -0.19 0.42 -4.07
C VAL A 75 1.26 0.83 -4.02
N MET A 76 1.52 1.93 -4.61
CA MET A 76 2.87 2.37 -4.71
C MET A 76 3.02 3.76 -4.15
N GLY A 77 3.55 3.80 -2.93
CA GLY A 77 3.78 5.05 -2.25
C GLY A 77 4.91 5.82 -2.87
N ARG A 78 5.94 5.09 -3.25
CA ARG A 78 7.06 5.67 -3.95
C ARG A 78 7.29 4.88 -5.20
N ASP A 79 7.23 5.56 -6.32
CA ASP A 79 7.29 4.95 -7.67
C ASP A 79 8.71 4.61 -8.09
N SER A 80 9.60 4.53 -7.13
CA SER A 80 11.00 4.20 -7.38
C SER A 80 11.17 2.72 -7.80
N GLY A 81 10.16 1.90 -7.58
CA GLY A 81 10.21 0.52 -8.00
C GLY A 81 9.75 0.37 -9.42
N GLN A 82 10.57 0.87 -10.34
CA GLN A 82 10.26 0.91 -11.75
C GLN A 82 10.03 -0.49 -12.33
N SER A 83 10.75 -1.48 -11.83
CA SER A 83 10.59 -2.84 -12.29
C SER A 83 9.19 -3.38 -11.94
N LYS A 84 8.65 -2.91 -10.85
CA LYS A 84 7.36 -3.40 -10.36
C LYS A 84 6.26 -2.73 -11.17
N SER A 85 6.35 -1.42 -11.29
CA SER A 85 5.40 -0.65 -12.03
C SER A 85 5.44 -1.02 -13.51
N ASP A 86 6.62 -1.44 -13.98
CA ASP A 86 6.83 -1.89 -15.37
C ASP A 86 5.88 -3.03 -15.72
N LYS A 87 5.84 -4.01 -14.84
CA LYS A 87 4.99 -5.18 -15.01
C LYS A 87 3.55 -4.76 -14.97
N ALA A 88 3.22 -3.97 -13.95
CA ALA A 88 1.87 -3.49 -13.73
C ALA A 88 1.34 -2.75 -14.97
N ALA A 89 2.18 -1.92 -15.54
CA ALA A 89 1.83 -1.14 -16.72
C ALA A 89 1.61 -2.01 -17.96
N ALA A 90 2.28 -3.15 -18.02
CA ALA A 90 2.14 -4.08 -19.14
C ALA A 90 0.86 -4.89 -19.01
N LEU A 91 0.41 -5.02 -17.78
CA LEU A 91 -0.79 -5.77 -17.45
C LEU A 91 -2.01 -4.88 -17.47
N GLY A 92 -1.78 -3.59 -17.42
CA GLY A 92 -2.87 -2.63 -17.40
C GLY A 92 -3.33 -2.35 -15.98
N THR A 93 -2.49 -2.71 -15.06
CA THR A 93 -2.74 -2.54 -13.68
C THR A 93 -2.52 -1.08 -13.29
N LYS A 94 -3.30 -0.62 -12.36
CA LYS A 94 -3.38 0.76 -11.99
C LYS A 94 -2.85 1.00 -10.61
N ILE A 95 -2.25 2.14 -10.46
CA ILE A 95 -1.55 2.50 -9.25
C ILE A 95 -2.48 3.25 -8.31
N ILE A 96 -2.44 2.90 -7.06
CA ILE A 96 -3.20 3.61 -6.06
C ILE A 96 -2.31 3.99 -4.90
N ASP A 97 -2.69 5.04 -4.21
CA ASP A 97 -1.95 5.50 -3.04
C ASP A 97 -2.59 4.93 -1.80
N GLU A 98 -2.07 5.37 -0.67
CA GLU A 98 -2.65 5.08 0.64
C GLU A 98 -4.06 5.65 0.67
N ASP A 99 -4.21 6.81 0.05
CA ASP A 99 -5.47 7.52 -0.09
C ASP A 99 -6.47 6.61 -0.76
N GLY A 100 -6.03 5.96 -1.82
CA GLY A 100 -6.86 5.10 -2.61
C GLY A 100 -7.21 3.80 -1.92
N LEU A 101 -6.21 3.18 -1.30
CA LEU A 101 -6.39 1.90 -0.60
C LEU A 101 -7.47 2.05 0.49
N LEU A 102 -7.32 3.08 1.30
CA LEU A 102 -8.26 3.34 2.38
C LEU A 102 -9.60 3.86 1.87
N ASN A 103 -9.59 4.50 0.69
CA ASN A 103 -10.81 5.04 0.09
C ASN A 103 -11.76 3.89 -0.22
N LEU A 104 -11.21 2.86 -0.87
CA LEU A 104 -11.96 1.66 -1.24
C LEU A 104 -12.61 1.02 -0.03
N ILE A 105 -11.85 0.89 1.03
CA ILE A 105 -12.32 0.28 2.26
C ILE A 105 -13.45 1.08 2.91
N ARG A 106 -13.29 2.37 2.97
CA ARG A 106 -14.25 3.24 3.61
C ARG A 106 -15.51 3.43 2.76
N ASN A 107 -15.33 3.68 1.48
CA ASN A 107 -16.44 3.97 0.57
C ASN A 107 -17.34 2.75 0.38
N LEU A 108 -16.75 1.57 0.31
CA LEU A 108 -17.52 0.35 0.09
C LEU A 108 -18.21 -0.18 1.34
N GLU A 109 -18.12 0.55 2.44
CA GLU A 109 -18.83 0.18 3.63
C GLU A 109 -20.21 0.80 3.59
N LYS A 1 23.07 29.92 9.31
CA LYS A 1 23.26 29.42 7.93
C LYS A 1 22.24 28.33 7.62
N ARG A 2 22.41 27.16 8.21
CA ARG A 2 21.56 26.00 7.94
C ARG A 2 20.33 26.04 8.87
N THR A 3 19.70 27.17 8.91
CA THR A 3 18.55 27.38 9.75
C THR A 3 17.26 26.92 9.03
N ASN A 4 17.42 26.54 7.78
CA ASN A 4 16.31 26.07 7.02
C ASN A 4 16.23 24.56 7.07
N TYR A 5 15.04 24.07 7.28
CA TYR A 5 14.77 22.65 7.35
C TYR A 5 13.74 22.27 6.32
N GLN A 6 13.70 23.06 5.27
CA GLN A 6 12.77 22.89 4.16
C GLN A 6 13.03 21.56 3.46
N ALA A 7 14.28 21.31 3.15
CA ALA A 7 14.68 20.08 2.49
C ALA A 7 14.60 18.93 3.46
N TYR A 8 14.95 19.22 4.71
CA TYR A 8 14.92 18.23 5.78
C TYR A 8 13.53 17.67 5.98
N ARG A 9 12.54 18.52 5.82
CA ARG A 9 11.15 18.12 5.91
C ARG A 9 10.83 17.01 4.91
N SER A 10 11.35 17.12 3.72
CA SER A 10 11.13 16.14 2.69
C SER A 10 11.81 14.79 3.06
N TYR A 11 13.00 14.86 3.65
CA TYR A 11 13.72 13.65 4.05
C TYR A 11 13.15 13.01 5.33
N LEU A 12 13.04 13.81 6.37
CA LEU A 12 12.67 13.32 7.70
C LEU A 12 11.18 13.07 7.85
N ASN A 13 10.36 13.87 7.19
CA ASN A 13 8.91 13.75 7.33
C ASN A 13 8.32 12.90 6.24
N ARG A 14 9.20 12.19 5.54
CA ARG A 14 8.78 11.28 4.49
C ARG A 14 8.13 10.04 5.11
N GLU A 15 8.45 9.81 6.35
CA GLU A 15 7.91 8.72 7.10
C GLU A 15 7.59 9.25 8.50
N GLY A 16 6.34 9.30 8.86
CA GLY A 16 5.99 9.79 10.18
C GLY A 16 4.60 9.37 10.56
N PRO A 17 4.40 8.08 10.93
CA PRO A 17 3.09 7.56 11.30
C PRO A 17 2.49 8.24 12.52
N LYS A 18 3.11 8.02 13.69
CA LYS A 18 2.67 8.57 14.99
C LYS A 18 1.36 7.95 15.48
N ALA A 19 0.36 8.01 14.67
CA ALA A 19 -0.98 7.47 14.95
C ALA A 19 -1.10 6.07 14.36
N LEU A 20 0.02 5.38 14.38
CA LEU A 20 0.19 4.08 13.79
C LEU A 20 -0.71 3.05 14.45
N GLY A 21 -1.62 2.51 13.65
CA GLY A 21 -2.51 1.49 14.11
C GLY A 21 -3.77 2.07 14.70
N SER A 22 -4.06 3.29 14.36
CA SER A 22 -5.24 3.94 14.89
C SER A 22 -5.99 4.75 13.82
N LYS A 23 -5.48 4.78 12.60
CA LYS A 23 -6.11 5.61 11.57
C LYS A 23 -6.25 4.84 10.27
N GLU A 24 -5.30 4.01 10.02
CA GLU A 24 -5.16 3.28 8.80
C GLU A 24 -5.81 1.90 8.83
N ILE A 25 -6.31 1.52 9.98
CA ILE A 25 -6.94 0.22 10.10
C ILE A 25 -8.42 0.39 10.36
N PRO A 26 -9.24 0.35 9.33
CA PRO A 26 -10.68 0.47 9.47
C PRO A 26 -11.32 -0.87 9.88
N LYS A 27 -12.58 -0.82 10.26
CA LYS A 27 -13.37 -1.97 10.67
C LYS A 27 -14.43 -2.26 9.59
N GLY A 28 -14.07 -1.97 8.36
CA GLY A 28 -15.00 -2.03 7.27
C GLY A 28 -15.24 -3.42 6.72
N ALA A 29 -15.82 -3.44 5.56
CA ALA A 29 -16.19 -4.65 4.87
C ALA A 29 -14.97 -5.46 4.46
N GLU A 30 -14.80 -6.59 5.10
CA GLU A 30 -13.68 -7.49 4.85
C GLU A 30 -13.78 -8.17 3.50
N ASN A 31 -14.96 -8.12 2.95
CA ASN A 31 -15.22 -8.67 1.64
C ASN A 31 -14.82 -7.71 0.52
N CYS A 32 -14.45 -6.49 0.88
CA CYS A 32 -14.11 -5.49 -0.12
C CYS A 32 -12.81 -5.81 -0.86
N LEU A 33 -11.80 -6.27 -0.14
CA LEU A 33 -10.52 -6.58 -0.80
C LEU A 33 -10.49 -8.04 -1.22
N GLU A 34 -11.48 -8.77 -0.76
CA GLU A 34 -11.64 -10.16 -1.06
C GLU A 34 -12.03 -10.31 -2.53
N GLY A 35 -11.21 -11.01 -3.27
CA GLY A 35 -11.49 -11.22 -4.65
C GLY A 35 -10.32 -10.88 -5.52
N LEU A 36 -9.47 -10.00 -5.05
CA LEU A 36 -8.33 -9.59 -5.83
C LEU A 36 -7.05 -9.64 -5.02
N ILE A 37 -5.96 -9.26 -5.62
CA ILE A 37 -4.67 -9.30 -5.00
C ILE A 37 -4.18 -7.86 -4.89
N PHE A 38 -3.44 -7.55 -3.88
CA PHE A 38 -2.90 -6.23 -3.72
C PHE A 38 -1.41 -6.30 -3.57
N VAL A 39 -0.75 -5.36 -4.14
CA VAL A 39 0.68 -5.27 -4.04
C VAL A 39 1.04 -3.89 -3.55
N ILE A 40 1.71 -3.82 -2.43
CA ILE A 40 2.14 -2.56 -1.88
C ILE A 40 3.66 -2.48 -1.85
N THR A 41 4.19 -1.43 -2.39
CA THR A 41 5.58 -1.25 -2.40
C THR A 41 5.88 0.26 -2.25
N GLY A 42 6.99 0.58 -1.63
CA GLY A 42 7.39 1.96 -1.45
C GLY A 42 6.67 2.62 -0.30
N VAL A 43 6.89 3.89 -0.13
CA VAL A 43 6.23 4.61 0.94
C VAL A 43 5.17 5.48 0.34
N LEU A 44 3.97 5.30 0.81
CA LEU A 44 2.80 6.00 0.30
C LEU A 44 2.86 7.46 0.74
N GLU A 45 2.28 7.77 1.85
CA GLU A 45 2.54 9.03 2.47
C GLU A 45 3.18 8.72 3.78
N SER A 46 2.57 7.77 4.49
CA SER A 46 3.06 7.29 5.73
C SER A 46 2.22 6.07 6.19
N ILE A 47 2.79 4.89 6.03
CA ILE A 47 2.21 3.65 6.49
C ILE A 47 3.34 2.67 6.70
N GLU A 48 3.25 1.87 7.73
CA GLU A 48 4.20 0.81 7.89
C GLU A 48 3.72 -0.36 7.06
N ARG A 49 4.63 -1.02 6.38
CA ARG A 49 4.34 -2.14 5.48
C ARG A 49 3.57 -3.23 6.23
N ASP A 50 3.85 -3.32 7.53
CA ASP A 50 3.25 -4.31 8.42
C ASP A 50 1.76 -4.07 8.56
N GLU A 51 1.38 -2.81 8.59
CA GLU A 51 -0.01 -2.45 8.86
C GLU A 51 -0.84 -2.67 7.63
N ALA A 52 -0.21 -2.51 6.50
CA ALA A 52 -0.85 -2.72 5.24
C ALA A 52 -1.05 -4.22 5.03
N LYS A 53 -0.03 -4.99 5.43
CA LYS A 53 -0.03 -6.40 5.34
C LYS A 53 -1.20 -7.00 6.14
N SER A 54 -1.28 -6.65 7.40
CA SER A 54 -2.25 -7.12 8.30
C SER A 54 -3.69 -6.75 7.88
N LEU A 55 -3.83 -5.56 7.29
CA LEU A 55 -5.12 -5.06 6.86
C LEU A 55 -5.62 -5.85 5.64
N ILE A 56 -4.82 -5.89 4.58
CA ILE A 56 -5.21 -6.54 3.33
C ILE A 56 -5.48 -8.03 3.53
N GLU A 57 -4.59 -8.72 4.24
CA GLU A 57 -4.73 -10.16 4.48
C GLU A 57 -6.04 -10.52 5.19
N ARG A 58 -6.44 -9.70 6.16
CA ARG A 58 -7.69 -9.95 6.87
C ARG A 58 -8.87 -9.74 5.94
N TYR A 59 -8.72 -8.82 5.04
CA TYR A 59 -9.78 -8.46 4.13
C TYR A 59 -9.80 -9.34 2.89
N GLY A 60 -9.31 -10.56 3.02
CA GLY A 60 -9.43 -11.56 1.98
C GLY A 60 -8.39 -11.47 0.90
N GLY A 61 -8.06 -10.26 0.52
CA GLY A 61 -7.09 -10.02 -0.51
C GLY A 61 -5.71 -10.49 -0.12
N LYS A 62 -4.92 -10.81 -1.08
CA LYS A 62 -3.58 -11.22 -0.81
C LYS A 62 -2.68 -10.06 -1.07
N VAL A 63 -1.86 -9.74 -0.15
CA VAL A 63 -0.90 -8.71 -0.38
C VAL A 63 0.47 -9.32 -0.57
N THR A 64 0.99 -9.13 -1.74
CA THR A 64 2.21 -9.75 -2.12
C THR A 64 3.15 -8.72 -2.76
N GLY A 65 4.28 -9.18 -3.24
CA GLY A 65 5.21 -8.33 -3.92
C GLY A 65 5.18 -8.57 -5.42
N ASN A 66 4.91 -9.79 -5.81
CA ASN A 66 4.82 -10.14 -7.21
C ASN A 66 3.43 -9.86 -7.78
N VAL A 67 3.36 -8.82 -8.56
CA VAL A 67 2.13 -8.37 -9.19
C VAL A 67 1.65 -9.40 -10.22
N SER A 68 0.45 -9.87 -10.05
CA SER A 68 -0.19 -10.78 -10.97
C SER A 68 -1.35 -10.03 -11.69
N LYS A 69 -1.99 -10.67 -12.68
CA LYS A 69 -3.12 -10.04 -13.42
C LYS A 69 -4.28 -9.74 -12.46
N LYS A 70 -4.36 -10.53 -11.42
CA LYS A 70 -5.39 -10.40 -10.41
C LYS A 70 -5.18 -9.22 -9.46
N THR A 71 -4.09 -8.49 -9.60
CA THR A 71 -3.77 -7.43 -8.67
C THR A 71 -4.68 -6.21 -8.87
N ASN A 72 -4.67 -5.63 -10.07
CA ASN A 72 -5.48 -4.44 -10.40
C ASN A 72 -5.00 -3.15 -9.70
N TYR A 73 -4.46 -3.25 -8.48
CA TYR A 73 -4.06 -2.08 -7.73
C TYR A 73 -2.68 -2.23 -7.13
N LEU A 74 -1.79 -1.37 -7.55
CA LEU A 74 -0.46 -1.30 -7.03
C LEU A 74 -0.41 -0.14 -6.08
N VAL A 75 -0.22 -0.43 -4.86
CA VAL A 75 -0.17 0.57 -3.85
C VAL A 75 1.27 0.99 -3.74
N MET A 76 1.59 2.13 -4.28
CA MET A 76 2.95 2.54 -4.38
C MET A 76 3.06 4.04 -4.35
N GLY A 77 3.81 4.53 -3.39
CA GLY A 77 4.05 5.94 -3.29
C GLY A 77 5.34 6.28 -3.94
N ARG A 78 6.37 6.33 -3.16
CA ARG A 78 7.68 6.48 -3.70
C ARG A 78 8.42 5.19 -3.58
N ASP A 79 8.61 4.54 -4.67
CA ASP A 79 9.41 3.35 -4.74
C ASP A 79 10.36 3.57 -5.90
N SER A 80 11.61 3.34 -5.69
CA SER A 80 12.60 3.61 -6.71
C SER A 80 12.86 2.40 -7.62
N GLY A 81 12.07 1.36 -7.46
CA GLY A 81 12.20 0.21 -8.29
C GLY A 81 11.17 0.22 -9.38
N GLN A 82 11.57 0.53 -10.58
CA GLN A 82 10.65 0.56 -11.68
C GLN A 82 10.31 -0.85 -12.16
N SER A 83 11.23 -1.79 -11.92
CA SER A 83 11.08 -3.15 -12.44
C SER A 83 9.84 -3.85 -11.85
N LYS A 84 9.52 -3.54 -10.62
CA LYS A 84 8.36 -4.09 -9.96
C LYS A 84 7.08 -3.39 -10.44
N SER A 85 7.16 -2.07 -10.63
CA SER A 85 6.05 -1.26 -11.07
C SER A 85 5.69 -1.59 -12.53
N ASP A 86 6.72 -1.98 -13.28
CA ASP A 86 6.60 -2.39 -14.69
C ASP A 86 5.58 -3.50 -14.87
N LYS A 87 5.51 -4.41 -13.89
CA LYS A 87 4.53 -5.51 -13.92
C LYS A 87 3.14 -4.96 -13.90
N ALA A 88 2.90 -4.10 -12.93
CA ALA A 88 1.62 -3.49 -12.74
C ALA A 88 1.23 -2.67 -13.95
N ALA A 89 2.18 -1.89 -14.42
CA ALA A 89 2.00 -1.04 -15.59
C ALA A 89 1.57 -1.83 -16.82
N ALA A 90 2.26 -2.94 -17.08
CA ALA A 90 1.98 -3.79 -18.23
C ALA A 90 0.59 -4.40 -18.17
N LEU A 91 0.17 -4.74 -16.98
CA LEU A 91 -1.11 -5.39 -16.79
C LEU A 91 -2.25 -4.38 -16.82
N GLY A 92 -1.95 -3.16 -16.46
CA GLY A 92 -2.96 -2.13 -16.41
C GLY A 92 -3.35 -1.85 -14.99
N THR A 93 -2.61 -2.46 -14.10
CA THR A 93 -2.76 -2.31 -12.69
C THR A 93 -2.41 -0.87 -12.31
N LYS A 94 -3.35 -0.20 -11.71
CA LYS A 94 -3.25 1.22 -11.44
C LYS A 94 -2.60 1.48 -10.09
N ILE A 95 -2.09 2.68 -9.94
CA ILE A 95 -1.32 3.03 -8.76
C ILE A 95 -2.23 3.75 -7.75
N ILE A 96 -2.17 3.32 -6.51
CA ILE A 96 -2.92 3.94 -5.43
C ILE A 96 -2.03 4.22 -4.22
N ASP A 97 -2.53 5.03 -3.33
CA ASP A 97 -1.85 5.39 -2.08
C ASP A 97 -2.64 4.78 -0.93
N GLU A 98 -2.35 5.17 0.32
CA GLU A 98 -3.08 4.59 1.44
C GLU A 98 -4.51 5.06 1.49
N ASP A 99 -4.74 6.34 1.21
CA ASP A 99 -6.08 6.89 1.27
C ASP A 99 -6.93 6.27 0.19
N GLY A 100 -6.32 6.08 -0.99
CA GLY A 100 -7.00 5.45 -2.10
C GLY A 100 -7.36 4.00 -1.80
N LEU A 101 -6.47 3.30 -1.11
CA LEU A 101 -6.68 1.91 -0.73
C LEU A 101 -7.79 1.85 0.30
N LEU A 102 -7.65 2.64 1.35
CA LEU A 102 -8.61 2.67 2.43
C LEU A 102 -9.96 3.10 1.95
N ASN A 103 -9.98 3.94 0.91
CA ASN A 103 -11.22 4.46 0.33
C ASN A 103 -12.15 3.34 -0.13
N LEU A 104 -11.58 2.23 -0.58
CA LEU A 104 -12.37 1.08 -1.01
C LEU A 104 -13.11 0.48 0.18
N ILE A 105 -12.50 0.51 1.32
CA ILE A 105 -13.11 -0.02 2.52
C ILE A 105 -14.05 1.06 3.11
N ARG A 106 -13.58 2.28 3.00
CA ARG A 106 -14.22 3.50 3.49
C ARG A 106 -15.62 3.67 2.91
N ASN A 107 -15.81 3.37 1.62
CA ASN A 107 -17.12 3.55 1.01
C ASN A 107 -18.11 2.51 1.48
N LEU A 108 -17.62 1.40 1.98
CA LEU A 108 -18.50 0.38 2.55
C LEU A 108 -18.80 0.73 4.01
N GLU A 109 -17.90 1.48 4.62
CA GLU A 109 -17.94 1.95 6.00
C GLU A 109 -17.64 0.82 6.98
N LYS A 1 13.58 35.09 -6.80
CA LYS A 1 13.55 33.95 -7.70
C LYS A 1 13.37 32.66 -6.93
N ARG A 2 12.76 31.68 -7.57
CA ARG A 2 12.51 30.38 -6.97
C ARG A 2 13.80 29.63 -6.84
N THR A 3 13.94 28.91 -5.79
CA THR A 3 15.16 28.23 -5.53
C THR A 3 14.90 26.80 -5.13
N ASN A 4 14.89 25.94 -6.10
CA ASN A 4 14.75 24.52 -5.87
C ASN A 4 16.10 23.88 -6.04
N TYR A 5 16.37 22.87 -5.26
CA TYR A 5 17.63 22.18 -5.30
C TYR A 5 17.39 20.71 -5.55
N GLN A 6 18.46 19.92 -5.55
CA GLN A 6 18.37 18.48 -5.67
C GLN A 6 17.78 17.92 -4.38
N ALA A 7 17.79 18.78 -3.36
CA ALA A 7 17.28 18.51 -2.03
C ALA A 7 15.85 18.00 -2.01
N TYR A 8 15.09 18.23 -3.10
CA TYR A 8 13.73 17.70 -3.20
C TYR A 8 13.76 16.17 -3.03
N ARG A 9 14.82 15.54 -3.53
CA ARG A 9 15.01 14.10 -3.42
C ARG A 9 15.30 13.70 -1.99
N SER A 10 15.90 14.61 -1.25
CA SER A 10 16.20 14.37 0.13
C SER A 10 14.89 14.36 0.92
N TYR A 11 14.02 15.35 0.65
CA TYR A 11 12.71 15.44 1.30
C TYR A 11 11.87 14.21 0.96
N LEU A 12 11.87 13.83 -0.31
CA LEU A 12 11.12 12.66 -0.76
C LEU A 12 11.64 11.34 -0.20
N ASN A 13 12.92 11.30 0.14
CA ASN A 13 13.51 10.08 0.67
C ASN A 13 13.45 10.02 2.18
N ARG A 14 12.74 10.95 2.79
CA ARG A 14 12.54 10.92 4.23
C ARG A 14 11.46 9.91 4.54
N GLU A 15 11.88 8.70 4.78
CA GLU A 15 10.95 7.65 5.06
C GLU A 15 10.57 7.70 6.53
N GLY A 16 9.45 8.31 6.80
CA GLY A 16 8.98 8.43 8.14
C GLY A 16 7.48 8.54 8.19
N PRO A 17 6.78 7.45 8.49
CA PRO A 17 5.32 7.47 8.66
C PRO A 17 4.94 8.32 9.86
N LYS A 18 4.22 9.39 9.60
CA LYS A 18 3.85 10.32 10.63
C LYS A 18 2.74 9.74 11.47
N ALA A 19 1.60 9.59 10.88
CA ALA A 19 0.51 9.03 11.58
C ALA A 19 0.42 7.64 11.11
N LEU A 20 1.15 6.81 11.77
CA LEU A 20 1.19 5.45 11.40
C LEU A 20 -0.02 4.67 11.95
N GLY A 21 0.08 4.21 13.17
CA GLY A 21 -0.99 3.42 13.75
C GLY A 21 -2.18 4.23 14.13
N SER A 22 -1.96 5.49 14.41
CA SER A 22 -3.01 6.37 14.85
C SER A 22 -3.64 7.16 13.69
N LYS A 23 -3.40 6.71 12.46
CA LYS A 23 -3.99 7.37 11.31
C LYS A 23 -5.44 6.95 11.13
N GLU A 24 -5.68 5.69 10.88
CA GLU A 24 -7.02 5.25 10.62
C GLU A 24 -7.25 3.80 10.93
N ILE A 25 -6.99 2.96 9.96
CA ILE A 25 -7.26 1.51 10.01
C ILE A 25 -8.78 1.31 10.10
N PRO A 26 -9.45 1.28 8.95
CA PRO A 26 -10.90 1.13 8.88
C PRO A 26 -11.33 -0.34 8.98
N LYS A 27 -12.58 -0.57 9.32
CA LYS A 27 -13.10 -1.90 9.53
C LYS A 27 -13.76 -2.47 8.29
N GLY A 28 -14.06 -1.58 7.35
CA GLY A 28 -14.63 -1.92 6.05
C GLY A 28 -15.73 -2.97 6.09
N ALA A 29 -15.45 -4.08 5.46
CA ALA A 29 -16.35 -5.19 5.33
C ALA A 29 -15.49 -6.40 5.04
N GLU A 30 -15.99 -7.59 5.33
CA GLU A 30 -15.22 -8.86 5.16
C GLU A 30 -14.66 -8.96 3.75
N ASN A 31 -15.54 -8.74 2.83
CA ASN A 31 -15.34 -8.89 1.41
C ASN A 31 -14.66 -7.70 0.76
N CYS A 32 -14.45 -6.63 1.52
CA CYS A 32 -13.98 -5.35 1.00
C CYS A 32 -12.80 -5.44 0.01
N LEU A 33 -11.84 -6.30 0.29
CA LEU A 33 -10.69 -6.40 -0.57
C LEU A 33 -10.59 -7.79 -1.17
N GLU A 34 -11.66 -8.54 -1.02
CA GLU A 34 -11.70 -9.90 -1.47
C GLU A 34 -12.09 -9.95 -2.94
N GLY A 35 -11.41 -10.81 -3.68
CA GLY A 35 -11.65 -10.94 -5.10
C GLY A 35 -10.48 -10.41 -5.90
N LEU A 36 -9.69 -9.56 -5.29
CA LEU A 36 -8.57 -8.95 -5.96
C LEU A 36 -7.32 -8.99 -5.09
N ILE A 37 -6.25 -8.38 -5.56
CA ILE A 37 -4.96 -8.43 -4.90
C ILE A 37 -4.49 -7.00 -4.67
N PHE A 38 -3.67 -6.79 -3.69
CA PHE A 38 -3.10 -5.50 -3.43
C PHE A 38 -1.63 -5.62 -3.19
N VAL A 39 -0.87 -5.07 -4.07
CA VAL A 39 0.56 -5.10 -3.94
C VAL A 39 1.01 -3.72 -3.49
N ILE A 40 1.82 -3.66 -2.45
CA ILE A 40 2.25 -2.39 -1.89
C ILE A 40 3.77 -2.31 -1.81
N THR A 41 4.32 -1.20 -2.23
CA THR A 41 5.74 -0.99 -2.19
C THR A 41 6.05 0.48 -1.86
N GLY A 42 7.10 0.70 -1.08
CA GLY A 42 7.53 2.04 -0.77
C GLY A 42 6.77 2.68 0.39
N VAL A 43 7.38 3.68 1.00
CA VAL A 43 6.79 4.36 2.15
C VAL A 43 5.71 5.35 1.75
N LEU A 44 4.57 5.22 2.38
CA LEU A 44 3.41 6.04 2.11
C LEU A 44 3.41 7.36 2.93
N GLU A 45 4.31 7.47 3.96
CA GLU A 45 4.29 8.65 4.94
C GLU A 45 2.91 8.58 5.62
N SER A 46 2.56 7.37 5.78
CA SER A 46 1.34 6.82 5.99
C SER A 46 1.76 5.40 6.17
N ILE A 47 0.91 4.49 6.12
CA ILE A 47 1.11 3.19 6.69
C ILE A 47 2.09 2.32 5.94
N GLU A 48 2.85 1.62 6.78
CA GLU A 48 3.87 0.74 6.40
C GLU A 48 3.33 -0.60 5.98
N ARG A 49 4.19 -1.34 5.38
CA ARG A 49 3.86 -2.56 4.69
C ARG A 49 3.16 -3.55 5.57
N ASP A 50 3.69 -3.78 6.75
CA ASP A 50 3.13 -4.81 7.62
C ASP A 50 1.78 -4.40 8.17
N GLU A 51 1.60 -3.10 8.42
CA GLU A 51 0.32 -2.62 8.96
C GLU A 51 -0.72 -2.63 7.85
N ALA A 52 -0.24 -2.44 6.63
CA ALA A 52 -1.08 -2.51 5.46
C ALA A 52 -1.48 -3.95 5.20
N LYS A 53 -0.51 -4.84 5.20
CA LYS A 53 -0.75 -6.25 4.89
C LYS A 53 -1.72 -6.91 5.84
N SER A 54 -1.53 -6.70 7.14
CA SER A 54 -2.38 -7.23 8.13
C SER A 54 -3.82 -6.71 7.95
N LEU A 55 -3.94 -5.49 7.46
CA LEU A 55 -5.21 -4.89 7.18
C LEU A 55 -5.82 -5.50 5.91
N ILE A 56 -5.03 -5.54 4.84
CA ILE A 56 -5.47 -6.04 3.54
C ILE A 56 -5.89 -7.50 3.60
N GLU A 57 -5.06 -8.35 4.20
CA GLU A 57 -5.33 -9.79 4.24
C GLU A 57 -6.55 -10.12 5.09
N ARG A 58 -6.88 -9.23 6.04
CA ARG A 58 -8.05 -9.40 6.89
C ARG A 58 -9.32 -9.34 6.03
N TYR A 59 -9.26 -8.54 4.98
CA TYR A 59 -10.39 -8.34 4.12
C TYR A 59 -10.30 -9.19 2.86
N GLY A 60 -9.47 -10.22 2.92
CA GLY A 60 -9.39 -11.19 1.86
C GLY A 60 -8.29 -10.96 0.87
N GLY A 61 -8.03 -9.70 0.57
CA GLY A 61 -7.00 -9.32 -0.39
C GLY A 61 -5.63 -9.91 -0.07
N LYS A 62 -4.91 -10.29 -1.09
CA LYS A 62 -3.60 -10.89 -0.91
C LYS A 62 -2.56 -9.84 -1.21
N VAL A 63 -1.48 -9.85 -0.45
CA VAL A 63 -0.38 -8.98 -0.71
C VAL A 63 0.85 -9.81 -1.00
N THR A 64 1.57 -9.42 -2.00
CA THR A 64 2.80 -10.05 -2.37
C THR A 64 3.74 -8.92 -2.76
N GLY A 65 5.03 -9.18 -2.72
CA GLY A 65 6.01 -8.15 -3.00
C GLY A 65 6.14 -7.86 -4.48
N ASN A 66 5.83 -8.86 -5.28
CA ASN A 66 5.90 -8.72 -6.72
C ASN A 66 4.52 -8.90 -7.33
N VAL A 67 4.15 -7.95 -8.13
CA VAL A 67 2.84 -7.87 -8.81
C VAL A 67 2.41 -9.22 -9.45
N SER A 68 1.17 -9.61 -9.18
CA SER A 68 0.59 -10.82 -9.70
C SER A 68 -0.13 -10.47 -11.01
N LYS A 69 -0.53 -11.47 -11.79
CA LYS A 69 -1.13 -11.25 -13.11
C LYS A 69 -2.40 -10.40 -13.02
N LYS A 70 -3.22 -10.66 -12.05
CA LYS A 70 -4.39 -9.89 -11.84
C LYS A 70 -4.33 -9.24 -10.48
N THR A 71 -3.43 -8.31 -10.37
CA THR A 71 -3.31 -7.56 -9.15
C THR A 71 -4.41 -6.50 -9.09
N ASN A 72 -4.44 -5.65 -10.11
CA ASN A 72 -5.42 -4.58 -10.28
C ASN A 72 -4.99 -3.29 -9.55
N TYR A 73 -4.48 -3.39 -8.31
CA TYR A 73 -4.07 -2.17 -7.59
C TYR A 73 -2.68 -2.31 -7.00
N LEU A 74 -1.82 -1.38 -7.34
CA LEU A 74 -0.48 -1.31 -6.81
C LEU A 74 -0.32 -0.04 -5.98
N VAL A 75 -0.11 -0.20 -4.71
CA VAL A 75 0.06 0.91 -3.80
C VAL A 75 1.53 1.27 -3.83
N MET A 76 1.83 2.46 -4.22
CA MET A 76 3.19 2.86 -4.41
C MET A 76 3.51 4.10 -3.60
N GLY A 77 4.53 4.02 -2.80
CA GLY A 77 5.01 5.14 -2.06
C GLY A 77 6.50 5.30 -2.25
N ARG A 78 7.00 6.50 -2.03
CA ARG A 78 8.40 6.94 -2.19
C ARG A 78 9.12 6.53 -3.53
N ASP A 79 9.23 5.25 -3.79
CA ASP A 79 9.91 4.72 -4.95
C ASP A 79 8.97 3.79 -5.67
N SER A 80 8.98 3.91 -6.95
CA SER A 80 8.08 3.21 -7.83
C SER A 80 8.26 1.67 -7.86
N GLY A 81 9.49 1.19 -7.70
CA GLY A 81 9.74 -0.22 -7.93
C GLY A 81 9.49 -0.49 -9.40
N GLN A 82 10.30 0.16 -10.22
CA GLN A 82 10.12 0.25 -11.68
C GLN A 82 9.93 -1.09 -12.39
N SER A 83 10.60 -2.13 -11.93
CA SER A 83 10.47 -3.43 -12.55
C SER A 83 9.06 -4.02 -12.35
N LYS A 84 8.57 -3.96 -11.13
CA LYS A 84 7.26 -4.51 -10.83
C LYS A 84 6.15 -3.53 -11.23
N SER A 85 6.47 -2.25 -11.17
CA SER A 85 5.58 -1.21 -11.66
C SER A 85 5.32 -1.43 -13.16
N ASP A 86 6.37 -1.85 -13.87
CA ASP A 86 6.29 -2.18 -15.30
C ASP A 86 5.36 -3.37 -15.54
N LYS A 87 5.39 -4.34 -14.62
CA LYS A 87 4.49 -5.50 -14.68
C LYS A 87 3.08 -5.02 -14.56
N ALA A 88 2.85 -4.24 -13.52
CA ALA A 88 1.55 -3.66 -13.22
C ALA A 88 1.00 -2.92 -14.42
N ALA A 89 1.84 -2.10 -15.01
CA ALA A 89 1.50 -1.31 -16.19
C ALA A 89 1.10 -2.21 -17.36
N ALA A 90 1.86 -3.26 -17.59
CA ALA A 90 1.62 -4.18 -18.67
C ALA A 90 0.35 -5.01 -18.45
N LEU A 91 0.08 -5.34 -17.23
CA LEU A 91 -1.05 -6.18 -16.87
C LEU A 91 -2.36 -5.40 -16.79
N GLY A 92 -2.26 -4.15 -16.45
CA GLY A 92 -3.45 -3.34 -16.34
C GLY A 92 -3.74 -2.98 -14.91
N THR A 93 -2.75 -3.09 -14.10
CA THR A 93 -2.86 -2.73 -12.72
C THR A 93 -2.53 -1.24 -12.60
N LYS A 94 -3.30 -0.52 -11.82
CA LYS A 94 -3.08 0.89 -11.69
C LYS A 94 -2.44 1.23 -10.38
N ILE A 95 -1.77 2.36 -10.35
CA ILE A 95 -1.05 2.79 -9.19
C ILE A 95 -1.95 3.63 -8.31
N ILE A 96 -1.94 3.36 -7.03
CA ILE A 96 -2.70 4.12 -6.08
C ILE A 96 -1.82 4.51 -4.89
N ASP A 97 -2.29 5.45 -4.13
CA ASP A 97 -1.60 5.93 -2.95
C ASP A 97 -2.28 5.39 -1.73
N GLU A 98 -1.85 5.88 -0.58
CA GLU A 98 -2.36 5.43 0.70
C GLU A 98 -3.87 5.58 0.82
N ASP A 99 -4.40 6.72 0.42
CA ASP A 99 -5.83 6.97 0.49
C ASP A 99 -6.55 6.10 -0.50
N GLY A 100 -5.90 5.83 -1.63
CA GLY A 100 -6.50 4.98 -2.64
C GLY A 100 -6.72 3.58 -2.12
N LEU A 101 -5.83 3.14 -1.25
CA LEU A 101 -5.94 1.84 -0.60
C LEU A 101 -7.04 1.89 0.46
N LEU A 102 -6.97 2.89 1.30
CA LEU A 102 -7.90 3.05 2.41
C LEU A 102 -9.31 3.36 1.93
N ASN A 103 -9.42 4.01 0.78
CA ASN A 103 -10.70 4.43 0.16
C ASN A 103 -11.65 3.26 0.05
N LEU A 104 -11.16 2.15 -0.48
CA LEU A 104 -11.99 0.97 -0.66
C LEU A 104 -12.49 0.42 0.66
N ILE A 105 -11.66 0.48 1.66
CA ILE A 105 -12.02 -0.06 2.96
C ILE A 105 -12.99 0.88 3.66
N ARG A 106 -12.68 2.15 3.59
CA ARG A 106 -13.46 3.20 4.22
C ARG A 106 -14.85 3.32 3.56
N ASN A 107 -14.89 3.03 2.27
CA ASN A 107 -16.13 3.09 1.48
C ASN A 107 -17.10 1.99 1.89
N LEU A 108 -16.57 0.87 2.34
CA LEU A 108 -17.38 -0.26 2.74
C LEU A 108 -17.95 -0.14 4.15
N GLU A 109 -17.63 0.94 4.83
CA GLU A 109 -18.21 1.19 6.11
C GLU A 109 -19.06 2.45 6.07
N LYS A 1 0.90 20.87 13.61
CA LYS A 1 0.51 20.67 12.23
C LYS A 1 1.06 21.78 11.36
N ARG A 2 0.63 23.01 11.65
CA ARG A 2 0.97 24.14 10.82
C ARG A 2 2.40 24.58 10.97
N THR A 3 2.87 24.75 12.18
CA THR A 3 4.24 25.14 12.35
C THR A 3 5.12 23.89 12.50
N ASN A 4 5.11 23.10 11.44
CA ASN A 4 5.85 21.86 11.32
C ASN A 4 6.21 21.71 9.87
N TYR A 5 7.10 20.82 9.59
CA TYR A 5 7.46 20.55 8.23
C TYR A 5 6.86 19.22 7.75
N GLN A 6 5.65 19.32 7.24
CA GLN A 6 4.88 18.16 6.78
C GLN A 6 5.43 17.60 5.50
N ALA A 7 5.79 18.48 4.59
CA ALA A 7 6.29 18.09 3.29
C ALA A 7 7.69 17.53 3.40
N TYR A 8 8.51 18.18 4.20
CA TYR A 8 9.84 17.72 4.41
C TYR A 8 9.86 16.43 5.21
N ARG A 9 8.82 16.23 6.04
CA ARG A 9 8.67 15.00 6.78
C ARG A 9 8.59 13.82 5.82
N SER A 10 7.97 14.05 4.69
CA SER A 10 7.78 13.04 3.68
C SER A 10 9.13 12.50 3.17
N TYR A 11 10.12 13.35 3.10
CA TYR A 11 11.43 12.93 2.65
C TYR A 11 12.16 12.19 3.77
N LEU A 12 12.26 12.84 4.90
CA LEU A 12 13.03 12.34 6.03
C LEU A 12 12.35 11.18 6.77
N ASN A 13 11.11 11.36 7.14
CA ASN A 13 10.42 10.40 7.98
C ASN A 13 9.42 9.61 7.18
N ARG A 14 9.72 9.37 5.91
CA ARG A 14 8.86 8.54 5.06
C ARG A 14 8.72 7.16 5.70
N GLU A 15 9.80 6.66 6.23
CA GLU A 15 9.84 5.36 6.84
C GLU A 15 9.66 5.48 8.36
N GLY A 16 8.95 6.53 8.78
CA GLY A 16 8.69 6.75 10.19
C GLY A 16 7.25 7.17 10.44
N PRO A 17 6.28 6.23 10.35
CA PRO A 17 4.88 6.51 10.62
C PRO A 17 4.60 6.41 12.13
N LYS A 18 3.77 7.29 12.66
CA LYS A 18 3.56 7.36 14.11
C LYS A 18 2.09 7.40 14.53
N ALA A 19 1.21 7.21 13.59
CA ALA A 19 -0.22 7.25 13.84
C ALA A 19 -0.84 5.94 13.41
N LEU A 20 -0.08 4.89 13.64
CA LEU A 20 -0.39 3.52 13.24
C LEU A 20 -1.73 3.05 13.79
N GLY A 21 -2.69 2.92 12.92
CA GLY A 21 -4.02 2.47 13.30
C GLY A 21 -4.86 3.57 13.92
N SER A 22 -4.29 4.73 14.08
CA SER A 22 -4.99 5.85 14.65
C SER A 22 -5.44 6.77 13.52
N LYS A 23 -4.54 7.08 12.60
CA LYS A 23 -4.89 7.82 11.39
C LYS A 23 -5.06 6.80 10.27
N GLU A 24 -4.40 5.68 10.44
CA GLU A 24 -4.41 4.59 9.49
C GLU A 24 -5.42 3.54 9.90
N ILE A 25 -5.59 2.56 9.02
CA ILE A 25 -6.39 1.35 9.24
C ILE A 25 -7.90 1.59 9.35
N PRO A 26 -8.62 1.28 8.28
CA PRO A 26 -10.06 1.30 8.29
C PRO A 26 -10.61 -0.03 8.79
N LYS A 27 -11.73 0.03 9.44
CA LYS A 27 -12.38 -1.14 10.02
C LYS A 27 -13.66 -1.44 9.24
N GLY A 28 -13.60 -1.14 7.96
CA GLY A 28 -14.71 -1.24 7.07
C GLY A 28 -15.03 -2.65 6.60
N ALA A 29 -15.53 -2.73 5.39
CA ALA A 29 -15.94 -3.99 4.84
C ALA A 29 -14.74 -4.79 4.38
N GLU A 30 -14.48 -5.87 5.10
CA GLU A 30 -13.34 -6.74 4.85
C GLU A 30 -13.36 -7.31 3.44
N ASN A 31 -14.54 -7.66 3.00
CA ASN A 31 -14.76 -8.27 1.67
C ASN A 31 -14.36 -7.36 0.48
N CYS A 32 -14.01 -6.11 0.76
CA CYS A 32 -13.62 -5.15 -0.26
C CYS A 32 -12.36 -5.62 -1.00
N LEU A 33 -11.36 -6.06 -0.26
CA LEU A 33 -10.07 -6.43 -0.88
C LEU A 33 -10.04 -7.91 -1.17
N GLU A 34 -11.07 -8.58 -0.76
CA GLU A 34 -11.22 -9.99 -0.89
C GLU A 34 -11.50 -10.35 -2.34
N GLY A 35 -10.72 -11.26 -2.87
CA GLY A 35 -10.94 -11.70 -4.21
C GLY A 35 -9.87 -11.25 -5.16
N LEU A 36 -9.09 -10.28 -4.74
CA LEU A 36 -8.02 -9.79 -5.58
C LEU A 36 -6.72 -9.73 -4.81
N ILE A 37 -5.67 -9.28 -5.46
CA ILE A 37 -4.36 -9.29 -4.87
C ILE A 37 -3.89 -7.87 -4.69
N PHE A 38 -3.55 -7.48 -3.51
CA PHE A 38 -3.05 -6.14 -3.29
C PHE A 38 -1.59 -6.17 -3.03
N VAL A 39 -0.89 -5.65 -3.95
CA VAL A 39 0.52 -5.63 -3.88
C VAL A 39 0.97 -4.25 -3.46
N ILE A 40 1.58 -4.17 -2.31
CA ILE A 40 2.09 -2.94 -1.82
C ILE A 40 3.60 -2.96 -1.88
N THR A 41 4.16 -1.85 -2.27
CA THR A 41 5.57 -1.70 -2.33
C THR A 41 5.92 -0.25 -1.93
N GLY A 42 6.91 -0.10 -1.08
CA GLY A 42 7.30 1.20 -0.60
C GLY A 42 6.43 1.64 0.56
N VAL A 43 6.75 2.78 1.15
CA VAL A 43 5.95 3.29 2.24
C VAL A 43 4.87 4.19 1.67
N LEU A 44 3.66 3.98 2.11
CA LEU A 44 2.49 4.63 1.59
C LEU A 44 2.24 5.97 2.28
N GLU A 45 3.16 6.91 2.12
CA GLU A 45 3.16 8.20 2.80
C GLU A 45 3.39 7.95 4.30
N SER A 46 2.44 7.36 4.90
CA SER A 46 2.53 6.91 6.24
C SER A 46 1.56 5.76 6.45
N ILE A 47 2.11 4.60 6.42
CA ILE A 47 1.46 3.41 6.81
C ILE A 47 2.61 2.53 7.21
N GLU A 48 2.47 1.73 8.20
CA GLU A 48 3.53 0.82 8.46
C GLU A 48 3.35 -0.33 7.51
N ARG A 49 4.45 -0.85 7.02
CA ARG A 49 4.42 -1.89 6.02
C ARG A 49 3.66 -3.11 6.53
N ASP A 50 3.83 -3.39 7.80
CA ASP A 50 3.13 -4.48 8.45
C ASP A 50 1.64 -4.18 8.66
N GLU A 51 1.27 -2.90 8.77
CA GLU A 51 -0.14 -2.51 8.98
C GLU A 51 -0.90 -2.65 7.70
N ALA A 52 -0.19 -2.45 6.60
CA ALA A 52 -0.78 -2.55 5.30
C ALA A 52 -1.09 -3.98 4.98
N LYS A 53 -0.10 -4.83 5.25
CA LYS A 53 -0.25 -6.23 5.00
C LYS A 53 -1.33 -6.84 5.86
N SER A 54 -1.37 -6.45 7.13
CA SER A 54 -2.39 -6.94 8.06
C SER A 54 -3.78 -6.58 7.55
N LEU A 55 -3.93 -5.34 7.07
CA LEU A 55 -5.19 -4.86 6.55
C LEU A 55 -5.61 -5.68 5.33
N ILE A 56 -4.72 -5.78 4.37
CA ILE A 56 -5.00 -6.48 3.12
C ILE A 56 -5.32 -7.95 3.37
N GLU A 57 -4.47 -8.63 4.15
CA GLU A 57 -4.65 -10.03 4.46
C GLU A 57 -5.95 -10.28 5.22
N ARG A 58 -6.28 -9.39 6.17
CA ARG A 58 -7.53 -9.55 6.94
C ARG A 58 -8.73 -9.36 6.02
N TYR A 59 -8.57 -8.49 5.05
CA TYR A 59 -9.61 -8.22 4.11
C TYR A 59 -9.67 -9.25 2.97
N GLY A 60 -8.94 -10.34 3.12
CA GLY A 60 -9.02 -11.42 2.16
C GLY A 60 -8.20 -11.19 0.90
N GLY A 61 -7.45 -10.13 0.90
CA GLY A 61 -6.61 -9.85 -0.20
C GLY A 61 -5.28 -10.47 0.04
N LYS A 62 -4.58 -10.80 -0.99
CA LYS A 62 -3.28 -11.41 -0.81
C LYS A 62 -2.22 -10.35 -1.00
N VAL A 63 -1.26 -10.33 -0.14
CA VAL A 63 -0.11 -9.49 -0.34
C VAL A 63 1.00 -10.36 -0.89
N THR A 64 1.65 -9.92 -1.91
CA THR A 64 2.76 -10.62 -2.47
C THR A 64 3.81 -9.59 -2.87
N GLY A 65 5.06 -10.02 -3.02
CA GLY A 65 6.15 -9.11 -3.32
C GLY A 65 6.04 -8.47 -4.69
N ASN A 66 5.87 -9.28 -5.68
CA ASN A 66 5.78 -8.81 -7.05
C ASN A 66 4.34 -8.63 -7.43
N VAL A 67 4.12 -7.88 -8.47
CA VAL A 67 2.80 -7.64 -8.95
C VAL A 67 2.26 -8.86 -9.72
N SER A 68 1.07 -9.23 -9.38
CA SER A 68 0.42 -10.34 -9.95
C SER A 68 -0.48 -9.84 -11.07
N LYS A 69 -0.95 -10.74 -11.88
CA LYS A 69 -1.80 -10.39 -12.98
C LYS A 69 -3.24 -10.34 -12.50
N LYS A 70 -3.42 -10.60 -11.21
CA LYS A 70 -4.72 -10.53 -10.56
C LYS A 70 -4.72 -9.38 -9.54
N THR A 71 -3.68 -8.56 -9.59
CA THR A 71 -3.51 -7.49 -8.64
C THR A 71 -4.54 -6.37 -8.80
N ASN A 72 -4.61 -5.76 -9.97
CA ASN A 72 -5.55 -4.67 -10.26
C ASN A 72 -5.16 -3.35 -9.58
N TYR A 73 -4.64 -3.41 -8.36
CA TYR A 73 -4.27 -2.21 -7.65
C TYR A 73 -2.88 -2.36 -7.07
N LEU A 74 -1.97 -1.59 -7.58
CA LEU A 74 -0.64 -1.60 -7.09
C LEU A 74 -0.49 -0.46 -6.13
N VAL A 75 -0.27 -0.79 -4.91
CA VAL A 75 -0.13 0.17 -3.88
C VAL A 75 1.34 0.51 -3.78
N MET A 76 1.69 1.64 -4.28
CA MET A 76 3.05 2.02 -4.33
C MET A 76 3.25 3.37 -3.72
N GLY A 77 4.05 3.40 -2.71
CA GLY A 77 4.38 4.65 -2.09
C GLY A 77 5.70 5.12 -2.60
N ARG A 78 6.61 5.45 -1.73
CA ARG A 78 7.91 5.82 -2.17
C ARG A 78 8.78 4.58 -2.33
N ASP A 79 8.90 4.16 -3.55
CA ASP A 79 9.67 3.01 -3.96
C ASP A 79 10.40 3.36 -5.22
N SER A 80 11.65 2.99 -5.30
CA SER A 80 12.47 3.33 -6.43
C SER A 80 12.50 2.16 -7.44
N GLY A 81 11.84 1.07 -7.10
CA GLY A 81 11.80 -0.07 -7.96
C GLY A 81 10.67 -0.01 -8.96
N GLN A 82 10.78 0.93 -9.87
CA GLN A 82 9.77 1.21 -10.93
C GLN A 82 9.40 -0.02 -11.80
N SER A 83 10.29 -0.99 -11.83
CA SER A 83 10.12 -2.22 -12.60
C SER A 83 8.72 -2.89 -12.38
N LYS A 84 8.21 -2.96 -11.13
CA LYS A 84 6.91 -3.62 -10.95
C LYS A 84 5.76 -2.73 -11.42
N SER A 85 5.99 -1.43 -11.37
CA SER A 85 5.01 -0.45 -11.78
C SER A 85 4.78 -0.56 -13.30
N ASP A 86 5.83 -0.96 -14.01
CA ASP A 86 5.76 -1.15 -15.45
C ASP A 86 4.89 -2.34 -15.79
N LYS A 87 5.11 -3.41 -15.06
CA LYS A 87 4.35 -4.64 -15.24
C LYS A 87 2.89 -4.37 -15.00
N ALA A 88 2.62 -3.74 -13.86
CA ALA A 88 1.28 -3.40 -13.42
C ALA A 88 0.53 -2.65 -14.51
N ALA A 89 1.18 -1.66 -15.07
CA ALA A 89 0.61 -0.82 -16.11
C ALA A 89 0.21 -1.63 -17.35
N ALA A 90 0.98 -2.65 -17.65
CA ALA A 90 0.74 -3.49 -18.81
C ALA A 90 -0.33 -4.53 -18.50
N LEU A 91 -0.43 -4.92 -17.25
CA LEU A 91 -1.41 -5.90 -16.78
C LEU A 91 -2.79 -5.29 -16.67
N GLY A 92 -2.83 -4.00 -16.40
CA GLY A 92 -4.10 -3.29 -16.24
C GLY A 92 -4.24 -2.78 -14.84
N THR A 93 -3.30 -3.17 -14.03
CA THR A 93 -3.22 -2.79 -12.67
C THR A 93 -2.92 -1.27 -12.56
N LYS A 94 -3.64 -0.60 -11.71
CA LYS A 94 -3.49 0.84 -11.55
C LYS A 94 -2.80 1.14 -10.25
N ILE A 95 -2.14 2.27 -10.18
CA ILE A 95 -1.38 2.65 -9.02
C ILE A 95 -2.28 3.42 -8.08
N ILE A 96 -2.27 3.06 -6.83
CA ILE A 96 -3.01 3.78 -5.83
C ILE A 96 -2.12 4.16 -4.68
N ASP A 97 -2.53 5.14 -3.95
CA ASP A 97 -1.82 5.58 -2.76
C ASP A 97 -2.71 5.33 -1.59
N GLU A 98 -2.33 5.93 -0.49
CA GLU A 98 -3.00 5.82 0.76
C GLU A 98 -4.49 6.11 0.58
N ASP A 99 -4.76 7.22 -0.09
CA ASP A 99 -6.12 7.68 -0.32
C ASP A 99 -6.89 6.65 -1.09
N GLY A 100 -6.27 6.12 -2.12
CA GLY A 100 -6.89 5.15 -3.01
C GLY A 100 -7.28 3.86 -2.31
N LEU A 101 -6.34 3.30 -1.59
CA LEU A 101 -6.53 2.01 -0.91
C LEU A 101 -7.64 2.15 0.14
N LEU A 102 -7.52 3.19 0.94
CA LEU A 102 -8.44 3.40 2.04
C LEU A 102 -9.82 3.81 1.54
N ASN A 103 -9.86 4.57 0.45
CA ASN A 103 -11.12 5.04 -0.10
C ASN A 103 -11.94 3.87 -0.60
N LEU A 104 -11.26 2.90 -1.21
CA LEU A 104 -11.92 1.72 -1.75
C LEU A 104 -12.65 0.96 -0.63
N ILE A 105 -12.02 0.92 0.53
CA ILE A 105 -12.60 0.30 1.70
C ILE A 105 -13.77 1.14 2.23
N ARG A 106 -13.54 2.46 2.36
CA ARG A 106 -14.56 3.40 2.86
C ARG A 106 -15.77 3.48 1.92
N ASN A 107 -15.55 3.18 0.65
CA ASN A 107 -16.62 3.16 -0.34
C ASN A 107 -17.65 2.11 -0.04
N LEU A 108 -17.21 1.00 0.52
CA LEU A 108 -18.17 -0.01 0.91
C LEU A 108 -18.68 0.30 2.30
N GLU A 109 -17.78 0.51 3.22
CA GLU A 109 -18.16 0.79 4.56
C GLU A 109 -17.22 1.78 5.16
N LYS A 1 19.76 -3.79 18.36
CA LYS A 1 20.16 -2.82 19.37
C LYS A 1 19.98 -1.39 18.85
N ARG A 2 20.86 -0.95 17.96
CA ARG A 2 20.77 0.40 17.40
C ARG A 2 21.14 0.37 15.91
N THR A 3 21.37 -0.83 15.38
CA THR A 3 21.90 -1.02 14.04
C THR A 3 23.14 -0.17 13.80
N ASN A 4 24.16 -0.51 14.57
CA ASN A 4 25.45 0.16 14.59
C ASN A 4 25.35 1.57 15.14
N TYR A 5 25.03 2.54 14.28
CA TYR A 5 24.96 3.92 14.69
C TYR A 5 23.81 4.68 14.02
N GLN A 6 24.06 5.14 12.82
CA GLN A 6 23.14 6.00 12.08
C GLN A 6 21.91 5.25 11.54
N ALA A 7 22.12 3.99 11.22
CA ALA A 7 21.14 3.15 10.52
C ALA A 7 19.73 3.12 11.13
N TYR A 8 19.61 3.22 12.46
CA TYR A 8 18.28 3.13 13.05
C TYR A 8 17.48 4.40 12.73
N ARG A 9 18.18 5.52 12.68
CA ARG A 9 17.57 6.80 12.43
C ARG A 9 17.10 6.87 10.99
N SER A 10 17.80 6.16 10.13
CA SER A 10 17.46 6.08 8.74
C SER A 10 16.06 5.49 8.53
N TYR A 11 15.67 4.55 9.41
CA TYR A 11 14.35 3.94 9.32
C TYR A 11 13.28 4.97 9.65
N LEU A 12 13.51 5.73 10.72
CA LEU A 12 12.54 6.75 11.16
C LEU A 12 12.38 7.88 10.14
N ASN A 13 13.40 8.07 9.33
CA ASN A 13 13.35 9.07 8.27
C ASN A 13 12.65 8.51 7.03
N ARG A 14 12.89 7.24 6.75
CA ARG A 14 12.34 6.57 5.57
C ARG A 14 10.86 6.22 5.78
N GLU A 15 10.57 5.71 6.94
CA GLU A 15 9.20 5.30 7.27
C GLU A 15 8.38 6.51 7.66
N GLY A 16 7.08 6.39 7.52
CA GLY A 16 6.22 7.47 7.84
C GLY A 16 5.33 7.16 9.01
N PRO A 17 5.68 7.61 10.23
CA PRO A 17 4.85 7.45 11.40
C PRO A 17 3.55 8.24 11.26
N LYS A 18 3.64 9.56 11.38
CA LYS A 18 2.49 10.48 11.17
C LYS A 18 1.27 10.09 12.01
N ALA A 19 1.51 9.70 13.26
CA ALA A 19 0.46 9.20 14.16
C ALA A 19 0.05 7.84 13.67
N LEU A 20 1.07 7.06 13.49
CA LEU A 20 1.03 5.69 13.04
C LEU A 20 0.03 4.90 13.87
N GLY A 21 -1.08 4.57 13.27
CA GLY A 21 -2.12 3.85 13.98
C GLY A 21 -3.37 4.69 14.15
N SER A 22 -3.22 6.00 14.09
CA SER A 22 -4.35 6.91 14.25
C SER A 22 -4.82 7.35 12.87
N LYS A 23 -3.88 7.48 11.97
CA LYS A 23 -4.17 7.81 10.58
C LYS A 23 -4.04 6.57 9.74
N GLU A 24 -3.97 5.45 10.39
CA GLU A 24 -3.69 4.20 9.74
C GLU A 24 -4.78 3.18 10.11
N ILE A 25 -5.28 2.46 9.10
CA ILE A 25 -6.27 1.37 9.24
C ILE A 25 -7.69 1.88 9.52
N PRO A 26 -8.58 1.78 8.54
CA PRO A 26 -9.97 2.11 8.73
C PRO A 26 -10.77 0.85 9.16
N LYS A 27 -12.03 1.00 9.48
CA LYS A 27 -12.85 -0.09 10.01
C LYS A 27 -13.92 -0.53 9.00
N GLY A 28 -13.58 -0.44 7.73
CA GLY A 28 -14.52 -0.73 6.69
C GLY A 28 -14.82 -2.19 6.55
N ALA A 29 -15.71 -2.49 5.65
CA ALA A 29 -16.16 -3.82 5.37
C ALA A 29 -15.01 -4.71 4.95
N GLU A 30 -14.84 -5.78 5.68
CA GLU A 30 -13.73 -6.70 5.49
C GLU A 30 -13.80 -7.47 4.19
N ASN A 31 -14.95 -7.49 3.60
CA ASN A 31 -15.14 -8.16 2.33
C ASN A 31 -14.70 -7.31 1.14
N CYS A 32 -14.34 -6.06 1.40
CA CYS A 32 -13.99 -5.12 0.35
C CYS A 32 -12.77 -5.60 -0.48
N LEU A 33 -11.68 -5.96 0.19
CA LEU A 33 -10.45 -6.35 -0.54
C LEU A 33 -10.49 -7.83 -0.86
N GLU A 34 -11.53 -8.48 -0.40
CA GLU A 34 -11.69 -9.88 -0.50
C GLU A 34 -11.94 -10.30 -1.94
N GLY A 35 -10.99 -10.98 -2.50
CA GLY A 35 -11.13 -11.45 -3.85
C GLY A 35 -9.96 -11.10 -4.73
N LEU A 36 -9.46 -9.90 -4.60
CA LEU A 36 -8.37 -9.46 -5.45
C LEU A 36 -7.04 -9.50 -4.72
N ILE A 37 -6.01 -9.03 -5.37
CA ILE A 37 -4.70 -9.07 -4.80
C ILE A 37 -4.26 -7.63 -4.65
N PHE A 38 -3.36 -7.37 -3.77
CA PHE A 38 -2.80 -6.06 -3.62
C PHE A 38 -1.32 -6.18 -3.48
N VAL A 39 -0.62 -5.41 -4.24
CA VAL A 39 0.81 -5.38 -4.16
C VAL A 39 1.22 -4.02 -3.69
N ILE A 40 1.83 -3.96 -2.53
CA ILE A 40 2.27 -2.71 -1.99
C ILE A 40 3.78 -2.65 -1.97
N THR A 41 4.31 -1.60 -2.54
CA THR A 41 5.71 -1.40 -2.60
C THR A 41 6.02 0.06 -2.25
N GLY A 42 7.10 0.27 -1.52
CA GLY A 42 7.46 1.59 -1.10
C GLY A 42 6.94 1.89 0.27
N VAL A 43 6.57 3.12 0.48
CA VAL A 43 6.00 3.53 1.73
C VAL A 43 5.01 4.64 1.44
N LEU A 44 3.98 4.68 2.22
CA LEU A 44 2.94 5.67 2.11
C LEU A 44 3.26 6.84 3.07
N GLU A 45 2.27 7.60 3.48
CA GLU A 45 2.55 8.69 4.39
C GLU A 45 2.44 8.19 5.81
N SER A 46 1.40 7.44 6.10
CA SER A 46 1.32 6.80 7.38
C SER A 46 0.80 5.39 7.19
N ILE A 47 1.72 4.46 7.13
CA ILE A 47 1.48 3.05 7.20
C ILE A 47 2.74 2.32 7.56
N GLU A 48 2.63 1.43 8.46
CA GLU A 48 3.70 0.56 8.70
C GLU A 48 3.44 -0.63 7.75
N ARG A 49 4.49 -1.13 7.14
CA ARG A 49 4.39 -2.14 6.08
C ARG A 49 3.60 -3.38 6.53
N ASP A 50 3.78 -3.79 7.77
CA ASP A 50 3.08 -4.95 8.30
C ASP A 50 1.61 -4.70 8.51
N GLU A 51 1.23 -3.45 8.70
CA GLU A 51 -0.17 -3.10 8.96
C GLU A 51 -0.92 -3.11 7.67
N ALA A 52 -0.21 -2.79 6.61
CA ALA A 52 -0.79 -2.77 5.30
C ALA A 52 -1.07 -4.18 4.88
N LYS A 53 -0.07 -5.01 5.05
CA LYS A 53 -0.14 -6.38 4.67
C LYS A 53 -1.17 -7.13 5.51
N SER A 54 -1.26 -6.80 6.79
CA SER A 54 -2.22 -7.45 7.65
C SER A 54 -3.65 -7.03 7.28
N LEU A 55 -3.82 -5.74 6.94
CA LEU A 55 -5.11 -5.19 6.52
C LEU A 55 -5.61 -5.93 5.28
N ILE A 56 -4.74 -6.05 4.30
CA ILE A 56 -5.08 -6.71 3.05
C ILE A 56 -5.50 -8.17 3.30
N GLU A 57 -4.65 -8.92 4.00
CA GLU A 57 -4.90 -10.32 4.31
C GLU A 57 -6.20 -10.50 5.13
N ARG A 58 -6.39 -9.65 6.12
CA ARG A 58 -7.57 -9.72 6.98
C ARG A 58 -8.82 -9.39 6.19
N TYR A 59 -8.68 -8.53 5.22
CA TYR A 59 -9.78 -8.13 4.38
C TYR A 59 -9.96 -9.04 3.19
N GLY A 60 -9.39 -10.23 3.26
CA GLY A 60 -9.62 -11.25 2.26
C GLY A 60 -8.85 -11.07 0.99
N GLY A 61 -7.93 -10.16 1.00
CA GLY A 61 -7.13 -9.93 -0.16
C GLY A 61 -5.79 -10.57 0.02
N LYS A 62 -5.10 -10.81 -1.04
CA LYS A 62 -3.77 -11.34 -0.94
C LYS A 62 -2.76 -10.25 -1.16
N VAL A 63 -1.75 -10.19 -0.35
CA VAL A 63 -0.68 -9.28 -0.59
C VAL A 63 0.60 -10.03 -0.93
N THR A 64 1.20 -9.66 -2.02
CA THR A 64 2.40 -10.29 -2.47
C THR A 64 3.42 -9.20 -2.78
N GLY A 65 4.68 -9.57 -2.76
CA GLY A 65 5.73 -8.63 -3.02
C GLY A 65 5.91 -8.41 -4.50
N ASN A 66 5.58 -9.39 -5.29
CA ASN A 66 5.71 -9.26 -6.73
C ASN A 66 4.37 -8.97 -7.36
N VAL A 67 4.38 -8.28 -8.45
CA VAL A 67 3.17 -8.01 -9.17
C VAL A 67 2.78 -9.23 -9.99
N SER A 68 1.68 -9.82 -9.63
CA SER A 68 1.11 -10.93 -10.32
C SER A 68 0.21 -10.39 -11.43
N LYS A 69 -0.20 -11.25 -12.34
CA LYS A 69 -1.13 -10.86 -13.39
C LYS A 69 -2.52 -10.65 -12.76
N LYS A 70 -2.69 -11.22 -11.60
CA LYS A 70 -3.92 -11.14 -10.83
C LYS A 70 -3.96 -9.90 -9.92
N THR A 71 -2.91 -9.09 -9.93
CA THR A 71 -2.78 -7.95 -9.00
C THR A 71 -3.98 -6.99 -9.01
N ASN A 72 -4.29 -6.44 -10.16
CA ASN A 72 -5.40 -5.48 -10.34
C ASN A 72 -5.17 -4.09 -9.68
N TYR A 73 -4.45 -4.02 -8.54
CA TYR A 73 -4.10 -2.74 -7.90
C TYR A 73 -2.69 -2.75 -7.32
N LEU A 74 -1.87 -1.82 -7.77
CA LEU A 74 -0.54 -1.68 -7.24
C LEU A 74 -0.48 -0.45 -6.37
N VAL A 75 -0.06 -0.64 -5.15
CA VAL A 75 0.03 0.44 -4.20
C VAL A 75 1.49 0.83 -4.10
N MET A 76 1.78 2.05 -4.44
CA MET A 76 3.14 2.50 -4.41
C MET A 76 3.18 3.99 -4.18
N GLY A 77 3.64 4.37 -3.02
CA GLY A 77 3.79 5.77 -2.72
C GLY A 77 5.15 6.23 -3.16
N ARG A 78 6.10 6.18 -2.24
CA ARG A 78 7.48 6.53 -2.56
C ARG A 78 8.06 5.52 -3.54
N ASP A 79 8.85 6.02 -4.47
CA ASP A 79 9.44 5.23 -5.52
C ASP A 79 10.26 4.10 -4.94
N SER A 80 9.84 2.93 -5.26
CA SER A 80 10.49 1.75 -4.80
C SER A 80 10.88 0.80 -5.93
N GLY A 81 10.01 0.67 -6.89
CA GLY A 81 10.27 -0.23 -7.96
C GLY A 81 9.49 0.10 -9.17
N GLN A 82 10.03 0.97 -9.97
CA GLN A 82 9.39 1.34 -11.21
C GLN A 82 9.41 0.15 -12.18
N SER A 83 10.39 -0.72 -11.97
CA SER A 83 10.56 -1.92 -12.72
C SER A 83 9.41 -2.89 -12.48
N LYS A 84 8.99 -3.00 -11.22
CA LYS A 84 7.89 -3.88 -10.88
C LYS A 84 6.57 -3.22 -11.20
N SER A 85 6.58 -1.88 -11.19
CA SER A 85 5.42 -1.09 -11.56
C SER A 85 5.07 -1.35 -13.03
N ASP A 86 6.09 -1.61 -13.82
CA ASP A 86 5.97 -1.93 -15.25
C ASP A 86 5.03 -3.11 -15.51
N LYS A 87 5.05 -4.11 -14.64
CA LYS A 87 4.24 -5.31 -14.83
C LYS A 87 2.81 -4.99 -14.59
N ALA A 88 2.58 -4.21 -13.57
CA ALA A 88 1.24 -3.78 -13.21
C ALA A 88 0.67 -2.91 -14.33
N ALA A 89 1.49 -2.00 -14.81
CA ALA A 89 1.11 -1.12 -15.90
C ALA A 89 0.86 -1.91 -17.20
N ALA A 90 1.57 -3.01 -17.38
CA ALA A 90 1.40 -3.88 -18.54
C ALA A 90 0.05 -4.57 -18.49
N LEU A 91 -0.42 -4.87 -17.30
CA LEU A 91 -1.71 -5.53 -17.11
C LEU A 91 -2.85 -4.57 -17.38
N GLY A 92 -2.57 -3.31 -17.17
CA GLY A 92 -3.59 -2.31 -17.26
C GLY A 92 -4.00 -1.87 -15.88
N THR A 93 -3.12 -2.15 -14.94
CA THR A 93 -3.30 -1.80 -13.57
C THR A 93 -2.75 -0.41 -13.34
N LYS A 94 -3.46 0.36 -12.57
CA LYS A 94 -3.08 1.70 -12.24
C LYS A 94 -2.43 1.71 -10.87
N ILE A 95 -1.66 2.72 -10.61
CA ILE A 95 -1.03 2.86 -9.33
C ILE A 95 -2.02 3.55 -8.43
N ILE A 96 -2.14 3.11 -7.23
CA ILE A 96 -2.99 3.78 -6.29
C ILE A 96 -2.21 4.29 -5.12
N ASP A 97 -2.67 5.38 -4.59
CA ASP A 97 -2.09 6.02 -3.44
C ASP A 97 -2.52 5.32 -2.20
N GLU A 98 -1.98 5.79 -1.12
CA GLU A 98 -2.35 5.41 0.21
C GLU A 98 -3.85 5.60 0.36
N ASP A 99 -4.27 6.78 -0.06
CA ASP A 99 -5.65 7.20 -0.02
C ASP A 99 -6.49 6.35 -0.96
N GLY A 100 -5.88 5.93 -2.05
CA GLY A 100 -6.56 5.11 -3.05
C GLY A 100 -6.93 3.75 -2.50
N LEU A 101 -5.98 3.13 -1.80
CA LEU A 101 -6.19 1.82 -1.17
C LEU A 101 -7.29 1.96 -0.11
N LEU A 102 -7.10 2.94 0.76
CA LEU A 102 -7.99 3.16 1.89
C LEU A 102 -9.38 3.59 1.43
N ASN A 103 -9.47 4.20 0.26
CA ASN A 103 -10.73 4.67 -0.30
C ASN A 103 -11.75 3.55 -0.42
N LEU A 104 -11.30 2.37 -0.89
CA LEU A 104 -12.20 1.21 -1.03
C LEU A 104 -12.77 0.81 0.33
N ILE A 105 -11.92 0.83 1.32
CA ILE A 105 -12.31 0.41 2.65
C ILE A 105 -13.16 1.48 3.32
N ARG A 106 -12.78 2.75 3.15
CA ARG A 106 -13.51 3.86 3.73
C ARG A 106 -14.89 3.97 3.07
N ASN A 107 -14.96 3.67 1.78
CA ASN A 107 -16.21 3.71 1.03
C ASN A 107 -17.21 2.73 1.65
N LEU A 108 -16.75 1.53 1.91
CA LEU A 108 -17.57 0.49 2.52
C LEU A 108 -17.58 0.56 4.06
N GLU A 109 -17.10 1.65 4.61
CA GLU A 109 -17.11 1.83 6.04
C GLU A 109 -18.36 2.62 6.43
#